data_6N38
#
_entry.id   6N38
#
loop_
_entity.id
_entity.type
_entity.pdbx_description
1 polymer 'Putative type VI secretion protein'
2 polymer 'Putative type VI secretion protein'
3 polymer 'Unassigned protein'
4 polymer 'Putative type VI secretion protein'
#
loop_
_entity_poly.entity_id
_entity_poly.type
_entity_poly.pdbx_seq_one_letter_code
_entity_poly.pdbx_strand_id
1 'polypeptide(L)'
;MDDLTLRYFDAEMRYLREAGKAFAQAHPDRAAMLDLDKAGTPDPCVERLFEGFAFSMGRLRQKIDDDLPELTESLVSMLW
PHYLRTIPSLSVVALTPRLSVMKMAETVPAGLEVTSRPVGPGNTVCRYRTTRAIPLNPLAVEKVVMTTEPDGRSVLKIGF
ACSELADWSQVDLHRLSLYLAAEAPVSSTLHLMMTKRLAALYLRLPGNDERIRIDGWFSPGGFAEEDRLWPKGDSAFSGY
QLLLEYFTFREKFMFVHLNGLENVSLPAGISGFDLEVVLSQPWPADLPVTDDALCLHCVPVINLFTLEADPLIINGLESE
YLLRPKRLQDGYTEIYSVDAVTGSGRTGSAEYVPFTSFRHRGGMLRHDAPERYYHTRVKRGVTGMYDTWLILGGQRWEAD
RMPERETLSLRITGTNGQLPRRALQSTLLDRCEQVLQAPVSVRNLCKPTLPVYPPTEDRFHWRVMSHLGTGFLNMLSSAE
VLRGTLALYNWRDDELNHRRLDAILAVQHHRIQRFEKGFLLRGLDVEVTLDGNGFAGEGDIHLFGEMLNRFLALYADMNQ
FNQLTLIVQPEGKCIRWKENHNPRLPG
;
I,H
2 'polypeptide(L)'
;MGFPASEIKDAVIPEESHLPPIVHVTFMGLYGVTSPLPAHYISDIAQQREGHEAAADFLDIFSHRLITQYYRIWRKYSYP
ATFEAGGQDKTSQYLLGLARLGIPGCAQNIATPVSRFLALLPLMLLPGRTAEGLTSLVTLLAPGTQARVWHHDRRRIPLK
TPLTMRVHHPVSLKSRPVMGDHATDVNGQVLLQLSTQTGSEVQGWLPGGHLYSDLLALLHVYLGSRLDVRLQLCVERSLL
PDARLSCRPAAGSPQLGRTAVMRTQAKIATSAARVMTISLGRYQRVQEHYQRKETQENGDYRW
;
G
3 'polypeptide(L)'
;(UNK)(UNK)(UNK)(UNK)(UNK)(UNK)(UNK)(UNK)(UNK)(UNK)(UNK)(UNK)(UNK)(UNK)(UNK)(UNK)
(UNK)(UNK)(UNK)(UNK)(UNK)
;
K,L
4 'polypeptide(L)'
;MKIYRPLWEDGAFLMPQQFQQQAAWDVHLADSVARMGLAHPWGVVAAEFDDSLLPLSRLNATRLIVRFPDGTLIDTERAD
NLPPVCDLSTVSDRSLVDIVLALPLLNANGGNLDNGSESERPRRWKSERVNVQELAGHEQSEVAVLRHNLTLRMAHQENA
AWLTCPVTRLVRDAQGQWCRDPRFIPPLLTLSASPSLMTELAELLHHLQARRQRLMSMRRENNARLADFAVADVSLFWLL
NALNSAEPVLKELLDMPYRHPELLYRELARLAGSLLTFSLEHNVDAVPAYHHETPENVFPPLLSLLNRLLEASLPSHHHH
HH
;
A,D,B,E,C,F
#
# COMPACT_ATOMS: atom_id res chain seq x y z
N GLU A 47 30.73 -0.10 84.49
CA GLU A 47 29.73 0.68 83.79
C GLU A 47 30.37 1.49 82.67
N ARG A 48 31.53 2.08 82.96
CA ARG A 48 32.26 2.83 81.94
C ARG A 48 32.79 1.91 80.85
N LEU A 49 33.26 0.72 81.23
CA LEU A 49 33.74 -0.25 80.25
C LEU A 49 32.61 -0.60 79.29
N PHE A 50 31.42 -0.85 79.86
CA PHE A 50 30.24 -1.17 79.09
C PHE A 50 29.93 -0.08 78.07
N GLU A 51 29.90 1.18 78.53
CA GLU A 51 29.58 2.29 77.65
C GLU A 51 30.57 2.37 76.51
N GLY A 52 31.85 2.20 76.81
CA GLY A 52 32.90 2.25 75.80
C GLY A 52 32.69 1.17 74.76
N PHE A 53 32.52 -0.06 75.23
CA PHE A 53 32.34 -1.22 74.37
C PHE A 53 31.17 -1.01 73.42
N ALA A 54 30.00 -0.73 73.98
CA ALA A 54 28.80 -0.57 73.17
C ALA A 54 28.95 0.57 72.17
N PHE A 55 29.56 1.67 72.62
CA PHE A 55 29.73 2.85 71.79
C PHE A 55 30.51 2.51 70.52
N SER A 56 31.67 1.88 70.69
CA SER A 56 32.52 1.52 69.56
C SER A 56 31.90 0.45 68.67
N MET A 57 31.24 -0.55 69.28
CA MET A 57 30.64 -1.63 68.50
C MET A 57 29.57 -1.08 67.57
N GLY A 58 28.82 -0.10 68.08
CA GLY A 58 27.79 0.55 67.30
C GLY A 58 28.38 1.13 66.02
N ARG A 59 29.43 1.94 66.18
CA ARG A 59 30.08 2.58 65.04
C ARG A 59 30.49 1.57 63.98
N LEU A 60 31.12 0.47 64.40
CA LEU A 60 31.56 -0.56 63.46
C LEU A 60 30.37 -1.12 62.69
N ARG A 61 29.31 -1.47 63.42
CA ARG A 61 28.13 -2.04 62.80
C ARG A 61 27.55 -1.10 61.76
N GLN A 62 27.52 0.19 62.08
CA GLN A 62 26.95 1.17 61.17
C GLN A 62 27.69 1.19 59.85
N LYS A 63 29.03 1.19 59.88
CA LYS A 63 29.79 1.21 58.65
C LYS A 63 29.46 0.02 57.76
N ILE A 64 29.29 -1.13 58.37
CA ILE A 64 28.98 -2.33 57.63
C ILE A 64 27.62 -2.21 56.96
N ASP A 65 26.61 -1.81 57.72
CA ASP A 65 25.25 -1.68 57.20
C ASP A 65 25.15 -0.70 56.04
N ASP A 66 25.97 0.35 56.06
CA ASP A 66 25.96 1.36 55.01
C ASP A 66 26.22 0.73 53.63
N ASP A 67 27.01 -0.33 53.62
CA ASP A 67 27.26 -1.12 52.42
C ASP A 67 27.75 -0.36 51.17
N LEU A 68 29.02 0.05 51.20
CA LEU A 68 29.80 0.56 50.04
C LEU A 68 29.63 2.01 49.52
N PRO A 69 29.29 3.02 50.36
CA PRO A 69 29.38 4.43 50.01
C PRO A 69 30.76 4.77 49.45
N GLU A 70 31.78 4.10 49.98
CA GLU A 70 33.17 4.30 49.57
C GLU A 70 33.35 4.34 48.04
N LEU A 71 32.63 3.47 47.33
CA LEU A 71 32.76 3.40 45.89
C LEU A 71 31.62 4.13 45.20
N THR A 72 30.43 3.97 45.74
CA THR A 72 29.23 4.49 45.12
C THR A 72 29.28 6.01 45.01
N GLU A 73 29.64 6.68 46.10
CA GLU A 73 29.62 8.14 46.11
C GLU A 73 30.56 8.72 45.07
N SER A 74 31.73 8.11 44.90
CA SER A 74 32.71 8.57 43.94
C SER A 74 32.16 8.52 42.52
N LEU A 75 31.38 7.49 42.23
CA LEU A 75 30.75 7.36 40.92
C LEU A 75 29.62 8.34 40.75
N VAL A 76 28.77 8.46 41.76
CA VAL A 76 27.62 9.33 41.66
C VAL A 76 28.02 10.76 41.38
N SER A 77 29.09 11.24 42.02
CA SER A 77 29.50 12.63 41.84
C SER A 77 29.84 12.99 40.40
N MET A 78 30.14 12.00 39.57
CA MET A 78 30.54 12.26 38.19
C MET A 78 29.36 12.09 37.25
N LEU A 79 28.22 11.74 37.80
CA LEU A 79 27.00 11.58 37.05
C LEU A 79 26.04 12.67 37.48
N TRP A 80 25.93 12.81 38.79
CA TRP A 80 25.19 13.87 39.44
C TRP A 80 26.14 14.84 40.13
N PRO A 81 26.48 15.97 39.50
CA PRO A 81 27.49 16.90 39.92
C PRO A 81 27.15 17.54 41.25
N HIS A 82 25.87 17.46 41.64
CA HIS A 82 25.44 18.08 42.88
C HIS A 82 24.71 17.13 43.83
N TYR A 83 25.08 15.86 43.85
CA TYR A 83 24.47 14.94 44.82
C TYR A 83 25.41 14.54 45.95
N LEU A 84 26.50 15.27 46.09
CA LEU A 84 27.45 15.04 47.18
C LEU A 84 27.67 16.33 47.96
N ARG A 85 26.62 17.13 48.03
CA ARG A 85 26.69 18.39 48.74
C ARG A 85 25.44 18.63 49.54
N THR A 86 25.56 19.44 50.58
CA THR A 86 24.41 19.86 51.34
C THR A 86 23.85 21.11 50.72
N ILE A 87 22.62 21.44 51.05
CA ILE A 87 22.04 22.68 50.58
C ILE A 87 22.01 23.70 51.72
N PRO A 88 22.76 24.81 51.59
CA PRO A 88 22.91 25.84 52.58
C PRO A 88 21.58 26.57 52.76
N SER A 89 21.39 27.16 53.92
CA SER A 89 20.17 27.91 54.17
C SER A 89 20.08 29.12 53.27
N LEU A 90 18.85 29.56 53.00
CA LEU A 90 18.65 30.70 52.12
C LEU A 90 17.30 31.38 52.36
N SER A 91 17.14 32.56 51.77
CA SER A 91 15.88 33.31 51.85
C SER A 91 15.76 34.36 50.75
N VAL A 92 14.74 35.20 50.85
CA VAL A 92 14.52 36.31 49.92
C VAL A 92 14.49 37.63 50.68
N VAL A 93 15.35 38.56 50.30
CA VAL A 93 15.45 39.82 51.01
C VAL A 93 15.20 41.00 50.10
N ALA A 94 14.41 41.94 50.60
CA ALA A 94 14.15 43.17 49.88
C ALA A 94 15.19 44.21 50.25
N LEU A 95 15.79 44.81 49.23
CA LEU A 95 16.75 45.87 49.40
C LEU A 95 16.20 47.14 48.79
N THR A 96 15.53 47.95 49.60
CA THR A 96 14.78 49.07 49.04
C THR A 96 15.51 50.40 49.24
N PRO A 97 15.84 51.11 48.14
CA PRO A 97 16.53 52.37 48.11
C PRO A 97 15.60 53.50 48.51
N ARG A 98 16.18 54.60 48.97
CA ARG A 98 15.39 55.79 49.22
C ARG A 98 14.79 56.27 47.90
N LEU A 99 13.47 56.32 47.83
CA LEU A 99 12.80 56.69 46.59
C LEU A 99 12.80 58.18 46.35
N SER A 100 12.63 58.96 47.43
CA SER A 100 12.52 60.40 47.31
C SER A 100 13.55 60.96 46.35
N VAL A 101 14.82 60.63 46.57
CA VAL A 101 15.87 61.17 45.74
C VAL A 101 16.72 60.08 45.10
N MET A 102 16.41 59.78 43.84
CA MET A 102 17.14 58.80 43.06
C MET A 102 16.97 59.13 41.59
N LYS A 103 18.06 59.49 40.93
CA LYS A 103 18.01 60.00 39.57
C LYS A 103 18.28 58.92 38.53
N MET A 104 19.06 57.92 38.90
CA MET A 104 19.45 56.90 37.96
C MET A 104 19.30 55.52 38.56
N ALA A 105 19.09 54.54 37.70
CA ALA A 105 19.04 53.15 38.12
C ALA A 105 20.44 52.68 38.49
N GLU A 106 20.52 51.73 39.40
CA GLU A 106 21.81 51.16 39.79
C GLU A 106 21.73 49.66 39.83
N THR A 107 22.79 49.00 39.39
CA THR A 107 22.82 47.56 39.42
C THR A 107 23.53 47.06 40.65
N VAL A 108 22.82 46.27 41.43
CA VAL A 108 23.38 45.65 42.60
C VAL A 108 24.18 44.47 42.13
N PRO A 109 25.48 44.39 42.45
CA PRO A 109 26.36 43.35 42.02
C PRO A 109 25.95 42.04 42.63
N ALA A 110 26.09 40.95 41.88
CA ALA A 110 25.82 39.65 42.44
C ALA A 110 26.86 39.37 43.50
N GLY A 111 26.50 38.67 44.55
CA GLY A 111 27.43 38.37 45.62
C GLY A 111 27.37 39.39 46.75
N LEU A 112 26.64 40.50 46.56
CA LEU A 112 26.55 41.50 47.61
C LEU A 112 25.98 40.87 48.89
N GLU A 113 26.72 41.02 49.98
CA GLU A 113 26.43 40.38 51.25
C GLU A 113 25.52 41.18 52.19
N VAL A 114 24.60 40.44 52.81
CA VAL A 114 23.75 40.94 53.89
C VAL A 114 23.89 40.00 55.08
N THR A 115 24.57 40.46 56.13
CA THR A 115 24.78 39.59 57.28
C THR A 115 23.54 39.57 58.14
N SER A 116 23.46 38.60 59.05
CA SER A 116 22.35 38.54 59.97
C SER A 116 22.72 39.11 61.33
N ARG A 117 21.71 39.29 62.14
CA ARG A 117 21.90 39.63 63.54
C ARG A 117 22.42 38.36 64.24
N PRO A 118 22.98 38.47 65.46
CA PRO A 118 23.44 37.36 66.28
C PRO A 118 22.41 36.27 66.41
N VAL A 119 22.80 35.03 66.20
CA VAL A 119 21.92 33.88 66.26
C VAL A 119 22.49 32.72 67.05
N GLY A 120 21.81 32.34 68.13
CA GLY A 120 22.21 31.19 68.92
C GLY A 120 23.39 31.53 69.84
N PRO A 121 23.83 30.57 70.65
CA PRO A 121 24.91 30.69 71.62
C PRO A 121 26.19 31.04 70.90
N GLY A 122 26.98 31.90 71.49
CA GLY A 122 28.20 32.35 70.85
C GLY A 122 27.95 33.64 70.08
N ASN A 123 26.67 33.96 69.87
CA ASN A 123 26.27 35.18 69.17
C ASN A 123 26.91 35.29 67.79
N THR A 124 26.94 34.20 67.05
CA THR A 124 27.51 34.22 65.70
C THR A 124 26.50 34.79 64.75
N VAL A 125 26.89 35.01 63.50
CA VAL A 125 25.95 35.52 62.51
C VAL A 125 25.99 34.71 61.24
N CYS A 126 24.94 34.84 60.44
CA CYS A 126 24.91 34.24 59.14
C CYS A 126 25.38 35.26 58.11
N ARG A 127 25.83 34.79 56.96
CA ARG A 127 26.29 35.67 55.92
C ARG A 127 25.66 35.33 54.59
N TYR A 128 24.59 36.03 54.23
CA TYR A 128 23.84 35.72 53.02
C TYR A 128 24.27 36.60 51.88
N ARG A 129 24.34 36.06 50.67
CA ARG A 129 24.67 36.88 49.51
C ARG A 129 23.76 36.62 48.33
N THR A 130 23.42 37.70 47.63
CA THR A 130 22.52 37.63 46.49
C THR A 130 23.05 36.80 45.34
N THR A 131 22.16 36.02 44.76
CA THR A 131 22.51 35.16 43.65
C THR A 131 22.28 35.83 42.29
N ARG A 132 21.82 37.08 42.31
CA ARG A 132 21.55 37.79 41.06
C ARG A 132 22.01 39.23 41.13
N ALA A 133 22.26 39.83 39.97
CA ALA A 133 22.48 41.25 39.91
C ALA A 133 21.12 41.94 39.75
N ILE A 134 20.90 43.03 40.49
CA ILE A 134 19.60 43.67 40.47
C ILE A 134 19.62 45.13 39.98
N PRO A 135 18.93 45.45 38.88
CA PRO A 135 18.84 46.77 38.26
C PRO A 135 17.83 47.64 38.99
N LEU A 136 18.21 48.17 40.15
CA LEU A 136 17.29 48.95 40.96
C LEU A 136 16.83 50.19 40.21
N ASN A 137 15.54 50.31 40.03
CA ASN A 137 14.95 51.48 39.39
C ASN A 137 14.34 52.38 40.47
N PRO A 138 14.24 53.69 40.23
CA PRO A 138 13.66 54.69 41.11
C PRO A 138 12.14 54.67 41.13
N LEU A 139 11.58 53.52 41.48
CA LEU A 139 10.14 53.38 41.68
C LEU A 139 9.86 52.37 42.78
N ALA A 140 8.67 52.41 43.34
CA ALA A 140 8.29 51.44 44.37
C ALA A 140 6.80 51.16 44.32
N VAL A 141 6.40 50.04 44.93
CA VAL A 141 4.99 49.68 45.02
C VAL A 141 4.32 50.51 46.10
N GLU A 142 3.29 51.24 45.73
CA GLU A 142 2.58 52.12 46.64
C GLU A 142 1.39 51.41 47.29
N LYS A 143 0.66 50.62 46.51
CA LYS A 143 -0.53 49.93 47.00
C LYS A 143 -0.92 48.74 46.13
N VAL A 144 -1.66 47.80 46.71
CA VAL A 144 -2.21 46.70 45.93
C VAL A 144 -3.70 46.53 46.20
N VAL A 145 -4.52 46.73 45.16
CA VAL A 145 -5.97 46.69 45.32
C VAL A 145 -6.65 45.69 44.39
N MET A 146 -7.43 44.79 44.97
CA MET A 146 -8.17 43.83 44.17
C MET A 146 -9.59 44.33 43.96
N THR A 147 -10.04 44.38 42.72
CA THR A 147 -11.40 44.84 42.42
C THR A 147 -12.00 44.12 41.22
N THR A 148 -13.14 44.63 40.75
CA THR A 148 -13.83 44.00 39.63
C THR A 148 -14.54 45.04 38.76
N GLU A 149 -14.50 44.84 37.46
CA GLU A 149 -15.19 45.71 36.52
C GLU A 149 -16.66 45.31 36.37
N PRO A 150 -17.54 46.23 35.93
CA PRO A 150 -18.94 46.00 35.61
C PRO A 150 -19.09 44.99 34.48
N ASP A 151 -18.02 44.78 33.72
CA ASP A 151 -18.00 43.83 32.62
C ASP A 151 -17.81 42.40 33.13
N GLY A 152 -17.58 42.24 34.43
CA GLY A 152 -17.41 40.92 35.03
C GLY A 152 -15.96 40.48 35.12
N ARG A 153 -15.06 41.24 34.52
CA ARG A 153 -13.65 40.88 34.54
C ARG A 153 -13.00 41.34 35.84
N SER A 154 -12.28 40.41 36.49
CA SER A 154 -11.52 40.76 37.68
C SER A 154 -10.36 41.65 37.31
N VAL A 155 -10.06 42.63 38.16
CA VAL A 155 -8.92 43.51 37.90
C VAL A 155 -8.07 43.71 39.13
N LEU A 156 -6.77 43.55 38.96
CA LEU A 156 -5.84 43.86 40.03
C LEU A 156 -5.18 45.20 39.75
N LYS A 157 -5.39 46.15 40.63
CA LYS A 157 -4.83 47.48 40.44
C LYS A 157 -3.60 47.64 41.31
N ILE A 158 -2.48 47.92 40.66
CA ILE A 158 -1.23 48.03 41.40
C ILE A 158 -0.70 49.43 41.29
N GLY A 159 -0.53 50.08 42.44
CA GLY A 159 -0.07 51.45 42.45
C GLY A 159 1.42 51.51 42.66
N PHE A 160 2.05 52.46 41.98
CA PHE A 160 3.48 52.68 42.07
C PHE A 160 3.78 54.16 42.22
N ALA A 161 4.99 54.48 42.65
CA ALA A 161 5.40 55.87 42.71
C ALA A 161 6.82 56.03 42.25
N CYS A 162 7.13 57.17 41.63
CA CYS A 162 8.47 57.44 41.14
C CYS A 162 9.21 58.52 41.92
N SER A 163 10.54 58.44 41.90
CA SER A 163 11.42 59.41 42.55
C SER A 163 11.24 60.80 41.97
N GLU A 164 11.46 61.81 42.82
CA GLU A 164 11.30 63.21 42.43
C GLU A 164 12.23 63.60 41.29
N LEU A 165 13.34 62.86 41.13
CA LEU A 165 14.31 63.20 40.11
C LEU A 165 14.52 62.05 39.13
N ALA A 166 13.54 61.18 38.99
CA ALA A 166 13.72 60.03 38.12
C ALA A 166 14.01 60.45 36.68
N ASP A 167 15.15 60.01 36.17
CA ASP A 167 15.53 60.27 34.78
C ASP A 167 15.13 59.08 33.92
N TRP A 168 14.03 59.21 33.21
CA TRP A 168 13.43 58.08 32.51
C TRP A 168 14.28 57.56 31.36
N SER A 169 15.37 58.26 31.02
CA SER A 169 16.30 57.77 30.00
C SER A 169 17.27 56.78 30.61
N GLN A 170 17.28 56.71 31.94
CA GLN A 170 18.21 55.86 32.68
C GLN A 170 17.49 54.69 33.31
N VAL A 171 16.20 54.86 33.59
CA VAL A 171 15.43 53.83 34.27
C VAL A 171 15.26 52.61 33.38
N ASP A 172 15.62 51.44 33.88
CA ASP A 172 15.59 50.22 33.09
C ASP A 172 14.21 49.58 33.03
N LEU A 173 13.30 50.21 32.30
CA LEU A 173 11.95 49.67 32.16
C LEU A 173 11.87 48.70 31.00
N HIS A 174 12.60 47.59 31.11
CA HIS A 174 12.58 46.57 30.07
C HIS A 174 11.77 45.36 30.52
N ARG A 175 12.21 44.77 31.62
CA ARG A 175 11.56 43.61 32.23
C ARG A 175 11.46 43.85 33.73
N LEU A 176 10.31 44.32 34.19
CA LEU A 176 10.18 44.71 35.58
C LEU A 176 9.94 43.47 36.44
N SER A 177 10.87 43.20 37.35
CA SER A 177 10.82 41.98 38.17
C SER A 177 10.00 42.16 39.43
N LEU A 178 8.85 41.49 39.49
CA LEU A 178 7.97 41.64 40.63
C LEU A 178 7.81 40.30 41.36
N TYR A 179 8.01 40.34 42.67
CA TYR A 179 7.90 39.15 43.51
C TYR A 179 6.55 39.09 44.22
N LEU A 180 5.95 37.90 44.21
CA LEU A 180 4.68 37.72 44.89
C LEU A 180 4.91 37.30 46.33
N ALA A 181 4.80 38.27 47.24
CA ALA A 181 5.08 38.07 48.65
C ALA A 181 3.79 37.79 49.43
N ALA A 182 3.20 36.64 49.19
CA ALA A 182 1.95 36.29 49.86
C ALA A 182 1.85 34.78 50.03
N GLU A 183 1.00 34.36 50.97
CA GLU A 183 0.84 32.94 51.28
C GLU A 183 0.53 32.11 50.03
N ALA A 184 1.06 30.89 49.98
CA ALA A 184 0.93 30.05 48.79
C ALA A 184 -0.52 29.81 48.33
N PRO A 185 -1.49 29.57 49.24
CA PRO A 185 -2.87 29.32 48.92
C PRO A 185 -3.51 30.46 48.13
N VAL A 186 -2.89 31.64 48.17
CA VAL A 186 -3.43 32.80 47.48
C VAL A 186 -2.50 33.24 46.35
N SER A 187 -1.19 33.22 46.62
CA SER A 187 -0.18 33.67 45.66
C SER A 187 -0.05 32.71 44.50
N SER A 188 -0.31 31.43 44.73
CA SER A 188 -0.23 30.44 43.66
C SER A 188 -1.30 30.74 42.62
N THR A 189 -2.44 31.24 43.08
CA THR A 189 -3.53 31.62 42.21
C THR A 189 -3.16 32.91 41.52
N LEU A 190 -2.67 33.86 42.30
CA LEU A 190 -2.27 35.15 41.80
C LEU A 190 -1.26 34.99 40.67
N HIS A 191 -0.34 34.05 40.84
CA HIS A 191 0.68 33.78 39.86
C HIS A 191 0.06 33.51 38.49
N LEU A 192 -0.85 32.54 38.41
CA LEU A 192 -1.51 32.24 37.15
C LEU A 192 -2.42 33.36 36.68
N MET A 193 -3.16 33.95 37.60
CA MET A 193 -4.14 34.97 37.21
C MET A 193 -3.46 36.13 36.50
N MET A 194 -2.26 36.49 36.95
CA MET A 194 -1.52 37.56 36.30
C MET A 194 -0.71 37.04 35.10
N THR A 195 -0.08 35.87 35.27
CA THR A 195 0.86 35.34 34.28
C THR A 195 0.22 34.73 33.03
N LYS A 196 -0.79 33.90 33.22
CA LYS A 196 -1.36 33.17 32.09
C LYS A 196 -2.74 33.69 31.68
N ARG A 197 -3.51 34.22 32.63
CA ARG A 197 -4.87 34.68 32.35
C ARG A 197 -4.98 36.14 31.96
N LEU A 198 -3.86 36.85 31.83
CA LEU A 198 -3.94 38.27 31.53
C LEU A 198 -4.73 38.49 30.26
N ALA A 199 -5.65 39.46 30.30
CA ALA A 199 -6.47 39.82 29.16
C ALA A 199 -6.07 41.18 28.60
N ALA A 200 -5.81 42.12 29.49
CA ALA A 200 -5.45 43.47 29.09
C ALA A 200 -4.65 44.16 30.18
N LEU A 201 -3.85 45.13 29.78
CA LEU A 201 -3.04 45.90 30.71
C LEU A 201 -3.18 47.39 30.41
N TYR A 202 -3.46 48.19 31.43
CA TYR A 202 -3.58 49.63 31.22
C TYR A 202 -2.69 50.43 32.17
N LEU A 203 -2.16 51.54 31.68
CA LEU A 203 -1.35 52.46 32.50
C LEU A 203 -2.11 53.74 32.80
N ARG A 204 -2.37 53.97 34.07
CA ARG A 204 -3.10 55.15 34.49
C ARG A 204 -2.19 56.32 34.80
N LEU A 205 -2.33 57.35 33.98
CA LEU A 205 -1.55 58.57 34.09
C LEU A 205 -2.42 59.66 34.69
N PRO A 206 -1.82 60.67 35.34
CA PRO A 206 -2.49 61.82 35.89
C PRO A 206 -3.24 62.56 34.79
N GLY A 207 -4.45 63.02 35.10
CA GLY A 207 -5.29 63.69 34.12
C GLY A 207 -6.47 62.81 33.71
N ASN A 208 -6.75 61.80 34.53
CA ASN A 208 -7.85 60.85 34.31
C ASN A 208 -7.64 59.98 33.08
N ASP A 209 -6.39 59.89 32.63
CA ASP A 209 -6.04 59.05 31.50
C ASP A 209 -5.79 57.62 31.94
N GLU A 210 -6.84 56.96 32.41
CA GLU A 210 -6.74 55.59 32.91
C GLU A 210 -6.77 54.55 31.79
N ARG A 211 -7.44 54.86 30.69
CA ARG A 211 -7.59 53.89 29.61
C ARG A 211 -6.45 53.95 28.61
N ILE A 212 -5.24 53.68 29.08
CA ILE A 212 -4.09 53.64 28.19
C ILE A 212 -3.59 52.22 28.02
N ARG A 213 -3.98 51.59 26.92
CA ARG A 213 -3.64 50.20 26.70
C ARG A 213 -2.13 50.03 26.53
N ILE A 214 -1.58 49.05 27.22
CA ILE A 214 -0.14 48.78 27.17
C ILE A 214 0.16 47.43 26.53
N ASP A 215 1.09 47.45 25.59
CA ASP A 215 1.56 46.22 24.97
C ASP A 215 2.66 45.60 25.81
N GLY A 216 2.37 44.45 26.40
CA GLY A 216 3.30 43.78 27.28
C GLY A 216 2.65 42.54 27.88
N TRP A 217 3.43 41.77 28.64
CA TRP A 217 2.91 40.55 29.23
C TRP A 217 3.72 40.14 30.44
N PHE A 218 3.16 39.25 31.23
CA PHE A 218 3.86 38.70 32.38
C PHE A 218 4.46 37.33 32.05
N SER A 219 5.62 37.03 32.62
CA SER A 219 6.24 35.73 32.47
C SER A 219 7.00 35.34 33.73
N PRO A 220 7.09 34.04 34.06
CA PRO A 220 7.82 33.52 35.18
C PRO A 220 9.31 33.69 34.97
N GLY A 221 10.04 33.91 36.06
CA GLY A 221 11.50 34.02 35.98
C GLY A 221 12.19 32.89 36.71
N GLY A 222 11.39 32.00 37.30
CA GLY A 222 11.93 30.91 38.12
C GLY A 222 12.67 29.87 37.29
N PHE A 223 12.48 29.94 35.98
CA PHE A 223 13.10 29.00 35.06
C PHE A 223 14.25 29.65 34.29
N ALA A 224 14.63 30.84 34.71
CA ALA A 224 15.71 31.56 34.05
C ALA A 224 17.01 30.80 34.19
N GLU A 225 17.85 30.88 33.18
CA GLU A 225 19.16 30.24 33.23
C GLU A 225 20.19 31.08 34.00
N GLU A 226 19.97 32.39 34.01
CA GLU A 226 20.96 33.34 34.51
C GLU A 226 21.30 33.22 36.01
N ASP A 227 20.38 32.73 36.83
CA ASP A 227 20.65 32.66 38.26
C ASP A 227 21.21 31.31 38.69
N ARG A 228 20.44 30.26 38.46
CA ARG A 228 20.81 28.87 38.78
C ARG A 228 20.89 28.60 40.30
N LEU A 229 20.93 29.65 41.11
CA LEU A 229 20.98 29.59 42.58
C LEU A 229 22.19 28.83 43.15
N TRP A 230 22.97 28.19 42.29
CA TRP A 230 24.18 27.50 42.70
C TRP A 230 25.29 27.75 41.67
N PRO A 231 26.57 27.63 42.06
CA PRO A 231 27.74 27.68 41.18
C PRO A 231 27.78 26.50 40.20
N LYS A 232 26.80 26.41 39.32
CA LYS A 232 26.72 25.32 38.35
C LYS A 232 26.45 25.81 36.93
N GLY A 233 27.40 26.55 36.36
CA GLY A 233 27.22 27.09 35.02
C GLY A 233 27.73 26.14 33.94
N ASP A 234 28.33 25.03 34.37
CA ASP A 234 28.92 24.07 33.42
C ASP A 234 27.97 22.93 33.09
N SER A 235 27.18 22.51 34.07
CA SER A 235 26.30 21.36 33.92
C SER A 235 25.01 21.71 33.19
N ALA A 236 24.37 22.78 33.64
CA ALA A 236 23.12 23.26 33.07
C ALA A 236 22.07 22.14 32.92
N PHE A 237 22.00 21.24 33.89
CA PHE A 237 21.00 20.18 33.83
C PHE A 237 19.69 20.66 34.42
N SER A 238 19.09 21.63 33.75
CA SER A 238 17.89 22.28 34.28
C SER A 238 16.77 21.30 34.50
N GLY A 239 16.71 20.27 33.67
CA GLY A 239 15.66 19.27 33.77
C GLY A 239 15.67 18.55 35.11
N TYR A 240 16.81 18.59 35.81
CA TYR A 240 16.91 17.95 37.11
C TYR A 240 16.92 18.99 38.23
N GLN A 241 17.70 20.04 38.06
CA GLN A 241 17.84 21.01 39.13
C GLN A 241 16.52 21.66 39.49
N LEU A 242 15.68 21.89 38.49
CA LEU A 242 14.39 22.52 38.73
C LEU A 242 13.54 21.69 39.68
N LEU A 243 13.79 20.38 39.71
CA LEU A 243 13.01 19.48 40.52
C LEU A 243 13.39 19.63 41.98
N LEU A 244 14.70 19.71 42.26
CA LEU A 244 15.11 19.95 43.64
C LEU A 244 14.58 21.28 44.11
N GLU A 245 14.65 22.28 43.24
CA GLU A 245 14.21 23.61 43.61
C GLU A 245 12.72 23.66 43.89
N TYR A 246 11.94 22.99 43.07
CA TYR A 246 10.51 22.95 43.27
C TYR A 246 10.18 22.37 44.65
N PHE A 247 10.79 21.23 44.97
CA PHE A 247 10.55 20.56 46.24
C PHE A 247 11.19 21.24 47.44
N THR A 248 12.24 22.04 47.23
CA THR A 248 12.87 22.70 48.36
C THR A 248 12.52 24.18 48.39
N PHE A 249 13.40 25.02 47.84
CA PHE A 249 13.17 26.46 47.91
C PHE A 249 12.25 26.96 46.81
N ARG A 250 11.00 26.58 46.91
CA ARG A 250 9.99 26.88 45.90
C ARG A 250 9.85 28.37 45.63
N GLU A 251 10.09 29.19 46.65
CA GLU A 251 9.92 30.64 46.55
C GLU A 251 10.62 31.26 45.34
N LYS A 252 11.65 30.58 44.82
CA LYS A 252 12.37 31.15 43.67
C LYS A 252 11.47 31.25 42.45
N PHE A 253 10.36 30.51 42.44
CA PHE A 253 9.46 30.47 41.31
C PHE A 253 8.35 31.48 41.42
N MET A 254 8.36 32.29 42.48
CA MET A 254 7.30 33.26 42.67
C MET A 254 7.70 34.64 42.16
N PHE A 255 8.69 34.67 41.28
CA PHE A 255 9.14 35.90 40.65
C PHE A 255 8.61 35.96 39.22
N VAL A 256 7.89 37.02 38.91
CA VAL A 256 7.27 37.19 37.60
C VAL A 256 7.68 38.51 36.97
N HIS A 257 8.19 38.46 35.76
CA HIS A 257 8.62 39.66 35.07
C HIS A 257 7.50 40.25 34.24
N LEU A 258 7.45 41.57 34.18
CA LEU A 258 6.56 42.26 33.25
C LEU A 258 7.36 42.80 32.09
N ASN A 259 7.16 42.20 30.92
CA ASN A 259 7.97 42.51 29.76
C ASN A 259 7.31 43.51 28.83
N GLY A 260 8.13 44.37 28.21
CA GLY A 260 7.65 45.25 27.15
C GLY A 260 7.44 46.70 27.58
N LEU A 261 7.92 47.07 28.76
CA LEU A 261 7.75 48.43 29.23
C LEU A 261 8.68 49.39 28.50
N GLU A 262 9.64 48.84 27.77
CA GLU A 262 10.59 49.63 27.01
C GLU A 262 9.89 50.36 25.88
N ASN A 263 8.70 49.89 25.51
CA ASN A 263 7.95 50.48 24.42
C ASN A 263 6.89 51.43 24.96
N VAL A 264 6.95 51.73 26.25
CA VAL A 264 5.96 52.60 26.86
C VAL A 264 6.53 53.97 27.18
N SER A 265 5.98 54.98 26.53
CA SER A 265 6.39 56.34 26.77
C SER A 265 5.50 56.97 27.82
N LEU A 266 6.11 57.61 28.79
CA LEU A 266 5.36 58.25 29.85
C LEU A 266 5.86 59.68 30.02
N PRO A 267 4.99 60.60 30.45
CA PRO A 267 5.30 61.97 30.78
C PRO A 267 6.12 62.02 32.05
N ALA A 268 7.01 63.00 32.13
CA ALA A 268 7.75 63.22 33.36
C ALA A 268 6.79 63.63 34.45
N GLY A 269 7.08 63.23 35.68
CA GLY A 269 6.25 63.58 36.81
C GLY A 269 6.84 63.09 38.10
N ILE A 270 6.11 63.28 39.18
CA ILE A 270 6.54 62.90 40.52
C ILE A 270 5.45 62.11 41.23
N SER A 271 5.86 61.13 42.05
CA SER A 271 4.96 60.37 42.89
C SER A 271 4.10 59.38 42.11
N GLY A 272 2.86 59.24 42.55
CA GLY A 272 2.04 58.08 42.25
C GLY A 272 1.51 57.98 40.82
N PHE A 273 1.37 56.74 40.38
CA PHE A 273 0.75 56.33 39.11
C PHE A 273 0.27 54.90 39.29
N ASP A 274 -0.59 54.41 38.41
CA ASP A 274 -1.11 53.06 38.62
C ASP A 274 -1.16 52.26 37.34
N LEU A 275 -1.03 50.94 37.46
CA LEU A 275 -1.32 50.09 36.32
C LEU A 275 -2.41 49.10 36.68
N GLU A 276 -3.17 48.69 35.67
CA GLU A 276 -4.31 47.82 35.90
C GLU A 276 -4.15 46.51 35.15
N VAL A 277 -4.18 45.41 35.90
CA VAL A 277 -4.07 44.09 35.30
C VAL A 277 -5.44 43.47 35.18
N VAL A 278 -5.92 43.39 33.95
CA VAL A 278 -7.25 42.87 33.69
C VAL A 278 -7.14 41.44 33.27
N LEU A 279 -7.77 40.54 34.01
CA LEU A 279 -7.62 39.12 33.72
C LEU A 279 -8.94 38.44 33.42
N SER A 280 -8.87 37.40 32.58
CA SER A 280 -10.07 36.70 32.08
C SER A 280 -10.63 35.67 33.05
N GLN A 281 -10.93 36.10 34.27
CA GLN A 281 -11.49 35.22 35.31
C GLN A 281 -12.28 36.01 36.36
N PRO A 282 -13.18 35.32 37.06
CA PRO A 282 -13.78 35.66 38.33
C PRO A 282 -12.84 35.24 39.46
N TRP A 283 -11.89 36.10 39.80
CA TRP A 283 -10.86 35.76 40.77
C TRP A 283 -11.62 35.16 41.97
N PRO A 284 -11.26 33.96 42.44
CA PRO A 284 -11.93 33.27 43.53
C PRO A 284 -12.28 34.25 44.64
N ALA A 285 -13.54 34.22 45.05
CA ALA A 285 -14.09 35.19 46.00
C ALA A 285 -13.31 35.30 47.30
N ASP A 286 -12.84 34.18 47.82
CA ASP A 286 -12.17 34.18 49.12
C ASP A 286 -10.68 34.44 49.01
N LEU A 287 -10.26 35.68 49.18
CA LEU A 287 -8.85 36.00 49.12
C LEU A 287 -8.53 37.30 49.87
N PRO A 288 -7.41 37.33 50.59
CA PRO A 288 -6.83 38.52 51.17
C PRO A 288 -6.06 39.28 50.13
N VAL A 289 -6.02 40.59 50.26
CA VAL A 289 -5.15 41.40 49.43
C VAL A 289 -4.49 42.45 50.30
N THR A 290 -3.24 42.76 50.01
CA THR A 290 -2.51 43.73 50.79
C THR A 290 -1.41 44.41 50.02
N ASP A 291 -1.10 45.63 50.43
CA ASP A 291 -0.05 46.43 49.82
C ASP A 291 1.30 45.72 49.85
N ASP A 292 1.47 44.83 50.82
CA ASP A 292 2.73 44.12 51.00
C ASP A 292 2.79 42.84 50.15
N ALA A 293 1.73 42.56 49.42
CA ALA A 293 1.65 41.36 48.59
C ALA A 293 2.67 41.39 47.47
N LEU A 294 2.93 42.58 46.94
CA LEU A 294 3.83 42.69 45.81
C LEU A 294 5.06 43.49 46.17
N CYS A 295 6.23 43.02 45.72
CA CYS A 295 7.51 43.67 46.01
C CYS A 295 8.43 43.67 44.80
N LEU A 296 9.03 44.82 44.52
CA LEU A 296 9.97 44.90 43.40
C LEU A 296 11.40 44.58 43.81
N HIS A 297 11.92 45.35 44.74
CA HIS A 297 13.35 45.34 44.98
C HIS A 297 13.79 44.23 45.91
N CYS A 298 13.74 43.00 45.42
CA CYS A 298 14.16 41.87 46.25
C CYS A 298 14.82 40.77 45.44
N VAL A 299 15.60 39.95 46.12
CA VAL A 299 16.32 38.88 45.49
C VAL A 299 16.62 37.75 46.48
N PRO A 300 16.65 36.49 46.04
CA PRO A 300 17.12 35.35 46.78
C PRO A 300 18.59 35.53 47.19
N VAL A 301 18.89 35.15 48.43
CA VAL A 301 20.24 35.17 48.97
C VAL A 301 20.56 33.84 49.63
N ILE A 302 21.82 33.43 49.56
CA ILE A 302 22.24 32.15 50.14
C ILE A 302 23.36 32.31 51.15
N ASN A 303 23.30 31.54 52.25
CA ASN A 303 24.29 31.62 53.32
C ASN A 303 25.63 30.98 52.95
N LEU A 304 26.32 31.62 52.00
CA LEU A 304 27.64 31.19 51.54
C LEU A 304 28.62 32.36 51.58
N PHE A 305 29.83 32.09 52.04
CA PHE A 305 30.84 33.13 52.18
C PHE A 305 32.25 32.59 52.05
N THR A 306 33.19 33.48 51.80
CA THR A 306 34.58 33.08 51.63
C THR A 306 35.28 32.81 52.96
N LEU A 307 36.03 31.72 53.02
CA LEU A 307 36.86 31.42 54.18
C LEU A 307 38.28 31.89 53.90
N GLU A 308 39.04 32.14 54.95
CA GLU A 308 40.41 32.62 54.77
C GLU A 308 41.24 31.62 53.97
N ALA A 309 41.96 32.13 52.96
CA ALA A 309 42.81 31.27 52.12
C ALA A 309 44.14 31.02 52.79
N ASP A 310 44.09 30.27 53.89
CA ASP A 310 45.29 29.98 54.66
C ASP A 310 46.30 29.21 53.82
N PRO A 311 47.60 29.44 54.02
CA PRO A 311 48.72 28.79 53.37
C PRO A 311 48.83 27.33 53.78
N LEU A 312 48.56 26.44 52.86
CA LEU A 312 48.65 25.00 53.11
C LEU A 312 50.03 24.50 52.75
N ILE A 313 50.73 23.94 53.73
CA ILE A 313 52.07 23.42 53.50
C ILE A 313 52.15 21.96 53.89
N ILE A 314 52.98 21.20 53.17
CA ILE A 314 53.14 19.79 53.46
C ILE A 314 54.61 19.43 53.60
N ASN A 315 54.87 18.31 54.28
CA ASN A 315 56.24 17.83 54.49
C ASN A 315 56.41 16.41 53.95
N GLY A 316 55.65 16.08 52.92
CA GLY A 316 55.73 14.77 52.29
C GLY A 316 54.39 14.38 51.70
N LEU A 317 54.41 13.36 50.86
CA LEU A 317 53.20 12.88 50.22
C LEU A 317 52.45 11.90 51.12
N GLU A 318 52.00 12.40 52.27
CA GLU A 318 51.30 11.60 53.26
C GLU A 318 49.82 11.43 52.92
N SER A 319 49.56 10.83 51.76
CA SER A 319 48.21 10.63 51.28
C SER A 319 47.44 11.95 51.16
N GLU A 320 46.38 12.10 51.94
CA GLU A 320 45.54 13.29 51.88
C GLU A 320 45.77 14.22 53.07
N TYR A 321 45.53 15.51 52.86
CA TYR A 321 45.79 16.51 53.89
C TYR A 321 44.49 17.07 54.42
N LEU A 322 44.46 17.43 55.70
CA LEU A 322 43.25 17.99 56.30
C LEU A 322 43.18 19.50 56.17
N LEU A 323 42.07 19.99 55.62
CA LEU A 323 41.85 21.41 55.48
C LEU A 323 40.92 21.92 56.57
N ARG A 324 41.31 23.01 57.21
CA ARG A 324 40.49 23.62 58.24
C ARG A 324 40.78 25.13 58.34
N PRO A 325 39.74 25.98 58.38
CA PRO A 325 39.80 27.43 58.48
C PRO A 325 40.13 27.90 59.88
N LYS A 326 40.50 29.17 59.98
CA LYS A 326 40.64 29.81 61.29
C LYS A 326 39.26 30.15 61.84
N ARG A 327 39.18 30.32 63.15
CA ARG A 327 37.94 30.63 63.86
C ARG A 327 36.92 29.49 63.70
N LEU A 328 37.44 28.28 63.51
CA LEU A 328 36.62 27.08 63.47
C LEU A 328 36.03 26.85 64.86
N GLN A 329 36.69 27.44 65.86
CA GLN A 329 36.34 27.30 67.25
C GLN A 329 34.93 27.78 67.54
N ASP A 330 34.39 28.64 66.67
CA ASP A 330 33.03 29.12 66.84
C ASP A 330 32.03 27.95 66.79
N GLY A 331 32.43 26.87 66.12
CA GLY A 331 31.60 25.68 66.02
C GLY A 331 30.53 25.78 64.95
N TYR A 332 30.54 26.87 64.20
CA TYR A 332 29.53 27.07 63.18
C TYR A 332 30.08 27.02 61.77
N THR A 333 31.23 27.64 61.55
CA THR A 333 31.76 27.70 60.20
C THR A 333 32.05 26.30 59.69
N GLU A 334 31.82 26.11 58.40
CA GLU A 334 32.02 24.81 57.78
C GLU A 334 32.44 24.98 56.32
N ILE A 335 33.32 24.09 55.84
CA ILE A 335 33.72 24.14 54.44
C ILE A 335 32.63 23.60 53.53
N TYR A 336 32.29 24.38 52.51
CA TYR A 336 31.28 24.00 51.55
C TYR A 336 31.94 23.40 50.31
N SER A 337 32.91 24.12 49.74
CA SER A 337 33.61 23.64 48.57
C SER A 337 34.93 24.38 48.32
N VAL A 338 35.87 23.71 47.66
CA VAL A 338 37.12 24.34 47.28
C VAL A 338 37.03 24.84 45.84
N ASP A 339 37.29 26.13 45.64
CA ASP A 339 37.13 26.74 44.33
C ASP A 339 38.40 26.69 43.50
N ALA A 340 39.54 26.88 44.14
CA ALA A 340 40.80 26.89 43.40
C ALA A 340 42.00 26.55 44.26
N VAL A 341 43.01 25.95 43.63
CA VAL A 341 44.26 25.62 44.29
C VAL A 341 45.47 26.09 43.49
N THR A 342 46.14 27.12 43.99
CA THR A 342 47.39 27.59 43.38
C THR A 342 48.39 28.00 44.44
N GLY A 343 49.60 27.47 44.35
CA GLY A 343 50.66 27.84 45.30
C GLY A 343 51.86 28.43 44.64
N SER A 344 53.00 28.27 45.30
CA SER A 344 54.29 28.75 44.80
C SER A 344 55.39 27.75 45.13
N GLY A 345 55.93 27.12 44.09
CA GLY A 345 56.98 26.13 44.26
C GLY A 345 58.25 26.53 43.54
N ARG A 346 59.15 25.57 43.35
CA ARG A 346 60.44 25.84 42.73
C ARG A 346 60.32 26.00 41.22
N THR A 347 59.12 25.75 40.72
CA THR A 347 58.82 25.85 39.30
C THR A 347 57.95 27.06 39.02
N GLY A 348 57.75 27.89 40.05
CA GLY A 348 56.89 29.05 39.93
C GLY A 348 55.48 28.72 40.42
N SER A 349 54.49 29.44 39.93
CA SER A 349 53.15 29.28 40.44
C SER A 349 52.73 27.81 40.38
N ALA A 350 52.38 27.27 41.54
CA ALA A 350 52.01 25.88 41.63
C ALA A 350 50.54 25.72 41.34
N GLU A 351 50.18 25.87 40.08
CA GLU A 351 48.79 25.79 39.68
C GLU A 351 48.34 24.35 39.57
N TYR A 352 47.22 24.02 40.19
CA TYR A 352 46.65 22.68 40.11
C TYR A 352 45.34 22.69 39.33
N VAL A 353 45.01 21.54 38.76
CA VAL A 353 43.79 21.39 37.99
C VAL A 353 42.80 20.46 38.68
N PRO A 354 41.56 20.89 38.92
CA PRO A 354 40.53 20.08 39.50
C PRO A 354 40.44 18.78 38.74
N PHE A 355 40.73 17.67 39.41
CA PHE A 355 40.71 16.35 38.79
C PHE A 355 39.45 16.14 37.99
N THR A 356 38.35 16.63 38.53
CA THR A 356 37.04 16.44 37.96
C THR A 356 36.92 17.02 36.55
N SER A 357 37.77 17.99 36.21
CA SER A 357 37.72 18.59 34.87
C SER A 357 38.14 17.56 33.82
N PHE A 358 38.83 16.51 34.26
CA PHE A 358 39.26 15.44 33.38
C PHE A 358 38.23 14.33 33.41
N ARG A 359 37.85 13.95 34.63
CA ARG A 359 36.92 12.85 34.83
C ARG A 359 35.53 13.13 34.27
N HIS A 360 35.08 14.39 34.36
CA HIS A 360 33.78 14.79 33.82
C HIS A 360 33.69 14.47 32.35
N ARG A 361 34.80 14.69 31.64
CA ARG A 361 34.88 14.39 30.23
C ARG A 361 34.95 12.89 30.01
N GLY A 362 35.71 12.22 30.88
CA GLY A 362 35.88 10.78 30.80
C GLY A 362 36.81 10.40 29.67
N GLY A 363 37.74 11.29 29.38
CA GLY A 363 38.67 11.09 28.28
C GLY A 363 39.91 10.35 28.73
N MET A 364 41.00 10.57 28.00
CA MET A 364 42.26 9.88 28.28
C MET A 364 42.89 10.40 29.56
N LEU A 365 42.31 10.01 30.70
CA LEU A 365 42.78 10.47 31.98
C LEU A 365 44.26 10.16 32.13
N ARG A 366 44.67 9.04 31.56
CA ARG A 366 46.06 8.59 31.55
C ARG A 366 47.03 9.68 31.10
N HIS A 367 46.57 10.54 30.18
CA HIS A 367 47.41 11.58 29.61
C HIS A 367 47.06 12.97 30.15
N ASP A 368 45.86 13.12 30.73
CA ASP A 368 45.42 14.41 31.26
C ASP A 368 45.88 14.62 32.71
N ALA A 369 45.91 13.53 33.47
CA ALA A 369 46.23 13.56 34.91
C ALA A 369 47.61 14.16 35.28
N PRO A 370 48.69 13.99 34.48
CA PRO A 370 50.03 14.48 34.73
C PRO A 370 50.08 15.99 34.95
N GLU A 371 49.01 16.71 34.61
CA GLU A 371 49.04 18.16 34.76
C GLU A 371 48.61 18.60 36.16
N ARG A 372 49.35 18.12 37.14
CA ARG A 372 49.18 18.49 38.55
C ARG A 372 47.72 18.58 38.95
N TYR A 373 47.00 17.47 38.94
CA TYR A 373 45.60 17.52 39.34
C TYR A 373 45.47 17.61 40.85
N TYR A 374 44.32 18.10 41.31
CA TYR A 374 43.97 18.02 42.72
C TYR A 374 42.54 17.51 42.89
N HIS A 375 42.25 16.95 44.05
CA HIS A 375 40.93 16.40 44.32
C HIS A 375 40.57 16.54 45.78
N THR A 376 39.28 16.70 46.08
CA THR A 376 38.84 16.83 47.47
C THR A 376 37.77 15.83 47.87
N ARG A 377 37.80 15.46 49.14
CA ARG A 377 36.79 14.58 49.74
C ARG A 377 36.28 15.16 51.04
N VAL A 378 35.05 14.83 51.42
CA VAL A 378 34.52 15.27 52.70
C VAL A 378 33.93 14.13 53.51
N LYS A 379 34.01 14.26 54.83
CA LYS A 379 33.45 13.27 55.74
C LYS A 379 33.14 13.88 57.10
N ARG A 380 32.01 13.50 57.69
CA ARG A 380 31.65 14.00 59.01
C ARG A 380 32.66 13.56 60.06
N GLY A 381 33.05 14.49 60.92
CA GLY A 381 33.94 14.19 62.04
C GLY A 381 33.12 13.71 63.22
N VAL A 382 33.77 13.58 64.38
CA VAL A 382 33.09 13.04 65.57
C VAL A 382 32.05 14.01 66.14
N THR A 383 32.07 15.25 65.67
CA THR A 383 31.13 16.27 66.15
C THR A 383 29.98 16.46 65.16
N GLY A 384 29.99 15.71 64.05
CA GLY A 384 28.95 15.79 63.04
C GLY A 384 29.24 16.84 61.96
N MET A 385 30.28 17.65 62.17
CA MET A 385 30.69 18.68 61.21
C MET A 385 31.54 18.04 60.14
N TYR A 386 31.49 18.55 58.92
CA TYR A 386 32.29 17.94 57.85
C TYR A 386 33.73 18.41 57.82
N ASP A 387 34.64 17.45 57.70
CA ASP A 387 36.05 17.72 57.49
C ASP A 387 36.35 17.62 56.00
N THR A 388 37.23 18.47 55.50
CA THR A 388 37.60 18.43 54.08
C THR A 388 39.03 17.98 53.89
N TRP A 389 39.22 17.03 52.98
CA TRP A 389 40.54 16.49 52.72
C TRP A 389 41.03 16.83 51.32
N LEU A 390 42.33 17.13 51.21
CA LEU A 390 42.94 17.51 49.94
C LEU A 390 43.90 16.45 49.41
N ILE A 391 43.67 16.04 48.18
CA ILE A 391 44.50 15.05 47.50
C ILE A 391 45.27 15.72 46.37
N LEU A 392 46.58 15.58 46.38
CA LEU A 392 47.41 16.17 45.35
C LEU A 392 48.22 15.13 44.63
N GLU A 406 56.25 23.37 50.18
CA GLU A 406 55.56 24.14 49.15
C GLU A 406 54.24 24.63 49.71
N THR A 407 53.97 25.92 49.52
CA THR A 407 52.75 26.51 50.04
C THR A 407 51.69 26.66 48.97
N LEU A 408 50.47 26.21 49.30
CA LEU A 408 49.33 26.39 48.40
C LEU A 408 48.34 27.38 48.96
N SER A 409 47.82 28.26 48.10
CA SER A 409 46.76 29.17 48.50
C SER A 409 45.43 28.57 48.10
N LEU A 410 44.65 28.18 49.08
CA LEU A 410 43.40 27.47 48.81
C LEU A 410 42.21 28.40 48.92
N ARG A 411 41.53 28.62 47.82
CA ARG A 411 40.35 29.47 47.82
C ARG A 411 39.14 28.63 48.14
N ILE A 412 38.59 28.81 49.34
CA ILE A 412 37.56 27.93 49.85
C ILE A 412 36.31 28.68 50.27
N THR A 413 35.15 28.25 49.77
CA THR A 413 33.87 28.80 50.17
C THR A 413 33.28 28.00 51.32
N GLY A 414 32.78 28.70 52.34
CA GLY A 414 32.19 28.03 53.49
C GLY A 414 30.75 28.44 53.75
N THR A 415 30.20 27.87 54.81
CA THR A 415 28.84 28.14 55.24
C THR A 415 28.73 27.96 56.75
N ASN A 416 27.51 27.93 57.25
CA ASN A 416 27.28 27.67 58.67
C ASN A 416 26.63 26.30 58.83
N GLY A 417 27.14 25.53 59.76
CA GLY A 417 26.66 24.18 60.02
C GLY A 417 25.63 24.13 61.13
N GLN A 418 25.85 23.24 62.09
CA GLN A 418 24.92 22.98 63.17
C GLN A 418 24.55 24.24 63.94
N LEU A 419 23.27 24.41 64.22
CA LEU A 419 22.77 25.53 64.99
C LEU A 419 21.35 25.23 65.46
N PRO A 420 20.83 25.93 66.49
CA PRO A 420 19.45 25.90 66.91
C PRO A 420 18.54 26.44 65.81
N ARG A 421 17.48 25.68 65.53
CA ARG A 421 16.56 25.99 64.45
C ARG A 421 15.62 27.14 64.76
N ARG A 422 15.12 27.21 65.99
CA ARG A 422 14.23 28.30 66.36
C ARG A 422 14.99 29.61 66.40
N ALA A 423 16.23 29.56 66.87
CA ALA A 423 17.03 30.76 66.97
C ALA A 423 17.22 31.38 65.61
N LEU A 424 17.51 30.54 64.60
CA LEU A 424 17.71 31.03 63.26
C LEU A 424 16.41 31.53 62.64
N GLN A 425 15.33 30.76 62.82
CA GLN A 425 14.05 31.12 62.23
C GLN A 425 13.56 32.50 62.71
N SER A 426 13.86 32.83 63.96
CA SER A 426 13.45 34.11 64.53
C SER A 426 14.47 35.23 64.31
N THR A 427 15.58 34.92 63.63
CA THR A 427 16.65 35.89 63.41
C THR A 427 16.39 36.77 62.21
N LEU A 428 16.55 38.08 62.40
CA LEU A 428 16.36 39.04 61.32
C LEU A 428 17.70 39.41 60.71
N LEU A 429 17.66 39.92 59.48
CA LEU A 429 18.87 40.33 58.79
C LEU A 429 19.32 41.72 59.22
N ASP A 430 20.63 41.92 59.16
CA ASP A 430 21.24 43.20 59.49
C ASP A 430 21.38 44.03 58.22
N ARG A 431 21.92 45.23 58.35
CA ARG A 431 22.09 46.12 57.21
C ARG A 431 22.99 45.52 56.13
N CYS A 432 22.57 45.72 54.88
CA CYS A 432 23.31 45.33 53.69
C CYS A 432 24.57 46.17 53.54
N GLU A 433 25.68 45.55 53.12
CA GLU A 433 26.90 46.33 52.94
C GLU A 433 26.61 47.56 52.10
N GLN A 434 27.07 48.72 52.55
CA GLN A 434 26.80 49.97 51.84
C GLN A 434 27.69 50.15 50.62
N VAL A 435 27.31 49.50 49.55
CA VAL A 435 28.02 49.56 48.27
C VAL A 435 27.29 50.48 47.32
N LEU A 436 25.97 50.50 47.44
CA LEU A 436 25.08 51.22 46.55
C LEU A 436 25.01 52.68 46.98
N GLN A 437 24.66 53.59 46.08
CA GLN A 437 24.56 54.99 46.50
C GLN A 437 23.42 55.17 47.48
N ALA A 438 22.32 54.47 47.23
CA ALA A 438 21.16 54.54 48.11
C ALA A 438 21.37 53.62 49.32
N PRO A 439 21.13 54.10 50.54
CA PRO A 439 21.12 53.33 51.77
C PRO A 439 19.93 52.39 51.79
N VAL A 440 20.00 51.33 51.00
CA VAL A 440 18.88 50.41 50.89
C VAL A 440 18.53 49.78 52.23
N SER A 441 17.24 49.74 52.54
CA SER A 441 16.79 49.11 53.77
C SER A 441 16.70 47.62 53.57
N VAL A 442 16.77 46.86 54.65
CA VAL A 442 16.72 45.41 54.56
C VAL A 442 15.45 44.83 55.16
N ARG A 443 14.69 44.13 54.33
CA ARG A 443 13.45 43.51 54.78
C ARG A 443 13.40 42.04 54.41
N ASN A 444 13.30 41.17 55.40
CA ASN A 444 13.23 39.73 55.14
C ASN A 444 11.81 39.35 54.76
N LEU A 445 11.62 38.89 53.52
CA LEU A 445 10.28 38.60 53.00
C LEU A 445 9.79 37.20 53.32
N CYS A 446 10.64 36.38 53.94
CA CYS A 446 10.27 35.01 54.26
C CYS A 446 11.18 34.38 55.30
N LYS A 447 10.57 33.77 56.32
CA LYS A 447 11.32 33.10 57.37
C LYS A 447 12.42 32.25 56.73
N PRO A 448 13.69 32.39 57.18
CA PRO A 448 14.86 31.72 56.64
C PRO A 448 14.77 30.23 56.83
N THR A 449 15.32 29.49 55.89
CA THR A 449 15.35 28.04 55.95
C THR A 449 16.48 27.58 56.85
N LEU A 450 16.50 26.29 57.14
CA LEU A 450 17.63 25.69 57.81
C LEU A 450 18.24 24.70 56.81
N PRO A 451 19.54 24.37 56.92
CA PRO A 451 20.28 23.54 55.99
C PRO A 451 19.58 22.23 55.70
N VAL A 452 19.55 21.85 54.43
CA VAL A 452 18.92 20.62 54.00
C VAL A 452 19.94 19.61 53.53
N TYR A 453 19.95 18.45 54.15
CA TYR A 453 20.91 17.43 53.84
C TYR A 453 20.25 16.36 52.97
N PRO A 454 20.96 15.77 52.02
CA PRO A 454 20.51 14.69 51.18
C PRO A 454 20.33 13.47 52.05
N PRO A 455 19.43 12.56 51.68
CA PRO A 455 19.23 11.30 52.30
C PRO A 455 20.44 10.42 52.05
N THR A 456 20.87 9.70 53.07
CA THR A 456 21.98 8.77 52.96
C THR A 456 21.59 7.48 53.60
N GLU A 457 20.66 6.79 52.97
CA GLU A 457 20.02 5.64 53.59
C GLU A 457 19.65 4.62 52.55
N ASP A 458 19.46 3.38 53.00
CA ASP A 458 19.02 2.32 52.12
C ASP A 458 19.88 2.27 50.86
N ARG A 459 19.26 2.25 49.69
CA ARG A 459 19.99 2.21 48.45
C ARG A 459 19.81 3.48 47.63
N PHE A 460 19.64 4.61 48.32
CA PHE A 460 19.39 5.89 47.66
C PHE A 460 20.31 6.15 46.49
N HIS A 461 21.61 6.00 46.67
CA HIS A 461 22.56 6.36 45.63
C HIS A 461 22.39 5.49 44.40
N TRP A 462 21.98 4.25 44.59
CA TRP A 462 21.83 3.33 43.47
C TRP A 462 20.55 3.62 42.73
N ARG A 463 19.53 4.07 43.47
CA ARG A 463 18.29 4.50 42.86
C ARG A 463 18.55 5.71 41.99
N VAL A 464 19.40 6.59 42.49
CA VAL A 464 19.81 7.79 41.79
C VAL A 464 20.51 7.49 40.48
N MET A 465 21.41 6.52 40.48
CA MET A 465 22.09 6.14 39.23
C MET A 465 21.12 5.52 38.24
N SER A 466 20.24 4.65 38.71
CA SER A 466 19.27 3.99 37.85
C SER A 466 18.44 5.03 37.09
N HIS A 467 18.00 6.03 37.83
CA HIS A 467 17.20 7.13 37.33
C HIS A 467 17.73 7.77 36.04
N LEU A 468 19.05 7.92 35.95
CA LEU A 468 19.67 8.68 34.87
C LEU A 468 19.58 8.07 33.48
N GLY A 469 19.54 6.75 33.39
CA GLY A 469 19.65 6.13 32.08
C GLY A 469 18.51 6.56 31.17
N THR A 470 18.79 6.76 29.90
CA THR A 470 17.75 7.16 28.98
C THR A 470 16.65 6.11 28.98
N GLY A 471 17.06 4.85 29.03
CA GLY A 471 16.15 3.71 29.01
C GLY A 471 15.23 3.67 30.22
N PHE A 472 15.56 4.45 31.26
CA PHE A 472 14.77 4.51 32.47
C PHE A 472 13.30 4.75 32.15
N LEU A 473 13.06 5.57 31.13
CA LEU A 473 11.71 5.94 30.75
C LEU A 473 10.79 4.75 30.58
N ASN A 474 11.33 3.62 30.14
CA ASN A 474 10.51 2.45 29.85
C ASN A 474 9.80 1.90 31.08
N MET A 475 10.36 2.09 32.27
CA MET A 475 9.73 1.58 33.47
C MET A 475 8.87 2.61 34.14
N LEU A 476 8.85 3.83 33.60
CA LEU A 476 8.15 4.92 34.23
C LEU A 476 6.71 4.96 33.70
N SER A 477 5.97 3.90 34.02
CA SER A 477 4.65 3.65 33.45
C SER A 477 3.59 3.40 34.51
N SER A 478 3.92 3.71 35.75
CA SER A 478 2.98 3.53 36.85
C SER A 478 3.23 4.54 37.94
N ALA A 479 2.18 4.83 38.72
CA ALA A 479 2.28 5.80 39.79
C ALA A 479 3.31 5.41 40.83
N GLU A 480 3.44 4.12 41.10
CA GLU A 480 4.37 3.67 42.12
C GLU A 480 5.79 4.04 41.77
N VAL A 481 6.16 3.87 40.51
CA VAL A 481 7.50 4.19 40.08
C VAL A 481 7.71 5.68 40.02
N LEU A 482 6.74 6.40 39.46
CA LEU A 482 6.85 7.83 39.35
C LEU A 482 7.00 8.48 40.72
N ARG A 483 6.21 8.05 41.69
CA ARG A 483 6.37 8.59 43.03
C ARG A 483 7.74 8.24 43.59
N GLY A 484 8.16 6.98 43.38
CA GLY A 484 9.43 6.51 43.90
C GLY A 484 10.62 7.30 43.39
N THR A 485 10.56 7.73 42.12
CA THR A 485 11.66 8.49 41.55
C THR A 485 11.61 9.96 41.95
N LEU A 486 10.42 10.54 41.99
CA LEU A 486 10.29 11.94 42.39
C LEU A 486 10.75 12.11 43.82
N ALA A 487 10.53 11.08 44.63
CA ALA A 487 10.91 11.09 46.03
C ALA A 487 12.41 11.31 46.22
N LEU A 488 13.22 11.01 45.20
CA LEU A 488 14.67 11.12 45.31
C LEU A 488 15.11 12.56 45.41
N TYR A 489 14.20 13.48 45.14
CA TYR A 489 14.49 14.90 45.15
C TYR A 489 13.88 15.60 46.35
N ASN A 490 13.11 14.86 47.15
CA ASN A 490 12.44 15.46 48.28
C ASN A 490 13.33 15.41 49.51
N TRP A 491 14.36 16.25 49.51
CA TRP A 491 15.37 16.17 50.58
C TRP A 491 14.88 16.79 51.87
N ARG A 492 13.75 17.49 51.80
CA ARG A 492 13.11 18.04 52.99
C ARG A 492 11.68 17.52 53.09
N ASP A 493 11.49 16.54 53.96
CA ASP A 493 10.23 15.80 54.01
C ASP A 493 9.13 16.46 54.84
N ASP A 494 8.62 17.59 54.35
CA ASP A 494 7.52 18.25 55.06
C ASP A 494 6.18 17.68 54.63
N GLU A 495 5.11 18.21 55.25
CA GLU A 495 3.76 17.75 54.97
C GLU A 495 3.29 18.09 53.58
N LEU A 496 3.66 19.28 53.12
CA LEU A 496 3.18 19.75 51.83
C LEU A 496 3.71 18.91 50.70
N ASN A 497 5.00 18.59 50.73
CA ASN A 497 5.58 17.79 49.68
C ASN A 497 5.00 16.40 49.66
N HIS A 498 4.74 15.83 50.84
CA HIS A 498 4.15 14.51 50.87
C HIS A 498 2.73 14.53 50.36
N ARG A 499 1.95 15.53 50.76
CA ARG A 499 0.58 15.63 50.29
C ARG A 499 0.55 15.75 48.77
N ARG A 500 1.46 16.54 48.21
CA ARG A 500 1.54 16.72 46.78
C ARG A 500 2.04 15.46 46.08
N LEU A 501 3.10 14.85 46.61
CA LEU A 501 3.68 13.66 45.99
C LEU A 501 2.67 12.53 45.94
N ASP A 502 1.89 12.40 47.01
CA ASP A 502 0.90 11.33 47.11
C ASP A 502 -0.34 11.64 46.30
N ALA A 503 -0.34 12.78 45.61
CA ALA A 503 -1.46 13.15 44.78
C ALA A 503 -1.38 12.45 43.43
N ILE A 504 -0.30 11.73 43.19
CA ILE A 504 -0.19 11.01 41.93
C ILE A 504 -0.98 9.72 42.02
N LEU A 505 -2.05 9.64 41.25
CA LEU A 505 -2.97 8.53 41.38
C LEU A 505 -2.69 7.46 40.34
N ALA A 506 -2.35 7.88 39.13
CA ALA A 506 -2.14 6.90 38.06
C ALA A 506 -1.24 7.45 36.96
N VAL A 507 -0.50 6.55 36.32
CA VAL A 507 0.32 6.88 35.17
C VAL A 507 0.07 5.88 34.05
N GLN A 508 -0.19 6.37 32.85
CA GLN A 508 -0.43 5.49 31.71
C GLN A 508 0.38 5.91 30.48
N HIS A 509 0.70 4.94 29.64
CA HIS A 509 1.39 5.23 28.38
C HIS A 509 0.54 4.97 27.16
N HIS A 510 0.58 5.90 26.22
CA HIS A 510 -0.09 5.72 24.94
C HIS A 510 0.88 6.05 23.81
N ARG A 511 0.69 5.40 22.67
CA ARG A 511 1.58 5.59 21.54
C ARG A 511 1.11 6.71 20.63
N ILE A 512 2.06 7.45 20.08
CA ILE A 512 1.78 8.47 19.10
C ILE A 512 2.39 8.08 17.76
N GLN A 513 1.57 8.07 16.70
CA GLN A 513 2.06 7.73 15.37
C GLN A 513 1.68 8.76 14.33
N ARG A 514 2.67 9.35 13.67
CA ARG A 514 2.42 10.32 12.62
C ARG A 514 3.40 10.12 11.47
N PHE A 515 3.02 10.53 10.27
CA PHE A 515 3.96 10.48 9.15
C PHE A 515 4.49 11.84 8.78
N GLU A 516 5.81 11.93 8.60
CA GLU A 516 6.46 13.14 8.17
C GLU A 516 7.43 12.85 7.03
N LYS A 517 7.20 13.48 5.89
CA LYS A 517 8.05 13.27 4.72
C LYS A 517 8.16 11.78 4.39
N GLY A 518 7.05 11.07 4.52
CA GLY A 518 6.97 9.66 4.17
C GLY A 518 7.51 8.73 5.26
N PHE A 519 8.03 9.30 6.33
CA PHE A 519 8.63 8.52 7.39
C PHE A 519 7.71 8.41 8.60
N LEU A 520 7.60 7.22 9.18
CA LEU A 520 6.77 7.07 10.37
C LEU A 520 7.51 7.48 11.61
N LEU A 521 7.00 8.51 12.27
CA LEU A 521 7.61 9.05 13.47
C LEU A 521 6.90 8.52 14.71
N ARG A 522 7.69 7.96 15.62
CA ARG A 522 7.18 7.38 16.86
C ARG A 522 7.33 8.35 18.03
N GLY A 523 6.40 8.28 18.97
CA GLY A 523 6.50 9.04 20.21
C GLY A 523 5.72 8.39 21.33
N LEU A 524 5.85 8.94 22.53
CA LEU A 524 5.23 8.38 23.72
C LEU A 524 4.48 9.43 24.54
N ASP A 525 3.20 9.18 24.74
CA ASP A 525 2.32 10.04 25.53
C ASP A 525 2.26 9.57 26.97
N VAL A 526 2.79 10.37 27.88
CA VAL A 526 2.82 10.00 29.29
C VAL A 526 1.72 10.76 30.04
N GLU A 527 0.68 10.04 30.43
CA GLU A 527 -0.47 10.64 31.08
C GLU A 527 -0.42 10.43 32.57
N VAL A 528 -0.50 11.52 33.33
CA VAL A 528 -0.48 11.42 34.78
C VAL A 528 -1.75 12.00 35.39
N THR A 529 -2.41 11.21 36.22
CA THR A 529 -3.62 11.65 36.90
C THR A 529 -3.30 12.13 38.30
N LEU A 530 -3.68 13.37 38.59
CA LEU A 530 -3.36 14.00 39.87
C LEU A 530 -4.58 14.30 40.71
N ASP A 531 -4.42 14.17 42.03
CA ASP A 531 -5.41 14.60 43.00
C ASP A 531 -5.18 16.05 43.38
N GLY A 532 -6.02 16.93 42.87
CA GLY A 532 -5.86 18.37 43.03
C GLY A 532 -5.86 18.82 44.49
N ASN A 533 -6.32 17.95 45.39
CA ASN A 533 -6.37 18.29 46.81
C ASN A 533 -4.97 18.37 47.43
N GLY A 534 -3.98 17.83 46.73
CA GLY A 534 -2.60 17.84 47.21
C GLY A 534 -1.86 19.08 46.69
N PHE A 535 -2.57 19.95 46.01
CA PHE A 535 -1.98 21.13 45.40
C PHE A 535 -2.65 22.41 45.87
N ALA A 536 -1.91 23.52 45.88
CA ALA A 536 -2.51 24.82 46.14
C ALA A 536 -3.27 25.29 44.89
N GLY A 537 -4.34 24.59 44.58
CA GLY A 537 -5.16 24.87 43.43
C GLY A 537 -4.38 24.74 42.13
N GLU A 538 -4.84 25.46 41.11
CA GLU A 538 -4.24 25.42 39.79
C GLU A 538 -2.80 25.90 39.81
N GLY A 539 -2.50 26.84 40.69
CA GLY A 539 -1.16 27.41 40.75
C GLY A 539 -0.10 26.32 40.86
N ASP A 540 -0.17 25.51 41.91
CA ASP A 540 0.81 24.46 42.07
C ASP A 540 0.72 23.42 40.96
N ILE A 541 -0.49 23.13 40.49
CA ILE A 541 -0.65 22.11 39.46
C ILE A 541 0.08 22.49 38.19
N HIS A 542 -0.10 23.73 37.76
CA HIS A 542 0.52 24.19 36.52
C HIS A 542 2.02 24.40 36.68
N LEU A 543 2.46 24.92 37.83
CA LEU A 543 3.88 25.09 38.04
C LEU A 543 4.54 23.72 38.06
N PHE A 544 3.94 22.79 38.79
CA PHE A 544 4.42 21.43 38.84
C PHE A 544 4.48 20.84 37.45
N GLY A 545 3.39 20.97 36.70
CA GLY A 545 3.31 20.45 35.35
C GLY A 545 4.39 20.99 34.44
N GLU A 546 4.56 22.31 34.40
CA GLU A 546 5.56 22.91 33.53
C GLU A 546 6.93 22.35 33.87
N MET A 547 7.22 22.26 35.15
CA MET A 547 8.49 21.74 35.58
C MET A 547 8.62 20.28 35.18
N LEU A 548 7.58 19.50 35.41
CA LEU A 548 7.59 18.08 35.09
C LEU A 548 7.82 17.86 33.61
N ASN A 549 7.24 18.71 32.78
CA ASN A 549 7.44 18.64 31.34
C ASN A 549 8.91 18.84 30.99
N ARG A 550 9.50 19.90 31.53
CA ARG A 550 10.90 20.19 31.27
C ARG A 550 11.78 19.01 31.68
N PHE A 551 11.44 18.39 32.81
CA PHE A 551 12.09 17.16 33.25
C PHE A 551 11.90 16.01 32.28
N LEU A 552 10.66 15.73 31.91
CA LEU A 552 10.36 14.60 31.05
C LEU A 552 11.14 14.68 29.76
N ALA A 553 11.30 15.90 29.26
CA ALA A 553 12.00 16.14 28.00
C ALA A 553 13.42 15.57 28.02
N LEU A 554 13.98 15.36 29.19
CA LEU A 554 15.33 14.83 29.31
C LEU A 554 15.44 13.47 28.68
N TYR A 555 14.32 12.75 28.63
CA TYR A 555 14.32 11.39 28.13
C TYR A 555 13.88 11.34 26.67
N ALA A 556 13.75 12.50 26.04
CA ALA A 556 13.45 12.56 24.63
C ALA A 556 14.62 11.93 23.87
N ASP A 557 14.35 11.30 22.74
CA ASP A 557 15.39 10.57 22.04
C ASP A 557 15.30 10.73 20.53
N MET A 558 16.43 10.56 19.85
CA MET A 558 16.46 10.58 18.41
C MET A 558 15.41 9.66 17.80
N ASN A 559 15.17 8.51 18.43
CA ASN A 559 14.24 7.52 17.89
C ASN A 559 12.82 7.58 18.50
N GLN A 560 12.52 8.62 19.28
CA GLN A 560 11.15 8.81 19.82
C GLN A 560 11.03 10.08 20.66
N PHE A 561 9.91 10.75 20.54
CA PHE A 561 9.67 11.97 21.32
C PHE A 561 8.69 11.71 22.45
N ASN A 562 8.74 12.54 23.49
CA ASN A 562 7.83 12.41 24.63
C ASN A 562 6.80 13.52 24.65
N GLN A 563 5.67 13.27 25.30
CA GLN A 563 4.69 14.32 25.53
C GLN A 563 4.01 14.14 26.88
N LEU A 564 3.82 15.24 27.61
CA LEU A 564 3.19 15.18 28.92
C LEU A 564 1.73 15.64 28.90
N THR A 565 0.85 14.83 29.49
CA THR A 565 -0.55 15.18 29.68
C THR A 565 -0.94 14.98 31.14
N LEU A 566 -1.61 15.97 31.73
CA LEU A 566 -2.04 15.85 33.11
C LEU A 566 -3.55 15.89 33.23
N ILE A 567 -4.08 15.08 34.13
CA ILE A 567 -5.51 15.08 34.41
C ILE A 567 -5.77 15.52 35.85
N VAL A 568 -6.65 16.51 36.00
CA VAL A 568 -7.05 16.97 37.33
C VAL A 568 -8.30 16.23 37.76
N GLN A 569 -8.12 15.21 38.60
CA GLN A 569 -9.16 14.22 38.90
C GLN A 569 -10.45 14.77 39.54
N PRO A 570 -10.39 15.78 40.44
CA PRO A 570 -11.54 16.41 41.07
C PRO A 570 -12.52 17.04 40.07
N GLU A 571 -12.06 17.28 38.84
CA GLU A 571 -12.92 17.90 37.84
C GLU A 571 -12.93 17.10 36.55
N GLY A 572 -11.86 16.32 36.34
CA GLY A 572 -11.68 15.61 35.08
C GLY A 572 -11.17 16.56 34.01
N LYS A 573 -10.38 17.53 34.45
CA LYS A 573 -9.85 18.54 33.55
C LYS A 573 -8.48 18.17 33.00
N CYS A 574 -8.39 18.06 31.69
CA CYS A 574 -7.17 17.67 31.02
C CYS A 574 -6.38 18.85 30.48
N ILE A 575 -5.09 18.88 30.79
CA ILE A 575 -4.20 19.90 30.28
C ILE A 575 -2.95 19.26 29.70
N ARG A 576 -2.38 19.86 28.69
CA ARG A 576 -1.21 19.24 28.07
C ARG A 576 -0.15 20.21 27.58
N TRP A 577 1.04 19.66 27.34
CA TRP A 577 2.19 20.39 26.82
C TRP A 577 2.55 19.88 25.43
N LYS A 578 3.32 20.68 24.70
CA LYS A 578 3.76 20.30 23.36
C LYS A 578 4.83 19.21 23.41
N GLU A 579 5.05 18.55 22.28
CA GLU A 579 6.00 17.44 22.18
C GLU A 579 7.42 17.83 22.54
N ASN A 580 8.11 16.91 23.21
CA ASN A 580 9.50 17.09 23.62
C ASN A 580 10.43 16.43 22.61
N HIS A 581 11.01 17.22 21.72
CA HIS A 581 11.89 16.68 20.69
C HIS A 581 13.33 16.99 21.01
N ASN A 582 14.18 15.99 20.87
CA ASN A 582 15.60 16.17 21.09
C ASN A 582 16.41 15.11 20.36
N PRO A 583 17.07 15.44 19.25
CA PRO A 583 17.78 14.55 18.37
C PRO A 583 19.10 14.14 18.97
N ARG A 584 19.04 13.39 20.05
CA ARG A 584 20.23 13.02 20.79
C ARG A 584 20.44 11.53 20.78
N LEU A 585 21.69 11.12 21.01
CA LEU A 585 22.02 9.71 21.09
C LEU A 585 21.39 9.12 22.34
N PRO A 586 20.96 7.85 22.29
CA PRO A 586 20.27 7.12 23.34
C PRO A 586 21.20 6.76 24.50
N GLY A 587 21.65 7.78 25.21
CA GLY A 587 22.53 7.58 26.35
C GLY A 587 22.00 6.47 27.24
N LEU B 59 33.13 -11.28 80.38
CA LEU B 59 33.71 -10.69 79.17
C LEU B 59 33.51 -11.60 77.97
N ASP B 60 32.79 -12.69 78.19
CA ASP B 60 32.55 -13.65 77.12
C ASP B 60 31.85 -12.98 75.94
N ILE B 61 30.96 -12.03 76.25
CA ILE B 61 30.24 -11.30 75.23
C ILE B 61 31.14 -10.43 74.38
N PHE B 62 32.25 -9.96 74.94
CA PHE B 62 33.17 -9.13 74.18
C PHE B 62 33.77 -9.97 73.07
N SER B 63 34.24 -11.15 73.43
CA SER B 63 34.84 -12.05 72.46
C SER B 63 33.81 -12.51 71.44
N HIS B 64 32.62 -12.85 71.92
CA HIS B 64 31.54 -13.33 71.07
C HIS B 64 31.16 -12.30 70.03
N ARG B 65 30.91 -11.08 70.48
CA ARG B 65 30.49 -10.02 69.58
C ARG B 65 31.55 -9.69 68.53
N LEU B 66 32.81 -9.63 68.94
CA LEU B 66 33.90 -9.33 68.00
C LEU B 66 34.00 -10.41 66.93
N ILE B 67 33.87 -11.68 67.35
CA ILE B 67 33.90 -12.80 66.41
C ILE B 67 32.74 -12.73 65.44
N THR B 68 31.55 -12.42 65.95
CA THR B 68 30.37 -12.30 65.12
C THR B 68 30.59 -11.25 64.04
N GLN B 69 31.12 -10.08 64.43
CA GLN B 69 31.35 -9.03 63.46
C GLN B 69 32.37 -9.44 62.41
N TYR B 70 33.41 -10.16 62.82
CA TYR B 70 34.40 -10.65 61.88
C TYR B 70 33.76 -11.42 60.75
N TYR B 71 32.92 -12.38 61.10
CA TYR B 71 32.28 -13.21 60.08
C TYR B 71 31.33 -12.39 59.21
N ARG B 72 30.63 -11.44 59.81
CA ARG B 72 29.75 -10.57 59.02
C ARG B 72 30.57 -9.78 58.01
N ILE B 73 31.72 -9.28 58.45
CA ILE B 73 32.62 -8.52 57.59
C ILE B 73 33.13 -9.39 56.46
N TRP B 74 33.50 -10.62 56.77
CA TRP B 74 33.93 -11.54 55.74
C TRP B 74 32.83 -11.76 54.70
N ARG B 75 31.61 -12.05 55.17
CA ARG B 75 30.48 -12.28 54.28
C ARG B 75 30.20 -11.06 53.41
N LYS B 76 30.37 -9.89 54.00
CA LYS B 76 30.15 -8.62 53.32
C LYS B 76 30.75 -8.58 51.92
N TYR B 77 31.94 -9.16 51.74
CA TYR B 77 32.62 -9.03 50.46
C TYR B 77 32.65 -10.32 49.65
N SER B 78 31.87 -11.31 50.06
CA SER B 78 31.79 -12.56 49.31
C SER B 78 30.44 -12.62 48.60
N TYR B 79 30.43 -12.27 47.32
CA TYR B 79 29.16 -12.13 46.63
C TYR B 79 28.35 -13.44 46.55
N PRO B 80 28.90 -14.57 46.06
CA PRO B 80 28.20 -15.82 45.87
C PRO B 80 27.43 -16.24 47.13
N ALA B 81 28.08 -16.04 48.26
CA ALA B 81 27.52 -16.36 49.58
C ALA B 81 26.18 -15.69 49.83
N THR B 82 25.97 -14.54 49.21
CA THR B 82 24.81 -13.72 49.47
C THR B 82 23.77 -13.79 48.36
N PHE B 83 23.98 -14.67 47.38
CA PHE B 83 23.04 -14.74 46.27
C PHE B 83 21.62 -15.03 46.76
N GLU B 84 21.48 -15.99 47.66
CA GLU B 84 20.19 -16.33 48.28
C GLU B 84 19.07 -16.55 47.29
N ALA B 85 19.39 -17.16 46.16
CA ALA B 85 18.40 -17.52 45.15
C ALA B 85 17.45 -16.39 44.79
N GLY B 86 17.95 -15.17 44.67
CA GLY B 86 17.09 -14.08 44.21
C GLY B 86 17.69 -12.72 44.49
N GLY B 87 17.03 -11.67 44.01
CA GLY B 87 17.52 -10.30 44.21
C GLY B 87 17.19 -9.82 45.61
N GLN B 88 17.71 -10.51 46.61
CA GLN B 88 17.37 -10.22 47.99
C GLN B 88 18.46 -9.43 48.69
N ASP B 89 19.71 -9.70 48.34
CA ASP B 89 20.82 -8.99 48.96
C ASP B 89 21.01 -7.62 48.36
N LYS B 90 21.64 -6.74 49.12
CA LYS B 90 21.93 -5.40 48.66
C LYS B 90 22.78 -5.43 47.40
N THR B 91 23.76 -6.34 47.34
CA THR B 91 24.66 -6.38 46.19
C THR B 91 23.94 -6.82 44.94
N SER B 92 22.95 -7.68 45.09
CA SER B 92 22.16 -8.11 43.95
C SER B 92 21.35 -6.93 43.44
N GLN B 93 20.77 -6.19 44.38
CA GLN B 93 20.00 -5.01 44.03
C GLN B 93 20.88 -3.94 43.40
N TYR B 94 22.12 -3.84 43.87
CA TYR B 94 23.05 -2.86 43.31
C TYR B 94 23.25 -3.14 41.83
N LEU B 95 23.44 -4.41 41.47
CA LEU B 95 23.62 -4.76 40.07
C LEU B 95 22.37 -4.42 39.27
N LEU B 96 21.19 -4.67 39.85
CA LEU B 96 19.94 -4.33 39.19
C LEU B 96 19.82 -2.82 39.02
N GLY B 97 20.36 -2.06 39.97
CA GLY B 97 20.37 -0.61 39.89
C GLY B 97 21.11 -0.16 38.63
N LEU B 98 22.29 -0.73 38.41
CA LEU B 98 23.09 -0.40 37.24
C LEU B 98 22.35 -0.82 35.96
N ALA B 99 21.52 -1.85 36.07
CA ALA B 99 20.69 -2.34 34.97
C ALA B 99 19.46 -1.46 34.73
N ARG B 100 19.35 -0.38 35.50
CA ARG B 100 18.23 0.56 35.41
C ARG B 100 16.91 -0.05 35.92
N LEU B 101 17.02 -0.93 36.91
CA LEU B 101 15.85 -1.52 37.56
C LEU B 101 15.90 -1.32 39.07
N GLY B 102 16.52 -0.23 39.52
CA GLY B 102 16.73 -0.01 40.96
C GLY B 102 15.59 0.70 41.69
N ILE B 103 14.57 1.15 40.96
CA ILE B 103 13.50 1.88 41.61
C ILE B 103 12.37 0.92 42.03
N PRO B 104 12.03 0.87 43.32
CA PRO B 104 11.06 -0.03 43.88
C PRO B 104 9.73 0.25 43.23
N GLY B 105 9.00 -0.81 42.92
CA GLY B 105 7.73 -0.67 42.24
C GLY B 105 7.86 -1.05 40.78
N CYS B 106 9.09 -1.01 40.25
CA CYS B 106 9.29 -1.35 38.85
C CYS B 106 9.17 -2.86 38.62
N ALA B 107 9.53 -3.65 39.62
CA ALA B 107 9.46 -5.10 39.51
C ALA B 107 8.03 -5.56 39.30
N GLN B 108 7.11 -4.85 39.93
CA GLN B 108 5.70 -5.16 39.87
C GLN B 108 5.11 -4.93 38.49
N ASN B 109 5.84 -4.21 37.64
CA ASN B 109 5.38 -3.94 36.30
C ASN B 109 5.94 -4.95 35.32
N ILE B 110 6.73 -5.91 35.83
CA ILE B 110 7.32 -6.93 35.00
C ILE B 110 6.63 -8.27 35.27
N ALA B 111 6.46 -8.57 36.56
CA ALA B 111 5.83 -9.81 37.03
C ALA B 111 6.62 -11.06 36.64
N THR B 112 7.94 -11.01 36.82
CA THR B 112 8.79 -12.16 36.57
C THR B 112 9.81 -12.22 37.70
N PRO B 113 10.56 -13.32 37.88
CA PRO B 113 11.71 -13.39 38.73
C PRO B 113 12.81 -12.50 38.17
N VAL B 114 12.72 -11.21 38.47
CA VAL B 114 13.61 -10.19 37.92
C VAL B 114 15.09 -10.56 37.99
N SER B 115 15.46 -11.42 38.94
CA SER B 115 16.86 -11.81 39.08
C SER B 115 17.38 -12.47 37.81
N ARG B 116 16.46 -12.94 36.96
CA ARG B 116 16.81 -13.56 35.68
C ARG B 116 17.65 -12.64 34.82
N PHE B 117 17.35 -11.34 34.90
CA PHE B 117 17.98 -10.35 34.04
C PHE B 117 19.46 -10.17 34.36
N LEU B 118 19.89 -10.66 35.51
CA LEU B 118 21.30 -10.51 35.87
C LEU B 118 22.18 -11.25 34.87
N ALA B 119 21.64 -12.32 34.29
CA ALA B 119 22.37 -13.10 33.29
C ALA B 119 22.65 -12.28 32.04
N LEU B 120 21.88 -11.21 31.85
CA LEU B 120 21.97 -10.37 30.68
C LEU B 120 22.63 -9.04 31.01
N LEU B 121 23.17 -8.94 32.21
CA LEU B 121 23.62 -7.66 32.70
C LEU B 121 24.58 -6.93 31.77
N PRO B 122 25.63 -7.57 31.21
CA PRO B 122 26.60 -6.95 30.32
C PRO B 122 25.95 -6.34 29.08
N LEU B 123 24.80 -6.86 28.69
CA LEU B 123 24.09 -6.38 27.52
C LEU B 123 23.33 -5.11 27.86
N MET B 124 22.82 -5.04 29.07
CA MET B 124 21.99 -3.92 29.49
C MET B 124 22.82 -2.69 29.80
N LEU B 125 24.13 -2.80 29.62
CA LEU B 125 25.03 -1.67 29.82
C LEU B 125 25.21 -0.91 28.53
N LEU B 126 24.63 -1.42 27.44
CA LEU B 126 24.76 -0.78 26.14
C LEU B 126 23.54 0.09 25.87
N PRO B 127 23.72 1.23 25.18
CA PRO B 127 22.66 2.16 24.81
C PRO B 127 21.69 1.60 23.77
N GLY B 128 22.14 0.64 22.97
CA GLY B 128 21.26 0.04 21.95
C GLY B 128 20.86 -1.37 22.32
N ARG B 129 20.03 -1.99 21.49
CA ARG B 129 19.61 -3.36 21.72
C ARG B 129 19.79 -4.18 20.47
N THR B 130 20.94 -4.85 20.36
CA THR B 130 21.33 -5.54 19.14
C THR B 130 20.75 -6.95 19.04
N ALA B 131 20.84 -7.54 17.84
CA ALA B 131 20.37 -8.90 17.60
C ALA B 131 21.07 -9.88 18.52
N GLU B 132 22.32 -9.58 18.85
CA GLU B 132 23.10 -10.38 19.77
C GLU B 132 22.28 -10.61 21.05
N GLY B 133 21.56 -9.57 21.48
CA GLY B 133 20.74 -9.63 22.66
C GLY B 133 19.56 -10.59 22.50
N LEU B 134 18.80 -10.43 21.41
CA LEU B 134 17.65 -11.31 21.21
C LEU B 134 18.08 -12.76 21.13
N THR B 135 19.23 -12.99 20.51
CA THR B 135 19.75 -14.34 20.38
C THR B 135 20.03 -14.89 21.77
N SER B 136 20.66 -14.08 22.62
CA SER B 136 20.95 -14.47 23.99
C SER B 136 19.68 -14.83 24.75
N LEU B 137 18.63 -14.01 24.61
CA LEU B 137 17.40 -14.26 25.35
C LEU B 137 16.86 -15.65 25.06
N VAL B 138 16.77 -15.99 23.78
CA VAL B 138 16.25 -17.27 23.38
C VAL B 138 17.14 -18.40 23.87
N THR B 139 18.44 -18.25 23.67
CA THR B 139 19.41 -19.27 24.04
C THR B 139 19.36 -19.54 25.52
N LEU B 140 19.30 -18.49 26.32
CA LEU B 140 19.27 -18.61 27.77
C LEU B 140 18.08 -19.43 28.24
N LEU B 141 16.89 -19.10 27.76
CA LEU B 141 15.68 -19.77 28.19
C LEU B 141 15.63 -21.24 27.81
N ALA B 142 16.09 -21.58 26.61
CA ALA B 142 16.00 -22.96 26.16
C ALA B 142 17.18 -23.36 25.29
N PRO B 143 18.37 -23.54 25.89
CA PRO B 143 19.61 -23.79 25.20
C PRO B 143 19.38 -24.94 24.25
N GLY B 144 19.84 -24.75 23.01
CA GLY B 144 19.58 -25.72 21.97
C GLY B 144 18.76 -25.08 20.87
N THR B 145 17.78 -24.27 21.29
CA THR B 145 16.96 -23.50 20.34
C THR B 145 17.84 -22.51 19.61
N GLN B 146 17.72 -22.46 18.30
CA GLN B 146 18.48 -21.52 17.51
C GLN B 146 17.61 -20.34 17.16
N ALA B 147 18.23 -19.22 16.83
CA ALA B 147 17.44 -18.07 16.43
C ALA B 147 18.20 -17.16 15.48
N ARG B 148 17.44 -16.48 14.63
CA ARG B 148 17.98 -15.50 13.69
C ARG B 148 17.13 -14.24 13.66
N VAL B 149 17.77 -13.09 13.41
CA VAL B 149 17.04 -11.83 13.40
C VAL B 149 17.18 -11.08 12.09
N TRP B 150 16.04 -10.65 11.56
CA TRP B 150 16.02 -9.80 10.36
C TRP B 150 15.58 -8.40 10.70
N HIS B 151 16.23 -7.42 10.09
CA HIS B 151 15.90 -6.02 10.32
C HIS B 151 14.89 -5.51 9.32
N HIS B 152 14.27 -4.40 9.66
CA HIS B 152 13.37 -3.72 8.75
C HIS B 152 12.22 -4.60 8.31
N ASP B 153 11.62 -5.31 9.27
CA ASP B 153 10.45 -6.14 9.02
C ASP B 153 9.28 -5.24 8.63
N ARG B 154 8.56 -5.61 7.57
CA ARG B 154 7.52 -4.73 7.06
C ARG B 154 6.16 -4.91 7.72
N ARG B 155 5.57 -3.80 8.13
CA ARG B 155 4.21 -3.76 8.67
C ARG B 155 3.38 -2.74 7.90
N ARG B 156 2.07 -3.01 7.79
CA ARG B 156 1.17 -2.06 7.15
C ARG B 156 0.53 -1.13 8.16
N ILE B 157 0.55 0.16 7.88
CA ILE B 157 -0.01 1.16 8.76
C ILE B 157 -1.24 1.82 8.12
N PRO B 158 -2.40 1.78 8.79
CA PRO B 158 -3.63 2.45 8.41
C PRO B 158 -3.39 3.96 8.37
N LEU B 159 -4.10 4.64 7.50
CA LEU B 159 -3.96 6.09 7.42
C LEU B 159 -5.08 6.79 8.13
N LYS B 160 -4.79 7.95 8.70
CA LYS B 160 -5.82 8.78 9.33
C LYS B 160 -6.74 9.35 8.28
N THR B 161 -6.15 9.84 7.19
CA THR B 161 -6.89 10.38 6.08
C THR B 161 -6.34 9.80 4.78
N PRO B 162 -7.18 9.63 3.75
CA PRO B 162 -6.82 9.21 2.42
C PRO B 162 -6.14 10.34 1.68
N LEU B 163 -5.37 9.99 0.65
CA LEU B 163 -4.78 10.99 -0.21
C LEU B 163 -5.79 11.50 -1.22
N THR B 164 -6.09 12.79 -1.15
CA THR B 164 -7.08 13.41 -2.00
C THR B 164 -6.53 14.66 -2.65
N MET B 165 -7.25 15.19 -3.63
CA MET B 165 -6.88 16.42 -4.29
C MET B 165 -7.66 17.59 -3.73
N ARG B 166 -6.98 18.70 -3.48
CA ARG B 166 -7.63 19.89 -2.94
C ARG B 166 -7.16 21.15 -3.63
N VAL B 167 -7.92 22.22 -3.47
CA VAL B 167 -7.54 23.51 -4.03
C VAL B 167 -6.95 24.46 -3.00
N HIS B 168 -7.62 24.63 -1.86
CA HIS B 168 -7.18 25.60 -0.86
C HIS B 168 -5.97 25.12 -0.08
N HIS B 169 -5.92 23.84 0.25
CA HIS B 169 -4.86 23.29 1.07
C HIS B 169 -4.31 21.97 0.54
N PRO B 170 -3.76 21.97 -0.69
CA PRO B 170 -3.27 20.83 -1.43
C PRO B 170 -2.05 20.20 -0.79
N VAL B 171 -1.86 18.91 -1.04
CA VAL B 171 -0.71 18.18 -0.54
C VAL B 171 0.54 18.41 -1.37
N SER B 172 1.63 18.74 -0.70
CA SER B 172 2.91 18.92 -1.36
C SER B 172 3.65 17.60 -1.47
N LEU B 173 4.32 17.38 -2.59
CA LEU B 173 5.08 16.15 -2.78
C LEU B 173 6.23 16.03 -1.79
N LYS B 174 6.54 17.12 -1.09
CA LYS B 174 7.58 17.09 -0.08
C LYS B 174 7.23 16.12 1.05
N SER B 175 5.94 15.80 1.16
CA SER B 175 5.46 14.92 2.20
C SER B 175 5.60 13.46 1.81
N ARG B 176 6.01 13.22 0.56
CA ARG B 176 6.14 11.87 0.03
C ARG B 176 4.90 11.03 0.28
N PRO B 177 3.73 11.49 -0.20
CA PRO B 177 2.44 10.88 0.00
C PRO B 177 2.33 9.56 -0.73
N VAL B 178 1.42 8.71 -0.25
CA VAL B 178 1.09 7.44 -0.85
C VAL B 178 -0.42 7.34 -1.00
N MET B 179 -0.89 6.37 -1.78
CA MET B 179 -2.33 6.19 -1.91
C MET B 179 -2.97 6.01 -0.53
N GLY B 180 -4.26 6.29 -0.45
CA GLY B 180 -4.93 6.52 0.84
C GLY B 180 -5.26 5.33 1.74
N ASP B 181 -5.04 4.10 1.31
CA ASP B 181 -5.44 2.98 2.16
C ASP B 181 -4.43 2.62 3.23
N HIS B 182 -3.22 2.24 2.83
CA HIS B 182 -2.20 1.84 3.80
C HIS B 182 -0.81 2.32 3.40
N ALA B 183 -0.01 2.64 4.40
CA ALA B 183 1.39 2.99 4.21
C ALA B 183 2.27 1.87 4.74
N THR B 184 3.50 1.81 4.28
CA THR B 184 4.40 0.80 4.82
C THR B 184 5.22 1.33 5.99
N ASP B 185 5.68 0.40 6.82
CA ASP B 185 6.57 0.68 7.93
C ASP B 185 7.67 -0.35 8.04
N VAL B 186 8.90 0.07 7.75
CA VAL B 186 10.02 -0.84 7.80
C VAL B 186 11.03 -0.37 8.82
N ASN B 187 10.59 0.42 9.79
CA ASN B 187 11.48 0.92 10.82
C ASN B 187 10.91 0.68 12.22
N GLY B 188 9.82 -0.09 12.29
CA GLY B 188 9.12 -0.30 13.55
C GLY B 188 9.21 -1.73 14.11
N GLN B 189 9.61 -2.68 13.27
CA GLN B 189 9.63 -4.08 13.71
C GLN B 189 10.89 -4.81 13.32
N VAL B 190 11.19 -5.86 14.08
CA VAL B 190 12.19 -6.82 13.68
C VAL B 190 11.59 -8.21 13.74
N LEU B 191 12.18 -9.14 13.01
CA LEU B 191 11.71 -10.51 12.97
C LEU B 191 12.63 -11.44 13.72
N LEU B 192 12.08 -12.14 14.70
CA LEU B 192 12.85 -13.10 15.46
C LEU B 192 12.36 -14.51 15.18
N GLN B 193 13.16 -15.26 14.45
CA GLN B 193 12.80 -16.60 14.03
C GLN B 193 13.50 -17.65 14.87
N LEU B 194 12.73 -18.58 15.39
CA LEU B 194 13.25 -19.64 16.23
C LEU B 194 13.23 -20.98 15.51
N SER B 195 14.13 -21.89 15.93
CA SER B 195 14.14 -23.25 15.41
C SER B 195 14.62 -24.24 16.49
N THR B 196 13.87 -25.32 16.68
CA THR B 196 14.20 -26.30 17.71
C THR B 196 14.45 -27.68 17.15
N GLN B 197 15.03 -28.55 17.97
CA GLN B 197 15.34 -29.91 17.56
C GLN B 197 14.61 -30.98 18.36
N THR B 198 13.61 -30.58 19.14
CA THR B 198 12.88 -31.57 19.94
C THR B 198 11.47 -31.10 20.31
N GLY B 199 10.57 -32.06 20.48
CA GLY B 199 9.18 -31.79 20.81
C GLY B 199 9.01 -31.04 22.12
N SER B 200 9.87 -31.31 23.08
CA SER B 200 9.78 -30.65 24.38
C SER B 200 9.90 -29.14 24.23
N GLU B 201 10.93 -28.71 23.52
CA GLU B 201 11.17 -27.30 23.27
C GLU B 201 10.02 -26.69 22.47
N VAL B 202 9.52 -27.43 21.49
CA VAL B 202 8.44 -26.92 20.68
C VAL B 202 7.24 -26.62 21.52
N GLN B 203 6.84 -27.56 22.35
CA GLN B 203 5.65 -27.34 23.17
C GLN B 203 5.84 -26.15 24.08
N GLY B 204 7.06 -25.99 24.60
CA GLY B 204 7.39 -24.85 25.43
C GLY B 204 7.22 -23.53 24.70
N TRP B 205 7.57 -23.52 23.40
CA TRP B 205 7.50 -22.30 22.59
C TRP B 205 6.10 -21.99 22.07
N LEU B 206 5.28 -23.02 21.90
CA LEU B 206 3.93 -22.80 21.41
C LEU B 206 3.18 -21.93 22.39
N PRO B 207 2.18 -21.16 21.93
CA PRO B 207 1.33 -20.34 22.76
C PRO B 207 0.80 -21.19 23.91
N GLY B 208 0.85 -20.63 25.11
CA GLY B 208 0.42 -21.36 26.30
C GLY B 208 1.61 -22.03 26.99
N GLY B 209 2.72 -22.19 26.28
CA GLY B 209 3.90 -22.84 26.81
C GLY B 209 4.67 -21.89 27.72
N HIS B 210 5.57 -22.45 28.53
CA HIS B 210 6.34 -21.66 29.47
C HIS B 210 7.47 -20.87 28.85
N LEU B 211 7.93 -21.29 27.66
CA LEU B 211 9.04 -20.57 27.06
C LEU B 211 8.50 -19.35 26.36
N TYR B 212 7.34 -19.50 25.75
CA TYR B 212 6.68 -18.38 25.11
C TYR B 212 6.47 -17.26 26.11
N SER B 213 5.90 -17.60 27.26
CA SER B 213 5.63 -16.61 28.30
C SER B 213 6.92 -15.95 28.80
N ASP B 214 7.94 -16.76 29.10
CA ASP B 214 9.19 -16.21 29.62
C ASP B 214 9.86 -15.25 28.64
N LEU B 215 9.82 -15.56 27.36
CA LEU B 215 10.48 -14.69 26.39
C LEU B 215 9.83 -13.34 26.38
N LEU B 216 8.50 -13.30 26.38
CA LEU B 216 7.81 -12.02 26.39
C LEU B 216 8.11 -11.25 27.68
N ALA B 217 8.20 -11.97 28.79
CA ALA B 217 8.51 -11.35 30.08
C ALA B 217 9.86 -10.64 30.03
N LEU B 218 10.80 -11.21 29.29
CA LEU B 218 12.13 -10.60 29.19
C LEU B 218 12.14 -9.45 28.19
N LEU B 219 11.45 -9.61 27.06
CA LEU B 219 11.40 -8.55 26.06
C LEU B 219 10.81 -7.29 26.66
N HIS B 220 9.83 -7.48 27.54
CA HIS B 220 9.15 -6.39 28.23
C HIS B 220 10.14 -5.37 28.74
N VAL B 221 11.27 -5.84 29.25
CA VAL B 221 12.26 -4.95 29.83
C VAL B 221 13.39 -4.67 28.85
N TYR B 222 13.89 -5.70 28.19
CA TYR B 222 15.07 -5.57 27.34
C TYR B 222 14.82 -4.62 26.16
N LEU B 223 13.67 -4.77 25.48
CA LEU B 223 13.35 -3.89 24.36
C LEU B 223 12.42 -2.78 24.79
N GLY B 224 11.51 -3.11 25.68
CA GLY B 224 10.54 -2.13 26.16
C GLY B 224 9.69 -1.60 25.04
N SER B 225 9.64 -0.28 24.92
CA SER B 225 8.82 0.40 23.92
C SER B 225 9.57 0.74 22.64
N ARG B 226 10.85 0.39 22.56
CA ARG B 226 11.67 0.78 21.41
C ARG B 226 11.18 0.19 20.10
N LEU B 227 10.96 -1.11 20.06
CA LEU B 227 10.57 -1.83 18.85
C LEU B 227 9.63 -2.97 19.16
N ASP B 228 8.81 -3.32 18.18
CA ASP B 228 7.95 -4.48 18.31
C ASP B 228 8.65 -5.68 17.66
N VAL B 229 8.34 -6.88 18.16
CA VAL B 229 8.99 -8.08 17.62
C VAL B 229 8.00 -9.14 17.14
N ARG B 230 8.15 -9.57 15.89
CA ARG B 230 7.30 -10.61 15.35
C ARG B 230 7.97 -11.97 15.56
N LEU B 231 7.24 -12.91 16.16
CA LEU B 231 7.81 -14.21 16.52
C LEU B 231 7.26 -15.36 15.69
N GLN B 232 8.16 -16.19 15.16
CA GLN B 232 7.77 -17.39 14.42
C GLN B 232 8.72 -18.56 14.69
N LEU B 233 8.21 -19.78 14.55
CA LEU B 233 8.98 -21.00 14.81
C LEU B 233 9.02 -21.96 13.60
N CYS B 234 10.22 -22.40 13.23
CA CYS B 234 10.41 -23.29 12.09
C CYS B 234 10.90 -24.69 12.49
N VAL B 235 9.97 -25.65 12.55
CA VAL B 235 10.27 -27.02 12.99
C VAL B 235 9.60 -28.06 12.11
N GLU B 236 10.10 -29.30 12.15
CA GLU B 236 9.48 -30.39 11.39
C GLU B 236 8.02 -30.62 11.77
N ARG B 237 7.21 -30.91 10.75
CA ARG B 237 5.78 -31.19 10.93
C ARG B 237 5.51 -32.25 11.99
N SER B 238 6.44 -33.19 12.14
CA SER B 238 6.27 -34.31 13.06
C SER B 238 6.22 -33.87 14.51
N LEU B 239 6.63 -32.64 14.80
CA LEU B 239 6.63 -32.14 16.17
C LEU B 239 5.38 -31.31 16.48
N LEU B 240 4.50 -31.14 15.49
CA LEU B 240 3.30 -30.35 15.70
C LEU B 240 2.11 -31.27 15.96
N PRO B 241 1.14 -30.83 16.77
CA PRO B 241 -0.11 -31.51 17.06
C PRO B 241 -1.07 -31.45 15.89
N ASP B 242 -2.02 -32.38 15.86
CA ASP B 242 -3.09 -32.37 14.88
C ASP B 242 -4.24 -31.50 15.36
N ALA B 243 -4.60 -30.49 14.58
CA ALA B 243 -5.68 -29.60 15.00
C ALA B 243 -6.94 -30.39 15.30
N ARG B 244 -7.51 -30.15 16.47
CA ARG B 244 -8.72 -30.82 16.92
C ARG B 244 -9.64 -29.81 17.58
N LEU B 245 -10.94 -30.04 17.50
CA LEU B 245 -11.90 -29.16 18.14
C LEU B 245 -12.00 -29.43 19.61
N SER B 246 -12.55 -28.45 20.33
CA SER B 246 -12.91 -28.64 21.72
C SER B 246 -14.05 -27.70 22.11
N CYS B 247 -14.96 -28.20 22.92
CA CYS B 247 -16.07 -27.39 23.43
C CYS B 247 -15.59 -26.32 24.39
N ARG B 248 -14.38 -26.49 24.90
CA ARG B 248 -13.79 -25.54 25.83
C ARG B 248 -12.38 -25.18 25.37
N PRO B 249 -12.04 -23.88 25.28
CA PRO B 249 -10.76 -23.37 24.89
C PRO B 249 -9.74 -23.61 25.98
N ALA B 250 -8.47 -23.61 25.62
CA ALA B 250 -7.41 -23.80 26.59
C ALA B 250 -6.15 -23.11 26.12
N ALA B 251 -5.24 -22.83 27.06
CA ALA B 251 -4.00 -22.16 26.73
C ALA B 251 -3.22 -22.92 25.66
N GLY B 252 -3.28 -24.25 25.70
CA GLY B 252 -2.53 -25.06 24.76
C GLY B 252 -3.34 -25.41 23.51
N SER B 253 -4.53 -24.83 23.37
CA SER B 253 -5.39 -25.12 22.24
C SER B 253 -4.83 -24.42 21.00
N PRO B 254 -4.86 -25.06 19.82
CA PRO B 254 -4.37 -24.52 18.58
C PRO B 254 -5.18 -23.31 18.16
N GLN B 255 -4.50 -22.33 17.59
CA GLN B 255 -5.18 -21.12 17.13
C GLN B 255 -5.37 -21.13 15.62
N LEU B 256 -6.53 -20.66 15.19
CA LEU B 256 -6.93 -20.67 13.79
C LEU B 256 -5.86 -20.17 12.84
N GLY B 257 -5.28 -19.01 13.12
CA GLY B 257 -4.36 -18.41 12.18
C GLY B 257 -2.89 -18.59 12.53
N ARG B 258 -2.58 -19.44 13.52
CA ARG B 258 -1.18 -19.55 13.94
C ARG B 258 -0.65 -20.97 13.96
N THR B 259 -1.40 -21.89 14.55
CA THR B 259 -0.88 -23.23 14.82
C THR B 259 -1.82 -24.34 14.40
N ALA B 260 -3.05 -23.99 14.04
CA ALA B 260 -4.07 -24.99 13.73
C ALA B 260 -3.81 -25.67 12.40
N VAL B 261 -2.84 -26.59 12.40
CA VAL B 261 -2.48 -27.37 11.24
C VAL B 261 -3.29 -28.66 11.20
N MET B 262 -3.88 -28.95 10.04
CA MET B 262 -4.73 -30.12 9.90
C MET B 262 -3.90 -31.40 9.82
N ARG B 263 -4.49 -32.50 10.28
CA ARG B 263 -3.85 -33.81 10.20
C ARG B 263 -3.62 -34.21 8.75
N THR B 264 -2.46 -34.79 8.47
CA THR B 264 -2.12 -35.25 7.13
C THR B 264 -2.50 -36.71 6.94
N GLN B 265 -3.11 -37.03 5.80
CA GLN B 265 -3.58 -38.38 5.52
C GLN B 265 -2.46 -39.33 5.11
N ALA B 266 -1.51 -39.55 6.01
CA ALA B 266 -0.41 -40.49 5.78
C ALA B 266 0.22 -40.33 4.40
N LYS B 267 0.44 -39.08 3.99
CA LYS B 267 1.02 -38.81 2.67
C LYS B 267 2.04 -39.89 2.29
N ALA B 273 10.22 -35.64 7.63
CA ALA B 273 9.20 -34.59 7.64
C ALA B 273 9.81 -33.27 7.21
N ARG B 274 9.03 -32.49 6.48
CA ARG B 274 9.45 -31.17 6.06
C ARG B 274 9.33 -30.18 7.21
N VAL B 275 10.01 -29.05 7.08
CA VAL B 275 9.94 -28.00 8.10
C VAL B 275 8.75 -27.09 7.89
N MET B 276 7.99 -26.91 8.95
CA MET B 276 6.81 -26.07 8.94
C MET B 276 7.07 -24.77 9.67
N THR B 277 6.63 -23.67 9.09
CA THR B 277 6.76 -22.39 9.76
C THR B 277 5.43 -22.01 10.36
N ILE B 278 5.41 -21.81 11.67
CA ILE B 278 4.19 -21.44 12.36
C ILE B 278 4.41 -20.12 13.06
N SER B 279 3.33 -19.45 13.41
CA SER B 279 3.47 -18.18 14.12
C SER B 279 3.40 -18.41 15.61
N LEU B 280 4.09 -17.57 16.37
CA LEU B 280 4.01 -17.66 17.82
C LEU B 280 3.22 -16.49 18.36
N GLY B 281 3.42 -15.31 17.78
CA GLY B 281 2.74 -14.11 18.26
C GLY B 281 3.57 -12.86 18.00
N ARG B 282 3.22 -11.77 18.68
CA ARG B 282 3.92 -10.51 18.50
C ARG B 282 4.08 -9.78 19.83
N TYR B 283 5.26 -9.24 20.04
CA TYR B 283 5.57 -8.46 21.23
C TYR B 283 5.31 -6.99 20.99
N GLN B 284 4.47 -6.40 21.85
CA GLN B 284 4.14 -4.98 21.78
C GLN B 284 3.67 -4.49 23.14
N ARG B 285 4.27 -3.41 23.65
CA ARG B 285 3.87 -2.90 24.96
C ARG B 285 2.75 -1.89 24.92
N VAL B 286 2.80 -0.99 23.95
CA VAL B 286 1.82 0.09 23.92
C VAL B 286 0.84 -0.13 22.79
N GLN B 287 -0.44 -0.26 23.15
CA GLN B 287 -1.47 -0.68 22.21
C GLN B 287 -2.04 0.45 21.36
N GLU B 288 -1.64 1.68 21.65
CA GLU B 288 -2.08 2.84 20.86
C GLU B 288 -3.61 2.97 20.80
N HIS B 289 -4.28 2.68 21.92
CA HIS B 289 -5.73 2.81 21.94
C HIS B 289 -6.14 4.28 22.11
N TYR B 290 -7.44 4.55 22.04
CA TYR B 290 -7.92 5.93 22.05
C TYR B 290 -8.57 6.39 23.35
N GLN B 291 -7.87 7.27 24.06
CA GLN B 291 -8.34 7.94 25.28
C GLN B 291 -7.77 9.35 25.36
N ARG B 292 -7.70 10.04 24.22
CA ARG B 292 -7.02 11.34 24.16
C ARG B 292 -7.65 12.42 25.03
N LYS B 293 -8.97 12.45 25.12
CA LYS B 293 -9.64 13.50 25.89
C LYS B 293 -9.17 14.88 25.44
N GLU B 294 -9.20 15.11 24.12
CA GLU B 294 -8.70 16.32 23.47
C GLU B 294 -7.90 17.25 24.41
N THR B 295 -8.48 18.39 24.81
CA THR B 295 -7.79 19.30 25.72
C THR B 295 -8.74 20.33 26.30
N GLN B 296 -8.46 20.78 27.52
CA GLN B 296 -9.20 21.89 28.11
C GLN B 296 -8.31 23.12 28.15
N GLU B 297 -7.05 22.89 28.50
CA GLU B 297 -6.04 23.94 28.59
C GLU B 297 -4.65 23.38 28.30
N ASN B 298 -3.65 24.25 28.34
CA ASN B 298 -2.31 23.83 27.99
C ASN B 298 -1.24 24.71 28.60
N GLY B 299 -0.01 24.24 28.56
CA GLY B 299 1.12 25.09 28.94
C GLY B 299 1.18 26.24 27.96
N ASP B 300 1.20 27.46 28.47
CA ASP B 300 1.03 28.62 27.61
C ASP B 300 1.93 29.81 27.95
N TYR B 301 3.02 29.58 28.66
CA TYR B 301 3.88 30.69 29.01
C TYR B 301 4.50 31.31 27.76
N ARG B 302 4.50 32.64 27.69
CA ARG B 302 5.12 33.34 26.58
C ARG B 302 6.63 33.36 26.72
N TRP B 303 7.09 33.39 27.96
CA TRP B 303 8.51 33.46 28.28
C TRP B 303 9.10 34.78 27.76
N CYS C 45 41.97 -1.78 85.54
CA CYS C 45 41.66 -3.04 84.90
C CYS C 45 40.87 -2.81 83.63
N VAL C 46 39.88 -1.94 83.71
CA VAL C 46 39.03 -1.63 82.56
C VAL C 46 39.80 -0.86 81.50
N GLU C 47 40.79 -0.08 81.91
CA GLU C 47 41.62 0.66 80.96
C GLU C 47 42.42 -0.31 80.11
N ARG C 48 42.94 -1.37 80.74
CA ARG C 48 43.67 -2.40 80.02
C ARG C 48 42.74 -3.15 79.07
N LEU C 49 41.53 -3.44 79.54
CA LEU C 49 40.54 -4.12 78.71
C LEU C 49 40.18 -3.26 77.51
N PHE C 50 40.05 -1.95 77.75
CA PHE C 50 39.76 -1.02 76.67
C PHE C 50 40.82 -1.07 75.59
N GLU C 51 42.09 -0.97 75.97
CA GLU C 51 43.16 -0.97 74.97
C GLU C 51 43.15 -2.25 74.15
N GLY C 52 42.92 -3.39 74.81
CA GLY C 52 42.84 -4.67 74.12
C GLY C 52 41.68 -4.66 73.12
N PHE C 53 40.53 -4.19 73.61
CA PHE C 53 39.35 -4.05 72.78
C PHE C 53 39.59 -3.12 71.59
N ALA C 54 40.16 -1.94 71.84
CA ALA C 54 40.40 -0.98 70.77
C ALA C 54 41.28 -1.60 69.69
N PHE C 55 42.29 -2.38 70.11
CA PHE C 55 43.14 -3.09 69.15
C PHE C 55 42.30 -3.99 68.25
N SER C 56 41.43 -4.78 68.89
CA SER C 56 40.57 -5.69 68.13
C SER C 56 39.65 -4.92 67.18
N MET C 57 39.12 -3.79 67.65
CA MET C 57 38.24 -2.97 66.82
C MET C 57 39.01 -2.41 65.65
N GLY C 58 40.25 -2.02 65.89
CA GLY C 58 41.13 -1.53 64.85
C GLY C 58 41.25 -2.57 63.74
N ARG C 59 41.57 -3.81 64.12
CA ARG C 59 41.73 -4.88 63.14
C ARG C 59 40.44 -5.12 62.35
N LEU C 60 39.30 -5.13 63.02
CA LEU C 60 38.04 -5.36 62.32
C LEU C 60 37.76 -4.26 61.32
N ARG C 61 38.00 -3.01 61.74
CA ARG C 61 37.81 -1.87 60.86
C ARG C 61 38.76 -1.94 59.68
N GLN C 62 40.00 -2.35 59.95
CA GLN C 62 40.99 -2.45 58.90
C GLN C 62 40.59 -3.50 57.87
N LYS C 63 40.03 -4.63 58.35
CA LYS C 63 39.56 -5.68 57.44
C LYS C 63 38.47 -5.17 56.51
N ILE C 64 37.56 -4.36 57.04
CA ILE C 64 36.50 -3.83 56.19
C ILE C 64 37.10 -3.07 55.01
N ASP C 65 38.17 -2.33 55.27
CA ASP C 65 38.83 -1.56 54.22
C ASP C 65 39.89 -2.36 53.45
N ASP C 66 40.05 -3.64 53.81
CA ASP C 66 41.08 -4.48 53.19
C ASP C 66 40.50 -5.39 52.12
N ASP C 67 39.32 -5.95 52.38
CA ASP C 67 38.67 -6.87 51.44
C ASP C 67 37.74 -6.14 50.47
N LEU C 68 37.65 -4.82 50.59
CA LEU C 68 36.80 -4.04 49.72
C LEU C 68 37.15 -4.18 48.23
N PRO C 69 38.44 -4.11 47.85
CA PRO C 69 38.92 -4.22 46.48
C PRO C 69 38.54 -5.56 45.85
N GLU C 70 38.29 -6.57 46.67
CA GLU C 70 37.95 -7.89 46.17
C GLU C 70 36.56 -7.84 45.58
N LEU C 71 35.62 -7.37 46.38
CA LEU C 71 34.26 -7.24 45.91
C LEU C 71 34.20 -6.26 44.74
N THR C 72 34.99 -5.20 44.83
CA THR C 72 35.00 -4.18 43.80
C THR C 72 35.35 -4.79 42.45
N GLU C 73 36.46 -5.52 42.38
CA GLU C 73 36.86 -6.15 41.13
C GLU C 73 35.86 -7.21 40.69
N SER C 74 35.30 -7.94 41.64
CA SER C 74 34.32 -8.97 41.31
C SER C 74 33.12 -8.36 40.61
N LEU C 75 32.61 -7.25 41.15
CA LEU C 75 31.49 -6.55 40.56
C LEU C 75 31.82 -6.12 39.14
N VAL C 76 32.98 -5.50 38.97
CA VAL C 76 33.34 -5.00 37.65
C VAL C 76 33.44 -6.16 36.66
N SER C 77 34.06 -7.26 37.08
CA SER C 77 34.18 -8.44 36.23
C SER C 77 32.81 -8.98 35.83
N MET C 78 31.88 -9.02 36.77
CA MET C 78 30.53 -9.51 36.48
C MET C 78 29.91 -8.71 35.34
N LEU C 79 30.18 -7.41 35.30
CA LEU C 79 29.64 -6.55 34.25
C LEU C 79 30.46 -6.64 32.96
N TRP C 80 31.78 -6.58 33.09
CA TRP C 80 32.68 -6.66 31.95
C TRP C 80 33.63 -7.86 32.09
N PRO C 81 33.28 -9.04 31.53
CA PRO C 81 33.89 -10.32 31.81
C PRO C 81 35.36 -10.40 31.43
N HIS C 82 35.81 -9.53 30.53
CA HIS C 82 37.21 -9.55 30.11
C HIS C 82 38.11 -8.78 31.07
N TYR C 83 37.50 -8.03 31.97
CA TYR C 83 38.23 -7.08 32.80
C TYR C 83 39.44 -7.69 33.53
N LEU C 84 39.25 -8.85 34.14
CA LEU C 84 40.31 -9.46 34.93
C LEU C 84 41.00 -10.61 34.21
N ARG C 85 40.71 -10.78 32.93
CA ARG C 85 41.27 -11.89 32.18
C ARG C 85 42.48 -11.49 31.36
N THR C 86 43.54 -12.27 31.48
CA THR C 86 44.76 -12.00 30.73
C THR C 86 44.67 -12.57 29.34
N ILE C 87 45.59 -12.14 28.49
CA ILE C 87 45.65 -12.62 27.12
C ILE C 87 46.86 -13.53 26.91
N PRO C 88 46.64 -14.79 26.48
CA PRO C 88 47.64 -15.82 26.27
C PRO C 88 48.51 -15.50 25.07
N SER C 89 49.71 -16.10 25.02
CA SER C 89 50.60 -15.90 23.89
C SER C 89 49.93 -16.29 22.59
N LEU C 90 50.16 -15.49 21.56
CA LEU C 90 49.52 -15.69 20.27
C LEU C 90 50.49 -15.52 19.11
N SER C 91 50.33 -16.36 18.08
CA SER C 91 51.17 -16.28 16.88
C SER C 91 50.44 -16.84 15.67
N VAL C 92 51.03 -16.70 14.49
CA VAL C 92 50.44 -17.23 13.26
C VAL C 92 51.40 -18.21 12.58
N VAL C 93 50.91 -19.42 12.32
CA VAL C 93 51.76 -20.47 11.75
C VAL C 93 51.26 -20.93 10.40
N ALA C 94 52.19 -21.08 9.46
CA ALA C 94 51.89 -21.62 8.16
C ALA C 94 51.90 -23.13 8.21
N LEU C 95 51.01 -23.73 7.45
CA LEU C 95 50.95 -25.17 7.31
C LEU C 95 51.22 -25.50 5.86
N THR C 96 52.26 -26.26 5.58
CA THR C 96 52.63 -26.51 4.19
C THR C 96 52.68 -28.01 3.86
N PRO C 97 51.56 -28.57 3.36
CA PRO C 97 51.41 -29.91 2.85
C PRO C 97 52.23 -30.07 1.59
N ARG C 98 52.66 -31.28 1.31
CA ARG C 98 53.31 -31.56 0.05
C ARG C 98 52.27 -31.62 -1.07
N LEU C 99 52.64 -31.16 -2.26
CA LEU C 99 51.74 -31.25 -3.41
C LEU C 99 51.78 -32.63 -4.06
N SER C 100 52.88 -33.35 -3.84
CA SER C 100 53.00 -34.68 -4.38
C SER C 100 52.10 -35.61 -3.58
N VAL C 101 51.82 -36.79 -4.13
CA VAL C 101 50.97 -37.77 -3.44
C VAL C 101 49.76 -37.10 -2.77
N MET C 102 49.04 -36.28 -3.53
CA MET C 102 47.82 -35.64 -3.03
C MET C 102 46.77 -35.60 -4.13
N LYS C 103 45.53 -35.89 -3.76
CA LYS C 103 44.42 -35.89 -4.71
C LYS C 103 43.26 -35.03 -4.23
N MET C 104 42.79 -35.32 -3.03
CA MET C 104 41.65 -34.60 -2.48
C MET C 104 42.11 -33.56 -1.48
N ALA C 105 41.35 -32.48 -1.35
CA ALA C 105 41.61 -31.48 -0.34
C ALA C 105 41.38 -32.07 1.05
N GLU C 106 42.20 -31.67 2.00
CA GLU C 106 42.07 -32.13 3.38
C GLU C 106 41.72 -30.98 4.29
N THR C 107 41.11 -31.26 5.44
CA THR C 107 40.76 -30.17 6.35
C THR C 107 41.42 -30.33 7.71
N VAL C 108 42.10 -29.29 8.16
CA VAL C 108 42.70 -29.28 9.46
C VAL C 108 41.65 -28.95 10.50
N PRO C 109 41.42 -29.81 11.49
CA PRO C 109 40.44 -29.62 12.53
C PRO C 109 40.86 -28.48 13.44
N ALA C 110 39.90 -27.73 13.94
CA ALA C 110 40.22 -26.70 14.90
C ALA C 110 40.74 -27.35 16.16
N GLY C 111 41.65 -26.69 16.84
CA GLY C 111 42.23 -27.23 18.05
C GLY C 111 43.47 -28.07 17.80
N LEU C 112 43.78 -28.35 16.54
CA LEU C 112 44.96 -29.14 16.26
C LEU C 112 46.20 -28.47 16.82
N GLU C 113 46.95 -29.21 17.63
CA GLU C 113 48.11 -28.68 18.34
C GLU C 113 49.42 -28.71 17.57
N VAL C 114 50.15 -27.61 17.68
CA VAL C 114 51.50 -27.47 17.17
C VAL C 114 52.41 -27.04 18.32
N THR C 115 53.28 -27.92 18.78
CA THR C 115 54.12 -27.60 19.91
C THR C 115 55.32 -26.79 19.47
N SER C 116 55.96 -26.14 20.43
CA SER C 116 57.18 -25.40 20.14
C SER C 116 58.40 -26.24 20.44
N ARG C 117 59.54 -25.72 20.06
CA ARG C 117 60.80 -26.31 20.47
C ARG C 117 60.99 -25.96 21.95
N PRO C 118 61.82 -26.72 22.68
CA PRO C 118 62.25 -26.44 24.04
C PRO C 118 62.89 -25.07 24.15
N VAL C 119 62.39 -24.26 25.09
CA VAL C 119 62.92 -22.92 25.31
C VAL C 119 62.96 -22.57 26.79
N GLY C 120 63.87 -21.69 27.16
CA GLY C 120 63.92 -21.19 28.52
C GLY C 120 64.47 -22.25 29.48
N PRO C 121 64.57 -21.94 30.76
CA PRO C 121 65.04 -22.80 31.80
C PRO C 121 64.12 -24.00 31.92
N GLY C 122 64.69 -25.16 32.18
CA GLY C 122 63.91 -26.37 32.28
C GLY C 122 63.62 -26.97 30.90
N ASN C 123 63.98 -26.24 29.84
CA ASN C 123 63.73 -26.69 28.47
C ASN C 123 62.25 -27.04 28.26
N THR C 124 61.36 -26.18 28.74
CA THR C 124 59.93 -26.39 28.59
C THR C 124 59.46 -25.98 27.22
N VAL C 125 58.18 -26.22 26.92
CA VAL C 125 57.65 -25.88 25.61
C VAL C 125 56.34 -25.14 25.68
N CYS C 126 55.99 -24.50 24.57
CA CYS C 126 54.68 -23.92 24.41
C CYS C 126 53.81 -24.88 23.65
N ARG C 127 52.51 -24.78 23.84
CA ARG C 127 51.58 -25.65 23.15
C ARG C 127 50.49 -24.82 22.50
N TYR C 128 50.63 -24.57 21.21
CA TYR C 128 49.70 -23.69 20.52
C TYR C 128 48.64 -24.51 19.76
N ARG C 129 47.39 -24.03 19.76
CA ARG C 129 46.35 -24.76 19.05
C ARG C 129 45.63 -23.91 18.02
N THR C 130 45.26 -24.55 16.90
CA THR C 130 44.53 -23.94 15.80
C THR C 130 43.21 -23.33 16.26
N THR C 131 42.99 -22.05 15.93
CA THR C 131 41.78 -21.36 16.36
C THR C 131 40.62 -21.49 15.37
N ARG C 132 40.90 -22.03 14.20
CA ARG C 132 39.86 -22.27 13.20
C ARG C 132 40.28 -23.35 12.22
N ALA C 133 39.33 -24.13 11.76
CA ALA C 133 39.63 -25.19 10.80
C ALA C 133 40.19 -24.61 9.50
N ILE C 134 41.17 -25.29 8.92
CA ILE C 134 41.82 -24.83 7.70
C ILE C 134 41.73 -25.85 6.56
N PRO C 135 40.97 -25.54 5.50
CA PRO C 135 40.92 -26.28 4.25
C PRO C 135 42.30 -26.28 3.62
N LEU C 136 42.72 -27.43 3.09
CA LEU C 136 44.03 -27.55 2.46
C LEU C 136 43.92 -28.02 1.03
N ASN C 137 43.72 -27.09 0.11
CA ASN C 137 43.63 -27.43 -1.30
C ASN C 137 45.04 -27.72 -1.82
N PRO C 138 45.21 -28.50 -2.91
CA PRO C 138 46.50 -28.84 -3.51
C PRO C 138 47.08 -27.68 -4.29
N LEU C 139 47.28 -26.56 -3.61
CA LEU C 139 47.74 -25.32 -4.25
C LEU C 139 48.91 -24.71 -3.49
N ALA C 140 49.78 -24.00 -4.22
CA ALA C 140 50.86 -23.24 -3.58
C ALA C 140 51.22 -21.99 -4.39
N VAL C 141 51.70 -20.95 -3.69
CA VAL C 141 52.21 -19.73 -4.34
C VAL C 141 53.68 -19.90 -4.70
N GLU C 142 54.02 -19.56 -5.92
CA GLU C 142 55.39 -19.69 -6.39
C GLU C 142 56.10 -18.35 -6.53
N LYS C 143 55.38 -17.31 -6.97
CA LYS C 143 56.02 -16.02 -7.25
C LYS C 143 55.04 -14.85 -7.16
N VAL C 144 55.50 -13.71 -6.63
CA VAL C 144 54.66 -12.52 -6.57
C VAL C 144 55.31 -11.32 -7.25
N VAL C 145 54.66 -10.81 -8.31
CA VAL C 145 55.22 -9.72 -9.08
C VAL C 145 54.30 -8.51 -9.18
N MET C 146 54.83 -7.35 -8.84
CA MET C 146 54.10 -6.11 -9.01
C MET C 146 54.71 -5.30 -10.14
N THR C 147 53.96 -5.14 -11.21
CA THR C 147 54.46 -4.47 -12.41
C THR C 147 53.46 -3.46 -12.96
N THR C 148 53.78 -2.87 -14.11
CA THR C 148 52.92 -1.87 -14.73
C THR C 148 52.66 -2.18 -16.20
N GLU C 149 51.40 -2.11 -16.60
CA GLU C 149 51.01 -2.35 -17.98
C GLU C 149 51.15 -1.08 -18.83
N PRO C 150 51.22 -1.21 -20.18
CA PRO C 150 51.23 -0.14 -21.16
C PRO C 150 50.01 0.77 -21.03
N ASP C 151 48.95 0.27 -20.42
CA ASP C 151 47.72 1.03 -20.25
C ASP C 151 47.82 2.05 -19.10
N GLY C 152 48.90 1.98 -18.31
CA GLY C 152 49.12 2.90 -17.21
C GLY C 152 48.65 2.35 -15.86
N ARG C 153 47.88 1.28 -15.89
CA ARG C 153 47.39 0.66 -14.67
C ARG C 153 48.39 -0.38 -14.19
N SER C 154 48.58 -0.46 -12.87
CA SER C 154 49.49 -1.46 -12.33
C SER C 154 48.79 -2.80 -12.19
N VAL C 155 49.59 -3.87 -12.11
CA VAL C 155 49.03 -5.21 -12.00
C VAL C 155 49.76 -6.08 -10.99
N LEU C 156 48.99 -6.79 -10.17
CA LEU C 156 49.55 -7.78 -9.27
C LEU C 156 49.49 -9.14 -9.91
N LYS C 157 50.65 -9.70 -10.23
CA LYS C 157 50.70 -10.97 -10.92
C LYS C 157 51.22 -12.05 -9.99
N ILE C 158 50.43 -13.10 -9.79
CA ILE C 158 50.82 -14.12 -8.84
C ILE C 158 50.94 -15.48 -9.49
N GLY C 159 52.11 -16.09 -9.38
CA GLY C 159 52.35 -17.42 -9.92
C GLY C 159 52.06 -18.46 -8.87
N PHE C 160 51.56 -19.60 -9.32
CA PHE C 160 51.17 -20.70 -8.44
C PHE C 160 51.57 -22.05 -8.99
N ALA C 161 51.27 -23.09 -8.22
CA ALA C 161 51.46 -24.46 -8.67
C ALA C 161 50.33 -25.38 -8.19
N CYS C 162 49.84 -26.23 -9.10
CA CYS C 162 48.85 -27.25 -8.78
C CYS C 162 49.49 -28.62 -8.57
N SER C 163 48.90 -29.40 -7.67
CA SER C 163 49.30 -30.80 -7.49
C SER C 163 49.09 -31.62 -8.75
N GLU C 164 50.02 -32.53 -9.00
CA GLU C 164 50.00 -33.39 -10.18
C GLU C 164 48.72 -34.23 -10.30
N LEU C 165 48.16 -34.61 -9.16
CA LEU C 165 46.99 -35.47 -9.17
C LEU C 165 45.75 -34.75 -8.62
N ALA C 166 45.79 -33.43 -8.60
CA ALA C 166 44.68 -32.68 -8.02
C ALA C 166 43.35 -33.11 -8.62
N ASP C 167 42.42 -33.47 -7.75
CA ASP C 167 41.06 -33.81 -8.18
C ASP C 167 40.16 -32.60 -8.05
N TRP C 168 39.91 -31.95 -9.17
CA TRP C 168 39.24 -30.66 -9.17
C TRP C 168 37.77 -30.75 -8.82
N SER C 169 37.26 -31.97 -8.64
CA SER C 169 35.89 -32.14 -8.16
C SER C 169 35.88 -32.09 -6.63
N GLN C 170 37.06 -32.10 -6.04
CA GLN C 170 37.21 -32.12 -4.59
C GLN C 170 37.77 -30.80 -4.06
N VAL C 171 38.54 -30.11 -4.90
CA VAL C 171 39.19 -28.88 -4.49
C VAL C 171 38.15 -27.82 -4.10
N ASP C 172 38.31 -27.24 -2.92
CA ASP C 172 37.36 -26.26 -2.40
C ASP C 172 37.69 -24.85 -2.85
N LEU C 173 36.93 -24.34 -3.81
CA LEU C 173 37.16 -23.00 -4.33
C LEU C 173 36.08 -22.03 -3.87
N HIS C 174 35.39 -22.36 -2.79
CA HIS C 174 34.35 -21.50 -2.22
C HIS C 174 34.91 -20.11 -1.97
N ARG C 175 36.05 -20.05 -1.30
CA ARG C 175 36.79 -18.81 -1.11
C ARG C 175 38.17 -19.15 -0.60
N LEU C 176 39.16 -18.41 -1.07
CA LEU C 176 40.53 -18.68 -0.63
C LEU C 176 40.99 -17.69 0.43
N SER C 177 41.53 -18.23 1.52
CA SER C 177 41.98 -17.44 2.65
C SER C 177 43.40 -16.95 2.46
N LEU C 178 43.57 -15.88 1.69
CA LEU C 178 44.90 -15.41 1.36
C LEU C 178 45.48 -14.55 2.49
N TYR C 179 46.65 -14.93 2.98
CA TYR C 179 47.26 -14.18 4.07
C TYR C 179 48.40 -13.32 3.61
N LEU C 180 48.31 -12.05 3.90
CA LEU C 180 49.33 -11.13 3.48
C LEU C 180 50.48 -11.08 4.47
N ALA C 181 51.40 -12.02 4.30
CA ALA C 181 52.53 -12.20 5.21
C ALA C 181 53.65 -11.23 4.88
N ALA C 182 53.41 -9.96 5.16
CA ALA C 182 54.37 -8.93 4.80
C ALA C 182 54.42 -7.83 5.84
N GLU C 183 55.51 -7.08 5.85
CA GLU C 183 55.73 -6.00 6.81
C GLU C 183 54.63 -4.93 6.69
N ALA C 184 54.29 -4.27 7.80
CA ALA C 184 53.18 -3.33 7.82
C ALA C 184 53.24 -2.22 6.75
N PRO C 185 54.43 -1.62 6.44
CA PRO C 185 54.62 -0.57 5.45
C PRO C 185 54.18 -0.98 4.06
N VAL C 186 54.06 -2.28 3.81
CA VAL C 186 53.63 -2.74 2.50
C VAL C 186 52.34 -3.54 2.56
N SER C 187 52.11 -4.24 3.67
CA SER C 187 50.94 -5.08 3.78
C SER C 187 49.68 -4.25 3.88
N SER C 188 49.76 -3.15 4.63
CA SER C 188 48.61 -2.27 4.79
C SER C 188 48.27 -1.60 3.47
N THR C 189 49.30 -1.27 2.71
CA THR C 189 49.15 -0.61 1.42
C THR C 189 48.56 -1.55 0.39
N LEU C 190 49.10 -2.76 0.30
CA LEU C 190 48.62 -3.71 -0.69
C LEU C 190 47.19 -4.10 -0.36
N HIS C 191 46.92 -4.35 0.92
CA HIS C 191 45.60 -4.76 1.34
C HIS C 191 44.56 -3.77 0.89
N LEU C 192 44.79 -2.49 1.16
CA LEU C 192 43.84 -1.47 0.82
C LEU C 192 43.48 -1.59 -0.64
N MET C 193 44.48 -1.64 -1.50
CA MET C 193 44.23 -1.70 -2.93
C MET C 193 43.51 -2.98 -3.34
N MET C 194 43.91 -4.13 -2.76
CA MET C 194 43.27 -5.39 -3.14
C MET C 194 41.78 -5.38 -2.89
N THR C 195 41.33 -4.76 -1.81
CA THR C 195 39.92 -4.80 -1.48
C THR C 195 39.14 -3.56 -1.90
N LYS C 196 39.82 -2.43 -2.17
CA LYS C 196 39.09 -1.20 -2.44
C LYS C 196 39.29 -0.59 -3.83
N ARG C 197 40.42 -0.87 -4.49
CA ARG C 197 40.77 -0.11 -5.68
C ARG C 197 41.10 -0.96 -6.90
N LEU C 198 40.35 -2.04 -7.12
CA LEU C 198 40.63 -2.91 -8.26
C LEU C 198 39.77 -2.60 -9.47
N ALA C 199 40.31 -2.92 -10.65
CA ALA C 199 39.60 -2.72 -11.91
C ALA C 199 39.08 -4.03 -12.50
N ALA C 200 39.94 -5.06 -12.55
CA ALA C 200 39.57 -6.31 -13.19
C ALA C 200 40.48 -7.46 -12.78
N LEU C 201 39.96 -8.68 -12.87
CA LEU C 201 40.76 -9.88 -12.60
C LEU C 201 40.82 -10.79 -13.82
N TYR C 202 41.99 -11.37 -14.04
CA TYR C 202 42.22 -12.30 -15.14
C TYR C 202 42.92 -13.58 -14.67
N LEU C 203 42.73 -14.67 -15.41
CA LEU C 203 43.47 -15.90 -15.11
C LEU C 203 44.22 -16.44 -16.32
N ARG C 204 45.54 -16.53 -16.22
CA ARG C 204 46.33 -17.06 -17.33
C ARG C 204 46.45 -18.58 -17.26
N LEU C 205 46.07 -19.21 -18.35
CA LEU C 205 46.14 -20.66 -18.45
C LEU C 205 47.20 -21.06 -19.47
N PRO C 206 48.26 -21.75 -19.04
CA PRO C 206 49.33 -22.23 -19.89
C PRO C 206 48.74 -23.02 -21.03
N GLY C 207 49.21 -22.78 -22.25
CA GLY C 207 48.66 -23.45 -23.42
C GLY C 207 47.66 -22.54 -24.12
N ASN C 208 47.36 -21.41 -23.48
CA ASN C 208 46.42 -20.42 -23.98
C ASN C 208 47.01 -19.03 -23.71
N ASP C 209 46.28 -18.00 -24.09
CA ASP C 209 46.75 -16.65 -23.81
C ASP C 209 46.43 -16.28 -22.36
N GLU C 210 46.71 -15.03 -21.98
CA GLU C 210 46.63 -14.65 -20.57
C GLU C 210 45.41 -13.82 -20.20
N ARG C 211 44.80 -13.17 -21.17
CA ARG C 211 43.72 -12.23 -20.87
C ARG C 211 42.38 -12.94 -20.76
N ILE C 212 42.26 -13.80 -19.76
CA ILE C 212 41.01 -14.50 -19.53
C ILE C 212 40.26 -13.79 -18.43
N ARG C 213 39.24 -13.05 -18.80
CA ARG C 213 38.50 -12.24 -17.85
C ARG C 213 37.64 -13.12 -16.97
N ILE C 214 37.77 -12.95 -15.66
CA ILE C 214 36.98 -13.76 -14.73
C ILE C 214 36.20 -12.87 -13.77
N ASP C 215 35.16 -13.44 -13.17
CA ASP C 215 34.38 -12.73 -12.18
C ASP C 215 34.79 -13.10 -10.76
N GLY C 216 35.41 -12.17 -10.06
CA GLY C 216 35.90 -12.42 -8.70
C GLY C 216 36.33 -11.13 -8.03
N TRP C 217 36.56 -11.20 -6.73
CA TRP C 217 36.95 -10.01 -5.97
C TRP C 217 37.57 -10.37 -4.64
N PHE C 218 38.13 -9.36 -3.98
CA PHE C 218 38.73 -9.54 -2.66
C PHE C 218 37.87 -8.91 -1.59
N SER C 219 37.79 -9.56 -0.43
CA SER C 219 37.05 -9.03 0.71
C SER C 219 37.73 -9.44 2.02
N PRO C 220 37.97 -8.50 2.95
CA PRO C 220 38.71 -8.70 4.18
C PRO C 220 38.06 -9.78 5.02
N GLY C 221 38.87 -10.64 5.62
CA GLY C 221 38.36 -11.72 6.45
C GLY C 221 38.77 -11.58 7.90
N GLY C 222 39.46 -10.50 8.22
CA GLY C 222 39.94 -10.26 9.57
C GLY C 222 38.78 -10.16 10.54
N PHE C 223 37.71 -9.54 10.10
CA PHE C 223 36.53 -9.32 10.93
C PHE C 223 35.55 -10.45 10.76
N ALA C 224 36.00 -11.65 11.11
CA ALA C 224 35.20 -12.84 11.01
C ALA C 224 34.39 -13.05 12.26
N GLU C 225 33.26 -13.72 12.12
CA GLU C 225 32.45 -14.11 13.28
C GLU C 225 32.67 -15.59 13.60
N GLU C 226 33.33 -16.29 12.70
CA GLU C 226 33.49 -17.73 12.77
C GLU C 226 34.54 -18.19 13.77
N ASP C 227 35.69 -17.51 13.79
CA ASP C 227 36.80 -17.94 14.63
C ASP C 227 36.68 -17.42 16.05
N ARG C 228 36.60 -16.10 16.20
CA ARG C 228 36.38 -15.43 17.49
C ARG C 228 37.62 -15.41 18.40
N LEU C 229 38.57 -16.30 18.14
CA LEU C 229 39.88 -16.36 18.83
C LEU C 229 39.85 -16.54 20.34
N TRP C 230 38.69 -16.79 20.91
CA TRP C 230 38.58 -17.02 22.34
C TRP C 230 37.33 -17.83 22.65
N PRO C 231 37.30 -18.51 23.79
CA PRO C 231 36.14 -19.15 24.36
C PRO C 231 35.23 -18.07 24.94
N LYS C 232 34.69 -17.26 24.03
CA LYS C 232 33.84 -16.15 24.41
C LYS C 232 32.76 -16.58 25.37
N GLY C 233 32.66 -15.88 26.49
CA GLY C 233 31.61 -16.16 27.44
C GLY C 233 30.27 -15.74 26.84
N ASP C 234 29.22 -16.46 27.16
CA ASP C 234 27.89 -16.15 26.63
C ASP C 234 27.47 -14.73 26.96
N SER C 235 27.88 -14.27 28.14
CA SER C 235 27.50 -12.96 28.64
C SER C 235 28.38 -11.81 28.09
N ALA C 236 29.40 -12.15 27.31
CA ALA C 236 30.32 -11.15 26.78
C ALA C 236 29.74 -10.40 25.58
N PHE C 237 30.16 -9.14 25.41
CA PHE C 237 29.75 -8.34 24.25
C PHE C 237 30.84 -8.32 23.18
N SER C 238 30.49 -8.81 21.99
CA SER C 238 31.46 -8.97 20.90
C SER C 238 32.14 -7.68 20.48
N GLY C 239 31.44 -6.57 20.61
CA GLY C 239 32.00 -5.28 20.23
C GLY C 239 33.28 -4.96 21.01
N TYR C 240 33.33 -5.33 22.28
CA TYR C 240 34.49 -5.00 23.08
C TYR C 240 35.60 -6.01 22.86
N GLN C 241 35.23 -7.26 22.64
CA GLN C 241 36.21 -8.27 22.35
C GLN C 241 36.96 -7.90 21.07
N LEU C 242 36.23 -7.35 20.11
CA LEU C 242 36.81 -6.91 18.85
C LEU C 242 37.86 -5.84 19.07
N LEU C 243 37.56 -4.87 19.92
CA LEU C 243 38.51 -3.81 20.19
C LEU C 243 39.79 -4.36 20.79
N LEU C 244 39.69 -5.32 21.70
CA LEU C 244 40.91 -5.90 22.28
C LEU C 244 41.75 -6.56 21.20
N GLU C 245 41.10 -7.27 20.29
CA GLU C 245 41.83 -7.95 19.23
C GLU C 245 42.61 -6.95 18.40
N TYR C 246 41.95 -5.87 18.02
CA TYR C 246 42.56 -4.86 17.16
C TYR C 246 43.82 -4.29 17.77
N PHE C 247 43.74 -3.86 19.02
CA PHE C 247 44.87 -3.20 19.66
C PHE C 247 45.95 -4.18 20.10
N THR C 248 45.55 -5.40 20.48
CA THR C 248 46.50 -6.38 20.99
C THR C 248 47.36 -7.00 19.90
N PHE C 249 46.71 -7.47 18.83
CA PHE C 249 47.42 -8.17 17.77
C PHE C 249 46.82 -7.83 16.41
N ARG C 250 47.54 -7.01 15.66
CA ARG C 250 47.04 -6.46 14.39
C ARG C 250 47.09 -7.44 13.24
N GLU C 251 48.08 -8.31 13.23
CA GLU C 251 48.34 -9.18 12.08
C GLU C 251 47.18 -10.12 11.76
N LYS C 252 46.30 -10.33 12.73
CA LYS C 252 45.17 -11.21 12.53
C LYS C 252 44.22 -10.65 11.49
N PHE C 253 44.34 -9.37 11.21
CA PHE C 253 43.44 -8.71 10.29
C PHE C 253 44.04 -8.56 8.91
N MET C 254 45.14 -9.26 8.66
CA MET C 254 45.80 -9.19 7.36
C MET C 254 45.43 -10.37 6.47
N PHE C 255 44.25 -10.92 6.70
CA PHE C 255 43.70 -11.99 5.88
C PHE C 255 42.62 -11.45 4.97
N VAL C 256 42.65 -11.84 3.72
CA VAL C 256 41.64 -11.42 2.75
C VAL C 256 41.10 -12.62 2.00
N HIS C 257 39.80 -12.66 1.79
CA HIS C 257 39.20 -13.77 1.07
C HIS C 257 39.08 -13.47 -0.41
N LEU C 258 39.40 -14.46 -1.23
CA LEU C 258 39.22 -14.34 -2.66
C LEU C 258 37.95 -15.03 -3.07
N ASN C 259 36.99 -14.24 -3.51
CA ASN C 259 35.65 -14.74 -3.83
C ASN C 259 35.44 -14.91 -5.33
N GLY C 260 34.55 -15.82 -5.70
CA GLY C 260 34.17 -16.03 -7.10
C GLY C 260 34.97 -17.15 -7.77
N LEU C 261 35.99 -17.66 -7.08
CA LEU C 261 36.85 -18.71 -7.64
C LEU C 261 36.05 -19.96 -7.98
N GLU C 262 35.03 -20.24 -7.18
CA GLU C 262 34.19 -21.42 -7.37
C GLU C 262 33.53 -21.43 -8.74
N ASN C 263 33.30 -20.25 -9.29
CA ASN C 263 32.58 -20.13 -10.55
C ASN C 263 33.51 -20.04 -11.75
N VAL C 264 34.81 -20.23 -11.52
CA VAL C 264 35.76 -20.16 -12.61
C VAL C 264 36.25 -21.54 -13.01
N SER C 265 35.67 -22.08 -14.08
CA SER C 265 36.04 -23.39 -14.55
C SER C 265 37.48 -23.38 -15.03
N LEU C 266 38.20 -24.45 -14.72
CA LEU C 266 39.58 -24.56 -15.14
C LEU C 266 39.83 -25.95 -15.73
N PRO C 267 40.79 -26.08 -16.66
CA PRO C 267 41.29 -27.34 -17.17
C PRO C 267 42.09 -28.02 -16.09
N ALA C 268 42.07 -29.34 -16.06
CA ALA C 268 42.86 -30.03 -15.06
C ALA C 268 44.31 -30.04 -15.49
N GLY C 269 45.04 -29.02 -15.06
CA GLY C 269 46.43 -28.87 -15.43
C GLY C 269 47.34 -29.26 -14.28
N ILE C 270 48.64 -29.04 -14.48
CA ILE C 270 49.65 -29.36 -13.50
C ILE C 270 50.61 -28.19 -13.38
N SER C 271 51.11 -27.95 -12.17
CA SER C 271 52.04 -26.86 -11.93
C SER C 271 51.41 -25.50 -12.20
N GLY C 272 52.03 -24.72 -13.09
CA GLY C 272 51.66 -23.32 -13.29
C GLY C 272 50.20 -23.02 -13.64
N PHE C 273 49.78 -21.83 -13.20
CA PHE C 273 48.48 -21.21 -13.46
C PHE C 273 48.53 -19.86 -12.75
N ASP C 274 48.50 -18.79 -13.53
CA ASP C 274 48.85 -17.48 -12.97
C ASP C 274 47.70 -16.50 -13.04
N LEU C 275 47.20 -16.08 -11.89
CA LEU C 275 46.14 -15.09 -11.90
C LEU C 275 46.75 -13.71 -11.85
N GLU C 276 46.03 -12.74 -12.41
CA GLU C 276 46.51 -11.38 -12.44
C GLU C 276 45.42 -10.41 -12.03
N VAL C 277 45.78 -9.45 -11.20
CA VAL C 277 44.83 -8.48 -10.73
C VAL C 277 45.18 -7.08 -11.19
N VAL C 278 44.27 -6.48 -11.95
CA VAL C 278 44.49 -5.15 -12.49
C VAL C 278 43.88 -4.13 -11.55
N LEU C 279 44.66 -3.15 -11.14
CA LEU C 279 44.16 -2.16 -10.19
C LEU C 279 44.17 -0.75 -10.76
N SER C 280 43.30 0.09 -10.21
CA SER C 280 43.01 1.41 -10.74
C SER C 280 44.04 2.49 -10.42
N GLN C 281 44.97 2.18 -9.53
CA GLN C 281 45.98 3.16 -9.15
C GLN C 281 47.38 2.55 -9.14
N PRO C 282 48.42 3.33 -9.45
CA PRO C 282 49.80 2.97 -9.42
C PRO C 282 50.25 2.65 -8.01
N TRP C 283 51.15 1.70 -7.87
CA TRP C 283 51.70 1.36 -6.58
C TRP C 283 52.77 2.39 -6.27
N PRO C 284 52.91 2.85 -5.03
CA PRO C 284 54.00 3.69 -4.56
C PRO C 284 55.33 3.05 -4.96
N ALA C 285 56.22 3.87 -5.52
CA ALA C 285 57.49 3.36 -6.06
C ALA C 285 58.37 2.65 -5.03
N ASP C 286 58.47 3.21 -3.84
CA ASP C 286 59.40 2.68 -2.86
C ASP C 286 58.81 1.54 -2.04
N LEU C 287 58.92 0.31 -2.53
CA LEU C 287 58.38 -0.80 -1.77
C LEU C 287 59.16 -2.13 -1.96
N PRO C 288 59.44 -2.84 -0.86
CA PRO C 288 60.02 -4.18 -0.80
C PRO C 288 58.99 -5.30 -0.92
N VAL C 289 58.62 -5.64 -2.15
CA VAL C 289 57.67 -6.73 -2.38
C VAL C 289 58.40 -8.00 -2.74
N THR C 290 58.10 -9.09 -2.05
CA THR C 290 58.76 -10.35 -2.28
C THR C 290 57.80 -11.49 -2.50
N ASP C 291 58.36 -12.67 -2.73
CA ASP C 291 57.58 -13.84 -3.09
C ASP C 291 56.96 -14.51 -1.88
N ASP C 292 57.58 -14.30 -0.73
CA ASP C 292 57.11 -14.88 0.52
C ASP C 292 56.00 -14.03 1.14
N ALA C 293 55.61 -12.95 0.46
CA ALA C 293 54.58 -12.04 0.93
C ALA C 293 53.23 -12.74 1.13
N LEU C 294 52.94 -13.76 0.31
CA LEU C 294 51.64 -14.39 0.40
C LEU C 294 51.70 -15.83 0.86
N CYS C 295 50.75 -16.19 1.73
CA CYS C 295 50.56 -17.56 2.18
C CYS C 295 49.15 -18.03 1.86
N LEU C 296 48.99 -19.31 1.54
CA LEU C 296 47.64 -19.83 1.27
C LEU C 296 47.08 -20.59 2.46
N HIS C 297 47.96 -21.17 3.24
CA HIS C 297 47.51 -22.00 4.34
C HIS C 297 48.21 -21.66 5.63
N CYS C 298 47.57 -20.85 6.46
CA CYS C 298 48.13 -20.47 7.73
C CYS C 298 47.02 -20.06 8.67
N VAL C 299 47.29 -20.10 9.95
CA VAL C 299 46.27 -19.79 10.91
C VAL C 299 46.87 -19.27 12.21
N PRO C 300 46.20 -18.35 12.89
CA PRO C 300 46.46 -17.97 14.26
C PRO C 300 46.36 -19.16 15.18
N VAL C 301 47.26 -19.20 16.15
CA VAL C 301 47.24 -20.23 17.16
C VAL C 301 47.43 -19.60 18.53
N ILE C 302 46.84 -20.23 19.54
CA ILE C 302 46.91 -19.70 20.90
C ILE C 302 47.49 -20.70 21.87
N ASN C 303 48.34 -20.22 22.78
CA ASN C 303 49.00 -21.09 23.76
C ASN C 303 48.05 -21.53 24.87
N LEU C 304 47.07 -22.35 24.50
CA LEU C 304 46.10 -22.93 25.43
C LEU C 304 46.01 -24.43 25.23
N PHE C 305 45.86 -25.16 26.32
CA PHE C 305 45.80 -26.62 26.26
C PHE C 305 45.08 -27.21 27.44
N THR C 306 44.63 -28.45 27.29
CA THR C 306 43.92 -29.13 28.38
C THR C 306 44.90 -29.69 29.40
N LEU C 307 44.65 -29.43 30.68
CA LEU C 307 45.49 -29.93 31.75
C LEU C 307 45.06 -31.33 32.15
N GLU C 308 46.01 -32.11 32.67
CA GLU C 308 45.72 -33.45 33.13
C GLU C 308 44.64 -33.44 34.21
N ALA C 309 43.67 -34.33 34.07
CA ALA C 309 42.62 -34.46 35.06
C ALA C 309 43.18 -34.96 36.38
N ASP C 310 42.61 -34.49 37.47
CA ASP C 310 42.99 -34.94 38.80
C ASP C 310 41.80 -34.72 39.75
N PRO C 311 41.07 -35.79 40.11
CA PRO C 311 39.79 -35.73 40.81
C PRO C 311 39.93 -34.97 42.11
N LEU C 312 38.99 -34.07 42.35
CA LEU C 312 39.00 -33.23 43.53
C LEU C 312 38.01 -33.74 44.56
N ILE C 313 38.51 -34.13 45.72
CA ILE C 313 37.65 -34.64 46.78
C ILE C 313 37.49 -33.62 47.88
N ILE C 314 36.27 -33.43 48.34
CA ILE C 314 36.03 -32.43 49.38
C ILE C 314 35.63 -33.01 50.73
N ASN C 315 36.25 -32.51 51.78
CA ASN C 315 35.93 -32.88 53.15
C ASN C 315 34.76 -32.05 53.66
N GLY C 316 33.65 -32.18 52.97
CA GLY C 316 32.49 -31.35 53.25
C GLY C 316 32.76 -29.94 52.73
N LEU C 317 31.94 -28.99 53.15
CA LEU C 317 32.10 -27.62 52.68
C LEU C 317 32.93 -26.79 53.66
N GLU C 318 34.05 -26.29 53.16
CA GLU C 318 34.97 -25.47 53.95
C GLU C 318 35.35 -24.22 53.17
N SER C 319 34.33 -23.62 52.55
CA SER C 319 34.50 -22.48 51.64
C SER C 319 35.22 -22.88 50.36
N GLU C 320 36.26 -22.14 50.01
CA GLU C 320 37.00 -22.36 48.77
C GLU C 320 38.02 -23.48 48.89
N TYR C 321 38.36 -24.09 47.75
CA TYR C 321 39.39 -25.11 47.70
C TYR C 321 40.49 -24.69 46.73
N LEU C 322 41.72 -25.04 47.02
CA LEU C 322 42.81 -24.68 46.13
C LEU C 322 43.00 -25.74 45.05
N LEU C 323 42.99 -25.30 43.79
CA LEU C 323 43.20 -26.23 42.70
C LEU C 323 44.64 -26.22 42.26
N ARG C 324 45.19 -27.41 42.05
CA ARG C 324 46.54 -27.53 41.54
C ARG C 324 46.56 -28.58 40.42
N PRO C 325 47.25 -28.30 39.31
CA PRO C 325 47.57 -29.23 38.25
C PRO C 325 48.39 -30.38 38.79
N LYS C 326 48.29 -31.54 38.15
CA LYS C 326 49.07 -32.70 38.55
C LYS C 326 50.56 -32.42 38.40
N ARG C 327 50.91 -31.67 37.36
CA ARG C 327 52.30 -31.37 37.09
C ARG C 327 52.55 -29.87 37.01
N LEU C 328 52.71 -29.24 38.17
CA LEU C 328 52.99 -27.81 38.26
C LEU C 328 54.35 -27.55 38.88
N GLN C 329 55.11 -28.62 39.12
CA GLN C 329 56.40 -28.49 39.77
C GLN C 329 57.35 -27.58 38.99
N ASP C 330 57.26 -27.62 37.67
CA ASP C 330 58.10 -26.81 36.80
C ASP C 330 57.90 -25.31 37.06
N GLY C 331 56.71 -24.93 37.51
CA GLY C 331 56.40 -23.53 37.84
C GLY C 331 56.03 -22.66 36.64
N TYR C 332 55.96 -23.24 35.45
CA TYR C 332 55.67 -22.47 34.24
C TYR C 332 54.33 -22.82 33.63
N THR C 333 53.46 -23.46 34.41
CA THR C 333 52.13 -23.82 33.94
C THR C 333 51.08 -23.09 34.77
N GLU C 334 50.08 -22.53 34.11
CA GLU C 334 49.02 -21.84 34.83
C GLU C 334 47.64 -22.21 34.34
N ILE C 335 46.66 -22.08 35.22
CA ILE C 335 45.27 -22.32 34.86
C ILE C 335 44.67 -21.13 34.17
N TYR C 336 44.02 -21.39 33.03
CA TYR C 336 43.38 -20.34 32.26
C TYR C 336 41.92 -20.21 32.65
N SER C 337 41.20 -21.34 32.64
CA SER C 337 39.80 -21.33 33.02
C SER C 337 39.25 -22.72 33.29
N VAL C 338 38.15 -22.79 34.03
CA VAL C 338 37.45 -24.05 34.27
C VAL C 338 36.30 -24.19 33.28
N ASP C 339 36.32 -25.28 32.51
CA ASP C 339 35.32 -25.47 31.46
C ASP C 339 34.13 -26.25 31.97
N ALA C 340 34.39 -27.20 32.86
CA ALA C 340 33.29 -28.02 33.37
C ALA C 340 33.60 -28.59 34.75
N VAL C 341 32.56 -28.72 35.55
CA VAL C 341 32.65 -29.34 36.88
C VAL C 341 31.53 -30.34 37.07
N THR C 342 31.86 -31.63 37.07
CA THR C 342 30.85 -32.63 37.34
C THR C 342 31.37 -33.64 38.33
N GLY C 343 30.62 -33.88 39.39
CA GLY C 343 31.07 -34.81 40.40
C GLY C 343 30.23 -36.06 40.47
N SER C 344 30.43 -36.82 41.53
CA SER C 344 29.71 -38.05 41.77
C SER C 344 29.61 -38.35 43.26
N GLY C 345 28.40 -38.70 43.69
CA GLY C 345 28.13 -39.07 45.07
C GLY C 345 26.95 -40.03 45.16
N ARG C 346 26.32 -40.09 46.33
CA ARG C 346 25.21 -41.01 46.57
C ARG C 346 23.96 -40.56 45.81
N THR C 347 24.01 -39.37 45.24
CA THR C 347 22.91 -38.78 44.50
C THR C 347 23.17 -38.90 43.00
N GLY C 348 24.22 -39.61 42.62
CA GLY C 348 24.59 -39.74 41.22
C GLY C 348 25.43 -38.55 40.79
N SER C 349 25.42 -38.27 39.49
CA SER C 349 26.25 -37.21 38.96
C SER C 349 25.90 -35.88 39.61
N ALA C 350 26.93 -35.11 39.96
CA ALA C 350 26.74 -33.80 40.57
C ALA C 350 26.91 -32.72 39.52
N GLU C 351 25.81 -32.25 38.99
CA GLU C 351 25.85 -31.31 37.87
C GLU C 351 25.99 -29.86 38.31
N TYR C 352 27.23 -29.45 38.57
CA TYR C 352 27.50 -28.08 38.96
C TYR C 352 27.52 -27.19 37.72
N VAL C 353 27.07 -25.95 37.86
CA VAL C 353 27.17 -24.98 36.77
C VAL C 353 28.00 -23.80 37.24
N PRO C 354 28.60 -23.04 36.33
CA PRO C 354 29.31 -21.82 36.62
C PRO C 354 28.38 -20.80 37.22
N PHE C 355 28.85 -20.13 38.25
CA PHE C 355 28.08 -19.12 38.97
C PHE C 355 27.66 -17.92 38.13
N THR C 356 28.61 -17.33 37.41
CA THR C 356 28.37 -16.06 36.73
C THR C 356 27.29 -16.16 35.66
N SER C 357 27.13 -17.34 35.07
CA SER C 357 26.00 -17.58 34.19
C SER C 357 24.87 -18.03 35.06
N PHE C 358 23.99 -17.10 35.41
CA PHE C 358 23.10 -17.39 36.50
C PHE C 358 22.34 -18.66 36.29
N ARG C 359 22.41 -19.49 37.32
CA ARG C 359 21.84 -20.81 37.40
C ARG C 359 20.35 -20.78 37.22
N HIS C 360 19.83 -21.79 36.52
CA HIS C 360 18.41 -21.78 36.21
C HIS C 360 17.54 -21.87 37.46
N ARG C 361 17.63 -22.93 38.25
CA ARG C 361 16.72 -22.98 39.40
C ARG C 361 17.04 -21.85 40.38
N GLY C 362 18.31 -21.50 40.45
CA GLY C 362 18.78 -20.45 41.33
C GLY C 362 18.14 -19.09 40.99
N GLY C 363 18.17 -18.72 39.70
CA GLY C 363 17.65 -17.42 39.26
C GLY C 363 16.25 -17.49 38.61
N MET C 364 15.99 -18.55 37.83
CA MET C 364 14.71 -18.66 37.12
C MET C 364 13.62 -19.28 37.99
N LEU C 365 14.03 -19.98 39.03
CA LEU C 365 13.12 -20.61 39.99
C LEU C 365 12.11 -21.55 39.33
N ARG C 366 12.58 -22.42 38.43
CA ARG C 366 11.69 -23.38 37.78
C ARG C 366 12.12 -24.83 37.99
N HIS C 367 11.22 -25.75 37.71
CA HIS C 367 11.47 -27.18 37.90
C HIS C 367 12.35 -27.76 36.81
N ASP C 368 12.92 -28.93 37.08
CA ASP C 368 13.84 -29.60 36.17
C ASP C 368 15.05 -28.72 35.89
N ALA C 369 15.56 -28.12 36.95
CA ALA C 369 16.74 -27.28 36.88
C ALA C 369 17.56 -27.52 38.15
N PRO C 370 18.91 -27.49 38.03
CA PRO C 370 19.87 -27.78 39.09
C PRO C 370 20.01 -26.66 40.10
N GLU C 371 20.46 -27.03 41.30
CA GLU C 371 20.88 -26.07 42.32
C GLU C 371 22.25 -26.41 42.87
N ARG C 372 23.21 -26.54 41.97
CA ARG C 372 24.58 -26.79 42.36
C ARG C 372 25.46 -25.93 41.47
N TYR C 373 26.41 -25.25 42.06
CA TYR C 373 27.19 -24.33 41.28
C TYR C 373 28.57 -24.11 41.83
N TYR C 374 29.42 -23.55 40.98
CA TYR C 374 30.76 -23.20 41.40
C TYR C 374 31.20 -21.86 40.85
N HIS C 375 32.13 -21.24 41.54
CA HIS C 375 32.75 -20.00 41.08
C HIS C 375 34.25 -20.06 41.23
N THR C 376 34.97 -19.34 40.38
CA THR C 376 36.41 -19.34 40.48
C THR C 376 36.95 -17.99 40.88
N ARG C 377 37.90 -18.02 41.80
CA ARG C 377 38.59 -16.85 42.29
C ARG C 377 40.08 -17.02 42.10
N VAL C 378 40.77 -15.99 41.65
CA VAL C 378 42.21 -16.12 41.46
C VAL C 378 43.00 -15.09 42.26
N LYS C 379 44.09 -15.55 42.85
CA LYS C 379 44.98 -14.69 43.60
C LYS C 379 46.40 -14.79 43.04
N ARG C 380 47.21 -13.76 43.24
CA ARG C 380 48.58 -13.83 42.75
C ARG C 380 49.47 -14.53 43.77
N GLY C 381 50.11 -15.60 43.32
CA GLY C 381 50.97 -16.40 44.18
C GLY C 381 52.36 -15.82 44.28
N VAL C 382 53.24 -16.49 45.02
CA VAL C 382 54.59 -16.01 45.24
C VAL C 382 55.42 -15.91 43.96
N THR C 383 55.11 -16.76 42.97
CA THR C 383 55.86 -16.75 41.72
C THR C 383 55.22 -15.84 40.68
N GLY C 384 54.16 -15.13 41.06
CA GLY C 384 53.47 -14.23 40.15
C GLY C 384 52.34 -14.92 39.40
N MET C 385 52.26 -16.24 39.56
CA MET C 385 51.23 -17.04 38.90
C MET C 385 49.89 -16.81 39.54
N TYR C 386 48.83 -17.21 38.87
CA TYR C 386 47.51 -17.16 39.48
C TYR C 386 47.17 -18.46 40.18
N ASP C 387 46.85 -18.36 41.46
CA ASP C 387 46.38 -19.50 42.23
C ASP C 387 44.88 -19.58 42.13
N THR C 388 44.38 -20.64 41.53
CA THR C 388 42.94 -20.75 41.30
C THR C 388 42.24 -21.42 42.45
N TRP C 389 41.25 -20.74 42.99
CA TRP C 389 40.44 -21.25 44.07
C TRP C 389 39.05 -21.57 43.58
N LEU C 390 38.60 -22.77 43.88
CA LEU C 390 37.28 -23.22 43.45
C LEU C 390 36.28 -23.06 44.59
N ILE C 391 35.21 -22.35 44.31
CA ILE C 391 34.20 -22.11 45.32
C ILE C 391 32.97 -22.94 45.05
N LEU C 392 32.86 -24.07 45.72
CA LEU C 392 31.74 -24.96 45.50
C LEU C 392 30.57 -24.59 46.37
N GLU C 404 30.24 -36.26 52.85
CA GLU C 404 31.63 -35.89 52.69
C GLU C 404 32.32 -36.85 51.72
N ARG C 405 33.46 -36.42 51.17
CA ARG C 405 34.25 -37.22 50.24
C ARG C 405 33.59 -37.29 48.87
N GLU C 406 32.77 -36.30 48.57
CA GLU C 406 32.22 -36.13 47.23
C GLU C 406 33.37 -35.92 46.26
N THR C 407 33.32 -36.62 45.13
CA THR C 407 34.41 -36.50 44.16
C THR C 407 34.01 -35.67 42.96
N LEU C 408 34.85 -34.71 42.60
CA LEU C 408 34.55 -33.84 41.49
C LEU C 408 35.55 -33.98 40.35
N SER C 409 35.03 -34.11 39.12
CA SER C 409 35.86 -34.15 37.94
C SER C 409 35.95 -32.77 37.31
N LEU C 410 37.14 -32.19 37.31
CA LEU C 410 37.33 -30.83 36.85
C LEU C 410 37.99 -30.80 35.48
N ARG C 411 37.32 -30.17 34.52
CA ARG C 411 37.86 -29.99 33.18
C ARG C 411 38.49 -28.62 33.09
N ILE C 412 39.81 -28.57 33.08
CA ILE C 412 40.51 -27.31 33.17
C ILE C 412 41.47 -27.06 32.02
N THR C 413 41.34 -25.88 31.41
CA THR C 413 42.25 -25.43 30.35
C THR C 413 43.34 -24.56 30.93
N GLY C 414 44.58 -24.82 30.55
CA GLY C 414 45.70 -24.04 31.07
C GLY C 414 46.52 -23.36 29.97
N THR C 415 47.55 -22.68 30.41
CA THR C 415 48.50 -21.96 29.56
C THR C 415 49.88 -21.97 30.20
N ASN C 416 50.78 -21.14 29.69
CA ASN C 416 52.12 -21.06 30.27
C ASN C 416 52.28 -19.80 31.11
N GLY C 417 53.18 -19.86 32.08
CA GLY C 417 53.40 -18.77 33.03
C GLY C 417 54.56 -17.84 32.65
N GLN C 418 55.38 -17.52 33.65
CA GLN C 418 56.44 -16.51 33.49
C GLN C 418 57.63 -17.02 32.71
N LEU C 419 57.46 -17.20 31.41
CA LEU C 419 58.55 -17.62 30.56
C LEU C 419 59.44 -16.42 30.22
N PRO C 420 60.74 -16.63 29.98
CA PRO C 420 61.72 -15.62 29.66
C PRO C 420 61.31 -14.71 28.53
N ARG C 421 61.54 -13.42 28.71
CA ARG C 421 61.22 -12.40 27.74
C ARG C 421 61.84 -12.66 26.39
N ARG C 422 63.12 -13.03 26.41
CA ARG C 422 63.86 -13.25 25.19
C ARG C 422 63.42 -14.53 24.48
N ALA C 423 63.16 -15.58 25.26
CA ALA C 423 62.84 -16.88 24.68
C ALA C 423 61.62 -16.80 23.78
N LEU C 424 60.61 -16.07 24.23
CA LEU C 424 59.38 -15.96 23.47
C LEU C 424 59.59 -15.32 22.11
N GLN C 425 60.62 -14.51 21.98
CA GLN C 425 60.88 -13.79 20.73
C GLN C 425 61.84 -14.55 19.83
N SER C 426 62.27 -15.72 20.28
CA SER C 426 63.21 -16.54 19.52
C SER C 426 62.75 -17.98 19.47
N THR C 427 61.47 -18.20 19.75
CA THR C 427 60.90 -19.54 19.76
C THR C 427 60.49 -19.99 18.37
N LEU C 428 60.94 -21.19 18.00
CA LEU C 428 60.56 -21.80 16.74
C LEU C 428 59.51 -22.86 16.99
N LEU C 429 58.77 -23.21 15.94
CA LEU C 429 57.70 -24.19 16.07
C LEU C 429 58.12 -25.56 15.60
N ASP C 430 57.58 -26.59 16.24
CA ASP C 430 57.85 -27.98 15.88
C ASP C 430 56.77 -28.50 14.95
N ARG C 431 56.91 -29.76 14.54
CA ARG C 431 55.98 -30.35 13.59
C ARG C 431 54.54 -30.37 14.09
N CYS C 432 53.63 -29.98 13.21
CA CYS C 432 52.20 -30.04 13.46
C CYS C 432 51.75 -31.49 13.53
N GLU C 433 50.99 -31.86 14.56
CA GLU C 433 50.62 -33.26 14.67
C GLU C 433 50.03 -33.77 13.37
N GLN C 434 50.61 -34.84 12.84
CA GLN C 434 50.20 -35.42 11.56
C GLN C 434 48.92 -36.23 11.63
N VAL C 435 47.83 -35.55 11.99
CA VAL C 435 46.51 -36.15 12.04
C VAL C 435 46.03 -36.51 10.64
N LEU C 436 46.30 -35.64 9.68
CA LEU C 436 45.87 -35.83 8.30
C LEU C 436 46.82 -36.78 7.58
N GLN C 437 46.33 -37.40 6.51
CA GLN C 437 47.12 -38.37 5.76
C GLN C 437 48.40 -37.77 5.17
N ALA C 438 48.33 -36.52 4.73
CA ALA C 438 49.51 -35.88 4.15
C ALA C 438 50.42 -35.34 5.25
N PRO C 439 51.74 -35.47 5.11
CA PRO C 439 52.74 -34.78 5.88
C PRO C 439 52.57 -33.28 5.69
N VAL C 440 52.65 -32.54 6.78
CA VAL C 440 52.54 -31.09 6.73
C VAL C 440 53.62 -30.42 7.56
N SER C 441 54.45 -29.61 6.91
CA SER C 441 55.50 -28.91 7.63
C SER C 441 54.95 -27.60 8.17
N VAL C 442 55.71 -26.93 9.04
CA VAL C 442 55.23 -25.67 9.57
C VAL C 442 56.25 -24.56 9.39
N ARG C 443 55.76 -23.33 9.45
CA ARG C 443 56.62 -22.16 9.39
C ARG C 443 56.06 -21.05 10.27
N ASN C 444 56.87 -20.55 11.18
CA ASN C 444 56.43 -19.45 12.01
C ASN C 444 56.48 -18.16 11.22
N LEU C 445 55.31 -17.55 10.96
CA LEU C 445 55.27 -16.37 10.09
C LEU C 445 55.55 -15.09 10.85
N CYS C 446 55.70 -15.17 12.16
CA CYS C 446 55.99 -14.00 12.96
C CYS C 446 56.47 -14.35 14.36
N LYS C 447 57.33 -13.50 14.93
CA LYS C 447 57.72 -13.69 16.30
C LYS C 447 56.46 -13.67 17.18
N PRO C 448 56.30 -14.63 18.11
CA PRO C 448 55.18 -14.76 19.03
C PRO C 448 54.97 -13.52 19.88
N THR C 449 53.71 -13.21 20.15
CA THR C 449 53.35 -12.13 21.04
C THR C 449 53.29 -12.64 22.46
N LEU C 450 54.03 -12.01 23.34
CA LEU C 450 54.07 -12.41 24.74
C LEU C 450 52.73 -12.12 25.41
N PRO C 451 52.37 -12.84 26.49
CA PRO C 451 51.14 -12.67 27.24
C PRO C 451 50.95 -11.23 27.65
N VAL C 452 49.72 -10.76 27.49
CA VAL C 452 49.38 -9.37 27.79
C VAL C 452 48.45 -9.27 28.99
N TYR C 453 48.88 -8.49 29.96
CA TYR C 453 48.12 -8.31 31.18
C TYR C 453 47.39 -6.99 31.12
N PRO C 454 46.23 -6.89 31.79
CA PRO C 454 45.45 -5.68 31.90
C PRO C 454 46.30 -4.65 32.63
N PRO C 455 46.16 -3.37 32.29
CA PRO C 455 46.96 -2.27 32.80
C PRO C 455 46.81 -2.08 34.29
N THR C 456 47.95 -1.89 34.96
CA THR C 456 47.98 -1.62 36.38
C THR C 456 49.08 -0.63 36.73
N GLU C 457 48.77 0.31 37.60
CA GLU C 457 49.76 1.24 38.15
C GLU C 457 49.71 1.16 39.66
N ASP C 458 48.54 1.47 40.21
CA ASP C 458 48.25 1.38 41.63
C ASP C 458 46.93 0.69 41.83
N ARG C 459 46.65 -0.28 40.94
CA ARG C 459 45.38 -0.99 40.83
C ARG C 459 44.34 -0.16 40.06
N PHE C 460 44.61 1.13 39.90
CA PHE C 460 43.75 2.01 39.13
C PHE C 460 42.31 2.04 39.55
N HIS C 461 42.01 2.70 40.67
CA HIS C 461 40.62 2.95 41.01
C HIS C 461 39.99 3.79 39.92
N TRP C 462 40.84 4.50 39.18
CA TRP C 462 40.42 5.32 38.07
C TRP C 462 39.92 4.47 36.91
N ARG C 463 40.46 3.25 36.78
CA ARG C 463 40.06 2.34 35.71
C ARG C 463 38.70 1.78 36.04
N VAL C 464 38.53 1.42 37.31
CA VAL C 464 37.25 0.95 37.77
C VAL C 464 36.21 2.03 37.53
N MET C 465 36.56 3.26 37.87
CA MET C 465 35.68 4.37 37.67
C MET C 465 35.46 4.66 36.19
N SER C 466 36.48 4.47 35.36
CA SER C 466 36.35 4.71 33.94
C SER C 466 35.32 3.77 33.34
N HIS C 467 35.38 2.50 33.71
CA HIS C 467 34.43 1.52 33.19
C HIS C 467 33.03 1.80 33.69
N LEU C 468 32.91 2.12 34.97
CA LEU C 468 31.60 2.39 35.54
C LEU C 468 30.99 3.63 34.91
N GLY C 469 31.80 4.66 34.70
CA GLY C 469 31.34 5.89 34.07
C GLY C 469 30.92 5.62 32.63
N THR C 470 31.70 4.82 31.93
CA THR C 470 31.43 4.50 30.53
C THR C 470 30.05 3.92 30.37
N GLY C 471 29.63 3.10 31.32
CA GLY C 471 28.32 2.45 31.29
C GLY C 471 27.14 3.45 31.21
N PHE C 472 27.42 4.73 31.44
CA PHE C 472 26.37 5.74 31.37
C PHE C 472 26.55 6.70 30.18
N LEU C 473 27.51 6.42 29.32
CA LEU C 473 27.82 7.30 28.21
C LEU C 473 27.65 6.61 26.86
N ASN C 474 27.28 7.39 25.85
CA ASN C 474 27.30 6.89 24.49
C ASN C 474 28.69 7.13 23.90
N MET C 475 29.32 6.09 23.40
CA MET C 475 30.68 6.18 22.89
C MET C 475 30.86 7.27 21.82
N LEU C 476 29.77 7.63 21.14
CA LEU C 476 29.85 8.61 20.06
C LEU C 476 29.40 10.01 20.47
N SER C 477 29.18 10.23 21.76
CA SER C 477 28.70 11.53 22.20
C SER C 477 29.70 12.66 21.92
N SER C 478 30.98 12.33 21.88
CA SER C 478 32.02 13.32 21.65
C SER C 478 33.36 12.66 21.32
N ALA C 479 34.28 13.44 20.75
CA ALA C 479 35.64 12.97 20.52
C ALA C 479 36.33 12.63 21.83
N GLU C 480 36.06 13.41 22.87
CA GLU C 480 36.71 13.20 24.15
C GLU C 480 36.37 11.82 24.72
N VAL C 481 35.09 11.47 24.63
CA VAL C 481 34.62 10.18 25.11
C VAL C 481 35.14 9.05 24.24
N LEU C 482 35.07 9.24 22.92
CA LEU C 482 35.51 8.20 22.01
C LEU C 482 36.97 7.85 22.25
N ARG C 483 37.82 8.88 22.36
CA ARG C 483 39.23 8.65 22.62
C ARG C 483 39.44 7.93 23.94
N GLY C 484 38.77 8.42 24.99
CA GLY C 484 38.93 7.86 26.31
C GLY C 484 38.52 6.41 26.37
N THR C 485 37.34 6.11 25.86
CA THR C 485 36.82 4.76 25.94
C THR C 485 37.67 3.77 25.14
N LEU C 486 38.04 4.14 23.92
CA LEU C 486 38.83 3.23 23.09
C LEU C 486 40.17 2.95 23.75
N ALA C 487 40.72 3.94 24.42
CA ALA C 487 42.02 3.83 25.08
C ALA C 487 42.04 2.72 26.13
N LEU C 488 40.87 2.33 26.63
CA LEU C 488 40.79 1.34 27.70
C LEU C 488 41.13 -0.05 27.21
N TYR C 489 41.26 -0.20 25.89
CA TYR C 489 41.57 -1.49 25.31
C TYR C 489 43.02 -1.56 24.82
N ASN C 490 43.76 -0.48 25.01
CA ASN C 490 45.15 -0.44 24.56
C ASN C 490 46.06 -1.06 25.60
N TRP C 491 45.96 -2.37 25.76
CA TRP C 491 46.65 -3.06 26.84
C TRP C 491 48.12 -3.30 26.53
N ARG C 492 48.57 -2.88 25.37
CA ARG C 492 49.96 -3.03 24.99
C ARG C 492 50.78 -1.81 25.37
N ASP C 493 50.11 -0.75 25.84
CA ASP C 493 50.79 0.51 26.16
C ASP C 493 51.66 0.98 25.00
N ASP C 494 51.15 0.82 23.79
CA ASP C 494 51.88 1.19 22.60
C ASP C 494 51.68 2.66 22.26
N GLU C 495 52.78 3.41 22.27
CA GLU C 495 52.73 4.84 21.98
C GLU C 495 52.17 5.08 20.59
N LEU C 496 52.42 4.15 19.67
CA LEU C 496 51.90 4.28 18.33
C LEU C 496 50.38 4.23 18.36
N ASN C 497 49.82 3.27 19.08
CA ASN C 497 48.36 3.17 19.18
C ASN C 497 47.80 4.43 19.83
N HIS C 498 48.55 4.99 20.77
CA HIS C 498 48.13 6.24 21.38
C HIS C 498 48.00 7.32 20.33
N ARG C 499 49.04 7.50 19.53
CA ARG C 499 49.03 8.53 18.51
C ARG C 499 47.85 8.35 17.56
N ARG C 500 47.51 7.09 17.26
CA ARG C 500 46.37 6.83 16.38
C ARG C 500 45.10 7.41 17.01
N LEU C 501 44.85 7.05 18.26
CA LEU C 501 43.65 7.52 18.97
C LEU C 501 43.67 9.02 19.21
N ASP C 502 44.86 9.54 19.46
CA ASP C 502 45.04 10.96 19.72
C ASP C 502 44.80 11.77 18.45
N ALA C 503 44.67 11.08 17.32
CA ALA C 503 44.44 11.73 16.05
C ALA C 503 42.96 12.03 15.86
N ILE C 504 42.12 11.59 16.80
CA ILE C 504 40.70 11.87 16.70
C ILE C 504 40.44 13.29 17.17
N LEU C 505 40.02 14.13 16.23
CA LEU C 505 39.88 15.55 16.52
C LEU C 505 38.43 15.91 16.82
N ALA C 506 37.51 15.30 16.10
CA ALA C 506 36.11 15.65 16.27
C ALA C 506 35.19 14.52 15.87
N VAL C 507 34.06 14.42 16.56
CA VAL C 507 33.02 13.45 16.25
C VAL C 507 31.68 14.15 16.11
N GLN C 508 30.98 13.87 15.01
CA GLN C 508 29.68 14.46 14.75
C GLN C 508 28.78 13.44 14.08
N HIS C 509 27.47 13.61 14.21
CA HIS C 509 26.56 12.69 13.55
C HIS C 509 25.32 13.37 12.99
N HIS C 510 24.73 12.74 11.99
CA HIS C 510 23.51 13.23 11.34
C HIS C 510 22.53 12.10 11.08
N ARG C 511 21.25 12.45 10.97
CA ARG C 511 20.24 11.47 10.58
C ARG C 511 20.29 11.21 9.08
N ILE C 512 20.13 9.94 8.68
CA ILE C 512 20.10 9.61 7.26
C ILE C 512 18.74 9.14 6.81
N GLN C 513 18.27 9.73 5.72
CA GLN C 513 17.04 9.32 5.08
C GLN C 513 17.37 8.65 3.74
N ARG C 514 17.20 7.33 3.66
CA ARG C 514 17.62 6.61 2.45
C ARG C 514 16.59 5.60 2.00
N PHE C 515 16.57 5.29 0.70
CA PHE C 515 15.64 4.31 0.17
C PHE C 515 16.32 3.01 -0.23
N GLU C 516 15.58 1.91 -0.09
CA GLU C 516 16.05 0.61 -0.55
C GLU C 516 14.88 -0.29 -0.93
N LYS C 517 14.90 -0.81 -2.16
CA LYS C 517 13.84 -1.67 -2.67
C LYS C 517 12.46 -1.02 -2.53
N GLY C 518 12.40 0.29 -2.74
CA GLY C 518 11.13 1.02 -2.70
C GLY C 518 10.71 1.43 -1.28
N PHE C 519 11.48 1.05 -0.27
CA PHE C 519 11.11 1.36 1.10
C PHE C 519 11.98 2.46 1.66
N LEU C 520 11.44 3.21 2.61
CA LEU C 520 12.20 4.28 3.24
C LEU C 520 12.78 3.83 4.57
N LEU C 521 14.11 3.81 4.64
CA LEU C 521 14.83 3.31 5.80
C LEU C 521 15.56 4.43 6.55
N ARG C 522 15.65 4.28 7.88
CA ARG C 522 16.40 5.24 8.68
C ARG C 522 17.82 4.74 8.91
N GLY C 523 18.76 5.68 9.08
CA GLY C 523 20.13 5.33 9.44
C GLY C 523 20.85 6.46 10.14
N LEU C 524 22.14 6.24 10.42
CA LEU C 524 22.94 7.21 11.14
C LEU C 524 24.26 7.48 10.42
N ASP C 525 24.56 8.76 10.22
CA ASP C 525 25.80 9.18 9.59
C ASP C 525 26.83 9.52 10.63
N VAL C 526 27.85 8.68 10.78
CA VAL C 526 28.87 8.94 11.77
C VAL C 526 30.11 9.51 11.11
N GLU C 527 30.43 10.75 11.46
CA GLU C 527 31.54 11.44 10.83
C GLU C 527 32.63 11.76 11.82
N VAL C 528 33.84 11.30 11.53
CA VAL C 528 34.96 11.53 12.42
C VAL C 528 36.09 12.22 11.69
N THR C 529 36.60 13.29 12.28
CA THR C 529 37.72 14.03 11.71
C THR C 529 39.01 13.56 12.34
N LEU C 530 39.95 13.13 11.51
CA LEU C 530 41.23 12.62 11.98
C LEU C 530 42.41 13.49 11.54
N ASP C 531 43.44 13.50 12.38
CA ASP C 531 44.72 14.07 12.00
C ASP C 531 45.53 12.99 11.30
N GLY C 532 45.66 13.11 9.99
CA GLY C 532 46.27 12.09 9.15
C GLY C 532 47.72 11.81 9.53
N ASN C 533 48.33 12.70 10.31
CA ASN C 533 49.72 12.53 10.70
C ASN C 533 49.89 11.48 11.79
N GLY C 534 48.78 11.00 12.33
CA GLY C 534 48.82 9.98 13.37
C GLY C 534 48.79 8.57 12.79
N PHE C 535 48.72 8.47 11.46
CA PHE C 535 48.62 7.18 10.79
C PHE C 535 49.66 7.03 9.69
N ALA C 536 50.09 5.80 9.41
CA ALA C 536 51.03 5.57 8.30
C ALA C 536 50.31 5.62 6.96
N GLY C 537 49.81 6.79 6.61
CA GLY C 537 49.11 7.00 5.35
C GLY C 537 47.77 6.27 5.32
N GLU C 538 47.26 6.10 4.10
CA GLU C 538 45.95 5.50 3.88
C GLU C 538 45.89 4.06 4.38
N GLY C 539 47.00 3.34 4.34
CA GLY C 539 47.02 1.95 4.78
C GLY C 539 46.42 1.83 6.18
N ASP C 540 46.98 2.59 7.13
CA ASP C 540 46.51 2.57 8.50
C ASP C 540 45.17 3.23 8.68
N ILE C 541 44.92 4.32 7.97
CA ILE C 541 43.66 5.03 8.14
C ILE C 541 42.52 4.14 7.74
N HIS C 542 42.66 3.49 6.59
CA HIS C 542 41.64 2.59 6.10
C HIS C 542 41.37 1.47 7.08
N LEU C 543 42.40 0.74 7.48
CA LEU C 543 42.20 -0.39 8.38
C LEU C 543 41.59 0.03 9.70
N PHE C 544 42.00 1.18 10.23
CA PHE C 544 41.40 1.71 11.43
C PHE C 544 39.92 1.92 11.21
N GLY C 545 39.58 2.60 10.11
CA GLY C 545 38.20 2.86 9.75
C GLY C 545 37.40 1.58 9.54
N GLU C 546 38.03 0.57 8.96
CA GLU C 546 37.35 -0.69 8.73
C GLU C 546 36.93 -1.30 10.05
N MET C 547 37.84 -1.27 11.02
CA MET C 547 37.54 -1.77 12.36
C MET C 547 36.43 -0.96 13.00
N LEU C 548 36.52 0.36 12.90
CA LEU C 548 35.53 1.22 13.51
C LEU C 548 34.16 0.98 12.91
N ASN C 549 34.11 0.84 11.59
CA ASN C 549 32.84 0.59 10.90
C ASN C 549 32.22 -0.69 11.42
N ARG C 550 33.04 -1.74 11.54
CA ARG C 550 32.55 -3.01 12.06
C ARG C 550 32.05 -2.87 13.50
N PHE C 551 32.82 -2.16 14.32
CA PHE C 551 32.42 -1.94 15.69
C PHE C 551 31.06 -1.25 15.76
N LEU C 552 30.89 -0.19 14.97
CA LEU C 552 29.64 0.55 14.98
C LEU C 552 28.48 -0.38 14.64
N ALA C 553 28.68 -1.27 13.69
CA ALA C 553 27.63 -2.21 13.33
C ALA C 553 27.21 -3.03 14.55
N LEU C 554 28.16 -3.37 15.42
CA LEU C 554 27.90 -4.18 16.60
C LEU C 554 27.43 -3.35 17.80
N TYR C 555 27.36 -2.04 17.64
CA TYR C 555 27.03 -1.15 18.74
C TYR C 555 25.69 -0.49 18.51
N ALA C 556 25.45 -0.11 17.27
CA ALA C 556 24.25 0.59 16.86
C ALA C 556 23.00 -0.23 17.11
N ASP C 557 21.87 0.46 17.23
CA ASP C 557 20.61 -0.19 17.53
C ASP C 557 20.00 -0.86 16.29
N MET C 558 18.84 -1.50 16.50
CA MET C 558 18.12 -2.20 15.44
C MET C 558 17.39 -1.28 14.48
N ASN C 559 17.11 -1.80 13.29
CA ASN C 559 16.40 -1.02 12.28
C ASN C 559 17.10 0.29 12.03
N GLN C 560 18.41 0.23 11.96
CA GLN C 560 19.22 1.39 11.70
C GLN C 560 20.45 0.98 10.93
N PHE C 561 20.71 1.62 9.81
CA PHE C 561 21.95 1.34 9.12
C PHE C 561 22.93 2.41 9.49
N ASN C 562 24.20 2.09 9.41
CA ASN C 562 25.21 3.03 9.82
C ASN C 562 26.29 3.14 8.77
N GLN C 563 26.74 4.36 8.54
CA GLN C 563 27.86 4.56 7.64
C GLN C 563 28.92 5.35 8.33
N LEU C 564 30.16 5.12 7.95
CA LEU C 564 31.27 5.82 8.56
C LEU C 564 31.98 6.71 7.56
N THR C 565 32.21 7.94 7.95
CA THR C 565 33.02 8.85 7.14
C THR C 565 34.23 9.33 7.93
N LEU C 566 35.41 9.13 7.35
CA LEU C 566 36.63 9.62 7.98
C LEU C 566 37.24 10.73 7.18
N ILE C 567 37.46 11.86 7.82
CA ILE C 567 38.03 13.02 7.14
C ILE C 567 39.49 13.18 7.50
N VAL C 568 40.32 13.34 6.47
CA VAL C 568 41.74 13.55 6.67
C VAL C 568 42.02 15.05 6.68
N GLN C 569 42.10 15.64 7.88
CA GLN C 569 42.07 17.09 8.03
C GLN C 569 43.13 17.87 7.23
N PRO C 570 44.40 17.39 7.14
CA PRO C 570 45.49 18.01 6.41
C PRO C 570 45.20 18.16 4.91
N GLU C 571 44.22 17.43 4.39
CA GLU C 571 43.92 17.48 2.97
C GLU C 571 42.46 17.85 2.66
N GLY C 572 41.54 17.42 3.53
CA GLY C 572 40.12 17.69 3.33
C GLY C 572 39.38 16.54 2.65
N LYS C 573 40.12 15.54 2.19
CA LYS C 573 39.52 14.39 1.55
C LYS C 573 38.95 13.45 2.60
N CYS C 574 38.14 12.49 2.17
CA CYS C 574 37.58 11.55 3.11
C CYS C 574 37.39 10.16 2.53
N ILE C 575 37.23 9.20 3.42
CA ILE C 575 36.94 7.82 3.05
C ILE C 575 35.58 7.44 3.59
N ARG C 576 34.71 6.93 2.72
CA ARG C 576 33.36 6.61 3.15
C ARG C 576 33.05 5.12 3.08
N TRP C 577 32.44 4.62 4.15
CA TRP C 577 31.98 3.24 4.22
C TRP C 577 30.47 3.17 4.15
N LYS C 578 29.96 2.76 3.00
CA LYS C 578 28.51 2.69 2.79
C LYS C 578 28.07 1.28 2.45
N GLU C 579 27.79 0.50 3.48
CA GLU C 579 27.44 -0.90 3.31
C GLU C 579 26.60 -1.40 4.46
N ASN C 580 25.90 -2.51 4.25
CA ASN C 580 25.06 -3.10 5.28
C ASN C 580 25.00 -4.61 5.14
N HIS C 581 25.57 -5.32 6.11
CA HIS C 581 25.69 -6.77 6.03
C HIS C 581 24.58 -7.48 6.77
N ASN C 582 23.66 -6.71 7.34
CA ASN C 582 22.60 -7.32 8.11
C ASN C 582 21.48 -7.82 7.21
N PRO C 583 20.93 -9.02 7.49
CA PRO C 583 19.73 -9.53 6.87
C PRO C 583 18.62 -8.53 7.11
N ARG C 584 17.85 -8.24 6.08
CA ARG C 584 16.83 -7.22 6.19
C ARG C 584 15.75 -7.31 5.14
N LEU C 585 14.65 -6.64 5.41
CA LEU C 585 13.53 -6.57 4.48
C LEU C 585 13.10 -7.95 4.02
N PRO C 586 12.81 -8.87 4.96
CA PRO C 586 12.40 -10.25 4.73
C PRO C 586 11.09 -10.34 3.97
N GLY C 587 10.31 -9.26 3.99
CA GLY C 587 9.03 -9.22 3.30
C GLY C 587 8.60 -7.77 3.06
N UNK D 1 50.64 -2.19 59.94
CA UNK D 1 49.97 -0.95 60.31
C UNK D 1 48.89 -1.22 61.34
N UNK D 2 48.90 -2.42 61.90
CA UNK D 2 47.91 -2.80 62.91
C UNK D 2 47.97 -1.85 64.08
N UNK D 3 49.17 -1.41 64.43
CA UNK D 3 49.35 -0.47 65.52
C UNK D 3 48.64 0.84 65.22
N UNK D 4 48.69 1.25 63.94
CA UNK D 4 48.06 2.48 63.53
C UNK D 4 46.56 2.37 63.61
N UNK D 5 46.03 1.23 63.14
CA UNK D 5 44.60 1.00 63.17
C UNK D 5 44.10 0.98 64.61
N UNK D 6 44.88 0.33 65.49
CA UNK D 6 44.52 0.24 66.91
C UNK D 6 44.57 1.62 67.55
N UNK D 7 45.61 2.39 67.24
CA UNK D 7 45.74 3.72 67.79
C UNK D 7 44.58 4.58 67.32
N UNK D 8 44.23 4.44 66.05
CA UNK D 8 43.13 5.20 65.48
C UNK D 8 41.83 4.83 66.15
N UNK D 9 41.62 3.55 66.41
CA UNK D 9 40.40 3.09 67.06
C UNK D 9 40.29 3.67 68.45
N UNK D 10 41.39 3.62 69.20
CA UNK D 10 41.39 4.13 70.56
C UNK D 10 41.22 5.63 70.58
N UNK D 11 41.97 6.32 69.73
CA UNK D 11 41.93 7.77 69.68
C UNK D 11 40.57 8.27 69.26
N UNK D 12 40.01 7.64 68.22
CA UNK D 12 38.71 8.02 67.74
C UNK D 12 37.65 7.76 68.79
N UNK D 13 37.76 6.63 69.48
CA UNK D 13 36.80 6.30 70.52
C UNK D 13 36.84 7.34 71.61
N UNK D 14 38.04 7.76 72.00
CA UNK D 14 38.18 8.75 73.05
C UNK D 14 37.60 10.10 72.61
N UNK D 15 37.94 10.51 71.39
CA UNK D 15 37.47 11.79 70.88
C UNK D 15 35.96 11.81 70.73
N UNK D 16 35.41 10.71 70.23
CA UNK D 16 33.99 10.62 69.97
C UNK D 16 33.21 10.42 71.26
N UNK D 17 33.74 9.59 72.15
CA UNK D 17 33.08 9.36 73.43
C UNK D 17 33.00 10.65 74.21
N UNK D 18 34.06 11.46 74.11
CA UNK D 18 34.09 12.76 74.76
C UNK D 18 33.06 13.69 74.14
N UNK D 19 33.03 13.72 72.80
CA UNK D 19 32.09 14.59 72.08
C UNK D 19 30.65 14.23 72.44
N UNK D 20 30.40 12.94 72.63
CA UNK D 20 29.07 12.45 72.97
C UNK D 20 28.75 12.60 74.46
N UNK D 21 29.69 13.13 75.22
CA UNK D 21 29.52 13.29 76.67
C UNK D 21 29.12 11.96 77.30
N UNK E 1 23.82 8.12 68.80
CA UNK E 1 23.84 7.22 67.66
C UNK E 1 22.96 6.02 67.91
N UNK E 2 21.99 5.81 67.03
CA UNK E 2 21.08 4.67 67.17
C UNK E 2 21.89 3.38 67.19
N UNK E 3 22.97 3.35 66.42
CA UNK E 3 23.82 2.17 66.35
C UNK E 3 24.42 1.85 67.70
N UNK E 4 24.75 2.88 68.48
CA UNK E 4 25.36 2.67 69.79
C UNK E 4 24.29 2.22 70.77
N UNK E 5 23.11 2.80 70.64
CA UNK E 5 22.01 2.43 71.50
C UNK E 5 21.67 0.96 71.28
N UNK E 6 21.70 0.53 70.02
CA UNK E 6 21.43 -0.86 69.68
C UNK E 6 22.49 -1.77 70.27
N UNK E 7 23.76 -1.37 70.14
CA UNK E 7 24.85 -2.16 70.68
C UNK E 7 24.72 -2.28 72.19
N UNK E 8 24.34 -1.18 72.83
CA UNK E 8 24.16 -1.16 74.28
C UNK E 8 23.04 -2.09 74.69
N UNK E 9 21.93 -2.05 73.96
CA UNK E 9 20.80 -2.90 74.28
C UNK E 9 21.19 -4.37 74.17
N UNK E 10 21.95 -4.70 73.13
CA UNK E 10 22.39 -6.06 72.92
C UNK E 10 23.32 -6.51 74.04
N UNK E 11 24.29 -5.65 74.36
CA UNK E 11 25.24 -5.97 75.41
C UNK E 11 24.55 -6.07 76.77
N UNK E 12 23.58 -5.19 77.00
CA UNK E 12 22.85 -5.18 78.26
C UNK E 12 22.07 -6.48 78.44
N UNK E 13 21.42 -6.93 77.36
CA UNK E 13 20.67 -8.17 77.42
C UNK E 13 21.61 -9.33 77.70
N UNK E 14 22.77 -9.33 77.06
CA UNK E 14 23.77 -10.36 77.26
C UNK E 14 24.25 -10.38 78.69
N UNK E 15 24.49 -9.20 79.25
CA UNK E 15 24.95 -9.08 80.62
C UNK E 15 23.93 -9.66 81.58
N UNK E 16 22.66 -9.39 81.34
CA UNK E 16 21.60 -9.90 82.17
C UNK E 16 21.54 -11.42 82.09
N UNK E 17 21.67 -11.95 80.87
CA UNK E 17 21.64 -13.39 80.65
C UNK E 17 22.80 -14.09 81.35
N UNK E 18 23.98 -13.48 81.30
CA UNK E 18 25.17 -14.03 81.90
C UNK E 18 24.92 -14.40 83.35
N LYS F 2 -23.47 -40.02 -1.56
CA LYS F 2 -22.83 -38.96 -2.34
C LYS F 2 -22.30 -37.86 -1.45
N ILE F 3 -23.19 -37.19 -0.73
CA ILE F 3 -22.77 -36.10 0.15
C ILE F 3 -22.89 -36.50 1.60
N TYR F 4 -21.80 -36.40 2.32
CA TYR F 4 -21.78 -36.83 3.70
C TYR F 4 -21.62 -35.65 4.65
N ARG F 5 -22.73 -35.04 5.01
CA ARG F 5 -22.66 -33.88 5.89
C ARG F 5 -21.91 -34.25 7.16
N PRO F 6 -20.88 -33.50 7.53
CA PRO F 6 -20.01 -33.75 8.66
C PRO F 6 -20.74 -33.49 9.95
N LEU F 7 -20.41 -34.26 10.96
CA LEU F 7 -20.93 -34.02 12.29
C LEU F 7 -19.85 -33.39 13.16
N TRP F 8 -20.07 -32.15 13.55
CA TRP F 8 -19.07 -31.45 14.34
C TRP F 8 -19.24 -31.79 15.81
N GLU F 9 -18.20 -32.37 16.41
CA GLU F 9 -18.25 -32.83 17.79
C GLU F 9 -17.11 -32.28 18.62
N ASP F 10 -17.28 -32.31 19.94
CA ASP F 10 -16.27 -31.85 20.88
C ASP F 10 -14.89 -32.41 20.62
N GLY F 11 -14.79 -33.71 20.38
CA GLY F 11 -13.49 -34.35 20.24
C GLY F 11 -13.10 -34.59 18.79
N ALA F 12 -13.82 -33.99 17.85
CA ALA F 12 -13.57 -34.25 16.44
C ALA F 12 -12.28 -33.60 15.95
N PHE F 13 -11.60 -34.28 15.04
CA PHE F 13 -10.44 -33.72 14.36
C PHE F 13 -10.88 -32.97 13.15
N LEU F 14 -10.07 -32.04 12.68
CA LEU F 14 -10.43 -31.26 11.50
C LEU F 14 -9.79 -31.84 10.27
N MET F 15 -10.59 -32.45 9.42
CA MET F 15 -10.11 -33.18 8.26
C MET F 15 -10.66 -32.57 6.98
N PRO F 16 -9.87 -32.50 5.89
CA PRO F 16 -10.20 -31.92 4.59
C PRO F 16 -11.56 -32.37 4.09
N GLN F 17 -11.90 -33.62 4.35
CA GLN F 17 -13.13 -34.21 3.86
C GLN F 17 -14.35 -33.48 4.41
N GLN F 18 -14.26 -33.00 5.64
CA GLN F 18 -15.39 -32.37 6.28
C GLN F 18 -15.77 -31.09 5.56
N PHE F 19 -14.76 -30.35 5.15
CA PHE F 19 -14.97 -29.07 4.52
C PHE F 19 -15.46 -29.25 3.10
N GLN F 20 -14.91 -30.23 2.40
CA GLN F 20 -15.31 -30.49 1.03
C GLN F 20 -16.77 -30.92 0.97
N GLN F 21 -17.19 -31.76 1.94
CA GLN F 21 -18.55 -32.25 1.96
C GLN F 21 -19.54 -31.18 2.38
N GLN F 22 -19.14 -30.32 3.32
CA GLN F 22 -20.02 -29.24 3.75
C GLN F 22 -20.30 -28.30 2.60
N ALA F 23 -19.26 -27.95 1.85
CA ALA F 23 -19.44 -27.06 0.72
C ALA F 23 -20.37 -27.68 -0.31
N ALA F 24 -20.19 -28.97 -0.56
CA ALA F 24 -21.02 -29.65 -1.55
C ALA F 24 -22.48 -29.60 -1.16
N TRP F 25 -22.77 -29.82 0.12
CA TRP F 25 -24.14 -29.77 0.58
C TRP F 25 -24.76 -28.40 0.37
N ASP F 26 -24.04 -27.36 0.76
CA ASP F 26 -24.58 -26.02 0.65
C ASP F 26 -24.90 -25.65 -0.79
N VAL F 27 -24.05 -26.07 -1.72
CA VAL F 27 -24.34 -25.84 -3.14
C VAL F 27 -25.60 -26.59 -3.55
N HIS F 28 -25.68 -27.86 -3.13
CA HIS F 28 -26.85 -28.68 -3.41
C HIS F 28 -28.13 -28.02 -2.92
N LEU F 29 -28.10 -27.55 -1.67
CA LEU F 29 -29.26 -26.93 -1.07
C LEU F 29 -29.70 -25.70 -1.86
N ALA F 30 -28.74 -24.85 -2.23
CA ALA F 30 -29.06 -23.66 -3.00
C ALA F 30 -29.70 -24.03 -4.33
N ASP F 31 -29.20 -25.08 -4.96
CA ASP F 31 -29.75 -25.54 -6.22
C ASP F 31 -31.18 -26.03 -6.03
N SER F 32 -31.41 -26.78 -4.95
CA SER F 32 -32.72 -27.29 -4.65
C SER F 32 -33.75 -26.18 -4.54
N VAL F 33 -33.38 -25.09 -3.87
CA VAL F 33 -34.27 -23.96 -3.75
C VAL F 33 -34.61 -23.34 -5.09
N ALA F 34 -33.60 -23.10 -5.93
CA ALA F 34 -33.88 -22.49 -7.22
C ALA F 34 -34.86 -23.32 -8.01
N ARG F 35 -34.66 -24.62 -7.96
CA ARG F 35 -35.43 -25.60 -8.71
C ARG F 35 -36.91 -25.62 -8.35
N MET F 36 -37.29 -25.00 -7.22
CA MET F 36 -38.69 -24.98 -6.82
C MET F 36 -39.55 -24.17 -7.79
N GLY F 37 -38.96 -23.14 -8.40
CA GLY F 37 -39.73 -22.28 -9.29
C GLY F 37 -39.28 -22.39 -10.75
N LEU F 38 -38.05 -22.86 -10.96
CA LEU F 38 -37.48 -22.89 -12.30
C LEU F 38 -37.18 -24.30 -12.77
N ALA F 39 -37.71 -24.65 -13.94
CA ALA F 39 -37.46 -25.97 -14.49
C ALA F 39 -35.98 -26.14 -14.83
N HIS F 40 -35.37 -25.09 -15.36
CA HIS F 40 -33.98 -25.12 -15.77
C HIS F 40 -33.14 -23.98 -15.19
N PRO F 41 -32.78 -24.03 -13.92
CA PRO F 41 -32.02 -23.03 -13.20
C PRO F 41 -30.55 -23.10 -13.54
N TRP F 42 -30.22 -22.87 -14.81
CA TRP F 42 -28.84 -22.88 -15.31
C TRP F 42 -28.77 -22.17 -16.66
N GLY F 43 -27.56 -21.86 -17.12
CA GLY F 43 -27.41 -21.17 -18.40
C GLY F 43 -26.45 -19.97 -18.32
N VAL F 44 -26.43 -19.18 -19.38
CA VAL F 44 -25.51 -18.05 -19.51
C VAL F 44 -26.09 -16.74 -18.95
N VAL F 45 -25.24 -16.01 -18.23
CA VAL F 45 -25.58 -14.68 -17.73
C VAL F 45 -24.76 -13.65 -18.50
N ALA F 46 -23.52 -14.00 -18.78
CA ALA F 46 -22.64 -13.12 -19.55
C ALA F 46 -21.73 -13.95 -20.43
N ALA F 47 -21.48 -13.47 -21.65
CA ALA F 47 -20.61 -14.16 -22.58
C ALA F 47 -19.97 -13.16 -23.52
N GLU F 48 -19.16 -12.28 -22.96
CA GLU F 48 -18.54 -11.22 -23.74
C GLU F 48 -17.17 -11.64 -24.22
N PHE F 49 -16.90 -11.37 -25.50
CA PHE F 49 -15.61 -11.66 -26.12
C PHE F 49 -15.06 -10.43 -26.80
N ASP F 50 -13.74 -10.37 -26.96
CA ASP F 50 -13.13 -9.24 -27.65
C ASP F 50 -13.14 -9.46 -29.16
N ASP F 51 -14.08 -8.81 -29.83
CA ASP F 51 -14.29 -9.02 -31.26
C ASP F 51 -13.11 -8.58 -32.10
N SER F 52 -12.28 -7.69 -31.55
CA SER F 52 -11.21 -7.07 -32.34
C SER F 52 -10.12 -8.06 -32.72
N LEU F 53 -10.08 -9.21 -32.05
CA LEU F 53 -9.05 -10.19 -32.36
C LEU F 53 -9.54 -11.32 -33.25
N LEU F 54 -10.81 -11.29 -33.63
CA LEU F 54 -11.32 -12.33 -34.51
C LEU F 54 -10.64 -12.31 -35.89
N PRO F 55 -10.31 -11.13 -36.46
CA PRO F 55 -9.58 -10.94 -37.69
C PRO F 55 -8.18 -11.54 -37.60
N LEU F 56 -7.72 -11.85 -36.38
CA LEU F 56 -6.40 -12.43 -36.21
C LEU F 56 -6.54 -13.83 -35.62
N SER F 57 -7.62 -14.51 -35.99
CA SER F 57 -7.87 -15.90 -35.64
C SER F 57 -7.71 -16.20 -34.16
N ARG F 58 -8.15 -15.29 -33.29
CA ARG F 58 -8.06 -15.55 -31.85
C ARG F 58 -9.33 -15.19 -31.12
N LEU F 59 -9.82 -16.12 -30.32
CA LEU F 59 -11.01 -15.88 -29.53
C LEU F 59 -10.67 -15.70 -28.05
N ASN F 60 -10.66 -14.45 -27.62
CA ASN F 60 -10.30 -14.10 -26.25
C ASN F 60 -11.50 -13.63 -25.45
N ALA F 61 -11.98 -14.45 -24.54
CA ALA F 61 -13.12 -14.09 -23.70
C ALA F 61 -12.74 -12.92 -22.81
N THR F 62 -13.71 -12.06 -22.52
CA THR F 62 -13.43 -10.95 -21.63
C THR F 62 -14.21 -11.05 -20.33
N ARG F 63 -15.40 -11.62 -20.39
CA ARG F 63 -16.22 -11.75 -19.20
C ARG F 63 -17.23 -12.89 -19.34
N LEU F 64 -17.05 -13.93 -18.54
CA LEU F 64 -17.93 -15.09 -18.63
C LEU F 64 -18.60 -15.38 -17.31
N ILE F 65 -19.92 -15.47 -17.35
CA ILE F 65 -20.69 -15.86 -16.18
C ILE F 65 -21.66 -16.96 -16.58
N VAL F 66 -21.37 -18.18 -16.15
CA VAL F 66 -22.15 -19.32 -16.59
C VAL F 66 -22.51 -20.23 -15.43
N ARG F 67 -23.79 -20.56 -15.33
CA ARG F 67 -24.23 -21.53 -14.35
C ARG F 67 -24.39 -22.88 -15.02
N PHE F 68 -23.62 -23.86 -14.55
CA PHE F 68 -23.60 -25.17 -15.16
C PHE F 68 -24.73 -26.06 -14.65
N PRO F 69 -25.13 -27.08 -15.42
CA PRO F 69 -26.16 -28.08 -15.15
C PRO F 69 -26.06 -28.73 -13.77
N ASP F 70 -24.89 -28.73 -13.14
CA ASP F 70 -24.77 -29.37 -11.85
C ASP F 70 -24.55 -28.36 -10.73
N GLY F 71 -25.15 -27.19 -10.87
CA GLY F 71 -25.20 -26.22 -9.78
C GLY F 71 -23.92 -25.41 -9.62
N THR F 72 -22.93 -25.68 -10.46
CA THR F 72 -21.66 -24.99 -10.36
C THR F 72 -21.73 -23.62 -11.01
N LEU F 73 -21.36 -22.59 -10.27
CA LEU F 73 -21.36 -21.25 -10.80
C LEU F 73 -19.96 -20.78 -11.15
N ILE F 74 -19.76 -20.44 -12.41
CA ILE F 74 -18.50 -19.93 -12.90
C ILE F 74 -18.62 -18.44 -13.14
N ASP F 75 -17.74 -17.67 -12.53
CA ASP F 75 -17.80 -16.22 -12.66
C ASP F 75 -16.41 -15.61 -12.70
N THR F 76 -15.99 -15.20 -13.90
CA THR F 76 -14.63 -14.68 -14.10
C THR F 76 -14.55 -13.21 -13.72
N GLU F 77 -15.67 -12.66 -13.31
CA GLU F 77 -15.73 -11.28 -12.87
C GLU F 77 -15.52 -11.20 -11.38
N ARG F 78 -15.97 -12.22 -10.66
CA ARG F 78 -15.90 -12.21 -9.20
C ARG F 78 -15.00 -13.26 -8.57
N ALA F 79 -14.92 -14.46 -9.15
CA ALA F 79 -14.20 -15.52 -8.42
C ALA F 79 -13.61 -16.62 -9.30
N ASP F 80 -13.07 -16.27 -10.45
CA ASP F 80 -12.46 -17.30 -11.30
C ASP F 80 -11.53 -16.68 -12.34
N ASN F 81 -10.89 -17.52 -13.14
CA ASN F 81 -10.01 -17.04 -14.20
C ASN F 81 -10.62 -17.20 -15.58
N LEU F 82 -10.19 -16.38 -16.53
CA LEU F 82 -10.59 -16.53 -17.91
C LEU F 82 -9.89 -17.74 -18.52
N PRO F 83 -10.53 -18.46 -19.44
CA PRO F 83 -10.00 -19.59 -20.16
C PRO F 83 -8.90 -19.14 -21.11
N PRO F 84 -7.96 -20.02 -21.48
CA PRO F 84 -6.91 -19.83 -22.46
C PRO F 84 -7.47 -19.40 -23.79
N VAL F 85 -6.66 -18.68 -24.57
CA VAL F 85 -7.10 -18.17 -25.85
C VAL F 85 -7.30 -19.29 -26.86
N CYS F 86 -8.49 -19.33 -27.46
CA CYS F 86 -8.81 -20.37 -28.42
C CYS F 86 -8.30 -20.03 -29.81
N ASP F 87 -7.54 -20.95 -30.39
CA ASP F 87 -6.92 -20.77 -31.69
C ASP F 87 -7.88 -21.16 -32.81
N LEU F 88 -8.27 -20.19 -33.63
CA LEU F 88 -9.24 -20.46 -34.69
C LEU F 88 -8.55 -20.92 -35.97
N SER F 89 -7.23 -20.99 -35.94
CA SER F 89 -6.44 -21.43 -37.09
C SER F 89 -6.76 -22.86 -37.49
N THR F 90 -7.09 -23.69 -36.51
CA THR F 90 -7.28 -25.12 -36.73
C THR F 90 -8.61 -25.47 -37.40
N VAL F 91 -9.45 -24.48 -37.67
CA VAL F 91 -10.71 -24.72 -38.37
C VAL F 91 -10.76 -23.96 -39.69
N SER F 92 -9.63 -23.96 -40.39
CA SER F 92 -9.50 -23.26 -41.66
C SER F 92 -10.42 -23.83 -42.75
N ASP F 93 -10.89 -25.06 -42.56
CA ASP F 93 -11.76 -25.70 -43.55
C ASP F 93 -13.24 -25.57 -43.21
N ARG F 94 -13.58 -24.75 -42.22
CA ARG F 94 -14.97 -24.58 -41.84
C ARG F 94 -15.44 -23.15 -42.06
N SER F 95 -16.74 -22.98 -42.31
CA SER F 95 -17.30 -21.65 -42.50
C SER F 95 -18.20 -21.24 -41.35
N LEU F 96 -18.40 -22.16 -40.42
CA LEU F 96 -19.22 -21.92 -39.25
C LEU F 96 -18.80 -22.85 -38.15
N VAL F 97 -18.46 -22.29 -37.00
CA VAL F 97 -18.09 -23.11 -35.86
C VAL F 97 -18.78 -22.66 -34.59
N ASP F 98 -19.23 -23.62 -33.80
CA ASP F 98 -19.84 -23.32 -32.51
C ASP F 98 -18.82 -23.47 -31.39
N ILE F 99 -18.83 -22.51 -30.46
CA ILE F 99 -17.91 -22.53 -29.34
C ILE F 99 -18.64 -22.81 -28.05
N VAL F 100 -18.15 -23.78 -27.29
CA VAL F 100 -18.73 -24.12 -26.01
C VAL F 100 -17.73 -23.96 -24.88
N LEU F 101 -18.22 -23.56 -23.72
CA LEU F 101 -17.38 -23.48 -22.55
C LEU F 101 -17.40 -24.80 -21.85
N ALA F 102 -16.23 -25.38 -21.65
CA ALA F 102 -16.17 -26.70 -21.07
C ALA F 102 -15.63 -26.68 -19.66
N LEU F 103 -16.22 -27.54 -18.83
CA LEU F 103 -15.80 -27.75 -17.46
C LEU F 103 -15.72 -29.26 -17.19
N PRO F 104 -14.54 -29.81 -16.92
CA PRO F 104 -14.28 -31.22 -16.71
C PRO F 104 -15.19 -31.80 -15.63
N LEU F 105 -15.62 -33.04 -15.83
CA LEU F 105 -16.48 -33.72 -14.88
C LEU F 105 -15.76 -34.01 -13.58
N LEU F 106 -16.48 -33.90 -12.46
CA LEU F 106 -15.91 -34.24 -11.16
C LEU F 106 -15.74 -35.75 -11.04
N ASN F 107 -14.61 -36.18 -10.53
CA ASN F 107 -14.34 -37.60 -10.32
C ASN F 107 -14.73 -38.02 -8.92
N ALA F 108 -15.73 -38.88 -8.82
CA ALA F 108 -16.23 -39.35 -7.54
C ALA F 108 -15.16 -40.10 -6.75
N ASN F 109 -14.15 -40.60 -7.45
CA ASN F 109 -13.10 -41.39 -6.82
C ASN F 109 -11.88 -40.55 -6.47
N GLY F 110 -12.00 -39.23 -6.57
CA GLY F 110 -10.91 -38.34 -6.23
C GLY F 110 -9.97 -38.11 -7.41
N GLY F 111 -8.82 -37.50 -7.15
CA GLY F 111 -7.89 -37.13 -8.19
C GLY F 111 -8.39 -35.94 -9.00
N ASN F 112 -9.15 -35.06 -8.36
CA ASN F 112 -9.71 -33.92 -9.06
C ASN F 112 -8.75 -32.75 -9.21
N LEU F 113 -7.79 -32.64 -8.29
CA LEU F 113 -6.85 -31.54 -8.32
C LEU F 113 -5.70 -31.81 -9.29
N ASP F 114 -5.41 -30.82 -10.13
CA ASP F 114 -4.34 -30.93 -11.11
C ASP F 114 -2.97 -30.68 -10.51
N ASN F 115 -2.19 -31.75 -10.33
CA ASN F 115 -0.87 -31.64 -9.75
C ASN F 115 0.22 -31.63 -10.82
N GLY F 116 -0.18 -31.46 -12.08
CA GLY F 116 0.75 -31.40 -13.20
C GLY F 116 1.16 -32.77 -13.75
N SER F 117 0.63 -33.84 -13.17
CA SER F 117 0.97 -35.18 -13.61
C SER F 117 0.19 -35.56 -14.87
N GLU F 118 0.62 -36.63 -15.53
CA GLU F 118 -0.07 -37.16 -16.70
C GLU F 118 -1.40 -37.80 -16.33
N SER F 119 -2.42 -37.57 -17.16
CA SER F 119 -3.73 -38.14 -16.92
C SER F 119 -4.53 -38.32 -18.20
N GLU F 120 -5.22 -39.46 -18.31
CA GLU F 120 -6.04 -39.76 -19.48
C GLU F 120 -7.34 -38.96 -19.50
N ARG F 121 -7.68 -38.37 -18.37
CA ARG F 121 -8.88 -37.56 -18.25
C ARG F 121 -8.49 -36.21 -17.67
N PRO F 122 -9.20 -35.14 -18.02
CA PRO F 122 -8.97 -33.78 -17.57
C PRO F 122 -9.23 -33.63 -16.09
N ARG F 123 -8.43 -32.78 -15.45
CA ARG F 123 -8.63 -32.42 -14.06
C ARG F 123 -9.59 -31.26 -13.97
N ARG F 124 -10.29 -31.12 -12.85
CA ARG F 124 -11.27 -30.05 -12.73
C ARG F 124 -10.76 -28.86 -11.93
N TRP F 125 -9.90 -29.11 -10.95
CA TRP F 125 -9.47 -28.06 -10.05
C TRP F 125 -8.02 -27.60 -10.28
N LYS F 126 -7.81 -26.30 -10.18
CA LYS F 126 -6.47 -25.71 -10.22
C LYS F 126 -6.13 -25.07 -8.88
N SER F 127 -4.87 -25.13 -8.49
CA SER F 127 -4.40 -24.50 -7.25
C SER F 127 -3.55 -23.28 -7.50
N GLU F 128 -4.06 -22.11 -7.12
CA GLU F 128 -3.34 -20.85 -7.31
C GLU F 128 -3.01 -20.22 -5.96
N ARG F 129 -1.80 -19.67 -5.84
CA ARG F 129 -1.40 -19.01 -4.61
C ARG F 129 -1.70 -17.52 -4.69
N VAL F 130 -2.52 -17.04 -3.77
CA VAL F 130 -2.94 -15.64 -3.78
C VAL F 130 -2.79 -15.02 -2.40
N ASN F 131 -2.23 -13.82 -2.35
CA ASN F 131 -2.13 -13.11 -1.09
C ASN F 131 -3.46 -12.45 -0.77
N VAL F 132 -4.19 -13.02 0.18
CA VAL F 132 -5.56 -12.58 0.46
C VAL F 132 -5.69 -11.80 1.75
N GLN F 133 -6.37 -10.67 1.66
CA GLN F 133 -6.59 -9.76 2.77
C GLN F 133 -7.59 -10.32 3.78
N GLU F 134 -7.24 -10.27 5.08
CA GLU F 134 -8.20 -10.59 6.13
C GLU F 134 -9.12 -9.40 6.32
N LEU F 135 -10.42 -9.65 6.39
CA LEU F 135 -11.36 -8.54 6.49
C LEU F 135 -11.43 -7.91 7.88
N ALA F 136 -11.29 -8.74 8.91
CA ALA F 136 -11.46 -8.23 10.27
C ALA F 136 -10.35 -7.25 10.65
N GLY F 137 -9.10 -7.65 10.42
CA GLY F 137 -7.93 -6.86 10.79
C GLY F 137 -7.29 -6.20 9.59
N HIS F 138 -5.96 -6.05 9.63
CA HIS F 138 -5.24 -5.38 8.55
C HIS F 138 -4.27 -6.29 7.82
N GLU F 139 -3.93 -7.42 8.41
CA GLU F 139 -2.90 -8.30 7.85
C GLU F 139 -3.40 -9.11 6.67
N GLN F 140 -2.46 -9.60 5.86
CA GLN F 140 -2.79 -10.42 4.70
C GLN F 140 -1.79 -11.56 4.57
N SER F 141 -2.20 -12.65 3.93
CA SER F 141 -1.32 -13.82 3.79
C SER F 141 -1.73 -14.73 2.64
N GLU F 142 -0.76 -15.43 2.06
CA GLU F 142 -1.03 -16.35 0.96
C GLU F 142 -1.89 -17.53 1.34
N VAL F 143 -2.87 -17.83 0.51
CA VAL F 143 -3.73 -18.98 0.68
C VAL F 143 -3.80 -19.78 -0.62
N ALA F 144 -4.30 -21.01 -0.53
CA ALA F 144 -4.53 -21.80 -1.73
C ALA F 144 -5.94 -21.55 -2.25
N VAL F 145 -6.03 -20.90 -3.40
CA VAL F 145 -7.30 -20.53 -3.98
C VAL F 145 -7.72 -21.51 -5.05
N LEU F 146 -8.96 -21.93 -4.98
CA LEU F 146 -9.50 -22.86 -5.95
C LEU F 146 -9.97 -22.15 -7.20
N ARG F 147 -9.39 -22.53 -8.33
CA ARG F 147 -9.78 -22.00 -9.63
C ARG F 147 -10.25 -23.15 -10.49
N HIS F 148 -11.13 -22.87 -11.45
CA HIS F 148 -11.62 -23.97 -12.28
C HIS F 148 -10.84 -24.13 -13.56
N ASN F 149 -10.71 -25.38 -14.01
CA ASN F 149 -10.03 -25.68 -15.25
C ASN F 149 -10.93 -25.42 -16.44
N LEU F 150 -11.19 -24.15 -16.70
CA LEU F 150 -12.06 -23.77 -17.80
C LEU F 150 -11.31 -23.78 -19.10
N THR F 151 -11.99 -24.13 -20.16
CA THR F 151 -11.40 -24.07 -21.48
C THR F 151 -12.47 -23.95 -22.54
N LEU F 152 -12.12 -23.37 -23.67
CA LEU F 152 -13.05 -23.32 -24.78
C LEU F 152 -12.76 -24.44 -25.75
N ARG F 153 -13.81 -25.15 -26.13
CA ARG F 153 -13.70 -26.27 -27.03
C ARG F 153 -14.64 -26.09 -28.18
N MET F 154 -14.39 -26.80 -29.27
CA MET F 154 -15.26 -26.68 -30.41
C MET F 154 -16.39 -27.68 -30.26
N ALA F 155 -17.58 -27.30 -30.67
CA ALA F 155 -18.74 -28.17 -30.54
C ALA F 155 -18.54 -29.50 -31.26
N HIS F 156 -17.83 -29.50 -32.39
CA HIS F 156 -17.65 -30.71 -33.17
C HIS F 156 -16.61 -31.67 -32.60
N GLN F 157 -15.96 -31.29 -31.51
CA GLN F 157 -15.00 -32.16 -30.87
C GLN F 157 -15.69 -33.09 -29.89
N GLU F 158 -15.10 -34.24 -29.62
CA GLU F 158 -15.63 -35.09 -28.57
C GLU F 158 -15.57 -34.35 -27.24
N ASN F 159 -16.68 -34.33 -26.51
CA ASN F 159 -16.72 -33.64 -25.24
C ASN F 159 -17.23 -34.55 -24.12
N ALA F 160 -16.94 -35.83 -24.24
CA ALA F 160 -17.46 -36.81 -23.30
C ALA F 160 -17.04 -36.54 -21.85
N ALA F 161 -15.83 -36.03 -21.66
CA ALA F 161 -15.30 -35.83 -20.31
C ALA F 161 -15.65 -34.47 -19.72
N TRP F 162 -16.43 -33.66 -20.43
CA TRP F 162 -16.72 -32.30 -19.97
C TRP F 162 -18.20 -31.98 -19.91
N LEU F 163 -18.56 -31.09 -18.99
CA LEU F 163 -19.85 -30.44 -19.06
C LEU F 163 -19.71 -29.31 -20.04
N THR F 164 -20.72 -29.06 -20.85
CA THR F 164 -20.60 -27.98 -21.80
C THR F 164 -21.79 -27.04 -21.80
N CYS F 165 -21.52 -25.79 -22.16
CA CYS F 165 -22.54 -24.79 -22.38
C CYS F 165 -22.10 -23.80 -23.45
N PRO F 166 -22.85 -23.67 -24.56
CA PRO F 166 -22.60 -22.77 -25.66
C PRO F 166 -22.42 -21.35 -25.19
N VAL F 167 -21.46 -20.65 -25.79
CA VAL F 167 -21.22 -19.26 -25.44
C VAL F 167 -21.22 -18.34 -26.66
N THR F 168 -20.81 -18.86 -27.81
CA THR F 168 -20.77 -18.03 -29.01
C THR F 168 -20.67 -18.87 -30.27
N ARG F 169 -21.05 -18.28 -31.38
CA ARG F 169 -20.90 -18.91 -32.69
C ARG F 169 -20.13 -17.99 -33.62
N LEU F 170 -19.19 -18.56 -34.36
CA LEU F 170 -18.40 -17.77 -35.30
C LEU F 170 -18.70 -18.16 -36.72
N VAL F 171 -18.74 -17.18 -37.59
CA VAL F 171 -18.99 -17.40 -39.02
C VAL F 171 -17.99 -16.66 -39.87
N ARG F 172 -17.90 -17.03 -41.14
CA ARG F 172 -17.04 -16.29 -42.05
C ARG F 172 -17.66 -14.99 -42.51
N ASP F 173 -16.83 -13.95 -42.56
CA ASP F 173 -17.21 -12.65 -43.08
C ASP F 173 -17.00 -12.61 -44.59
N ALA F 174 -17.31 -11.48 -45.20
CA ALA F 174 -17.15 -11.33 -46.64
C ALA F 174 -15.72 -11.58 -47.11
N GLN F 175 -14.75 -11.20 -46.28
CA GLN F 175 -13.34 -11.33 -46.63
C GLN F 175 -12.77 -12.71 -46.32
N GLY F 176 -13.59 -13.59 -45.76
CA GLY F 176 -13.12 -14.91 -45.37
C GLY F 176 -12.62 -14.95 -43.92
N GLN F 177 -12.52 -13.79 -43.30
CA GLN F 177 -12.08 -13.69 -41.92
C GLN F 177 -13.20 -14.13 -41.00
N TRP F 178 -12.86 -14.55 -39.79
CA TRP F 178 -13.88 -14.92 -38.83
C TRP F 178 -14.54 -13.70 -38.21
N CYS F 179 -15.82 -13.81 -37.92
CA CYS F 179 -16.53 -12.80 -37.16
C CYS F 179 -17.61 -13.45 -36.31
N ARG F 180 -18.14 -12.72 -35.35
CA ARG F 180 -19.15 -13.29 -34.47
C ARG F 180 -20.53 -13.26 -35.09
N ASP F 181 -21.25 -14.37 -34.99
CA ASP F 181 -22.59 -14.49 -35.55
C ASP F 181 -23.55 -13.56 -34.80
N PRO F 182 -24.17 -12.59 -35.50
CA PRO F 182 -25.04 -11.56 -34.96
C PRO F 182 -26.36 -12.11 -34.46
N ARG F 183 -26.66 -13.36 -34.80
CA ARG F 183 -27.93 -13.96 -34.39
C ARG F 183 -27.74 -15.32 -33.75
N PHE F 184 -27.12 -15.33 -32.58
CA PHE F 184 -26.87 -16.55 -31.83
C PHE F 184 -27.34 -16.39 -30.39
N ILE F 185 -28.05 -17.39 -29.90
CA ILE F 185 -28.51 -17.35 -28.53
C ILE F 185 -28.14 -18.64 -27.77
N PRO F 186 -27.31 -18.56 -26.73
CA PRO F 186 -26.92 -19.66 -25.87
C PRO F 186 -28.07 -19.90 -24.91
N PRO F 187 -28.08 -21.02 -24.18
CA PRO F 187 -29.01 -21.26 -23.11
C PRO F 187 -28.92 -20.07 -22.19
N LEU F 188 -30.03 -19.39 -21.96
CA LEU F 188 -29.98 -18.15 -21.18
C LEU F 188 -30.43 -18.36 -19.77
N LEU F 189 -29.79 -17.68 -18.85
CA LEU F 189 -30.25 -17.63 -17.48
C LEU F 189 -30.89 -16.27 -17.22
N THR F 190 -30.37 -15.24 -17.90
CA THR F 190 -30.95 -13.91 -17.83
C THR F 190 -31.12 -13.33 -19.24
N LEU F 191 -32.11 -12.47 -19.44
CA LEU F 191 -32.36 -11.90 -20.76
C LEU F 191 -31.20 -11.02 -21.23
N SER F 192 -30.62 -10.28 -20.30
CA SER F 192 -29.53 -9.37 -20.60
C SER F 192 -28.30 -10.07 -21.19
N ALA F 193 -28.26 -11.40 -21.10
CA ALA F 193 -27.13 -12.16 -21.62
C ALA F 193 -27.08 -12.14 -23.14
N SER F 194 -28.19 -11.76 -23.79
CA SER F 194 -28.23 -11.73 -25.24
C SER F 194 -28.81 -10.43 -25.80
N PRO F 195 -27.95 -9.46 -26.15
CA PRO F 195 -28.28 -8.17 -26.75
C PRO F 195 -29.10 -8.34 -28.02
N SER F 196 -28.86 -9.44 -28.73
CA SER F 196 -29.59 -9.73 -29.96
C SER F 196 -31.06 -9.95 -29.65
N LEU F 197 -31.34 -10.87 -28.73
CA LEU F 197 -32.71 -11.14 -28.34
C LEU F 197 -33.33 -9.91 -27.69
N MET F 198 -32.55 -9.23 -26.86
CA MET F 198 -33.05 -8.08 -26.15
C MET F 198 -33.54 -7.00 -27.11
N THR F 199 -32.81 -6.81 -28.20
CA THR F 199 -33.18 -5.83 -29.19
C THR F 199 -34.52 -6.16 -29.80
N GLU F 200 -34.70 -7.42 -30.22
CA GLU F 200 -35.96 -7.82 -30.83
C GLU F 200 -37.12 -7.72 -29.85
N LEU F 201 -36.88 -8.05 -28.59
CA LEU F 201 -37.93 -7.97 -27.59
C LEU F 201 -38.38 -6.53 -27.40
N ALA F 202 -37.43 -5.61 -27.38
CA ALA F 202 -37.77 -4.20 -27.25
C ALA F 202 -38.62 -3.77 -28.44
N GLU F 203 -38.23 -4.20 -29.64
CA GLU F 203 -38.97 -3.86 -30.84
C GLU F 203 -40.41 -4.38 -30.77
N LEU F 204 -40.59 -5.60 -30.28
CA LEU F 204 -41.91 -6.17 -30.13
C LEU F 204 -42.81 -5.28 -29.30
N LEU F 205 -42.30 -4.87 -28.14
CA LEU F 205 -43.07 -4.01 -27.25
C LEU F 205 -43.47 -2.73 -27.96
N HIS F 206 -42.56 -2.15 -28.73
CA HIS F 206 -42.85 -0.92 -29.43
C HIS F 206 -43.95 -1.12 -30.47
N HIS F 207 -43.90 -2.24 -31.19
CA HIS F 207 -44.96 -2.53 -32.17
C HIS F 207 -46.29 -2.72 -31.48
N LEU F 208 -46.26 -3.41 -30.34
CA LEU F 208 -47.46 -3.66 -29.56
C LEU F 208 -48.11 -2.34 -29.17
N GLN F 209 -47.29 -1.42 -28.69
CA GLN F 209 -47.77 -0.11 -28.26
C GLN F 209 -48.34 0.69 -29.42
N ALA F 210 -47.70 0.63 -30.58
CA ALA F 210 -48.18 1.36 -31.73
C ALA F 210 -49.57 0.91 -32.14
N ARG F 211 -49.79 -0.41 -32.17
CA ARG F 211 -51.11 -0.91 -32.54
C ARG F 211 -52.12 -0.55 -31.48
N ARG F 212 -51.73 -0.65 -30.21
CA ARG F 212 -52.61 -0.33 -29.11
C ARG F 212 -53.10 1.09 -29.26
N GLN F 213 -52.18 2.02 -29.51
CA GLN F 213 -52.53 3.43 -29.62
C GLN F 213 -53.59 3.71 -30.68
N ARG F 214 -53.41 3.15 -31.87
CA ARG F 214 -54.37 3.41 -32.94
C ARG F 214 -55.75 2.80 -32.67
N LEU F 215 -55.77 1.61 -32.08
CA LEU F 215 -57.03 0.98 -31.72
C LEU F 215 -57.68 1.81 -30.63
N MET F 216 -56.87 2.30 -29.69
CA MET F 216 -57.34 3.14 -28.60
C MET F 216 -57.89 4.46 -29.10
N SER F 217 -57.32 4.97 -30.18
CA SER F 217 -57.83 6.21 -30.76
C SER F 217 -59.22 5.99 -31.36
N MET F 218 -59.35 4.91 -32.14
CA MET F 218 -60.60 4.60 -32.83
C MET F 218 -61.74 4.19 -31.90
N ARG F 219 -61.41 3.46 -30.84
CA ARG F 219 -62.42 2.93 -29.93
C ARG F 219 -63.62 2.40 -30.68
N ALA F 232 -70.50 -4.45 -34.81
CA ALA F 232 -69.41 -4.84 -35.70
C ALA F 232 -68.08 -4.38 -35.14
N ASP F 233 -68.15 -3.52 -34.13
CA ASP F 233 -66.96 -3.00 -33.49
C ASP F 233 -66.51 -3.89 -32.34
N VAL F 234 -67.23 -4.99 -32.15
CA VAL F 234 -66.93 -5.90 -31.08
C VAL F 234 -65.53 -6.46 -31.20
N SER F 235 -65.05 -6.63 -32.44
CA SER F 235 -63.72 -7.15 -32.67
C SER F 235 -62.63 -6.18 -32.19
N LEU F 236 -62.92 -4.88 -32.16
CA LEU F 236 -61.94 -3.92 -31.67
C LEU F 236 -61.76 -4.13 -30.20
N PHE F 237 -62.87 -4.25 -29.49
CA PHE F 237 -62.83 -4.41 -28.05
C PHE F 237 -62.25 -5.76 -27.66
N TRP F 238 -62.63 -6.80 -28.39
CA TRP F 238 -62.11 -8.12 -28.10
C TRP F 238 -60.59 -8.12 -28.16
N LEU F 239 -60.04 -7.52 -29.23
CA LEU F 239 -58.61 -7.47 -29.43
C LEU F 239 -57.92 -6.50 -28.49
N LEU F 240 -58.46 -5.29 -28.39
CA LEU F 240 -57.82 -4.26 -27.60
C LEU F 240 -57.60 -4.75 -26.19
N ASN F 241 -58.56 -5.49 -25.64
CA ASN F 241 -58.42 -6.03 -24.30
C ASN F 241 -57.13 -6.84 -24.16
N ALA F 242 -56.81 -7.62 -25.18
CA ALA F 242 -55.63 -8.48 -25.13
C ALA F 242 -54.36 -7.65 -25.05
N LEU F 243 -54.36 -6.54 -25.77
CA LEU F 243 -53.19 -5.69 -25.84
C LEU F 243 -53.03 -4.92 -24.54
N ASN F 244 -54.13 -4.40 -24.01
CA ASN F 244 -54.08 -3.64 -22.78
C ASN F 244 -53.69 -4.52 -21.61
N SER F 245 -54.16 -5.77 -21.63
CA SER F 245 -53.85 -6.71 -20.58
C SER F 245 -52.36 -7.06 -20.56
N ALA F 246 -51.81 -7.36 -21.73
CA ALA F 246 -50.43 -7.79 -21.84
C ALA F 246 -49.39 -6.70 -21.55
N GLU F 247 -49.61 -5.50 -22.09
CA GLU F 247 -48.57 -4.47 -22.06
C GLU F 247 -47.98 -4.16 -20.66
N PRO F 248 -48.79 -3.97 -19.60
CA PRO F 248 -48.36 -3.60 -18.27
C PRO F 248 -47.38 -4.61 -17.66
N VAL F 249 -47.39 -5.83 -18.18
CA VAL F 249 -46.51 -6.86 -17.66
C VAL F 249 -45.30 -7.04 -18.55
N LEU F 250 -45.53 -7.07 -19.87
CA LEU F 250 -44.42 -7.24 -20.78
C LEU F 250 -43.43 -6.10 -20.60
N LYS F 251 -43.95 -4.90 -20.42
CA LYS F 251 -43.13 -3.73 -20.22
C LYS F 251 -42.16 -3.92 -19.07
N GLU F 252 -42.69 -4.35 -17.92
CA GLU F 252 -41.86 -4.55 -16.74
C GLU F 252 -40.74 -5.54 -16.99
N LEU F 253 -41.07 -6.68 -17.59
CA LEU F 253 -40.11 -7.74 -17.79
C LEU F 253 -38.96 -7.31 -18.68
N LEU F 254 -39.26 -6.52 -19.69
CA LEU F 254 -38.24 -6.10 -20.62
C LEU F 254 -37.50 -4.87 -20.13
N ASP F 255 -38.17 -4.06 -19.32
CA ASP F 255 -37.54 -2.85 -18.79
C ASP F 255 -36.31 -3.20 -17.99
N MET F 256 -36.45 -4.09 -17.03
CA MET F 256 -35.30 -4.56 -16.26
C MET F 256 -35.02 -6.06 -16.50
N PRO F 257 -34.23 -6.39 -17.53
CA PRO F 257 -34.04 -7.71 -18.12
C PRO F 257 -33.13 -8.62 -17.31
N TYR F 258 -33.47 -8.85 -16.06
CA TYR F 258 -32.69 -9.74 -15.21
C TYR F 258 -33.57 -10.78 -14.56
N ARG F 259 -34.21 -11.59 -15.39
CA ARG F 259 -35.09 -12.65 -14.93
C ARG F 259 -34.92 -13.87 -15.82
N HIS F 260 -35.15 -15.05 -15.25
CA HIS F 260 -35.11 -16.28 -16.02
C HIS F 260 -36.14 -16.22 -17.15
N PRO F 261 -35.76 -16.58 -18.40
CA PRO F 261 -36.57 -16.60 -19.60
C PRO F 261 -37.93 -17.29 -19.44
N GLU F 262 -38.03 -18.29 -18.57
CA GLU F 262 -39.31 -18.98 -18.40
C GLU F 262 -40.45 -18.00 -18.09
N LEU F 263 -40.14 -16.91 -17.39
CA LEU F 263 -41.18 -15.95 -17.00
C LEU F 263 -41.68 -15.19 -18.22
N LEU F 264 -40.76 -14.84 -19.10
CA LEU F 264 -41.09 -14.09 -20.30
C LEU F 264 -41.84 -14.98 -21.26
N TYR F 265 -41.37 -16.21 -21.41
CA TYR F 265 -41.99 -17.14 -22.32
C TYR F 265 -43.48 -17.26 -22.05
N ARG F 266 -43.83 -17.48 -20.79
CA ARG F 266 -45.24 -17.64 -20.46
C ARG F 266 -46.05 -16.43 -20.86
N GLU F 267 -45.55 -15.23 -20.58
CA GLU F 267 -46.30 -14.03 -20.93
C GLU F 267 -46.47 -13.87 -22.44
N LEU F 268 -45.40 -14.14 -23.18
CA LEU F 268 -45.47 -14.01 -24.63
C LEU F 268 -46.42 -15.05 -25.21
N ALA F 269 -46.37 -16.26 -24.65
CA ALA F 269 -47.22 -17.33 -25.11
C ALA F 269 -48.70 -16.98 -24.93
N ARG F 270 -49.04 -16.37 -23.78
CA ARG F 270 -50.43 -15.98 -23.54
C ARG F 270 -50.91 -14.97 -24.58
N LEU F 271 -50.06 -13.99 -24.88
CA LEU F 271 -50.42 -13.00 -25.86
C LEU F 271 -50.66 -13.65 -27.21
N ALA F 272 -49.76 -14.54 -27.62
CA ALA F 272 -49.95 -15.22 -28.89
C ALA F 272 -51.24 -16.01 -28.87
N GLY F 273 -51.52 -16.66 -27.75
CA GLY F 273 -52.72 -17.45 -27.60
C GLY F 273 -53.96 -16.64 -27.92
N SER F 274 -54.09 -15.49 -27.27
CA SER F 274 -55.24 -14.62 -27.50
C SER F 274 -55.30 -14.14 -28.95
N LEU F 275 -54.16 -13.71 -29.48
CA LEU F 275 -54.12 -13.20 -30.84
C LEU F 275 -54.52 -14.27 -31.87
N LEU F 276 -54.21 -15.52 -31.57
CA LEU F 276 -54.53 -16.65 -32.44
C LEU F 276 -56.00 -17.05 -32.37
N THR F 277 -56.77 -16.32 -31.57
CA THR F 277 -58.20 -16.52 -31.50
C THR F 277 -58.88 -15.67 -32.55
N PHE F 278 -58.14 -14.72 -33.09
CA PHE F 278 -58.68 -13.81 -34.10
C PHE F 278 -58.21 -14.24 -35.48
N SER F 279 -56.92 -14.52 -35.59
CA SER F 279 -56.36 -14.96 -36.87
C SER F 279 -56.88 -16.33 -37.24
N LEU F 280 -57.15 -16.53 -38.52
CA LEU F 280 -57.58 -17.85 -38.99
C LEU F 280 -56.45 -18.55 -39.71
N GLU F 281 -55.58 -17.77 -40.35
CA GLU F 281 -54.47 -18.30 -41.13
C GLU F 281 -53.44 -18.99 -40.25
N HIS F 282 -53.22 -18.45 -39.06
CA HIS F 282 -52.23 -18.99 -38.14
C HIS F 282 -52.87 -19.88 -37.11
N ASN F 283 -52.48 -21.15 -37.13
CA ASN F 283 -53.04 -22.14 -36.24
C ASN F 283 -52.67 -21.87 -34.79
N VAL F 284 -53.49 -22.34 -33.86
CA VAL F 284 -53.19 -22.21 -32.43
C VAL F 284 -51.86 -22.88 -32.10
N ASP F 285 -51.58 -23.99 -32.77
CA ASP F 285 -50.36 -24.76 -32.53
C ASP F 285 -49.11 -24.05 -33.07
N ALA F 286 -49.29 -22.86 -33.63
CA ALA F 286 -48.18 -22.05 -34.12
C ALA F 286 -47.22 -21.65 -33.00
N VAL F 287 -47.69 -21.68 -31.75
CA VAL F 287 -46.84 -21.31 -30.62
C VAL F 287 -45.89 -22.45 -30.26
N PRO F 288 -44.57 -22.23 -30.30
CA PRO F 288 -43.52 -23.20 -30.08
C PRO F 288 -43.43 -23.58 -28.62
N ALA F 289 -42.97 -24.78 -28.36
CA ALA F 289 -42.69 -25.21 -27.00
C ALA F 289 -41.43 -24.57 -26.49
N TYR F 290 -41.33 -24.37 -25.18
CA TYR F 290 -40.11 -23.84 -24.62
C TYR F 290 -39.03 -24.92 -24.56
N HIS F 291 -37.85 -24.55 -25.01
CA HIS F 291 -36.67 -25.39 -24.95
C HIS F 291 -35.52 -24.58 -24.42
N HIS F 292 -34.98 -24.99 -23.30
CA HIS F 292 -33.94 -24.22 -22.64
C HIS F 292 -32.61 -24.35 -23.35
N GLU F 293 -32.30 -25.56 -23.78
CA GLU F 293 -31.03 -25.85 -24.42
C GLU F 293 -30.87 -25.13 -25.76
N THR F 294 -31.97 -24.99 -26.50
CA THR F 294 -31.90 -24.39 -27.83
C THR F 294 -32.94 -23.28 -28.02
N PRO F 295 -32.78 -22.13 -27.36
CA PRO F 295 -33.71 -21.01 -27.34
C PRO F 295 -33.88 -20.41 -28.73
N GLU F 296 -32.93 -20.70 -29.61
CA GLU F 296 -32.98 -20.22 -30.99
C GLU F 296 -34.21 -20.74 -31.71
N ASN F 297 -34.75 -21.87 -31.27
CA ASN F 297 -35.92 -22.45 -31.89
C ASN F 297 -37.17 -22.11 -31.09
N VAL F 298 -37.03 -21.22 -30.12
CA VAL F 298 -38.13 -20.83 -29.26
C VAL F 298 -38.50 -19.39 -29.48
N PHE F 299 -37.55 -18.51 -29.25
CA PHE F 299 -37.85 -17.10 -29.24
C PHE F 299 -38.04 -16.50 -30.64
N PRO F 300 -37.07 -16.64 -31.58
CA PRO F 300 -37.18 -16.01 -32.90
C PRO F 300 -38.49 -16.43 -33.61
N PRO F 301 -38.98 -17.69 -33.54
CA PRO F 301 -40.26 -18.16 -34.04
C PRO F 301 -41.41 -17.42 -33.40
N LEU F 302 -41.48 -17.50 -32.07
CA LEU F 302 -42.57 -16.88 -31.34
C LEU F 302 -42.64 -15.39 -31.62
N LEU F 303 -41.50 -14.73 -31.61
CA LEU F 303 -41.47 -13.30 -31.82
C LEU F 303 -41.93 -12.95 -33.21
N SER F 304 -41.51 -13.75 -34.20
CA SER F 304 -41.93 -13.53 -35.57
C SER F 304 -43.44 -13.69 -35.67
N LEU F 305 -43.98 -14.73 -35.03
CA LEU F 305 -45.40 -14.97 -35.03
C LEU F 305 -46.16 -13.79 -34.44
N LEU F 306 -45.71 -13.31 -33.28
CA LEU F 306 -46.37 -12.20 -32.64
C LEU F 306 -46.36 -10.96 -33.52
N ASN F 307 -45.23 -10.71 -34.18
CA ASN F 307 -45.15 -9.55 -35.06
C ASN F 307 -46.14 -9.67 -36.21
N ARG F 308 -46.26 -10.87 -36.78
CA ARG F 308 -47.19 -11.06 -37.88
C ARG F 308 -48.63 -10.87 -37.43
N LEU F 309 -48.95 -11.42 -36.26
CA LEU F 309 -50.30 -11.34 -35.73
C LEU F 309 -50.71 -9.91 -35.43
N LEU F 310 -49.77 -9.12 -34.90
CA LEU F 310 -50.04 -7.72 -34.60
C LEU F 310 -50.11 -6.88 -35.88
N GLU F 311 -49.22 -7.16 -36.83
CA GLU F 311 -49.20 -6.38 -38.06
C GLU F 311 -50.49 -6.58 -38.83
N ALA F 312 -50.97 -7.81 -38.86
CA ALA F 312 -52.22 -8.12 -39.54
C ALA F 312 -53.36 -7.29 -38.97
N LYS G 2 -13.96 -1.21 -22.70
CA LYS G 2 -14.41 0.06 -22.13
C LYS G 2 -13.25 0.88 -21.59
N ILE G 3 -13.36 2.19 -21.75
CA ILE G 3 -12.41 3.12 -21.17
C ILE G 3 -13.15 4.15 -20.33
N TYR G 4 -12.75 4.29 -19.08
CA TYR G 4 -13.46 5.18 -18.19
C TYR G 4 -12.65 6.42 -17.88
N ARG G 5 -12.89 7.50 -18.61
CA ARG G 5 -12.13 8.72 -18.40
C ARG G 5 -12.43 9.24 -16.99
N PRO G 6 -11.41 9.52 -16.18
CA PRO G 6 -11.53 9.96 -14.81
C PRO G 6 -12.05 11.38 -14.74
N LEU G 7 -12.80 11.67 -13.69
CA LEU G 7 -13.27 13.02 -13.45
C LEU G 7 -12.44 13.67 -12.36
N TRP G 8 -11.63 14.65 -12.75
CA TRP G 8 -10.75 15.32 -11.81
C TRP G 8 -11.49 16.50 -11.16
N GLU G 9 -11.55 16.51 -9.83
CA GLU G 9 -12.25 17.60 -9.13
C GLU G 9 -11.78 17.74 -7.68
N ASP G 10 -11.99 18.91 -7.11
CA ASP G 10 -11.67 19.16 -5.70
C ASP G 10 -12.46 18.23 -4.78
N GLY G 11 -11.73 17.50 -3.93
CA GLY G 11 -12.34 16.58 -2.99
C GLY G 11 -12.27 15.14 -3.49
N ALA G 12 -11.95 14.98 -4.77
CA ALA G 12 -11.83 13.66 -5.35
C ALA G 12 -10.63 12.94 -4.76
N PHE G 13 -10.74 11.63 -4.65
CA PHE G 13 -9.64 10.80 -4.20
C PHE G 13 -8.67 10.58 -5.34
N LEU G 14 -7.39 10.44 -5.00
CA LEU G 14 -6.41 10.12 -6.02
C LEU G 14 -6.24 8.60 -6.07
N MET G 15 -6.42 8.02 -7.25
CA MET G 15 -6.40 6.56 -7.39
C MET G 15 -5.65 6.09 -8.64
N PRO G 16 -4.94 4.95 -8.56
CA PRO G 16 -4.16 4.35 -9.63
C PRO G 16 -5.04 3.95 -10.81
N GLN G 17 -6.33 3.73 -10.56
CA GLN G 17 -7.24 3.39 -11.63
C GLN G 17 -7.46 4.59 -12.55
N GLN G 18 -7.40 5.80 -11.99
CA GLN G 18 -7.61 6.99 -12.78
C GLN G 18 -6.49 7.13 -13.78
N PHE G 19 -5.28 6.87 -13.32
CA PHE G 19 -4.11 6.99 -14.17
C PHE G 19 -4.10 5.93 -15.27
N GLN G 20 -4.44 4.70 -14.91
CA GLN G 20 -4.44 3.62 -15.89
C GLN G 20 -5.49 3.84 -16.97
N GLN G 21 -6.67 4.31 -16.58
CA GLN G 21 -7.72 4.57 -17.55
C GLN G 21 -7.37 5.78 -18.43
N GLN G 22 -6.74 6.78 -17.85
CA GLN G 22 -6.35 7.96 -18.62
C GLN G 22 -5.36 7.58 -19.70
N ALA G 23 -4.41 6.73 -19.35
CA ALA G 23 -3.41 6.31 -20.31
C ALA G 23 -4.08 5.60 -21.48
N ALA G 24 -5.02 4.72 -21.18
CA ALA G 24 -5.71 3.98 -22.21
C ALA G 24 -6.43 4.91 -23.17
N TRP G 25 -7.08 5.93 -22.62
CA TRP G 25 -7.81 6.87 -23.45
C TRP G 25 -6.89 7.59 -24.41
N ASP G 26 -5.78 8.10 -23.91
CA ASP G 26 -4.87 8.85 -24.73
C ASP G 26 -4.29 8.02 -25.86
N VAL G 27 -4.00 6.75 -25.58
CA VAL G 27 -3.52 5.86 -26.64
C VAL G 27 -4.59 5.68 -27.69
N HIS G 28 -5.82 5.45 -27.25
CA HIS G 28 -6.95 5.28 -28.16
C HIS G 28 -7.11 6.50 -29.05
N LEU G 29 -7.06 7.69 -28.46
CA LEU G 29 -7.23 8.91 -29.21
C LEU G 29 -6.15 9.07 -30.28
N ALA G 30 -4.90 8.78 -29.91
CA ALA G 30 -3.80 8.88 -30.87
C ALA G 30 -4.00 7.89 -32.02
N ASP G 31 -4.47 6.69 -31.71
CA ASP G 31 -4.71 5.67 -32.71
C ASP G 31 -5.80 6.12 -33.67
N SER G 32 -6.83 6.76 -33.12
CA SER G 32 -7.93 7.26 -33.93
C SER G 32 -7.43 8.25 -34.97
N VAL G 33 -6.55 9.15 -34.55
CA VAL G 33 -5.99 10.13 -35.47
C VAL G 33 -5.21 9.49 -36.60
N ALA G 34 -4.37 8.52 -36.27
CA ALA G 34 -3.57 7.87 -37.30
C ALA G 34 -4.45 7.28 -38.39
N ARG G 35 -5.54 6.66 -37.97
CA ARG G 35 -6.44 5.97 -38.88
C ARG G 35 -7.20 6.89 -39.82
N MET G 36 -7.11 8.19 -39.62
CA MET G 36 -7.79 9.11 -40.53
C MET G 36 -7.16 9.04 -41.92
N GLY G 37 -5.85 8.81 -41.98
CA GLY G 37 -5.15 8.80 -43.27
C GLY G 37 -4.52 7.45 -43.62
N LEU G 38 -4.29 6.60 -42.61
CA LEU G 38 -3.57 5.36 -42.83
C LEU G 38 -4.43 4.13 -42.63
N ALA G 39 -4.51 3.30 -43.66
CA ALA G 39 -5.32 2.08 -43.58
C ALA G 39 -4.79 1.11 -42.53
N HIS G 40 -3.47 1.01 -42.41
CA HIS G 40 -2.85 0.04 -41.52
C HIS G 40 -1.72 0.64 -40.69
N PRO G 41 -2.02 1.40 -39.63
CA PRO G 41 -1.09 2.13 -38.79
C PRO G 41 -0.03 1.25 -38.12
N TRP G 42 -0.31 -0.05 -37.98
CA TRP G 42 0.62 -0.96 -37.31
C TRP G 42 1.68 -1.51 -38.26
N GLY G 43 2.83 -1.89 -37.71
CA GLY G 43 3.92 -2.45 -38.53
C GLY G 43 5.30 -2.23 -37.92
N VAL G 44 6.33 -2.75 -38.59
CA VAL G 44 7.72 -2.67 -38.12
C VAL G 44 8.43 -1.39 -38.51
N VAL G 45 9.18 -0.84 -37.56
CA VAL G 45 10.00 0.33 -37.77
C VAL G 45 11.48 -0.05 -37.75
N ALA G 46 11.85 -0.95 -36.84
CA ALA G 46 13.22 -1.42 -36.74
C ALA G 46 13.25 -2.89 -36.33
N ALA G 47 14.12 -3.66 -36.96
CA ALA G 47 14.26 -5.08 -36.65
C ALA G 47 15.70 -5.49 -36.85
N GLU G 48 16.59 -4.87 -36.08
CA GLU G 48 18.01 -5.11 -36.22
C GLU G 48 18.47 -6.23 -35.29
N PHE G 49 19.14 -7.23 -35.88
CA PHE G 49 19.63 -8.39 -35.15
C PHE G 49 21.12 -8.55 -35.27
N ASP G 50 21.72 -9.15 -34.25
CA ASP G 50 23.12 -9.54 -34.29
C ASP G 50 23.21 -10.95 -34.83
N ASP G 51 23.56 -11.09 -36.09
CA ASP G 51 23.56 -12.38 -36.73
C ASP G 51 24.92 -13.07 -36.66
N SER G 52 25.85 -12.49 -35.92
CA SER G 52 27.18 -13.07 -35.80
C SER G 52 27.15 -14.33 -34.94
N LEU G 53 26.07 -14.51 -34.20
CA LEU G 53 25.91 -15.66 -33.32
C LEU G 53 25.08 -16.77 -33.95
N LEU G 54 24.63 -16.58 -35.20
CA LEU G 54 23.84 -17.63 -35.82
C LEU G 54 24.62 -18.94 -35.99
N PRO G 55 25.95 -18.90 -36.28
CA PRO G 55 26.83 -20.04 -36.36
C PRO G 55 26.89 -20.80 -35.04
N LEU G 56 26.38 -20.19 -33.97
CA LEU G 56 26.38 -20.84 -32.68
C LEU G 56 24.95 -20.98 -32.18
N SER G 57 24.02 -21.18 -33.12
CA SER G 57 22.62 -21.44 -32.81
C SER G 57 22.00 -20.43 -31.85
N ARG G 58 22.30 -19.15 -32.02
CA ARG G 58 21.70 -18.12 -31.18
C ARG G 58 21.27 -16.89 -31.98
N LEU G 59 20.02 -16.49 -31.81
CA LEU G 59 19.51 -15.27 -32.45
C LEU G 59 19.29 -14.17 -31.43
N ASN G 60 20.07 -13.10 -31.53
CA ASN G 60 20.04 -12.03 -30.53
C ASN G 60 19.66 -10.67 -31.11
N ALA G 61 18.47 -10.20 -30.77
CA ALA G 61 17.99 -8.91 -31.25
C ALA G 61 18.84 -7.79 -30.68
N THR G 62 18.99 -6.70 -31.44
CA THR G 62 19.76 -5.56 -30.94
C THR G 62 18.92 -4.30 -30.82
N ARG G 63 17.93 -4.14 -31.71
CA ARG G 63 17.05 -2.97 -31.64
C ARG G 63 15.72 -3.26 -32.32
N LEU G 64 14.66 -3.30 -31.53
CA LEU G 64 13.35 -3.60 -32.07
C LEU G 64 12.38 -2.47 -31.80
N ILE G 65 11.76 -1.97 -32.85
CA ILE G 65 10.72 -0.96 -32.74
C ILE G 65 9.55 -1.37 -33.59
N VAL G 66 8.39 -1.53 -32.98
CA VAL G 66 7.23 -2.00 -33.71
C VAL G 66 5.92 -1.58 -33.07
N ARG G 67 4.97 -1.19 -33.92
CA ARG G 67 3.63 -0.92 -33.45
C ARG G 67 2.77 -2.14 -33.71
N PHE G 68 2.14 -2.66 -32.67
CA PHE G 68 1.32 -3.84 -32.78
C PHE G 68 -0.10 -3.51 -33.29
N PRO G 69 -0.80 -4.50 -33.87
CA PRO G 69 -2.16 -4.44 -34.37
C PRO G 69 -3.17 -3.78 -33.42
N ASP G 70 -2.87 -3.70 -32.13
CA ASP G 70 -3.84 -3.10 -31.21
C ASP G 70 -3.31 -1.82 -30.59
N GLY G 71 -2.44 -1.13 -31.31
CA GLY G 71 -1.97 0.19 -30.91
C GLY G 71 -0.79 0.15 -29.95
N THR G 72 -0.46 -1.03 -29.41
CA THR G 72 0.65 -1.09 -28.46
C THR G 72 1.95 -0.73 -29.15
N LEU G 73 2.69 0.20 -28.56
CA LEU G 73 3.96 0.61 -29.14
C LEU G 73 5.15 0.08 -28.37
N ILE G 74 6.00 -0.66 -29.06
CA ILE G 74 7.22 -1.18 -28.49
C ILE G 74 8.41 -0.38 -28.96
N ASP G 75 9.22 0.09 -28.03
CA ASP G 75 10.38 0.87 -28.40
C ASP G 75 11.59 0.52 -27.55
N THR G 76 12.44 -0.35 -28.09
CA THR G 76 13.61 -0.83 -27.37
C THR G 76 14.54 0.32 -27.01
N GLU G 77 14.74 1.20 -27.97
CA GLU G 77 15.66 2.30 -27.83
C GLU G 77 15.31 3.20 -26.64
N ARG G 78 14.00 3.42 -26.40
CA ARG G 78 13.60 4.39 -25.39
C ARG G 78 12.90 3.83 -24.14
N ALA G 79 12.13 2.75 -24.26
CA ALA G 79 11.27 2.35 -23.13
C ALA G 79 11.30 0.86 -22.79
N ASP G 80 11.56 0.00 -23.76
CA ASP G 80 11.44 -1.45 -23.54
C ASP G 80 12.76 -2.17 -23.50
N ASN G 81 12.76 -3.36 -22.90
CA ASN G 81 13.96 -4.20 -22.89
C ASN G 81 13.94 -5.18 -24.05
N LEU G 82 15.13 -5.58 -24.49
CA LEU G 82 15.24 -6.62 -25.50
C LEU G 82 14.80 -7.97 -24.94
N PRO G 83 14.22 -8.83 -25.76
CA PRO G 83 13.81 -10.17 -25.44
C PRO G 83 15.04 -11.05 -25.24
N PRO G 84 14.93 -12.15 -24.47
CA PRO G 84 15.93 -13.17 -24.27
C PRO G 84 16.39 -13.75 -25.60
N VAL G 85 17.63 -14.24 -25.64
CA VAL G 85 18.21 -14.78 -26.86
C VAL G 85 17.56 -16.10 -27.24
N CYS G 86 17.13 -16.20 -28.49
CA CYS G 86 16.45 -17.38 -28.99
C CYS G 86 17.41 -18.53 -29.29
N ASP G 87 17.14 -19.68 -28.69
CA ASP G 87 17.93 -20.89 -28.85
C ASP G 87 17.50 -21.71 -30.06
N LEU G 88 18.36 -21.78 -31.07
CA LEU G 88 18.01 -22.42 -32.34
C LEU G 88 18.40 -23.91 -32.39
N SER G 89 18.83 -24.46 -31.26
CA SER G 89 19.28 -25.85 -31.24
C SER G 89 18.14 -26.83 -31.47
N THR G 90 16.91 -26.37 -31.30
CA THR G 90 15.73 -27.19 -31.48
C THR G 90 15.18 -27.06 -32.90
N VAL G 91 15.92 -26.34 -33.73
CA VAL G 91 15.56 -26.09 -35.12
C VAL G 91 16.41 -26.94 -36.06
N SER G 92 17.27 -27.75 -35.47
CA SER G 92 18.22 -28.58 -36.21
C SER G 92 17.63 -29.26 -37.45
N ASP G 93 16.42 -29.80 -37.33
CA ASP G 93 15.82 -30.60 -38.40
C ASP G 93 15.13 -29.74 -39.48
N ARG G 94 15.23 -28.42 -39.36
CA ARG G 94 14.58 -27.53 -40.31
C ARG G 94 15.59 -26.81 -41.20
N SER G 95 15.10 -26.29 -42.33
CA SER G 95 15.91 -25.54 -43.26
C SER G 95 15.48 -24.09 -43.37
N LEU G 96 14.35 -23.75 -42.76
CA LEU G 96 13.80 -22.40 -42.85
C LEU G 96 12.88 -22.11 -41.67
N VAL G 97 13.16 -21.03 -40.95
CA VAL G 97 12.32 -20.63 -39.82
C VAL G 97 11.92 -19.17 -39.84
N ASP G 98 10.63 -18.92 -39.67
CA ASP G 98 10.09 -17.58 -39.56
C ASP G 98 10.01 -17.15 -38.10
N ILE G 99 10.73 -16.11 -37.74
CA ILE G 99 10.73 -15.63 -36.36
C ILE G 99 9.88 -14.39 -36.21
N VAL G 100 9.01 -14.42 -35.21
CA VAL G 100 8.11 -13.32 -34.93
C VAL G 100 8.33 -12.81 -33.52
N LEU G 101 7.99 -11.55 -33.29
CA LEU G 101 8.04 -11.01 -31.94
C LEU G 101 6.69 -11.17 -31.30
N ALA G 102 6.66 -11.82 -30.15
CA ALA G 102 5.40 -12.13 -29.49
C ALA G 102 5.15 -11.21 -28.31
N LEU G 103 3.90 -10.78 -28.19
CA LEU G 103 3.43 -9.96 -27.08
C LEU G 103 2.12 -10.53 -26.52
N PRO G 104 2.07 -10.94 -25.24
CA PRO G 104 0.89 -11.48 -24.58
C PRO G 104 -0.23 -10.47 -24.66
N LEU G 105 -1.45 -10.97 -24.81
CA LEU G 105 -2.60 -10.07 -24.90
C LEU G 105 -3.24 -9.80 -23.54
N LEU G 106 -3.95 -8.66 -23.45
CA LEU G 106 -4.50 -8.12 -22.21
C LEU G 106 -5.56 -9.01 -21.55
N ASN G 107 -5.47 -9.12 -20.21
CA ASN G 107 -6.48 -9.78 -19.40
C ASN G 107 -7.58 -8.82 -18.99
N ALA G 108 -8.77 -9.02 -19.53
CA ALA G 108 -9.86 -8.11 -19.29
C ALA G 108 -10.20 -7.94 -17.82
N ASN G 109 -10.03 -9.01 -17.03
CA ASN G 109 -10.41 -8.98 -15.63
C ASN G 109 -9.24 -8.72 -14.68
N GLY G 110 -8.15 -8.14 -15.18
CA GLY G 110 -7.03 -7.75 -14.34
C GLY G 110 -6.00 -8.88 -14.19
N GLY G 111 -5.00 -8.65 -13.35
CA GLY G 111 -3.91 -9.61 -13.20
C GLY G 111 -2.94 -9.58 -14.38
N ASN G 112 -2.77 -8.41 -14.99
CA ASN G 112 -1.89 -8.29 -16.14
C ASN G 112 -0.41 -8.25 -15.78
N LEU G 113 -0.09 -7.77 -14.58
CA LEU G 113 1.29 -7.65 -14.14
C LEU G 113 1.84 -9.00 -13.68
N ASP G 114 3.06 -9.31 -14.10
CA ASP G 114 3.76 -10.53 -13.72
C ASP G 114 4.33 -10.45 -12.32
N ASN G 115 3.78 -11.26 -11.41
CA ASN G 115 4.21 -11.24 -10.02
C ASN G 115 5.16 -12.39 -9.67
N GLY G 116 5.69 -13.05 -10.71
CA GLY G 116 6.63 -14.14 -10.51
C GLY G 116 5.97 -15.52 -10.45
N SER G 117 4.65 -15.55 -10.36
CA SER G 117 3.94 -16.82 -10.32
C SER G 117 3.75 -17.37 -11.72
N GLU G 118 3.37 -18.64 -11.82
CA GLU G 118 3.08 -19.26 -13.10
C GLU G 118 1.58 -19.34 -13.34
N SER G 119 1.18 -19.31 -14.60
CA SER G 119 -0.23 -19.42 -14.95
C SER G 119 -0.43 -19.94 -16.36
N GLU G 120 -1.63 -20.40 -16.65
CA GLU G 120 -2.00 -20.92 -17.97
C GLU G 120 -1.87 -19.86 -19.06
N ARG G 121 -2.21 -18.62 -18.71
CA ARG G 121 -2.14 -17.53 -19.66
C ARG G 121 -1.03 -16.55 -19.26
N PRO G 122 -0.05 -16.29 -20.15
CA PRO G 122 1.12 -15.50 -19.89
C PRO G 122 0.77 -14.08 -19.51
N ARG G 123 1.52 -13.52 -18.56
CA ARG G 123 1.31 -12.14 -18.12
C ARG G 123 1.90 -11.19 -19.14
N ARG G 124 1.38 -9.96 -19.20
CA ARG G 124 1.77 -9.03 -20.25
C ARG G 124 2.81 -8.02 -19.80
N TRP G 125 2.73 -7.62 -18.55
CA TRP G 125 3.58 -6.54 -18.05
C TRP G 125 4.58 -7.04 -17.02
N LYS G 126 5.74 -6.40 -16.98
CA LYS G 126 6.72 -6.70 -15.95
C LYS G 126 7.11 -5.43 -15.20
N SER G 127 7.34 -5.56 -13.90
CA SER G 127 7.76 -4.43 -13.09
C SER G 127 9.26 -4.44 -12.87
N GLU G 128 9.90 -3.30 -13.13
CA GLU G 128 11.34 -3.17 -12.91
C GLU G 128 11.65 -1.91 -12.13
N ARG G 129 12.78 -1.91 -11.45
CA ARG G 129 13.23 -0.74 -10.71
C ARG G 129 14.36 -0.06 -11.47
N VAL G 130 14.17 1.21 -11.79
CA VAL G 130 15.18 1.94 -12.54
C VAL G 130 15.52 3.26 -11.89
N ASN G 131 16.69 3.78 -12.21
CA ASN G 131 17.14 5.07 -11.71
C ASN G 131 16.77 6.20 -12.66
N VAL G 132 15.87 7.07 -12.22
CA VAL G 132 15.39 8.15 -13.06
C VAL G 132 15.80 9.52 -12.56
N GLN G 133 16.38 10.30 -13.46
CA GLN G 133 16.80 11.66 -13.18
C GLN G 133 15.64 12.63 -13.30
N GLU G 134 15.44 13.46 -12.29
CA GLU G 134 14.42 14.49 -12.38
C GLU G 134 14.89 15.57 -13.35
N LEU G 135 14.07 15.92 -14.31
CA LEU G 135 14.52 16.89 -15.30
C LEU G 135 14.67 18.29 -14.75
N ALA G 136 13.76 18.69 -13.87
CA ALA G 136 13.74 20.07 -13.40
C ALA G 136 14.94 20.40 -12.52
N GLY G 137 15.26 19.52 -11.57
CA GLY G 137 16.29 19.80 -10.57
C GLY G 137 17.55 18.98 -10.78
N HIS G 138 18.21 18.66 -9.67
CA HIS G 138 19.49 17.95 -9.67
C HIS G 138 19.47 16.78 -8.70
N GLU G 139 18.58 15.83 -8.92
CA GLU G 139 18.42 14.70 -8.02
C GLU G 139 17.95 13.45 -8.76
N GLN G 140 18.29 12.29 -8.21
CA GLN G 140 17.88 11.02 -8.82
C GLN G 140 17.24 10.10 -7.80
N SER G 141 16.34 9.25 -8.26
CA SER G 141 15.73 8.27 -7.38
C SER G 141 15.30 7.03 -8.13
N GLU G 142 15.10 5.94 -7.40
CA GLU G 142 14.61 4.72 -8.02
C GLU G 142 13.11 4.68 -8.01
N VAL G 143 12.54 4.40 -9.17
CA VAL G 143 11.10 4.33 -9.32
C VAL G 143 10.71 3.05 -10.02
N ALA G 144 9.44 2.70 -9.95
CA ALA G 144 8.96 1.53 -10.64
C ALA G 144 8.48 1.88 -12.03
N VAL G 145 8.89 1.10 -13.01
CA VAL G 145 8.45 1.31 -14.37
C VAL G 145 7.91 0.03 -14.96
N LEU G 146 7.12 0.19 -16.01
CA LEU G 146 6.52 -0.94 -16.69
C LEU G 146 7.27 -1.27 -17.96
N ARG G 147 7.50 -2.56 -18.17
CA ARG G 147 8.10 -3.04 -19.41
C ARG G 147 7.17 -4.07 -20.03
N HIS G 148 7.18 -4.19 -21.36
CA HIS G 148 6.37 -5.25 -21.95
C HIS G 148 7.08 -6.60 -21.87
N ASN G 149 6.30 -7.66 -21.65
CA ASN G 149 6.84 -9.01 -21.58
C ASN G 149 7.04 -9.58 -22.97
N LEU G 150 8.06 -9.11 -23.66
CA LEU G 150 8.34 -9.52 -25.02
C LEU G 150 9.18 -10.76 -25.09
N THR G 151 8.99 -11.54 -26.16
CA THR G 151 9.80 -12.72 -26.40
C THR G 151 9.81 -13.09 -27.88
N LEU G 152 10.85 -13.77 -28.34
CA LEU G 152 10.89 -14.25 -29.71
C LEU G 152 10.36 -15.66 -29.80
N ARG G 153 9.51 -15.90 -30.78
CA ARG G 153 8.93 -17.22 -31.00
C ARG G 153 8.95 -17.58 -32.47
N MET G 154 8.85 -18.85 -32.77
CA MET G 154 8.88 -19.31 -34.15
C MET G 154 7.47 -19.53 -34.66
N ALA G 155 7.26 -19.25 -35.93
CA ALA G 155 5.94 -19.34 -36.54
C ALA G 155 5.33 -20.73 -36.43
N HIS G 156 6.15 -21.77 -36.46
CA HIS G 156 5.64 -23.13 -36.40
C HIS G 156 5.20 -23.56 -34.99
N GLN G 157 5.42 -22.69 -34.01
CA GLN G 157 5.01 -22.99 -32.64
C GLN G 157 3.61 -22.46 -32.39
N GLU G 158 2.92 -23.02 -31.43
CA GLU G 158 1.64 -22.46 -31.05
C GLU G 158 1.82 -21.03 -30.59
N ASN G 159 1.03 -20.12 -31.15
CA ASN G 159 1.15 -18.71 -30.78
C ASN G 159 -0.20 -18.09 -30.46
N ALA G 160 -1.16 -18.91 -30.04
CA ALA G 160 -2.51 -18.43 -29.80
C ALA G 160 -2.56 -17.34 -28.73
N ALA G 161 -1.75 -17.49 -27.69
CA ALA G 161 -1.81 -16.59 -26.55
C ALA G 161 -1.07 -15.27 -26.76
N TRP G 162 -0.48 -15.07 -27.94
CA TRP G 162 0.28 -13.85 -28.18
C TRP G 162 -0.13 -13.16 -29.46
N LEU G 163 0.00 -11.84 -29.49
CA LEU G 163 -0.07 -11.16 -30.75
C LEU G 163 1.32 -11.23 -31.35
N THR G 164 1.41 -11.45 -32.64
CA THR G 164 2.73 -11.59 -33.23
C THR G 164 2.97 -10.69 -34.41
N CYS G 165 4.23 -10.36 -34.62
CA CYS G 165 4.65 -9.60 -35.79
C CYS G 165 6.04 -10.06 -36.25
N PRO G 166 6.19 -10.50 -37.51
CA PRO G 166 7.43 -10.99 -38.11
C PRO G 166 8.55 -9.98 -37.97
N VAL G 167 9.75 -10.48 -37.67
CA VAL G 167 10.91 -9.63 -37.53
C VAL G 167 12.10 -10.11 -38.35
N THR G 168 12.23 -11.42 -38.54
CA THR G 168 13.35 -11.96 -39.30
C THR G 168 13.07 -13.38 -39.78
N ARG G 169 13.75 -13.79 -40.83
CA ARG G 169 13.64 -15.16 -41.31
C ARG G 169 15.01 -15.78 -41.50
N LEU G 170 15.19 -16.99 -40.98
CA LEU G 170 16.49 -17.64 -41.03
C LEU G 170 16.48 -18.86 -41.92
N VAL G 171 17.47 -18.94 -42.78
CA VAL G 171 17.57 -20.02 -43.75
C VAL G 171 18.94 -20.67 -43.72
N ARG G 172 18.99 -21.98 -43.96
CA ARG G 172 20.27 -22.66 -44.05
C ARG G 172 21.06 -22.20 -45.27
N ASP G 173 22.31 -21.87 -45.06
CA ASP G 173 23.21 -21.45 -46.12
C ASP G 173 23.91 -22.65 -46.74
N ALA G 174 24.75 -22.41 -47.73
CA ALA G 174 25.47 -23.47 -48.42
C ALA G 174 26.34 -24.27 -47.47
N GLN G 175 26.85 -23.61 -46.44
CA GLN G 175 27.76 -24.23 -45.48
C GLN G 175 26.99 -24.97 -44.38
N GLY G 176 25.67 -24.94 -44.43
CA GLY G 176 24.84 -25.58 -43.41
C GLY G 176 24.62 -24.66 -42.23
N GLN G 177 25.14 -23.45 -42.33
CA GLN G 177 25.04 -22.47 -41.27
C GLN G 177 23.75 -21.68 -41.41
N TRP G 178 23.27 -21.15 -40.30
CA TRP G 178 22.08 -20.29 -40.37
C TRP G 178 22.48 -18.88 -40.74
N CYS G 179 21.67 -18.24 -41.56
CA CYS G 179 21.88 -16.84 -41.90
C CYS G 179 20.54 -16.15 -42.12
N ARG G 180 20.55 -14.83 -42.12
CA ARG G 180 19.34 -14.08 -42.38
C ARG G 180 19.02 -14.08 -43.84
N ASP G 181 17.78 -14.37 -44.17
CA ASP G 181 17.31 -14.40 -45.54
C ASP G 181 17.41 -13.00 -46.17
N PRO G 182 18.22 -12.83 -47.24
CA PRO G 182 18.46 -11.59 -47.97
C PRO G 182 17.20 -10.98 -48.56
N ARG G 183 16.15 -11.79 -48.70
CA ARG G 183 14.92 -11.31 -49.30
C ARG G 183 13.72 -11.55 -48.40
N PHE G 184 13.73 -10.96 -47.22
CA PHE G 184 12.63 -11.06 -46.28
C PHE G 184 12.12 -9.69 -45.89
N ILE G 185 10.81 -9.49 -45.97
CA ILE G 185 10.23 -8.19 -45.64
C ILE G 185 9.14 -8.31 -44.56
N PRO G 186 9.38 -7.79 -43.35
CA PRO G 186 8.43 -7.67 -42.27
C PRO G 186 7.34 -6.72 -42.72
N PRO G 187 6.12 -6.81 -42.20
CA PRO G 187 5.07 -5.86 -42.46
C PRO G 187 5.61 -4.53 -42.02
N LEU G 188 5.75 -3.60 -42.96
CA LEU G 188 6.51 -2.39 -42.68
C LEU G 188 5.62 -1.25 -42.28
N LEU G 189 6.13 -0.42 -41.39
CA LEU G 189 5.49 0.83 -41.06
C LEU G 189 6.30 1.96 -41.61
N THR G 190 7.61 1.75 -41.68
CA THR G 190 8.53 2.72 -42.24
C THR G 190 9.38 2.06 -43.32
N LEU G 191 9.49 2.69 -44.49
CA LEU G 191 10.21 2.07 -45.60
C LEU G 191 11.65 1.71 -45.25
N SER G 192 12.33 2.60 -44.52
CA SER G 192 13.73 2.37 -44.14
C SER G 192 13.94 1.15 -43.26
N ALA G 193 12.86 0.59 -42.74
CA ALA G 193 12.94 -0.58 -41.86
C ALA G 193 13.53 -1.80 -42.58
N SER G 194 13.43 -1.83 -43.92
CA SER G 194 13.94 -2.97 -44.67
C SER G 194 14.78 -2.55 -45.89
N PRO G 195 16.12 -2.52 -45.75
CA PRO G 195 17.10 -2.14 -46.76
C PRO G 195 16.93 -2.91 -48.06
N SER G 196 16.48 -4.15 -47.96
CA SER G 196 16.26 -4.97 -49.14
C SER G 196 15.34 -4.27 -50.12
N LEU G 197 14.28 -3.65 -49.58
CA LEU G 197 13.31 -2.98 -50.42
C LEU G 197 13.88 -1.68 -50.95
N MET G 198 14.59 -0.95 -50.09
CA MET G 198 15.16 0.32 -50.52
C MET G 198 16.09 0.11 -51.69
N THR G 199 16.87 -0.97 -51.65
CA THR G 199 17.81 -1.25 -52.72
C THR G 199 17.09 -1.46 -54.05
N GLU G 200 16.05 -2.28 -54.04
CA GLU G 200 15.31 -2.53 -55.29
C GLU G 200 14.65 -1.26 -55.80
N LEU G 201 14.15 -0.44 -54.89
CA LEU G 201 13.53 0.82 -55.26
C LEU G 201 14.55 1.76 -55.91
N ALA G 202 15.77 1.77 -55.36
CA ALA G 202 16.83 2.60 -55.91
C ALA G 202 17.14 2.20 -57.35
N GLU G 203 17.16 0.89 -57.61
CA GLU G 203 17.43 0.40 -58.96
C GLU G 203 16.34 0.86 -59.91
N LEU G 204 15.08 0.81 -59.46
CA LEU G 204 13.99 1.27 -60.28
C LEU G 204 14.17 2.73 -60.66
N LEU G 205 14.47 3.56 -59.67
CA LEU G 205 14.63 4.98 -59.91
C LEU G 205 15.72 5.22 -60.95
N HIS G 206 16.83 4.51 -60.80
CA HIS G 206 17.94 4.63 -61.75
C HIS G 206 17.49 4.31 -63.16
N HIS G 207 16.82 3.18 -63.34
CA HIS G 207 16.39 2.76 -64.65
C HIS G 207 15.42 3.76 -65.27
N LEU G 208 14.52 4.30 -64.45
CA LEU G 208 13.55 5.27 -64.95
C LEU G 208 14.26 6.48 -65.51
N GLN G 209 15.25 6.98 -64.79
CA GLN G 209 15.99 8.15 -65.23
C GLN G 209 16.77 7.86 -66.51
N ALA G 210 17.40 6.69 -66.56
CA ALA G 210 18.20 6.33 -67.72
C ALA G 210 17.33 6.22 -68.96
N ARG G 211 16.17 5.57 -68.83
CA ARG G 211 15.27 5.39 -69.94
C ARG G 211 14.69 6.71 -70.39
N ARG G 212 14.28 7.53 -69.43
CA ARG G 212 13.66 8.80 -69.74
C ARG G 212 14.61 9.66 -70.56
N GLN G 213 15.88 9.70 -70.18
CA GLN G 213 16.86 10.51 -70.91
C GLN G 213 17.03 10.00 -72.34
N ARG G 214 17.11 8.69 -72.50
CA ARG G 214 17.27 8.11 -73.84
C ARG G 214 16.09 8.48 -74.73
N LEU G 215 14.88 8.42 -74.16
CA LEU G 215 13.69 8.75 -74.91
C LEU G 215 13.64 10.23 -75.24
N MET G 216 13.96 11.05 -74.26
CA MET G 216 13.87 12.49 -74.39
C MET G 216 14.73 13.03 -75.52
N SER G 217 15.89 12.42 -75.72
CA SER G 217 16.79 12.87 -76.77
C SER G 217 16.21 12.64 -78.18
N MET G 218 15.15 11.83 -78.29
CA MET G 218 14.54 11.56 -79.59
C MET G 218 13.42 12.54 -79.91
N ARG G 219 13.13 13.46 -79.02
CA ARG G 219 12.07 14.42 -79.25
C ARG G 219 12.35 15.26 -80.49
N ALA G 232 2.49 9.58 -84.98
CA ALA G 232 3.51 8.54 -84.92
C ALA G 232 4.34 8.69 -83.67
N ASP G 233 4.32 9.88 -83.10
CA ASP G 233 5.08 10.20 -81.90
C ASP G 233 4.23 10.04 -80.66
N VAL G 234 3.04 9.49 -80.81
CA VAL G 234 2.13 9.35 -79.69
C VAL G 234 2.74 8.50 -78.59
N SER G 235 3.35 7.38 -78.96
CA SER G 235 3.95 6.50 -77.97
C SER G 235 5.10 7.17 -77.25
N LEU G 236 5.91 7.92 -78.00
CA LEU G 236 7.05 8.61 -77.40
C LEU G 236 6.60 9.66 -76.42
N PHE G 237 5.66 10.50 -76.85
CA PHE G 237 5.19 11.59 -76.02
C PHE G 237 4.47 11.05 -74.80
N TRP G 238 3.65 10.04 -75.01
CA TRP G 238 2.92 9.42 -73.92
C TRP G 238 3.87 8.84 -72.88
N LEU G 239 4.88 8.10 -73.33
CA LEU G 239 5.79 7.48 -72.39
C LEU G 239 6.58 8.51 -71.63
N LEU G 240 7.05 9.55 -72.35
CA LEU G 240 7.77 10.62 -71.68
C LEU G 240 6.90 11.31 -70.66
N ASN G 241 5.64 11.55 -71.01
CA ASN G 241 4.72 12.22 -70.11
C ASN G 241 4.57 11.40 -68.83
N ALA G 242 4.33 10.10 -68.98
CA ALA G 242 4.15 9.22 -67.84
C ALA G 242 5.37 9.22 -66.94
N LEU G 243 6.56 9.15 -67.55
CA LEU G 243 7.79 9.09 -66.79
C LEU G 243 8.11 10.43 -66.15
N ASN G 244 7.87 11.51 -66.87
CA ASN G 244 8.19 12.84 -66.38
C ASN G 244 7.29 13.22 -65.23
N SER G 245 6.03 12.81 -65.31
CA SER G 245 5.08 13.09 -64.24
C SER G 245 5.46 12.36 -62.96
N ALA G 246 5.80 11.07 -63.09
CA ALA G 246 6.12 10.25 -61.93
C ALA G 246 7.44 10.62 -61.27
N GLU G 247 8.47 10.91 -62.06
CA GLU G 247 9.82 11.08 -61.50
C GLU G 247 9.91 12.06 -60.30
N PRO G 248 9.35 13.29 -60.37
CA PRO G 248 9.43 14.30 -59.34
C PRO G 248 8.80 13.86 -58.03
N VAL G 249 7.92 12.86 -58.09
CA VAL G 249 7.24 12.40 -56.88
C VAL G 249 7.93 11.20 -56.31
N LEU G 250 8.24 10.24 -57.16
CA LEU G 250 8.90 9.05 -56.68
C LEU G 250 10.21 9.43 -56.04
N LYS G 251 10.95 10.30 -56.70
CA LYS G 251 12.20 10.80 -56.17
C LYS G 251 12.08 11.16 -54.70
N GLU G 252 11.18 12.09 -54.38
CA GLU G 252 11.03 12.56 -53.00
C GLU G 252 10.72 11.43 -52.04
N LEU G 253 9.81 10.54 -52.44
CA LEU G 253 9.41 9.44 -51.58
C LEU G 253 10.58 8.53 -51.26
N LEU G 254 11.49 8.37 -52.21
CA LEU G 254 12.64 7.50 -52.00
C LEU G 254 13.80 8.23 -51.32
N ASP G 255 13.92 9.55 -51.54
CA ASP G 255 14.98 10.31 -50.90
C ASP G 255 14.82 10.28 -49.38
N MET G 256 13.57 10.43 -48.93
CA MET G 256 13.23 10.36 -47.51
C MET G 256 12.33 9.16 -47.18
N PRO G 257 12.89 7.94 -47.02
CA PRO G 257 12.17 6.70 -46.80
C PRO G 257 11.71 6.58 -45.36
N TYR G 258 11.00 7.59 -44.90
CA TYR G 258 10.57 7.62 -43.52
C TYR G 258 9.09 7.91 -43.41
N ARG G 259 8.27 7.01 -43.94
CA ARG G 259 6.84 7.16 -43.88
C ARG G 259 6.17 5.83 -44.20
N HIS G 260 4.87 5.77 -43.97
CA HIS G 260 4.08 4.58 -44.23
C HIS G 260 4.15 4.21 -45.72
N PRO G 261 4.45 2.94 -46.06
CA PRO G 261 4.62 2.42 -47.42
C PRO G 261 3.37 2.58 -48.26
N GLU G 262 2.22 2.74 -47.62
CA GLU G 262 0.98 2.93 -48.36
C GLU G 262 1.12 4.03 -49.41
N LEU G 263 1.81 5.11 -49.05
CA LEU G 263 1.94 6.25 -49.94
C LEU G 263 2.73 5.89 -51.19
N LEU G 264 3.76 5.10 -51.00
CA LEU G 264 4.61 4.67 -52.10
C LEU G 264 3.84 3.74 -53.00
N TYR G 265 3.10 2.83 -52.40
CA TYR G 265 2.33 1.88 -53.18
C TYR G 265 1.43 2.59 -54.17
N ARG G 266 0.68 3.59 -53.71
CA ARG G 266 -0.22 4.28 -54.62
C ARG G 266 0.52 4.87 -55.79
N GLU G 267 1.67 5.50 -55.54
CA GLU G 267 2.42 6.12 -56.62
C GLU G 267 2.94 5.09 -57.62
N LEU G 268 3.48 3.99 -57.12
CA LEU G 268 4.02 2.97 -58.00
C LEU G 268 2.90 2.35 -58.82
N ALA G 269 1.75 2.15 -58.19
CA ALA G 269 0.61 1.55 -58.87
C ALA G 269 0.17 2.42 -60.04
N ARG G 270 0.15 3.74 -59.85
CA ARG G 270 -0.24 4.63 -60.95
C ARG G 270 0.68 4.49 -62.14
N LEU G 271 1.98 4.43 -61.88
CA LEU G 271 2.96 4.30 -62.94
C LEU G 271 2.75 2.99 -63.70
N ALA G 272 2.60 1.89 -62.97
CA ALA G 272 2.38 0.61 -63.61
C ALA G 272 1.09 0.63 -64.40
N GLY G 273 0.07 1.26 -63.83
CA GLY G 273 -1.24 1.34 -64.44
C GLY G 273 -1.13 1.95 -65.82
N SER G 274 -0.49 3.11 -65.90
CA SER G 274 -0.33 3.79 -67.17
C SER G 274 0.45 2.95 -68.17
N LEU G 275 1.61 2.44 -67.76
CA LEU G 275 2.49 1.75 -68.69
C LEU G 275 1.83 0.52 -69.33
N LEU G 276 1.01 -0.18 -68.54
CA LEU G 276 0.28 -1.36 -69.01
C LEU G 276 -0.63 -1.07 -70.20
N THR G 277 -0.94 0.20 -70.44
CA THR G 277 -1.82 0.58 -71.53
C THR G 277 -1.27 0.16 -72.89
N PHE G 278 0.04 0.33 -73.08
CA PHE G 278 0.66 0.05 -74.36
C PHE G 278 1.33 -1.32 -74.37
N SER G 279 1.67 -1.83 -73.20
CA SER G 279 2.23 -3.17 -73.08
C SER G 279 1.21 -4.21 -73.54
N LEU G 280 1.67 -5.28 -74.19
CA LEU G 280 0.76 -6.32 -74.66
C LEU G 280 1.00 -7.66 -73.96
N GLU G 281 2.22 -7.85 -73.49
CA GLU G 281 2.68 -9.10 -72.93
C GLU G 281 2.29 -9.33 -71.46
N HIS G 282 1.56 -8.38 -70.87
CA HIS G 282 1.14 -8.52 -69.48
C HIS G 282 -0.36 -8.49 -69.34
N ASN G 283 -0.85 -9.13 -68.29
CA ASN G 283 -2.27 -9.17 -67.98
C ASN G 283 -2.77 -7.84 -67.46
N VAL G 284 -4.06 -7.60 -67.64
CA VAL G 284 -4.67 -6.35 -67.24
C VAL G 284 -4.51 -6.11 -65.74
N ASP G 285 -4.66 -7.17 -64.96
CA ASP G 285 -4.55 -7.10 -63.52
C ASP G 285 -3.15 -7.46 -63.03
N ALA G 286 -2.15 -7.13 -63.83
CA ALA G 286 -0.75 -7.38 -63.49
C ALA G 286 -0.35 -6.69 -62.19
N VAL G 287 -1.01 -5.58 -61.84
CA VAL G 287 -0.68 -4.87 -60.61
C VAL G 287 -1.34 -5.58 -59.43
N PRO G 288 -0.56 -6.03 -58.44
CA PRO G 288 -0.99 -6.78 -57.28
C PRO G 288 -1.74 -5.91 -56.31
N ALA G 289 -2.58 -6.52 -55.49
CA ALA G 289 -3.25 -5.81 -54.41
C ALA G 289 -2.27 -5.54 -53.29
N TYR G 290 -2.57 -4.54 -52.47
CA TYR G 290 -1.72 -4.28 -51.33
C TYR G 290 -2.07 -5.20 -50.17
N HIS G 291 -1.10 -5.96 -49.73
CA HIS G 291 -1.26 -6.89 -48.63
C HIS G 291 -0.32 -6.52 -47.53
N HIS G 292 -0.79 -5.73 -46.58
CA HIS G 292 0.05 -5.15 -45.57
C HIS G 292 0.80 -6.21 -44.77
N GLU G 293 0.11 -7.30 -44.47
CA GLU G 293 0.68 -8.38 -43.66
C GLU G 293 1.80 -9.15 -44.37
N THR G 294 1.83 -9.08 -45.70
CA THR G 294 2.79 -9.87 -46.48
C THR G 294 3.37 -9.10 -47.66
N PRO G 295 4.21 -8.09 -47.45
CA PRO G 295 4.78 -7.19 -48.44
C PRO G 295 5.51 -7.94 -49.55
N GLU G 296 5.96 -9.15 -49.22
CA GLU G 296 6.69 -9.98 -50.17
C GLU G 296 5.82 -10.40 -51.34
N ASN G 297 4.52 -10.27 -51.17
CA ASN G 297 3.58 -10.61 -52.22
C ASN G 297 3.06 -9.35 -52.90
N VAL G 298 3.69 -8.22 -52.60
CA VAL G 298 3.27 -6.94 -53.16
C VAL G 298 4.40 -6.26 -53.90
N PHE G 299 5.44 -5.90 -53.16
CA PHE G 299 6.46 -5.02 -53.68
C PHE G 299 7.35 -5.64 -54.76
N PRO G 300 8.14 -6.69 -54.48
CA PRO G 300 8.97 -7.35 -55.46
C PRO G 300 8.21 -7.71 -56.77
N PRO G 301 6.95 -8.22 -56.70
CA PRO G 301 6.06 -8.39 -57.84
C PRO G 301 5.88 -7.11 -58.63
N LEU G 302 5.35 -6.07 -57.98
CA LEU G 302 5.10 -4.81 -58.66
C LEU G 302 6.38 -4.23 -59.25
N LEU G 303 7.47 -4.30 -58.50
CA LEU G 303 8.72 -3.74 -58.96
C LEU G 303 9.24 -4.51 -60.16
N SER G 304 9.11 -5.83 -60.13
CA SER G 304 9.53 -6.66 -61.25
C SER G 304 8.71 -6.31 -62.48
N LEU G 305 7.41 -6.10 -62.28
CA LEU G 305 6.53 -5.70 -63.36
C LEU G 305 6.99 -4.39 -63.97
N LEU G 306 7.24 -3.40 -63.12
CA LEU G 306 7.67 -2.10 -63.60
C LEU G 306 8.97 -2.19 -64.37
N ASN G 307 9.92 -2.99 -63.89
CA ASN G 307 11.18 -3.11 -64.59
C ASN G 307 10.97 -3.67 -65.99
N ARG G 308 10.10 -4.66 -66.11
CA ARG G 308 9.79 -5.24 -67.42
C ARG G 308 9.04 -4.27 -68.32
N LEU G 309 8.07 -3.56 -67.75
CA LEU G 309 7.28 -2.61 -68.54
C LEU G 309 8.16 -1.50 -69.05
N LEU G 310 9.11 -1.10 -68.22
CA LEU G 310 10.02 -0.02 -68.56
C LEU G 310 11.03 -0.47 -69.60
N GLU G 311 11.64 -1.63 -69.40
CA GLU G 311 12.63 -2.15 -70.33
C GLU G 311 12.03 -2.33 -71.72
N ALA G 312 10.80 -2.83 -71.77
CA ALA G 312 10.12 -3.04 -73.03
C ALA G 312 10.11 -1.75 -73.85
N MET H 1 -14.28 -6.37 -5.19
CA MET H 1 -14.67 -7.42 -4.25
C MET H 1 -14.59 -8.81 -4.86
N LYS H 2 -13.38 -9.32 -4.99
CA LYS H 2 -13.19 -10.67 -5.47
C LYS H 2 -13.40 -11.66 -4.35
N ILE H 3 -13.92 -12.83 -4.68
CA ILE H 3 -14.09 -13.89 -3.70
C ILE H 3 -13.15 -15.04 -4.00
N TYR H 4 -12.31 -15.35 -3.04
CA TYR H 4 -11.28 -16.35 -3.24
C TYR H 4 -11.64 -17.68 -2.60
N ARG H 5 -12.46 -18.47 -3.29
CA ARG H 5 -12.89 -19.74 -2.75
C ARG H 5 -11.66 -20.57 -2.36
N PRO H 6 -11.60 -21.09 -1.13
CA PRO H 6 -10.51 -21.87 -0.59
C PRO H 6 -10.46 -23.28 -1.12
N LEU H 7 -9.25 -23.81 -1.18
CA LEU H 7 -9.01 -25.22 -1.50
C LEU H 7 -8.53 -25.97 -0.28
N TRP H 8 -9.06 -27.17 -0.04
CA TRP H 8 -8.54 -28.02 1.02
C TRP H 8 -7.81 -29.22 0.46
N GLU H 9 -6.53 -29.31 0.81
CA GLU H 9 -5.63 -30.34 0.33
C GLU H 9 -5.37 -31.41 1.39
N ASP H 10 -4.54 -32.39 1.04
CA ASP H 10 -4.22 -33.53 1.91
C ASP H 10 -3.91 -33.09 3.35
N GLY H 11 -3.19 -31.98 3.47
CA GLY H 11 -2.85 -31.43 4.78
C GLY H 11 -2.43 -29.98 4.59
N ALA H 12 -2.87 -29.13 5.50
CA ALA H 12 -2.65 -27.69 5.34
C ALA H 12 -2.97 -26.92 6.62
N PHE H 13 -2.60 -25.65 6.62
CA PHE H 13 -2.99 -24.75 7.70
C PHE H 13 -4.41 -24.27 7.52
N LEU H 14 -5.13 -24.11 8.62
CA LEU H 14 -6.39 -23.40 8.57
C LEU H 14 -6.11 -21.92 8.66
N MET H 15 -6.88 -21.11 7.95
CA MET H 15 -6.67 -19.67 7.98
C MET H 15 -7.99 -18.89 8.00
N PRO H 16 -8.04 -17.75 8.70
CA PRO H 16 -9.16 -16.83 8.77
C PRO H 16 -9.70 -16.50 7.39
N GLN H 17 -8.80 -16.38 6.42
CA GLN H 17 -9.20 -16.05 5.07
C GLN H 17 -10.05 -17.14 4.46
N GLN H 18 -9.78 -18.39 4.78
CA GLN H 18 -10.53 -19.49 4.18
C GLN H 18 -11.97 -19.40 4.63
N PHE H 19 -12.16 -19.16 5.91
CA PHE H 19 -13.49 -19.11 6.48
C PHE H 19 -14.26 -17.88 6.02
N GLN H 20 -13.59 -16.73 5.98
CA GLN H 20 -14.25 -15.51 5.57
C GLN H 20 -14.66 -15.55 4.11
N GLN H 21 -13.80 -16.11 3.26
CA GLN H 21 -14.09 -16.16 1.83
C GLN H 21 -15.14 -17.20 1.51
N GLN H 22 -15.13 -18.31 2.23
CA GLN H 22 -16.15 -19.34 2.00
C GLN H 22 -17.52 -18.81 2.33
N ALA H 23 -17.63 -18.08 3.45
CA ALA H 23 -18.91 -17.52 3.83
C ALA H 23 -19.38 -16.54 2.77
N ALA H 24 -18.47 -15.73 2.25
CA ALA H 24 -18.82 -14.74 1.24
C ALA H 24 -19.39 -15.41 0.00
N TRP H 25 -18.78 -16.51 -0.42
CA TRP H 25 -19.27 -17.21 -1.59
C TRP H 25 -20.67 -17.73 -1.38
N ASP H 26 -20.91 -18.37 -0.25
CA ASP H 26 -22.22 -18.93 0.02
C ASP H 26 -23.30 -17.86 0.03
N VAL H 27 -22.98 -16.68 0.56
CA VAL H 27 -23.93 -15.57 0.52
C VAL H 27 -24.18 -15.16 -0.92
N HIS H 28 -23.12 -15.09 -1.71
CA HIS H 28 -23.23 -14.75 -3.12
C HIS H 28 -24.18 -15.70 -3.84
N LEU H 29 -24.02 -17.01 -3.60
CA LEU H 29 -24.87 -17.99 -4.27
C LEU H 29 -26.33 -17.79 -3.92
N ALA H 30 -26.62 -17.53 -2.64
CA ALA H 30 -28.00 -17.31 -2.23
C ALA H 30 -28.59 -16.12 -2.94
N ASP H 31 -27.80 -15.06 -3.07
CA ASP H 31 -28.24 -13.85 -3.73
C ASP H 31 -28.47 -14.12 -5.22
N SER H 32 -27.59 -14.91 -5.82
CA SER H 32 -27.70 -15.26 -7.23
C SER H 32 -29.01 -15.98 -7.51
N VAL H 33 -29.37 -16.93 -6.64
CA VAL H 33 -30.63 -17.65 -6.81
C VAL H 33 -31.84 -16.72 -6.73
N ALA H 34 -31.85 -15.84 -5.75
CA ALA H 34 -33.00 -14.95 -5.61
C ALA H 34 -33.22 -14.15 -6.89
N ARG H 35 -32.12 -13.69 -7.48
CA ARG H 35 -32.16 -12.84 -8.66
C ARG H 35 -32.63 -13.56 -9.92
N MET H 36 -32.83 -14.87 -9.85
CA MET H 36 -33.32 -15.58 -11.02
C MET H 36 -34.79 -15.29 -11.26
N GLY H 37 -35.55 -15.03 -10.19
CA GLY H 37 -36.98 -14.80 -10.34
C GLY H 37 -37.40 -13.38 -10.00
N LEU H 38 -36.62 -12.70 -9.16
CA LEU H 38 -37.01 -11.37 -8.69
C LEU H 38 -35.99 -10.31 -9.03
N ALA H 39 -36.49 -9.22 -9.61
CA ALA H 39 -35.63 -8.10 -10.00
C ALA H 39 -35.04 -7.39 -8.80
N HIS H 40 -35.82 -7.30 -7.71
CA HIS H 40 -35.38 -6.53 -6.55
C HIS H 40 -35.45 -7.30 -5.24
N PRO H 41 -34.63 -8.34 -5.06
CA PRO H 41 -34.62 -9.25 -3.93
C PRO H 41 -33.98 -8.60 -2.71
N TRP H 42 -34.59 -7.53 -2.22
CA TRP H 42 -34.13 -6.82 -1.03
C TRP H 42 -35.24 -5.91 -0.52
N GLY H 43 -35.10 -5.39 0.69
CA GLY H 43 -36.12 -4.50 1.25
C GLY H 43 -36.50 -4.90 2.68
N VAL H 44 -37.57 -4.31 3.18
CA VAL H 44 -38.01 -4.53 4.55
C VAL H 44 -38.97 -5.71 4.66
N VAL H 45 -38.72 -6.55 5.65
CA VAL H 45 -39.59 -7.67 5.97
C VAL H 45 -40.42 -7.29 7.17
N ALA H 46 -39.78 -6.65 8.13
CA ALA H 46 -40.44 -6.19 9.33
C ALA H 46 -39.74 -4.98 9.91
N ALA H 47 -40.51 -4.11 10.54
CA ALA H 47 -39.95 -2.95 11.24
C ALA H 47 -40.93 -2.46 12.28
N GLU H 48 -40.50 -2.48 13.53
CA GLU H 48 -41.35 -2.07 14.64
C GLU H 48 -40.60 -1.12 15.56
N PHE H 49 -41.31 -0.12 16.07
CA PHE H 49 -40.71 0.87 16.95
C PHE H 49 -41.53 1.08 18.21
N ASP H 50 -40.86 1.48 19.29
CA ASP H 50 -41.52 1.86 20.53
C ASP H 50 -41.78 3.35 20.52
N ASP H 51 -43.04 3.73 20.33
CA ASP H 51 -43.39 5.13 20.20
C ASP H 51 -43.65 5.79 21.54
N SER H 52 -43.45 5.04 22.62
CA SER H 52 -43.73 5.56 23.96
C SER H 52 -42.91 6.80 24.25
N LEU H 53 -41.67 6.82 23.78
CA LEU H 53 -40.76 7.93 24.05
C LEU H 53 -40.67 8.88 22.86
N LEU H 54 -41.50 8.69 21.85
CA LEU H 54 -41.46 9.53 20.68
C LEU H 54 -41.80 11.01 21.02
N PRO H 55 -42.76 11.27 21.94
CA PRO H 55 -43.11 12.58 22.45
C PRO H 55 -41.92 13.26 23.13
N LEU H 56 -40.88 12.49 23.44
CA LEU H 56 -39.71 13.05 24.08
C LEU H 56 -38.51 12.96 23.13
N SER H 57 -38.79 13.05 21.84
CA SER H 57 -37.78 13.06 20.78
C SER H 57 -36.87 11.83 20.76
N ARG H 58 -37.41 10.66 21.10
CA ARG H 58 -36.61 9.44 21.05
C ARG H 58 -37.25 8.39 20.14
N LEU H 59 -36.50 7.94 19.15
CA LEU H 59 -36.99 6.89 18.26
C LEU H 59 -36.28 5.57 18.55
N ASN H 60 -37.00 4.69 19.25
CA ASN H 60 -36.42 3.45 19.72
C ASN H 60 -36.93 2.22 18.97
N ALA H 61 -36.11 1.68 18.08
CA ALA H 61 -36.51 0.49 17.31
C ALA H 61 -36.66 -0.70 18.24
N THR H 62 -37.62 -1.57 17.95
CA THR H 62 -37.81 -2.78 18.76
C THR H 62 -37.56 -4.05 17.96
N ARG H 63 -37.74 -3.97 16.65
CA ARG H 63 -37.52 -5.11 15.78
C ARG H 63 -37.25 -4.66 14.35
N LEU H 64 -36.17 -5.16 13.76
CA LEU H 64 -35.86 -4.83 12.38
C LEU H 64 -35.41 -6.06 11.60
N ILE H 65 -36.11 -6.34 10.51
CA ILE H 65 -35.69 -7.40 9.61
C ILE H 65 -35.60 -6.84 8.20
N VAL H 66 -34.39 -6.60 7.74
CA VAL H 66 -34.18 -5.94 6.47
C VAL H 66 -33.11 -6.62 5.65
N ARG H 67 -33.43 -6.89 4.39
CA ARG H 67 -32.44 -7.43 3.47
C ARG H 67 -31.85 -6.29 2.67
N PHE H 68 -30.54 -6.16 2.73
CA PHE H 68 -29.87 -5.06 2.07
C PHE H 68 -29.59 -5.37 0.60
N PRO H 69 -29.46 -4.33 -0.24
CA PRO H 69 -29.12 -4.35 -1.66
C PRO H 69 -27.91 -5.20 -2.03
N ASP H 70 -27.09 -5.59 -1.06
CA ASP H 70 -25.91 -6.38 -1.39
C ASP H 70 -25.90 -7.73 -0.71
N GLY H 71 -27.09 -8.31 -0.54
CA GLY H 71 -27.22 -9.69 -0.10
C GLY H 71 -27.09 -9.88 1.41
N THR H 72 -26.84 -8.81 2.14
CA THR H 72 -26.67 -8.91 3.59
C THR H 72 -28.02 -8.90 4.29
N LEU H 73 -28.26 -9.93 5.09
CA LEU H 73 -29.52 -10.02 5.83
C LEU H 73 -29.37 -9.62 7.27
N ILE H 74 -30.13 -8.63 7.69
CA ILE H 74 -30.15 -8.19 9.06
C ILE H 74 -31.43 -8.62 9.73
N ASP H 75 -31.30 -9.34 10.83
CA ASP H 75 -32.45 -9.81 11.57
C ASP H 75 -32.20 -9.70 13.07
N THR H 76 -32.78 -8.68 13.69
CA THR H 76 -32.50 -8.36 15.09
C THR H 76 -33.30 -9.25 16.02
N GLU H 77 -34.11 -10.12 15.46
CA GLU H 77 -34.87 -11.07 16.26
C GLU H 77 -34.07 -12.35 16.40
N ARG H 78 -33.54 -12.83 15.27
CA ARG H 78 -32.86 -14.11 15.24
C ARG H 78 -31.34 -14.06 15.44
N ALA H 79 -30.65 -13.05 14.90
CA ALA H 79 -29.19 -13.11 14.95
C ALA H 79 -28.48 -11.75 14.91
N ASP H 80 -29.03 -10.74 15.56
CA ASP H 80 -28.36 -9.43 15.55
C ASP H 80 -28.86 -8.54 16.69
N ASN H 81 -28.30 -7.34 16.80
CA ASN H 81 -28.72 -6.38 17.81
C ASN H 81 -29.52 -5.22 17.24
N LEU H 82 -30.30 -4.58 18.10
CA LEU H 82 -31.00 -3.35 17.71
C LEU H 82 -30.03 -2.17 17.73
N PRO H 83 -30.26 -1.16 16.88
CA PRO H 83 -29.51 0.07 16.80
C PRO H 83 -29.79 0.95 18.03
N PRO H 84 -28.86 1.84 18.38
CA PRO H 84 -28.99 2.88 19.39
C PRO H 84 -30.18 3.79 19.10
N VAL H 85 -30.75 4.37 20.14
CA VAL H 85 -31.92 5.23 20.00
C VAL H 85 -31.56 6.55 19.33
N CYS H 86 -32.33 6.88 18.29
CA CYS H 86 -32.11 8.11 17.53
C CYS H 86 -32.69 9.32 18.24
N ASP H 87 -31.85 10.35 18.42
CA ASP H 87 -32.26 11.60 19.07
C ASP H 87 -32.79 12.60 18.04
N LEU H 88 -34.06 12.92 18.12
CA LEU H 88 -34.72 13.75 17.12
C LEU H 88 -34.59 15.24 17.45
N SER H 89 -33.90 15.56 18.55
CA SER H 89 -33.78 16.93 19.04
C SER H 89 -33.06 17.84 18.06
N THR H 90 -32.29 17.26 17.16
CA THR H 90 -31.48 18.03 16.24
C THR H 90 -32.23 18.39 14.97
N VAL H 91 -33.45 17.87 14.83
CA VAL H 91 -34.25 18.12 13.65
C VAL H 91 -35.59 18.76 14.06
N SER H 92 -35.60 19.36 15.24
CA SER H 92 -36.80 20.01 15.79
C SER H 92 -37.34 21.08 14.84
N ASP H 93 -36.45 21.71 14.11
CA ASP H 93 -36.79 22.78 13.18
C ASP H 93 -37.70 22.30 12.02
N ARG H 94 -37.63 21.01 11.68
CA ARG H 94 -38.37 20.52 10.51
C ARG H 94 -39.71 19.89 10.87
N SER H 95 -40.67 20.02 9.96
CA SER H 95 -42.01 19.44 10.11
C SER H 95 -42.08 17.99 9.66
N LEU H 96 -41.03 17.50 9.02
CA LEU H 96 -40.99 16.14 8.48
C LEU H 96 -39.56 15.64 8.37
N VAL H 97 -39.32 14.44 8.90
CA VAL H 97 -38.00 13.83 8.77
C VAL H 97 -38.11 12.34 8.43
N ASP H 98 -37.34 11.91 7.43
CA ASP H 98 -37.29 10.50 7.08
C ASP H 98 -36.13 9.82 7.77
N ILE H 99 -36.37 8.60 8.24
CA ILE H 99 -35.35 7.82 8.93
C ILE H 99 -35.02 6.55 8.16
N VAL H 100 -33.73 6.29 8.01
CA VAL H 100 -33.29 5.10 7.30
C VAL H 100 -32.42 4.24 8.20
N LEU H 101 -32.36 2.96 7.90
CA LEU H 101 -31.45 2.07 8.60
C LEU H 101 -30.15 2.00 7.85
N ALA H 102 -29.08 2.35 8.53
CA ALA H 102 -27.79 2.43 7.88
C ALA H 102 -26.86 1.33 8.31
N LEU H 103 -26.16 0.76 7.34
CA LEU H 103 -25.16 -0.27 7.55
C LEU H 103 -23.86 0.13 6.82
N PRO H 104 -22.75 0.37 7.53
CA PRO H 104 -21.46 0.77 7.00
C PRO H 104 -21.00 -0.15 5.90
N LEU H 105 -20.43 0.43 4.85
CA LEU H 105 -19.96 -0.33 3.69
C LEU H 105 -18.73 -1.16 4.01
N LEU H 106 -18.64 -2.35 3.41
CA LEU H 106 -17.51 -3.23 3.60
C LEU H 106 -16.24 -2.66 2.96
N ASN H 107 -15.13 -2.72 3.70
CA ASN H 107 -13.85 -2.25 3.20
C ASN H 107 -13.05 -3.39 2.59
N ALA H 108 -12.83 -3.32 1.29
CA ALA H 108 -12.13 -4.37 0.56
C ALA H 108 -10.73 -4.58 1.11
N ASN H 109 -10.16 -3.53 1.71
CA ASN H 109 -8.79 -3.57 2.19
C ASN H 109 -8.69 -3.89 3.68
N GLY H 110 -9.77 -4.34 4.28
CA GLY H 110 -9.74 -4.75 5.68
C GLY H 110 -10.00 -3.60 6.64
N GLY H 111 -9.82 -3.86 7.92
CA GLY H 111 -10.15 -2.88 8.95
C GLY H 111 -11.66 -2.76 9.15
N ASN H 112 -12.39 -3.86 8.93
CA ASN H 112 -13.83 -3.83 9.03
C ASN H 112 -14.32 -3.98 10.47
N LEU H 113 -13.52 -4.60 11.34
CA LEU H 113 -13.93 -4.83 12.71
C LEU H 113 -13.72 -3.58 13.56
N ASP H 114 -14.74 -3.24 14.36
CA ASP H 114 -14.69 -2.11 15.27
C ASP H 114 -13.93 -2.45 16.54
N ASN H 115 -12.74 -1.84 16.70
CA ASN H 115 -11.90 -2.13 17.84
C ASN H 115 -12.04 -1.08 18.94
N GLY H 116 -13.06 -0.24 18.83
CA GLY H 116 -13.33 0.79 19.82
C GLY H 116 -12.64 2.12 19.51
N SER H 117 -11.77 2.14 18.51
CA SER H 117 -11.08 3.38 18.14
C SER H 117 -11.97 4.25 17.26
N GLU H 118 -11.60 5.51 17.11
CA GLU H 118 -12.33 6.42 16.25
C GLU H 118 -11.65 6.56 14.89
N SER H 119 -12.44 6.76 13.85
CA SER H 119 -11.91 6.98 12.50
C SER H 119 -12.95 7.63 11.60
N GLU H 120 -12.50 8.16 10.46
CA GLU H 120 -13.40 8.77 9.49
C GLU H 120 -14.44 7.80 8.97
N ARG H 121 -14.00 6.59 8.66
CA ARG H 121 -14.89 5.59 8.10
C ARG H 121 -15.51 4.76 9.23
N PRO H 122 -16.84 4.59 9.24
CA PRO H 122 -17.55 3.79 10.21
C PRO H 122 -17.17 2.33 10.01
N ARG H 123 -17.02 1.61 11.11
CA ARG H 123 -16.69 0.19 11.04
C ARG H 123 -17.96 -0.63 10.85
N ARG H 124 -17.84 -1.78 10.21
CA ARG H 124 -19.02 -2.58 9.87
C ARG H 124 -19.35 -3.63 10.91
N TRP H 125 -18.33 -4.27 11.48
CA TRP H 125 -18.56 -5.41 12.37
C TRP H 125 -18.26 -5.07 13.82
N LYS H 126 -18.96 -5.72 14.73
CA LYS H 126 -18.64 -5.66 16.14
C LYS H 126 -18.44 -7.06 16.70
N SER H 127 -17.61 -7.17 17.73
CA SER H 127 -17.34 -8.45 18.37
C SER H 127 -17.99 -8.56 19.74
N GLU H 128 -18.96 -9.45 19.87
CA GLU H 128 -19.66 -9.64 21.13
C GLU H 128 -19.49 -11.07 21.63
N ARG H 129 -19.05 -11.22 22.87
CA ARG H 129 -18.85 -12.55 23.44
C ARG H 129 -20.08 -13.04 24.17
N VAL H 130 -20.65 -14.14 23.70
CA VAL H 130 -21.86 -14.68 24.30
C VAL H 130 -21.70 -16.17 24.59
N ASN H 131 -22.56 -16.69 25.45
CA ASN H 131 -22.55 -18.12 25.75
C ASN H 131 -23.36 -18.90 24.76
N VAL H 132 -22.70 -19.73 23.98
CA VAL H 132 -23.36 -20.50 22.94
C VAL H 132 -23.42 -21.97 23.30
N GLN H 133 -24.61 -22.51 23.29
CA GLN H 133 -24.85 -23.91 23.63
C GLN H 133 -24.50 -24.81 22.46
N GLU H 134 -23.71 -25.84 22.73
CA GLU H 134 -23.42 -26.85 21.72
C GLU H 134 -24.66 -27.68 21.48
N LEU H 135 -25.00 -27.93 20.21
CA LEU H 135 -26.21 -28.67 19.93
C LEU H 135 -26.07 -30.15 20.21
N ALA H 136 -24.93 -30.72 19.86
CA ALA H 136 -24.75 -32.17 20.01
C ALA H 136 -24.70 -32.59 21.47
N GLY H 137 -23.89 -31.88 22.26
CA GLY H 137 -23.65 -32.24 23.67
C GLY H 137 -24.45 -31.37 24.64
N HIS H 138 -23.91 -31.22 25.86
CA HIS H 138 -24.60 -30.48 26.92
C HIS H 138 -23.78 -29.31 27.45
N GLU H 139 -22.65 -29.04 26.83
CA GLU H 139 -21.76 -27.98 27.27
C GLU H 139 -22.05 -26.66 26.56
N GLN H 140 -21.73 -25.55 27.22
CA GLN H 140 -21.81 -24.24 26.58
C GLN H 140 -20.60 -23.40 26.96
N SER H 141 -20.21 -22.48 26.09
CA SER H 141 -19.05 -21.63 26.36
C SER H 141 -19.10 -20.32 25.61
N GLU H 142 -18.17 -19.42 25.94
CA GLU H 142 -18.11 -18.12 25.29
C GLU H 142 -17.53 -18.23 23.88
N VAL H 143 -18.24 -17.65 22.93
CA VAL H 143 -17.83 -17.61 21.53
C VAL H 143 -17.92 -16.19 21.00
N ALA H 144 -16.91 -15.78 20.23
CA ALA H 144 -16.97 -14.46 19.62
C ALA H 144 -17.94 -14.47 18.45
N VAL H 145 -19.00 -13.68 18.56
CA VAL H 145 -20.07 -13.65 17.58
C VAL H 145 -20.13 -12.30 16.88
N LEU H 146 -20.30 -12.34 15.56
CA LEU H 146 -20.33 -11.13 14.77
C LEU H 146 -21.69 -10.45 14.85
N ARG H 147 -21.65 -9.16 15.13
CA ARG H 147 -22.84 -8.32 15.14
C ARG H 147 -22.63 -7.18 14.17
N HIS H 148 -23.70 -6.62 13.64
CA HIS H 148 -23.52 -5.51 12.71
C HIS H 148 -23.62 -4.16 13.36
N ASN H 149 -22.85 -3.20 12.87
CA ASN H 149 -22.88 -1.85 13.39
C ASN H 149 -24.05 -1.08 12.81
N LEU H 150 -25.23 -1.45 13.24
CA LEU H 150 -26.45 -0.85 12.75
C LEU H 150 -26.72 0.47 13.44
N THR H 151 -27.28 1.41 12.70
CA THR H 151 -27.66 2.67 13.29
C THR H 151 -28.76 3.34 12.47
N LEU H 152 -29.59 4.13 13.13
CA LEU H 152 -30.59 4.89 12.41
C LEU H 152 -30.06 6.27 12.11
N ARG H 153 -30.26 6.72 10.88
CA ARG H 153 -29.74 8.01 10.45
C ARG H 153 -30.79 8.86 9.78
N MET H 154 -30.59 10.16 9.84
CA MET H 154 -31.47 11.09 9.18
C MET H 154 -31.30 10.97 7.67
N ALA H 155 -32.39 10.80 6.96
CA ALA H 155 -32.31 10.61 5.53
C ALA H 155 -31.65 11.78 4.81
N HIS H 156 -31.86 13.00 5.32
CA HIS H 156 -31.35 14.19 4.64
C HIS H 156 -29.87 14.49 4.91
N GLN H 157 -29.25 13.80 5.87
CA GLN H 157 -27.85 14.10 6.15
C GLN H 157 -26.97 13.24 5.28
N GLU H 158 -25.73 13.63 5.09
CA GLU H 158 -24.82 12.86 4.27
C GLU H 158 -24.72 11.41 4.78
N ASN H 159 -24.92 10.46 3.87
CA ASN H 159 -24.86 9.04 4.21
C ASN H 159 -23.96 8.27 3.25
N ALA H 160 -22.90 8.93 2.77
CA ALA H 160 -22.04 8.34 1.74
C ALA H 160 -21.39 7.03 2.16
N ALA H 161 -21.03 6.91 3.44
CA ALA H 161 -20.30 5.73 3.91
C ALA H 161 -21.20 4.57 4.28
N TRP H 162 -22.51 4.73 4.13
CA TRP H 162 -23.44 3.70 4.55
C TRP H 162 -24.32 3.21 3.43
N LEU H 163 -24.68 1.94 3.50
CA LEU H 163 -25.72 1.42 2.64
C LEU H 163 -27.01 1.58 3.41
N THR H 164 -28.02 2.21 2.81
CA THR H 164 -29.21 2.54 3.57
C THR H 164 -30.49 1.96 3.01
N CYS H 165 -31.46 1.77 3.91
CA CYS H 165 -32.80 1.34 3.55
C CYS H 165 -33.82 1.97 4.50
N PRO H 166 -34.79 2.76 3.98
CA PRO H 166 -35.85 3.44 4.72
C PRO H 166 -36.61 2.49 5.62
N VAL H 167 -36.91 2.96 6.83
CA VAL H 167 -37.67 2.16 7.78
C VAL H 167 -38.89 2.89 8.34
N THR H 168 -38.81 4.21 8.45
CA THR H 168 -39.94 4.95 9.02
C THR H 168 -39.88 6.43 8.67
N ARG H 169 -41.03 7.08 8.71
CA ARG H 169 -41.11 8.53 8.53
C ARG H 169 -41.82 9.19 9.69
N LEU H 170 -41.27 10.28 10.17
CA LEU H 170 -41.87 11.02 11.26
C LEU H 170 -42.34 12.38 10.81
N VAL H 171 -43.46 12.81 11.36
CA VAL H 171 -44.01 14.13 11.07
C VAL H 171 -44.39 14.83 12.35
N ARG H 172 -44.59 16.14 12.30
CA ARG H 172 -45.06 16.86 13.47
C ARG H 172 -46.58 16.90 13.50
N ASP H 173 -47.16 16.55 14.64
CA ASP H 173 -48.58 16.52 14.82
C ASP H 173 -49.12 17.90 15.21
N ALA H 174 -50.42 17.99 15.40
CA ALA H 174 -51.06 19.26 15.76
C ALA H 174 -50.48 19.85 17.05
N GLN H 175 -50.08 18.98 17.97
CA GLN H 175 -49.54 19.41 19.25
C GLN H 175 -48.06 19.76 19.18
N GLY H 176 -47.48 19.65 17.98
CA GLY H 176 -46.07 19.97 17.78
C GLY H 176 -45.18 18.79 18.15
N GLN H 177 -45.77 17.67 18.50
CA GLN H 177 -45.02 16.49 18.88
C GLN H 177 -44.76 15.60 17.68
N TRP H 178 -43.70 14.82 17.75
CA TRP H 178 -43.41 13.89 16.68
C TRP H 178 -44.37 12.71 16.70
N CYS H 179 -44.75 12.24 15.53
CA CYS H 179 -45.55 11.04 15.40
C CYS H 179 -45.19 10.35 14.09
N ARG H 180 -45.60 9.10 13.95
CA ARG H 180 -45.30 8.37 12.72
C ARG H 180 -46.29 8.69 11.63
N ASP H 181 -45.77 8.84 10.41
CA ASP H 181 -46.59 9.09 9.24
C ASP H 181 -47.57 7.93 9.01
N PRO H 182 -48.89 8.19 9.06
CA PRO H 182 -49.97 7.22 8.89
C PRO H 182 -49.91 6.46 7.57
N ARG H 183 -49.23 7.02 6.57
CA ARG H 183 -49.16 6.37 5.28
C ARG H 183 -47.75 6.37 4.68
N PHE H 184 -46.82 5.76 5.38
CA PHE H 184 -45.45 5.62 4.89
C PHE H 184 -45.15 4.19 4.49
N ILE H 185 -44.53 4.02 3.33
CA ILE H 185 -44.18 2.69 2.88
C ILE H 185 -42.69 2.62 2.48
N PRO H 186 -41.87 1.80 3.16
CA PRO H 186 -40.48 1.54 2.86
C PRO H 186 -40.43 0.57 1.70
N PRO H 187 -39.28 0.39 1.05
CA PRO H 187 -39.06 -0.65 0.07
C PRO H 187 -39.44 -1.95 0.74
N LEU H 188 -40.36 -2.69 0.14
CA LEU H 188 -40.87 -3.89 0.79
C LEU H 188 -40.25 -5.13 0.19
N LEU H 189 -39.97 -6.10 1.04
CA LEU H 189 -39.54 -7.41 0.57
C LEU H 189 -40.72 -8.37 0.69
N THR H 190 -41.54 -8.13 1.70
CA THR H 190 -42.76 -8.91 1.89
C THR H 190 -43.94 -7.96 2.11
N LEU H 191 -45.13 -8.36 1.70
CA LEU H 191 -46.31 -7.51 1.87
C LEU H 191 -46.61 -7.21 3.33
N SER H 192 -46.37 -8.19 4.18
CA SER H 192 -46.69 -8.07 5.60
C SER H 192 -45.90 -6.97 6.31
N ALA H 193 -44.87 -6.45 5.65
CA ALA H 193 -44.02 -5.43 6.23
C ALA H 193 -44.74 -4.09 6.39
N SER H 194 -45.85 -3.90 5.68
CA SER H 194 -46.55 -2.62 5.76
C SER H 194 -48.07 -2.76 5.87
N PRO H 195 -48.60 -2.79 7.12
CA PRO H 195 -50.01 -2.95 7.48
C PRO H 195 -50.93 -2.00 6.74
N SER H 196 -50.43 -0.81 6.44
CA SER H 196 -51.24 0.18 5.73
C SER H 196 -51.64 -0.33 4.36
N LEU H 197 -50.70 -0.98 3.69
CA LEU H 197 -50.94 -1.49 2.36
C LEU H 197 -51.88 -2.67 2.44
N MET H 198 -51.67 -3.51 3.44
CA MET H 198 -52.49 -4.70 3.61
C MET H 198 -53.95 -4.29 3.77
N THR H 199 -54.18 -3.24 4.56
CA THR H 199 -55.52 -2.76 4.81
C THR H 199 -56.20 -2.30 3.53
N GLU H 200 -55.48 -1.50 2.74
CA GLU H 200 -56.04 -1.01 1.49
C GLU H 200 -56.32 -2.15 0.51
N LEU H 201 -55.43 -3.14 0.48
CA LEU H 201 -55.61 -4.28 -0.39
C LEU H 201 -56.84 -5.08 0.03
N ALA H 202 -57.04 -5.23 1.33
CA ALA H 202 -58.20 -5.93 1.83
C ALA H 202 -59.47 -5.21 1.41
N GLU H 203 -59.47 -3.88 1.50
CA GLU H 203 -60.62 -3.10 1.08
C GLU H 203 -60.90 -3.29 -0.40
N LEU H 204 -59.85 -3.30 -1.22
CA LEU H 204 -60.02 -3.51 -2.64
C LEU H 204 -60.72 -4.83 -2.91
N LEU H 205 -60.24 -5.89 -2.27
CA LEU H 205 -60.82 -7.21 -2.47
C LEU H 205 -62.29 -7.20 -2.12
N HIS H 206 -62.63 -6.56 -1.00
CA HIS H 206 -64.01 -6.46 -0.58
C HIS H 206 -64.88 -5.83 -1.66
N HIS H 207 -64.45 -4.67 -2.17
CA HIS H 207 -65.22 -3.97 -3.18
C HIS H 207 -65.30 -4.79 -4.45
N LEU H 208 -64.19 -5.43 -4.81
CA LEU H 208 -64.13 -6.24 -6.00
C LEU H 208 -65.17 -7.34 -5.93
N GLN H 209 -65.20 -8.04 -4.79
CA GLN H 209 -66.13 -9.14 -4.59
C GLN H 209 -67.58 -8.65 -4.65
N ALA H 210 -67.84 -7.51 -4.03
CA ALA H 210 -69.19 -6.96 -4.02
C ALA H 210 -69.64 -6.63 -5.44
N ARG H 211 -68.75 -6.01 -6.21
CA ARG H 211 -69.05 -5.64 -7.59
C ARG H 211 -69.33 -6.89 -8.41
N ARG H 212 -68.51 -7.91 -8.20
CA ARG H 212 -68.64 -9.17 -8.91
C ARG H 212 -69.98 -9.81 -8.63
N GLN H 213 -70.32 -9.94 -7.35
CA GLN H 213 -71.55 -10.62 -6.98
C GLN H 213 -72.78 -9.91 -7.52
N ARG H 214 -72.77 -8.58 -7.46
CA ARG H 214 -73.91 -7.82 -7.96
C ARG H 214 -74.07 -8.00 -9.46
N LEU H 215 -72.95 -7.91 -10.18
CA LEU H 215 -73.00 -8.04 -11.62
C LEU H 215 -73.39 -9.46 -12.04
N MET H 216 -72.90 -10.45 -11.31
CA MET H 216 -73.24 -11.83 -11.61
C MET H 216 -74.73 -12.07 -11.46
N SER H 217 -75.33 -11.47 -10.43
CA SER H 217 -76.76 -11.58 -10.20
C SER H 217 -77.55 -11.01 -11.37
N MET H 218 -77.13 -9.84 -11.85
CA MET H 218 -77.81 -9.17 -12.95
C MET H 218 -77.48 -9.82 -14.29
N ARG H 219 -77.95 -11.06 -14.46
CA ARG H 219 -77.66 -11.83 -15.66
C ARG H 219 -78.57 -13.04 -15.75
N ASP H 233 -75.02 -7.24 -25.14
CA ASP H 233 -74.03 -6.32 -24.60
C ASP H 233 -72.83 -7.08 -24.04
N VAL H 234 -71.69 -6.93 -24.70
CA VAL H 234 -70.48 -7.64 -24.31
C VAL H 234 -69.76 -6.98 -23.15
N SER H 235 -70.13 -5.73 -22.85
CA SER H 235 -69.47 -4.98 -21.78
C SER H 235 -69.71 -5.67 -20.46
N LEU H 236 -70.91 -6.21 -20.30
CA LEU H 236 -71.28 -6.93 -19.10
C LEU H 236 -70.33 -8.08 -18.87
N PHE H 237 -70.15 -8.89 -19.89
CA PHE H 237 -69.31 -10.06 -19.80
C PHE H 237 -67.86 -9.71 -19.65
N TRP H 238 -67.39 -8.66 -20.32
CA TRP H 238 -66.00 -8.32 -20.21
C TRP H 238 -65.64 -7.90 -18.80
N LEU H 239 -66.48 -7.08 -18.18
CA LEU H 239 -66.14 -6.60 -16.86
C LEU H 239 -66.24 -7.76 -15.89
N LEU H 240 -67.25 -8.62 -16.09
CA LEU H 240 -67.46 -9.74 -15.20
C LEU H 240 -66.34 -10.77 -15.33
N ASN H 241 -65.94 -11.04 -16.57
CA ASN H 241 -64.87 -11.98 -16.82
C ASN H 241 -63.59 -11.54 -16.14
N ALA H 242 -63.26 -10.25 -16.28
CA ALA H 242 -62.05 -9.72 -15.66
C ALA H 242 -62.08 -9.93 -14.15
N LEU H 243 -63.23 -9.70 -13.53
CA LEU H 243 -63.36 -9.86 -12.10
C LEU H 243 -63.21 -11.33 -11.69
N ASN H 244 -63.88 -12.21 -12.43
CA ASN H 244 -63.84 -13.63 -12.10
C ASN H 244 -62.47 -14.22 -12.32
N SER H 245 -61.77 -13.75 -13.34
CA SER H 245 -60.44 -14.25 -13.64
C SER H 245 -59.43 -13.84 -12.58
N ALA H 246 -59.45 -12.57 -12.18
CA ALA H 246 -58.48 -12.05 -11.22
C ALA H 246 -58.72 -12.52 -9.80
N GLU H 247 -59.98 -12.55 -9.38
CA GLU H 247 -60.29 -12.78 -7.96
C GLU H 247 -59.64 -14.02 -7.33
N PRO H 248 -59.69 -15.22 -7.94
CA PRO H 248 -59.16 -16.47 -7.41
C PRO H 248 -57.67 -16.40 -7.12
N VAL H 249 -56.99 -15.45 -7.75
CA VAL H 249 -55.55 -15.31 -7.57
C VAL H 249 -55.24 -14.24 -6.56
N LEU H 250 -55.90 -13.10 -6.68
CA LEU H 250 -55.65 -11.99 -5.78
C LEU H 250 -55.96 -12.42 -4.36
N LYS H 251 -57.00 -13.21 -4.21
CA LYS H 251 -57.39 -13.69 -2.89
C LYS H 251 -56.24 -14.46 -2.25
N GLU H 252 -55.69 -15.44 -2.96
CA GLU H 252 -54.64 -16.27 -2.40
C GLU H 252 -53.43 -15.42 -2.00
N LEU H 253 -53.09 -14.44 -2.83
CA LEU H 253 -51.94 -13.58 -2.55
C LEU H 253 -52.12 -12.79 -1.27
N LEU H 254 -53.36 -12.39 -0.98
CA LEU H 254 -53.62 -11.60 0.21
C LEU H 254 -53.83 -12.47 1.45
N ASP H 255 -54.26 -13.72 1.25
CA ASP H 255 -54.45 -14.63 2.38
C ASP H 255 -53.11 -14.98 3.01
N MET H 256 -52.11 -15.23 2.16
CA MET H 256 -50.73 -15.47 2.61
C MET H 256 -49.76 -14.35 2.19
N PRO H 257 -49.81 -13.18 2.82
CA PRO H 257 -49.08 -11.98 2.45
C PRO H 257 -47.63 -12.04 2.87
N TYR H 258 -46.92 -13.06 2.43
CA TYR H 258 -45.53 -13.21 2.80
C TYR H 258 -44.66 -13.48 1.59
N ARG H 259 -44.85 -12.68 0.57
CA ARG H 259 -44.11 -12.82 -0.68
C ARG H 259 -43.77 -11.47 -1.27
N HIS H 260 -42.83 -11.46 -2.20
CA HIS H 260 -42.36 -10.24 -2.84
C HIS H 260 -43.49 -9.52 -3.60
N PRO H 261 -43.64 -8.19 -3.43
CA PRO H 261 -44.59 -7.32 -4.08
C PRO H 261 -44.66 -7.48 -5.59
N GLU H 262 -43.54 -7.86 -6.23
CA GLU H 262 -43.57 -8.02 -7.69
C GLU H 262 -44.71 -8.93 -8.14
N LEU H 263 -45.03 -9.95 -7.35
CA LEU H 263 -46.07 -10.90 -7.74
C LEU H 263 -47.43 -10.23 -7.71
N LEU H 264 -47.65 -9.41 -6.69
CA LEU H 264 -48.91 -8.70 -6.52
C LEU H 264 -49.06 -7.64 -7.58
N TYR H 265 -47.99 -6.89 -7.81
CA TYR H 265 -48.03 -5.82 -8.78
C TYR H 265 -48.51 -6.33 -10.11
N ARG H 266 -47.91 -7.40 -10.59
CA ARG H 266 -48.29 -7.91 -11.90
C ARG H 266 -49.77 -8.27 -11.97
N GLU H 267 -50.30 -8.91 -10.93
CA GLU H 267 -51.71 -9.28 -10.96
C GLU H 267 -52.62 -8.05 -10.97
N LEU H 268 -52.27 -7.05 -10.17
CA LEU H 268 -53.07 -5.84 -10.12
C LEU H 268 -52.97 -5.08 -11.44
N ALA H 269 -51.77 -5.07 -12.01
CA ALA H 269 -51.55 -4.38 -13.26
C ALA H 269 -52.39 -4.98 -14.37
N ARG H 270 -52.47 -6.31 -14.42
CA ARG H 270 -53.29 -6.97 -15.44
C ARG H 270 -54.74 -6.56 -15.31
N LEU H 271 -55.24 -6.53 -14.08
CA LEU H 271 -56.61 -6.16 -13.83
C LEU H 271 -56.87 -4.73 -14.29
N ALA H 272 -55.99 -3.80 -13.92
CA ALA H 272 -56.16 -2.42 -14.31
C ALA H 272 -56.15 -2.31 -15.83
N GLY H 273 -55.26 -3.06 -16.46
CA GLY H 273 -55.12 -3.04 -17.91
C GLY H 273 -56.43 -3.39 -18.58
N SER H 274 -57.03 -4.51 -18.18
CA SER H 274 -58.28 -4.95 -18.77
C SER H 274 -59.41 -3.94 -18.55
N LEU H 275 -59.53 -3.44 -17.32
CA LEU H 275 -60.63 -2.52 -16.99
C LEU H 275 -60.58 -1.25 -17.84
N LEU H 276 -59.37 -0.75 -18.09
CA LEU H 276 -59.15 0.46 -18.86
C LEU H 276 -59.56 0.32 -20.32
N THR H 277 -59.83 -0.90 -20.77
CA THR H 277 -60.23 -1.13 -22.15
C THR H 277 -61.54 -0.45 -22.47
N PHE H 278 -62.48 -0.47 -21.53
CA PHE H 278 -63.79 0.10 -21.78
C PHE H 278 -63.93 1.50 -21.22
N SER H 279 -63.10 1.85 -20.24
CA SER H 279 -63.16 3.21 -19.72
C SER H 279 -62.86 4.20 -20.85
N LEU H 280 -63.58 5.32 -20.88
CA LEU H 280 -63.37 6.32 -21.91
C LEU H 280 -62.92 7.65 -21.32
N GLU H 281 -62.69 7.66 -20.00
CA GLU H 281 -62.29 8.88 -19.31
C GLU H 281 -60.91 8.74 -18.68
N HIS H 282 -60.37 7.53 -18.68
CA HIS H 282 -59.09 7.26 -18.06
C HIS H 282 -57.99 7.08 -19.08
N ASN H 283 -56.78 7.39 -18.67
CA ASN H 283 -55.63 7.22 -19.54
C ASN H 283 -55.11 5.79 -19.47
N VAL H 284 -54.96 5.15 -20.63
CA VAL H 284 -54.47 3.78 -20.67
C VAL H 284 -53.07 3.66 -20.06
N ASP H 285 -52.34 4.77 -20.00
CA ASP H 285 -51.01 4.81 -19.41
C ASP H 285 -51.06 5.21 -17.93
N ALA H 286 -52.27 5.24 -17.37
CA ALA H 286 -52.47 5.58 -15.97
C ALA H 286 -51.74 4.63 -15.03
N VAL H 287 -51.62 3.36 -15.42
CA VAL H 287 -50.95 2.39 -14.56
C VAL H 287 -49.49 2.76 -14.41
N PRO H 288 -49.00 2.96 -13.17
CA PRO H 288 -47.65 3.37 -12.86
C PRO H 288 -46.67 2.26 -13.09
N ALA H 289 -45.42 2.61 -13.36
CA ALA H 289 -44.37 1.62 -13.44
C ALA H 289 -43.99 1.16 -12.05
N TYR H 290 -43.45 -0.03 -11.94
CA TYR H 290 -43.00 -0.49 -10.65
C TYR H 290 -41.70 0.18 -10.25
N HIS H 291 -41.67 0.68 -9.04
CA HIS H 291 -40.48 1.29 -8.46
C HIS H 291 -40.29 0.72 -7.07
N HIS H 292 -39.18 0.07 -6.86
CA HIS H 292 -38.95 -0.63 -5.61
C HIS H 292 -38.57 0.33 -4.49
N GLU H 293 -37.73 1.30 -4.81
CA GLU H 293 -37.25 2.27 -3.85
C GLU H 293 -38.37 3.17 -3.32
N THR H 294 -39.32 3.49 -4.19
CA THR H 294 -40.38 4.43 -3.86
C THR H 294 -41.78 3.85 -4.11
N PRO H 295 -42.18 2.80 -3.38
CA PRO H 295 -43.40 2.03 -3.57
C PRO H 295 -44.63 2.90 -3.36
N GLU H 296 -44.44 4.03 -2.70
CA GLU H 296 -45.52 4.97 -2.42
C GLU H 296 -46.09 5.53 -3.71
N ASN H 297 -45.30 5.52 -4.77
CA ASN H 297 -45.73 6.04 -6.04
C ASN H 297 -46.19 4.92 -6.96
N VAL H 298 -46.30 3.72 -6.40
CA VAL H 298 -46.71 2.56 -7.17
C VAL H 298 -48.05 2.05 -6.72
N PHE H 299 -48.12 1.61 -5.46
CA PHE H 299 -49.32 0.95 -5.01
C PHE H 299 -50.47 1.90 -4.72
N PRO H 300 -50.31 2.95 -3.89
CA PRO H 300 -51.35 3.90 -3.57
C PRO H 300 -52.11 4.46 -4.81
N PRO H 301 -51.44 4.83 -5.95
CA PRO H 301 -52.10 5.31 -7.14
C PRO H 301 -52.69 4.17 -7.95
N LEU H 302 -52.02 3.02 -8.00
CA LEU H 302 -52.59 1.88 -8.69
C LEU H 302 -53.89 1.46 -8.04
N LEU H 303 -53.90 1.39 -6.71
CA LEU H 303 -55.07 0.99 -5.98
C LEU H 303 -56.19 2.00 -6.14
N SER H 304 -55.82 3.29 -6.13
CA SER H 304 -56.81 4.34 -6.31
C SER H 304 -57.47 4.23 -7.69
N LEU H 305 -56.65 3.96 -8.71
CA LEU H 305 -57.15 3.77 -10.06
C LEU H 305 -58.12 2.60 -10.12
N LEU H 306 -57.73 1.48 -9.51
CA LEU H 306 -58.58 0.31 -9.53
C LEU H 306 -59.91 0.57 -8.84
N ASN H 307 -59.89 1.29 -7.73
CA ASN H 307 -61.13 1.60 -7.03
C ASN H 307 -62.06 2.42 -7.92
N ARG H 308 -61.50 3.43 -8.59
CA ARG H 308 -62.32 4.25 -9.48
C ARG H 308 -62.89 3.44 -10.62
N LEU H 309 -62.07 2.56 -11.19
CA LEU H 309 -62.51 1.73 -12.31
C LEU H 309 -63.62 0.78 -11.91
N LEU H 310 -63.55 0.24 -10.69
CA LEU H 310 -64.60 -0.65 -10.21
C LEU H 310 -65.91 0.11 -10.01
N GLU H 311 -65.82 1.31 -9.46
CA GLU H 311 -67.01 2.13 -9.24
C GLU H 311 -67.65 2.52 -10.56
N ALA H 312 -66.82 2.81 -11.56
CA ALA H 312 -67.31 3.21 -12.86
C ALA H 312 -67.79 2.00 -13.66
N SER H 313 -68.86 1.39 -13.18
CA SER H 313 -69.40 0.19 -13.80
C SER H 313 -70.29 0.54 -14.97
N MET I 1 18.21 9.88 -24.55
CA MET I 1 17.07 10.30 -23.75
C MET I 1 16.03 9.19 -23.67
N LYS I 2 15.98 8.52 -22.52
CA LYS I 2 15.01 7.46 -22.29
C LYS I 2 13.67 8.05 -21.90
N ILE I 3 12.61 7.34 -22.24
CA ILE I 3 11.28 7.71 -21.79
C ILE I 3 10.61 6.50 -21.18
N TYR I 4 10.30 6.58 -19.91
CA TYR I 4 9.74 5.44 -19.22
C TYR I 4 8.24 5.53 -19.14
N ARG I 5 7.59 4.38 -19.09
CA ARG I 5 6.18 4.31 -18.82
C ARG I 5 6.01 3.90 -17.36
N PRO I 6 5.72 4.84 -16.45
CA PRO I 6 5.75 4.66 -15.02
C PRO I 6 4.69 3.68 -14.56
N LEU I 7 4.99 2.96 -13.49
CA LEU I 7 4.02 2.03 -12.94
C LEU I 7 3.29 2.67 -11.78
N TRP I 8 2.00 2.91 -11.94
CA TRP I 8 1.23 3.58 -10.91
C TRP I 8 0.80 2.60 -9.84
N GLU I 9 1.78 2.16 -9.05
CA GLU I 9 1.59 1.16 -8.02
C GLU I 9 0.89 1.73 -6.80
N ASP I 10 -0.08 0.99 -6.29
CA ASP I 10 -0.87 1.43 -5.15
C ASP I 10 -0.13 1.24 -3.83
N GLY I 11 0.16 2.33 -3.16
CA GLY I 11 0.85 2.31 -1.88
C GLY I 11 2.31 2.69 -2.02
N ALA I 12 2.80 2.79 -3.24
CA ALA I 12 4.16 3.18 -3.48
C ALA I 12 4.31 4.68 -3.30
N PHE I 13 5.51 5.14 -3.01
CA PHE I 13 5.74 6.57 -2.89
C PHE I 13 5.42 7.26 -4.20
N LEU I 14 4.68 8.34 -4.12
CA LEU I 14 4.32 9.11 -5.30
C LEU I 14 5.43 10.10 -5.57
N MET I 15 5.96 10.08 -6.80
CA MET I 15 7.15 10.86 -7.14
C MET I 15 6.93 11.77 -8.35
N PRO I 16 7.57 12.94 -8.39
CA PRO I 16 7.50 13.91 -9.47
C PRO I 16 8.02 13.32 -10.78
N GLN I 17 8.89 12.31 -10.68
CA GLN I 17 9.40 11.66 -11.89
C GLN I 17 8.31 10.93 -12.63
N GLN I 18 7.33 10.41 -11.90
CA GLN I 18 6.28 9.64 -12.53
C GLN I 18 5.47 10.51 -13.47
N PHE I 19 5.28 11.76 -13.08
CA PHE I 19 4.49 12.68 -13.85
C PHE I 19 5.27 13.16 -15.05
N GLN I 20 6.56 13.45 -14.85
CA GLN I 20 7.39 13.91 -15.95
C GLN I 20 7.51 12.85 -17.03
N GLN I 21 7.64 11.60 -16.63
CA GLN I 21 7.77 10.51 -17.59
C GLN I 21 6.47 10.23 -18.30
N GLN I 22 5.35 10.31 -17.57
CA GLN I 22 4.07 10.06 -18.20
C GLN I 22 3.80 11.08 -19.29
N ALA I 23 4.10 12.35 -19.00
CA ALA I 23 3.90 13.40 -19.96
C ALA I 23 4.80 13.21 -21.18
N ALA I 24 6.05 12.84 -20.94
CA ALA I 24 7.00 12.67 -22.02
C ALA I 24 6.54 11.59 -22.98
N TRP I 25 6.02 10.49 -22.44
CA TRP I 25 5.54 9.42 -23.29
C TRP I 25 4.41 9.88 -24.19
N ASP I 26 3.44 10.57 -23.61
CA ASP I 26 2.31 11.03 -24.38
C ASP I 26 2.74 11.94 -25.53
N VAL I 27 3.72 12.81 -25.28
CA VAL I 27 4.23 13.66 -26.35
C VAL I 27 4.92 12.83 -27.41
N HIS I 28 5.73 11.86 -26.98
CA HIS I 28 6.42 10.97 -27.89
C HIS I 28 5.45 10.25 -28.80
N LEU I 29 4.38 9.71 -28.22
CA LEU I 29 3.39 8.99 -28.98
C LEU I 29 2.78 9.88 -30.05
N ALA I 30 2.40 11.10 -29.69
CA ALA I 30 1.82 12.03 -30.65
C ALA I 30 2.78 12.32 -31.79
N ASP I 31 4.07 12.47 -31.47
CA ASP I 31 5.08 12.73 -32.47
C ASP I 31 5.24 11.54 -33.40
N SER I 32 5.20 10.35 -32.83
CA SER I 32 5.31 9.12 -33.60
C SER I 32 4.22 9.04 -34.65
N VAL I 33 3.00 9.37 -34.26
CA VAL I 33 1.89 9.35 -35.20
C VAL I 33 2.09 10.31 -36.35
N ALA I 34 2.51 11.53 -36.06
CA ALA I 34 2.70 12.52 -37.11
C ALA I 34 3.68 12.01 -38.16
N ARG I 35 4.74 11.36 -37.71
CA ARG I 35 5.82 10.91 -38.57
C ARG I 35 5.43 9.77 -39.51
N MET I 36 4.25 9.20 -39.34
CA MET I 36 3.83 8.15 -40.23
C MET I 36 3.39 8.70 -41.59
N GLY I 37 2.93 9.95 -41.61
CA GLY I 37 2.43 10.51 -42.86
C GLY I 37 3.33 11.60 -43.46
N LEU I 38 4.07 12.30 -42.60
CA LEU I 38 4.87 13.44 -43.06
C LEU I 38 6.34 13.30 -42.73
N ALA I 39 7.19 13.57 -43.72
CA ALA I 39 8.64 13.47 -43.55
C ALA I 39 9.18 14.50 -42.58
N HIS I 40 8.62 15.70 -42.62
CA HIS I 40 9.13 16.80 -41.80
C HIS I 40 8.06 17.52 -40.98
N PRO I 41 7.47 16.86 -39.98
CA PRO I 41 6.34 17.33 -39.20
C PRO I 41 6.75 18.37 -38.17
N TRP I 42 7.23 19.51 -38.64
CA TRP I 42 7.62 20.62 -37.78
C TRP I 42 7.73 21.91 -38.60
N GLY I 43 7.83 23.05 -37.94
CA GLY I 43 7.94 24.32 -38.65
C GLY I 43 7.03 25.39 -38.07
N VAL I 44 6.89 26.49 -38.81
CA VAL I 44 6.12 27.64 -38.36
C VAL I 44 4.64 27.56 -38.76
N VAL I 45 3.78 27.92 -37.82
CA VAL I 45 2.35 28.04 -38.04
C VAL I 45 1.98 29.51 -38.04
N ALA I 46 2.60 30.26 -37.14
CA ALA I 46 2.36 31.69 -37.06
C ALA I 46 3.65 32.41 -36.68
N ALA I 47 3.85 33.59 -37.26
CA ALA I 47 5.03 34.40 -36.96
C ALA I 47 4.71 35.86 -37.17
N GLU I 48 3.77 36.38 -36.40
CA GLU I 48 3.33 37.77 -36.56
C GLU I 48 4.15 38.68 -35.68
N PHE I 49 4.82 39.65 -36.30
CA PHE I 49 5.69 40.57 -35.59
C PHE I 49 5.20 42.00 -35.54
N ASP I 50 5.57 42.69 -34.47
CA ASP I 50 5.31 44.11 -34.29
C ASP I 50 6.52 44.91 -34.75
N ASP I 51 6.38 45.56 -35.90
CA ASP I 51 7.48 46.34 -36.45
C ASP I 51 7.31 47.84 -36.21
N SER I 52 6.37 48.21 -35.33
CA SER I 52 6.11 49.63 -35.08
C SER I 52 7.31 50.33 -34.46
N LEU I 53 8.10 49.58 -33.69
CA LEU I 53 9.30 50.12 -33.07
C LEU I 53 10.55 49.71 -33.81
N LEU I 54 10.36 49.10 -34.97
CA LEU I 54 11.48 48.65 -35.77
C LEU I 54 12.38 49.81 -36.23
N PRO I 55 11.81 51.00 -36.57
CA PRO I 55 12.52 52.21 -36.91
C PRO I 55 13.41 52.66 -35.76
N LEU I 56 13.17 52.13 -34.56
CA LEU I 56 13.96 52.49 -33.41
C LEU I 56 14.72 51.27 -32.90
N SER I 57 15.14 50.42 -33.82
CA SER I 57 15.97 49.25 -33.53
C SER I 57 15.36 48.29 -32.51
N ARG I 58 14.03 48.13 -32.54
CA ARG I 58 13.40 47.17 -31.65
C ARG I 58 12.41 46.30 -32.40
N LEU I 59 12.61 44.99 -32.31
CA LEU I 59 11.71 44.04 -32.95
C LEU I 59 11.02 43.18 -31.90
N ASN I 60 9.71 43.06 -32.00
CA ASN I 60 9.00 42.24 -31.04
C ASN I 60 7.96 41.39 -31.71
N ALA I 61 7.64 40.26 -31.09
CA ALA I 61 6.65 39.35 -31.62
C ALA I 61 5.28 39.65 -31.04
N THR I 62 4.24 39.33 -31.80
CA THR I 62 2.88 39.46 -31.29
C THR I 62 2.24 38.10 -31.13
N ARG I 63 2.61 37.16 -32.00
CA ARG I 63 2.06 35.81 -31.93
C ARG I 63 2.98 34.81 -32.62
N LEU I 64 3.49 33.86 -31.85
CA LEU I 64 4.37 32.85 -32.40
C LEU I 64 3.83 31.46 -32.12
N ILE I 65 3.69 30.67 -33.17
CA ILE I 65 3.30 29.29 -33.03
C ILE I 65 4.25 28.43 -33.83
N VAL I 66 5.10 27.70 -33.13
CA VAL I 66 6.15 26.94 -33.78
C VAL I 66 6.28 25.54 -33.22
N ARG I 67 6.30 24.56 -34.10
CA ARG I 67 6.57 23.20 -33.67
C ARG I 67 8.05 22.90 -33.87
N PHE I 68 8.72 22.55 -32.80
CA PHE I 68 10.14 22.27 -32.85
C PHE I 68 10.37 20.80 -33.12
N PRO I 69 11.46 20.44 -33.80
CA PRO I 69 11.82 19.10 -34.22
C PRO I 69 12.31 18.24 -33.07
N ASP I 70 11.52 18.17 -31.99
CA ASP I 70 11.71 17.21 -30.93
C ASP I 70 10.38 16.97 -30.26
N GLY I 71 9.32 17.29 -31.00
CA GLY I 71 7.96 17.04 -30.55
C GLY I 71 7.38 18.17 -29.69
N THR I 72 8.22 19.16 -29.34
CA THR I 72 7.77 20.27 -28.50
C THR I 72 6.99 21.30 -29.29
N LEU I 73 5.80 21.63 -28.79
CA LEU I 73 4.99 22.66 -29.42
C LEU I 73 4.95 23.93 -28.58
N ILE I 74 5.36 25.03 -29.18
CA ILE I 74 5.35 26.33 -28.53
C ILE I 74 4.22 27.17 -29.08
N ASP I 75 3.41 27.73 -28.19
CA ASP I 75 2.24 28.49 -28.62
C ASP I 75 1.98 29.68 -27.71
N THR I 76 2.32 30.88 -28.18
CA THR I 76 2.22 32.07 -27.35
C THR I 76 0.82 32.66 -27.35
N GLU I 77 -0.08 32.01 -28.06
CA GLU I 77 -1.46 32.46 -28.06
C GLU I 77 -2.21 31.88 -26.88
N ARG I 78 -1.99 30.58 -26.63
CA ARG I 78 -2.72 29.91 -25.56
C ARG I 78 -1.87 29.10 -24.57
N ALA I 79 -0.55 29.03 -24.75
CA ALA I 79 0.23 28.15 -23.86
C ALA I 79 1.52 28.78 -23.30
N ASP I 80 2.09 29.75 -24.02
CA ASP I 80 3.39 30.29 -23.64
C ASP I 80 3.41 31.81 -23.64
N ASN I 81 4.56 32.38 -23.30
CA ASN I 81 4.74 33.82 -23.32
C ASN I 81 5.53 34.25 -24.55
N LEU I 82 5.34 35.49 -24.94
CA LEU I 82 6.15 36.07 -26.01
C LEU I 82 7.57 36.29 -25.49
N PRO I 83 8.58 36.17 -26.36
CA PRO I 83 9.97 36.38 -26.07
C PRO I 83 10.25 37.87 -25.82
N PRO I 84 11.34 38.20 -25.12
CA PRO I 84 11.87 39.53 -24.91
C PRO I 84 12.10 40.23 -26.24
N VAL I 85 12.07 41.56 -26.20
CA VAL I 85 12.25 42.38 -27.40
C VAL I 85 13.69 42.31 -27.90
N CYS I 86 13.84 42.09 -29.20
CA CYS I 86 15.16 42.00 -29.81
C CYS I 86 15.76 43.38 -30.06
N ASP I 87 16.92 43.63 -29.46
CA ASP I 87 17.62 44.91 -29.59
C ASP I 87 18.61 44.86 -30.74
N LEU I 88 18.34 45.63 -31.78
CA LEU I 88 19.14 45.59 -33.02
C LEU I 88 20.29 46.60 -32.99
N SER I 89 20.51 47.24 -31.84
CA SER I 89 21.55 48.26 -31.73
C SER I 89 22.94 47.72 -32.06
N THR I 90 23.18 46.45 -31.79
CA THR I 90 24.46 45.83 -32.04
C THR I 90 24.49 45.12 -33.39
N VAL I 91 23.44 45.35 -34.18
CA VAL I 91 23.29 44.71 -35.47
C VAL I 91 23.39 45.76 -36.61
N SER I 92 23.55 47.02 -36.23
CA SER I 92 23.56 48.15 -37.16
C SER I 92 24.64 48.08 -38.24
N ASP I 93 25.64 47.24 -38.02
CA ASP I 93 26.73 47.11 -38.97
C ASP I 93 26.40 46.17 -40.13
N ARG I 94 25.21 45.58 -40.11
CA ARG I 94 24.82 44.64 -41.15
C ARG I 94 23.70 45.17 -42.03
N SER I 95 23.70 44.72 -43.30
CA SER I 95 22.68 45.14 -44.27
C SER I 95 21.49 44.17 -44.33
N LEU I 96 21.70 42.96 -43.83
CA LEU I 96 20.69 41.92 -43.89
C LEU I 96 20.94 40.90 -42.80
N VAL I 97 19.93 40.65 -41.97
CA VAL I 97 20.06 39.69 -40.90
C VAL I 97 18.85 38.80 -40.74
N ASP I 98 19.08 37.56 -40.37
CA ASP I 98 17.99 36.64 -40.11
C ASP I 98 17.78 36.45 -38.62
N ILE I 99 16.51 36.34 -38.23
CA ILE I 99 16.14 36.12 -36.84
C ILE I 99 15.52 34.75 -36.68
N VAL I 100 16.04 34.01 -35.71
CA VAL I 100 15.56 32.68 -35.43
C VAL I 100 14.99 32.59 -34.04
N LEU I 101 13.96 31.78 -33.86
CA LEU I 101 13.39 31.56 -32.56
C LEU I 101 14.15 30.45 -31.89
N ALA I 102 14.71 30.72 -30.73
CA ALA I 102 15.56 29.77 -30.06
C ALA I 102 14.92 29.18 -28.82
N LEU I 103 14.99 27.86 -28.71
CA LEU I 103 14.50 27.12 -27.56
C LEU I 103 15.62 26.23 -27.01
N PRO I 104 16.07 26.43 -25.77
CA PRO I 104 17.18 25.71 -25.15
C PRO I 104 16.94 24.21 -25.21
N LEU I 105 18.04 23.48 -25.37
CA LEU I 105 17.98 22.01 -25.43
C LEU I 105 17.56 21.43 -24.08
N LEU I 106 16.90 20.28 -24.13
CA LEU I 106 16.52 19.59 -22.90
C LEU I 106 17.64 18.66 -22.47
N ASN I 107 18.23 18.93 -21.31
CA ASN I 107 19.37 18.16 -20.84
C ASN I 107 18.93 16.94 -20.04
N ALA I 108 19.32 15.78 -20.52
CA ALA I 108 18.94 14.51 -19.89
C ALA I 108 19.47 14.38 -18.47
N ASN I 109 20.47 15.17 -18.14
CA ASN I 109 21.10 15.11 -16.82
C ASN I 109 20.46 16.05 -15.82
N GLY I 110 19.37 16.69 -16.21
CA GLY I 110 18.61 17.56 -15.30
C GLY I 110 19.11 18.99 -15.30
N GLY I 111 18.61 19.78 -14.36
CA GLY I 111 18.91 21.20 -14.28
C GLY I 111 18.24 21.98 -15.39
N ASN I 112 17.04 21.55 -15.80
CA ASN I 112 16.38 22.20 -16.91
C ASN I 112 15.45 23.34 -16.49
N LEU I 113 15.28 23.54 -15.18
CA LEU I 113 14.43 24.62 -14.70
C LEU I 113 15.26 25.84 -14.31
N ASP I 114 14.80 27.02 -14.77
CA ASP I 114 15.46 28.28 -14.48
C ASP I 114 15.16 28.78 -13.08
N ASN I 115 16.16 28.71 -12.20
CA ASN I 115 16.00 29.14 -10.82
C ASN I 115 16.62 30.51 -10.59
N GLY I 116 16.93 31.20 -11.69
CA GLY I 116 17.49 32.55 -11.62
C GLY I 116 19.01 32.57 -11.42
N SER I 117 19.63 31.39 -11.30
CA SER I 117 21.07 31.34 -11.09
C SER I 117 21.83 31.54 -12.39
N GLU I 118 23.12 31.82 -12.29
CA GLU I 118 23.99 31.94 -13.45
C GLU I 118 24.44 30.57 -13.92
N SER I 119 24.45 30.36 -15.24
CA SER I 119 24.88 29.08 -15.80
C SER I 119 25.46 29.24 -17.19
N GLU I 120 26.41 28.38 -17.53
CA GLU I 120 27.04 28.37 -18.84
C GLU I 120 26.09 27.91 -19.94
N ARG I 121 24.95 27.33 -19.56
CA ARG I 121 23.98 26.86 -20.53
C ARG I 121 22.59 27.33 -20.16
N PRO I 122 21.75 27.65 -21.16
CA PRO I 122 20.40 28.14 -21.01
C PRO I 122 19.48 27.07 -20.43
N ARG I 123 18.47 27.51 -19.69
CA ARG I 123 17.47 26.61 -19.14
C ARG I 123 16.22 26.63 -20.00
N ARG I 124 15.64 25.47 -20.25
CA ARG I 124 14.43 25.38 -21.08
C ARG I 124 13.16 25.82 -20.37
N TRP I 125 13.04 25.50 -19.08
CA TRP I 125 11.79 25.72 -18.37
C TRP I 125 11.81 26.93 -17.45
N LYS I 126 10.66 27.60 -17.35
CA LYS I 126 10.47 28.70 -16.40
C LYS I 126 9.24 28.45 -15.53
N SER I 127 9.28 28.96 -14.29
CA SER I 127 8.18 28.80 -13.34
C SER I 127 7.37 30.07 -13.16
N GLU I 128 6.08 30.00 -13.51
CA GLU I 128 5.18 31.14 -13.40
C GLU I 128 3.98 30.80 -12.51
N ARG I 129 3.61 31.70 -11.61
CA ARG I 129 2.44 31.46 -10.77
C ARG I 129 1.19 32.05 -11.40
N VAL I 130 0.21 31.21 -11.69
CA VAL I 130 -1.01 31.66 -12.35
C VAL I 130 -2.24 31.32 -11.54
N ASN I 131 -3.16 32.26 -11.43
CA ASN I 131 -4.39 32.02 -10.69
C ASN I 131 -5.39 31.29 -11.59
N VAL I 132 -5.40 29.96 -11.49
CA VAL I 132 -6.16 29.11 -12.41
C VAL I 132 -7.44 28.57 -11.79
N GLN I 133 -8.55 28.80 -12.46
CA GLN I 133 -9.85 28.38 -11.98
C GLN I 133 -10.16 26.94 -12.38
N GLU I 134 -10.70 26.18 -11.43
CA GLU I 134 -11.12 24.80 -11.69
C GLU I 134 -12.29 24.77 -12.66
N LEU I 135 -12.27 23.84 -13.59
CA LEU I 135 -13.34 23.76 -14.58
C LEU I 135 -14.62 23.14 -14.02
N ALA I 136 -14.47 22.09 -13.24
CA ALA I 136 -15.64 21.37 -12.75
C ALA I 136 -16.47 22.23 -11.80
N GLY I 137 -15.80 22.90 -10.88
CA GLY I 137 -16.45 23.69 -9.83
C GLY I 137 -16.30 25.19 -10.07
N HIS I 138 -16.09 25.93 -8.98
CA HIS I 138 -16.00 27.40 -9.06
C HIS I 138 -14.70 27.92 -8.46
N GLU I 139 -14.08 27.10 -7.63
CA GLU I 139 -12.91 27.47 -6.86
C GLU I 139 -11.73 27.85 -7.74
N GLN I 140 -10.95 28.83 -7.29
CA GLN I 140 -9.80 29.32 -8.04
C GLN I 140 -8.61 29.61 -7.12
N SER I 141 -7.42 29.22 -7.55
CA SER I 141 -6.21 29.46 -6.75
C SER I 141 -4.95 29.48 -7.59
N GLU I 142 -3.84 29.90 -6.99
CA GLU I 142 -2.57 29.95 -7.68
C GLU I 142 -1.88 28.60 -7.76
N VAL I 143 -1.48 28.24 -8.97
CA VAL I 143 -0.80 26.99 -9.24
C VAL I 143 0.44 27.25 -10.09
N ALA I 144 1.50 26.50 -9.87
CA ALA I 144 2.68 26.65 -10.70
C ALA I 144 2.36 26.24 -12.13
N VAL I 145 2.80 27.04 -13.08
CA VAL I 145 2.61 26.75 -14.49
C VAL I 145 3.93 26.77 -15.22
N LEU I 146 4.13 25.78 -16.08
CA LEU I 146 5.33 25.73 -16.88
C LEU I 146 5.25 26.65 -18.08
N ARG I 147 6.29 27.42 -18.28
CA ARG I 147 6.42 28.23 -19.48
C ARG I 147 7.75 27.89 -20.13
N HIS I 148 7.80 27.90 -21.45
CA HIS I 148 9.08 27.64 -22.10
C HIS I 148 9.91 28.91 -22.25
N ASN I 149 11.21 28.77 -22.08
CA ASN I 149 12.12 29.89 -22.17
C ASN I 149 12.48 30.23 -23.60
N LEU I 150 11.64 31.02 -24.24
CA LEU I 150 11.87 31.36 -25.64
C LEU I 150 12.57 32.70 -25.76
N THR I 151 13.41 32.80 -26.78
CA THR I 151 14.11 34.06 -27.04
C THR I 151 14.40 34.22 -28.53
N LEU I 152 14.53 35.47 -28.96
CA LEU I 152 14.89 35.75 -30.34
C LEU I 152 16.38 36.01 -30.46
N ARG I 153 17.03 35.21 -31.28
CA ARG I 153 18.47 35.32 -31.48
C ARG I 153 18.77 35.52 -32.94
N MET I 154 19.94 36.06 -33.24
CA MET I 154 20.29 36.30 -34.62
C MET I 154 20.91 35.04 -35.21
N ALA I 155 20.66 34.80 -36.47
CA ALA I 155 21.18 33.61 -37.14
C ALA I 155 22.70 33.55 -37.10
N HIS I 156 23.37 34.70 -37.14
CA HIS I 156 24.82 34.72 -37.16
C HIS I 156 25.46 34.50 -35.78
N GLN I 157 24.64 34.38 -34.74
CA GLN I 157 25.17 34.15 -33.40
C GLN I 157 25.36 32.66 -33.17
N GLU I 158 26.24 32.32 -32.24
CA GLU I 158 26.39 30.94 -31.84
C GLU I 158 25.07 30.41 -31.29
N ASN I 159 24.58 29.30 -31.83
CA ASN I 159 23.31 28.74 -31.39
C ASN I 159 23.38 27.24 -31.07
N ALA I 160 24.56 26.73 -30.74
CA ALA I 160 24.70 25.29 -30.45
C ALA I 160 23.81 24.81 -29.32
N ALA I 161 23.56 25.64 -28.32
CA ALA I 161 22.80 25.23 -27.14
C ALA I 161 21.29 25.31 -27.33
N TRP I 162 20.82 25.71 -28.51
CA TRP I 162 19.39 25.88 -28.74
C TRP I 162 18.90 25.15 -29.97
N LEU I 163 17.63 24.75 -29.96
CA LEU I 163 16.97 24.37 -31.18
C LEU I 163 16.51 25.64 -31.83
N THR I 164 16.69 25.77 -33.13
CA THR I 164 16.29 27.00 -33.78
C THR I 164 15.36 26.79 -34.94
N CYS I 165 14.49 27.77 -35.15
CA CYS I 165 13.61 27.80 -36.29
C CYS I 165 13.40 29.25 -36.75
N PRO I 166 13.80 29.61 -37.97
CA PRO I 166 13.68 30.92 -38.58
C PRO I 166 12.28 31.45 -38.47
N VAL I 167 12.14 32.73 -38.19
CA VAL I 167 10.83 33.34 -38.10
C VAL I 167 10.69 34.59 -38.97
N THR I 168 11.79 35.33 -39.13
CA THR I 168 11.71 36.56 -39.92
C THR I 168 13.08 37.04 -40.35
N ARG I 169 13.12 37.88 -41.39
CA ARG I 169 14.34 38.49 -41.87
C ARG I 169 14.21 40.00 -41.96
N LEU I 170 15.27 40.70 -41.56
CA LEU I 170 15.29 42.14 -41.66
C LEU I 170 16.33 42.63 -42.66
N VAL I 171 16.01 43.72 -43.32
CA VAL I 171 16.93 44.36 -44.23
C VAL I 171 16.98 45.85 -43.96
N ARG I 172 18.00 46.52 -44.47
CA ARG I 172 18.05 47.97 -44.33
C ARG I 172 17.32 48.65 -45.47
N ASP I 173 16.51 49.63 -45.11
CA ASP I 173 15.73 50.40 -46.07
C ASP I 173 16.59 51.51 -46.66
N ALA I 174 15.99 52.29 -47.55
CA ALA I 174 16.70 53.39 -48.21
C ALA I 174 17.23 54.40 -47.20
N GLN I 175 16.48 54.62 -46.13
CA GLN I 175 16.84 55.61 -45.12
C GLN I 175 17.83 55.07 -44.08
N GLY I 176 18.21 53.81 -44.21
CA GLY I 176 19.11 53.18 -43.26
C GLY I 176 18.35 52.52 -42.10
N GLN I 177 17.04 52.73 -42.07
CA GLN I 177 16.21 52.14 -41.05
C GLN I 177 15.98 50.67 -41.33
N TRP I 178 15.64 49.91 -40.31
CA TRP I 178 15.32 48.50 -40.52
C TRP I 178 13.90 48.32 -41.01
N CYS I 179 13.70 47.31 -41.84
CA CYS I 179 12.36 46.92 -42.25
C CYS I 179 12.32 45.42 -42.49
N ARG I 180 11.12 44.85 -42.52
CA ARG I 180 10.99 43.42 -42.74
C ARG I 180 11.12 43.07 -44.20
N ASP I 181 11.88 42.02 -44.48
CA ASP I 181 12.09 41.55 -45.85
C ASP I 181 10.77 41.05 -46.46
N PRO I 182 10.27 41.69 -47.55
CA PRO I 182 9.04 41.36 -48.25
C PRO I 182 8.99 39.94 -48.79
N ARG I 183 10.15 39.30 -48.94
CA ARG I 183 10.19 37.97 -49.53
C ARG I 183 10.98 36.98 -48.68
N PHE I 184 10.43 36.62 -47.53
CA PHE I 184 11.09 35.67 -46.63
C PHE I 184 10.15 34.55 -46.24
N ILE I 185 10.60 33.32 -46.39
CA ILE I 185 9.78 32.18 -46.01
C ILE I 185 10.53 31.26 -45.03
N PRO I 186 10.03 31.11 -43.80
CA PRO I 186 10.55 30.22 -42.78
C PRO I 186 10.06 28.82 -43.10
N PRO I 187 10.64 27.78 -42.49
CA PRO I 187 10.16 26.42 -42.59
C PRO I 187 8.70 26.46 -42.23
N LEU I 188 7.85 26.00 -43.14
CA LEU I 188 6.42 26.11 -42.89
C LEU I 188 5.84 24.81 -42.43
N LEU I 189 4.89 24.90 -41.51
CA LEU I 189 4.12 23.74 -41.12
C LEU I 189 2.74 23.85 -41.77
N THR I 190 2.29 25.08 -41.95
CA THR I 190 1.06 25.35 -42.68
C THR I 190 1.29 26.46 -43.71
N LEU I 191 0.59 26.40 -44.84
CA LEU I 191 0.76 27.40 -45.90
C LEU I 191 0.38 28.79 -45.44
N SER I 192 -0.68 28.88 -44.66
CA SER I 192 -1.19 30.17 -44.17
C SER I 192 -0.17 30.92 -43.32
N ALA I 193 0.92 30.28 -42.92
CA ALA I 193 1.93 30.91 -42.11
C ALA I 193 2.75 31.93 -42.90
N SER I 194 2.64 31.89 -44.24
CA SER I 194 3.39 32.81 -45.07
C SER I 194 2.54 33.43 -46.19
N PRO I 195 2.01 34.65 -45.97
CA PRO I 195 1.18 35.44 -46.87
C PRO I 195 1.83 35.65 -48.24
N SER I 196 3.15 35.74 -48.26
CA SER I 196 3.87 35.96 -49.51
C SER I 196 3.65 34.80 -50.47
N LEU I 197 4.05 33.62 -50.02
CA LEU I 197 3.88 32.40 -50.81
C LEU I 197 2.43 32.20 -51.17
N MET I 198 1.54 32.46 -50.23
CA MET I 198 0.13 32.23 -50.46
C MET I 198 -0.39 33.09 -51.60
N THR I 199 0.09 34.34 -51.65
CA THR I 199 -0.31 35.26 -52.69
C THR I 199 0.14 34.74 -54.05
N GLU I 200 1.40 34.29 -54.12
CA GLU I 200 1.95 33.78 -55.37
C GLU I 200 1.18 32.56 -55.86
N LEU I 201 0.81 31.69 -54.92
CA LEU I 201 0.05 30.49 -55.26
C LEU I 201 -1.30 30.84 -55.82
N ALA I 202 -1.95 31.85 -55.24
CA ALA I 202 -3.23 32.30 -55.74
C ALA I 202 -3.09 32.80 -57.18
N GLU I 203 -2.02 33.58 -57.43
CA GLU I 203 -1.78 34.08 -58.77
C GLU I 203 -1.57 32.94 -59.76
N LEU I 204 -0.82 31.92 -59.35
CA LEU I 204 -0.60 30.78 -60.21
C LEU I 204 -1.91 30.15 -60.63
N LEU I 205 -2.79 29.91 -59.66
CA LEU I 205 -4.07 29.29 -59.95
C LEU I 205 -4.83 30.12 -60.98
N HIS I 206 -4.81 31.43 -60.82
CA HIS I 206 -5.47 32.31 -61.77
C HIS I 206 -4.92 32.10 -63.18
N HIS I 207 -3.60 32.14 -63.32
CA HIS I 207 -2.99 31.98 -64.64
C HIS I 207 -3.29 30.62 -65.22
N LEU I 208 -3.26 29.60 -64.36
CA LEU I 208 -3.55 28.24 -64.77
C LEU I 208 -4.93 28.17 -65.39
N GLN I 209 -5.90 28.75 -64.69
CA GLN I 209 -7.28 28.75 -65.15
C GLN I 209 -7.47 29.56 -66.41
N ALA I 210 -6.83 30.74 -66.47
CA ALA I 210 -6.97 31.60 -67.63
C ALA I 210 -6.45 30.92 -68.89
N ARG I 211 -5.31 30.24 -68.75
CA ARG I 211 -4.70 29.59 -69.89
C ARG I 211 -5.57 28.41 -70.31
N ARG I 212 -6.11 27.70 -69.33
CA ARG I 212 -6.99 26.58 -69.58
C ARG I 212 -8.14 26.99 -70.48
N GLN I 213 -8.75 28.13 -70.19
CA GLN I 213 -9.90 28.59 -70.96
C GLN I 213 -9.54 28.85 -72.42
N ARG I 214 -8.36 29.41 -72.65
CA ARG I 214 -7.92 29.66 -74.01
C ARG I 214 -7.78 28.34 -74.78
N LEU I 215 -7.20 27.34 -74.12
CA LEU I 215 -7.03 26.05 -74.74
C LEU I 215 -8.36 25.40 -75.07
N MET I 216 -9.32 25.54 -74.17
CA MET I 216 -10.66 25.00 -74.40
C MET I 216 -11.29 25.63 -75.63
N SER I 217 -11.15 26.94 -75.76
CA SER I 217 -11.71 27.64 -76.91
C SER I 217 -11.20 27.07 -78.22
N MET I 218 -9.91 26.72 -78.23
CA MET I 218 -9.27 26.20 -79.43
C MET I 218 -9.52 24.71 -79.65
N ARG I 219 -10.27 24.08 -78.77
CA ARG I 219 -10.50 22.64 -78.88
C ARG I 219 -11.62 22.36 -79.87
N ALA I 232 -5.59 15.81 -85.34
CA ALA I 232 -4.24 15.30 -85.19
C ALA I 232 -3.45 16.20 -84.25
N ASP I 233 -4.13 17.15 -83.65
CA ASP I 233 -3.47 18.09 -82.74
C ASP I 233 -3.27 17.45 -81.37
N VAL I 234 -2.27 16.60 -81.28
CA VAL I 234 -1.98 15.90 -80.05
C VAL I 234 -1.41 16.85 -79.01
N SER I 235 -0.70 17.88 -79.45
CA SER I 235 -0.10 18.81 -78.51
C SER I 235 -1.15 19.44 -77.64
N LEU I 236 -2.19 20.01 -78.26
CA LEU I 236 -3.25 20.64 -77.49
C LEU I 236 -3.90 19.62 -76.58
N PHE I 237 -4.27 18.47 -77.14
CA PHE I 237 -4.98 17.47 -76.37
C PHE I 237 -4.18 17.06 -75.13
N TRP I 238 -2.91 16.76 -75.34
CA TRP I 238 -2.02 16.35 -74.25
C TRP I 238 -2.00 17.38 -73.13
N LEU I 239 -1.72 18.62 -73.51
CA LEU I 239 -1.54 19.68 -72.53
C LEU I 239 -2.84 20.04 -71.84
N LEU I 240 -3.90 20.19 -72.62
CA LEU I 240 -5.19 20.53 -72.06
C LEU I 240 -5.56 19.52 -70.97
N ASN I 241 -5.35 18.23 -71.26
CA ASN I 241 -5.61 17.19 -70.28
C ASN I 241 -4.87 17.46 -68.98
N ALA I 242 -3.57 17.73 -69.09
CA ALA I 242 -2.74 17.95 -67.91
C ALA I 242 -3.29 19.06 -67.02
N LEU I 243 -3.81 20.10 -67.64
CA LEU I 243 -4.33 21.22 -66.87
C LEU I 243 -5.64 20.88 -66.21
N ASN I 244 -6.54 20.22 -66.93
CA ASN I 244 -7.82 19.84 -66.35
C ASN I 244 -7.65 18.83 -65.22
N SER I 245 -6.66 17.97 -65.34
CA SER I 245 -6.38 16.99 -64.31
C SER I 245 -5.90 17.66 -63.04
N ALA I 246 -4.96 18.59 -63.17
CA ALA I 246 -4.35 19.26 -62.01
C ALA I 246 -5.30 20.20 -61.25
N GLU I 247 -6.03 21.05 -61.98
CA GLU I 247 -6.78 22.12 -61.31
C GLU I 247 -7.72 21.69 -60.17
N PRO I 248 -8.56 20.64 -60.34
CA PRO I 248 -9.55 20.20 -59.37
C PRO I 248 -8.92 19.87 -58.02
N VAL I 249 -7.62 19.60 -58.01
CA VAL I 249 -6.96 19.28 -56.76
C VAL I 249 -6.20 20.48 -56.24
N LEU I 250 -5.49 21.17 -57.12
CA LEU I 250 -4.71 22.31 -56.69
C LEU I 250 -5.59 23.37 -56.07
N LYS I 251 -6.79 23.55 -56.64
CA LYS I 251 -7.71 24.53 -56.12
C LYS I 251 -8.04 24.24 -54.66
N GLU I 252 -8.44 23.02 -54.37
CA GLU I 252 -8.80 22.65 -53.00
C GLU I 252 -7.67 22.92 -52.03
N LEU I 253 -6.46 22.55 -52.42
CA LEU I 253 -5.30 22.69 -51.57
C LEU I 253 -5.06 24.15 -51.21
N LEU I 254 -5.34 25.05 -52.15
CA LEU I 254 -5.12 26.46 -51.91
C LEU I 254 -6.31 27.15 -51.25
N ASP I 255 -7.52 26.65 -51.51
CA ASP I 255 -8.70 27.26 -50.91
C ASP I 255 -8.63 27.21 -49.39
N MET I 256 -8.18 26.07 -48.84
CA MET I 256 -7.95 25.96 -47.41
C MET I 256 -6.48 25.67 -47.08
N PRO I 257 -5.64 26.70 -46.93
CA PRO I 257 -4.20 26.62 -46.79
C PRO I 257 -3.79 26.20 -45.39
N TYR I 258 -4.26 25.05 -44.96
CA TYR I 258 -3.94 24.56 -43.63
C TYR I 258 -3.47 23.13 -43.70
N ARG I 259 -2.44 22.90 -44.49
CA ARG I 259 -1.86 21.58 -44.67
C ARG I 259 -0.36 21.68 -44.76
N HIS I 260 0.33 20.62 -44.36
CA HIS I 260 1.77 20.56 -44.51
C HIS I 260 2.16 20.75 -45.99
N PRO I 261 3.14 21.62 -46.29
CA PRO I 261 3.66 21.92 -47.62
C PRO I 261 3.97 20.71 -48.48
N GLU I 262 4.35 19.59 -47.87
CA GLU I 262 4.67 18.40 -48.65
C GLU I 262 3.53 18.03 -49.60
N LEU I 263 2.29 18.24 -49.17
CA LEU I 263 1.16 17.85 -49.99
C LEU I 263 1.03 18.73 -51.22
N LEU I 264 1.31 20.02 -51.05
CA LEU I 264 1.21 20.96 -52.15
C LEU I 264 2.35 20.75 -53.12
N TYR I 265 3.56 20.59 -52.59
CA TYR I 265 4.71 20.39 -53.43
C TYR I 265 4.48 19.23 -54.36
N ARG I 266 4.06 18.10 -53.80
CA ARG I 266 3.85 16.92 -54.60
C ARG I 266 2.94 17.18 -55.78
N GLU I 267 1.79 17.80 -55.52
CA GLU I 267 0.82 18.02 -56.60
C GLU I 267 1.38 18.96 -57.67
N LEU I 268 2.06 20.04 -57.23
CA LEU I 268 2.64 20.98 -58.18
C LEU I 268 3.75 20.34 -58.99
N ALA I 269 4.54 19.48 -58.34
CA ALA I 269 5.64 18.82 -59.01
C ALA I 269 5.15 17.99 -60.18
N ARG I 270 4.02 17.30 -60.00
CA ARG I 270 3.46 16.51 -61.09
C ARG I 270 3.10 17.39 -62.28
N LEU I 271 2.49 18.54 -62.00
CA LEU I 271 2.12 19.46 -63.06
C LEU I 271 3.35 19.93 -63.82
N ALA I 272 4.39 20.32 -63.08
CA ALA I 272 5.61 20.78 -63.71
C ALA I 272 6.21 19.70 -64.58
N GLY I 273 6.17 18.46 -64.07
CA GLY I 273 6.71 17.33 -64.77
C GLY I 273 6.02 17.16 -66.12
N SER I 274 4.70 17.16 -66.11
CA SER I 274 3.95 17.01 -67.34
C SER I 274 4.26 18.12 -68.33
N LEU I 275 4.26 19.36 -67.86
CA LEU I 275 4.49 20.51 -68.74
C LEU I 275 5.89 20.48 -69.39
N LEU I 276 6.87 19.90 -68.70
CA LEU I 276 8.23 19.80 -69.26
C LEU I 276 8.33 18.75 -70.35
N THR I 277 7.23 18.08 -70.66
CA THR I 277 7.20 17.13 -71.76
C THR I 277 6.96 17.86 -73.07
N PHE I 278 6.51 19.12 -72.97
CA PHE I 278 6.21 19.91 -74.14
C PHE I 278 7.34 20.87 -74.44
N SER I 279 7.79 21.58 -73.40
CA SER I 279 8.86 22.54 -73.57
C SER I 279 10.14 21.84 -73.96
N LEU I 280 10.86 22.40 -74.93
CA LEU I 280 12.14 21.84 -75.32
C LEU I 280 13.28 22.68 -74.77
N GLU I 281 13.01 23.98 -74.59
CA GLU I 281 13.99 24.91 -74.08
C GLU I 281 14.35 24.64 -72.62
N HIS I 282 13.35 24.26 -71.84
CA HIS I 282 13.57 23.98 -70.42
C HIS I 282 14.11 22.58 -70.23
N ASN I 283 14.98 22.41 -69.24
CA ASN I 283 15.51 21.09 -68.97
C ASN I 283 14.60 20.30 -68.05
N VAL I 284 14.74 19.00 -68.09
CA VAL I 284 13.93 18.10 -67.28
C VAL I 284 14.22 18.24 -65.78
N ASP I 285 15.42 18.71 -65.46
CA ASP I 285 15.82 18.88 -64.07
C ASP I 285 15.44 20.25 -63.54
N ALA I 286 14.62 20.98 -64.30
CA ALA I 286 14.15 22.30 -63.90
C ALA I 286 13.40 22.27 -62.58
N VAL I 287 12.75 21.14 -62.27
CA VAL I 287 11.99 21.03 -61.03
C VAL I 287 12.94 20.75 -59.86
N PRO I 288 12.95 21.62 -58.83
CA PRO I 288 13.83 21.56 -57.68
C PRO I 288 13.41 20.44 -56.75
N ALA I 289 14.36 19.91 -55.99
CA ALA I 289 14.06 18.94 -54.95
C ALA I 289 13.42 19.64 -53.77
N TYR I 290 12.58 18.95 -53.04
CA TYR I 290 11.99 19.54 -51.85
C TYR I 290 12.98 19.60 -50.71
N HIS I 291 13.06 20.77 -50.09
CA HIS I 291 13.87 21.00 -48.91
C HIS I 291 13.01 21.74 -47.90
N HIS I 292 12.86 21.19 -46.72
CA HIS I 292 11.97 21.75 -45.73
C HIS I 292 12.57 22.97 -45.05
N GLU I 293 13.83 22.87 -44.70
CA GLU I 293 14.51 23.92 -43.95
C GLU I 293 14.55 25.25 -44.71
N THR I 294 14.66 25.19 -46.03
CA THR I 294 14.78 26.41 -46.83
C THR I 294 13.82 26.43 -48.03
N PRO I 295 12.50 26.65 -47.81
CA PRO I 295 11.43 26.61 -48.79
C PRO I 295 11.65 27.62 -49.90
N GLU I 296 12.48 28.62 -49.62
CA GLU I 296 12.77 29.67 -50.59
C GLU I 296 13.44 29.14 -51.84
N ASN I 297 14.09 27.98 -51.71
CA ASN I 297 14.78 27.38 -52.82
C ASN I 297 13.93 26.32 -53.49
N VAL I 298 12.68 26.21 -53.05
CA VAL I 298 11.77 25.22 -53.57
C VAL I 298 10.61 25.86 -54.29
N PHE I 299 9.84 26.64 -53.56
CA PHE I 299 8.61 27.15 -54.13
C PHE I 299 8.82 28.30 -55.12
N PRO I 300 9.52 29.39 -54.78
CA PRO I 300 9.76 30.50 -55.67
C PRO I 300 10.25 30.09 -57.08
N PRO I 301 11.20 29.11 -57.24
CA PRO I 301 11.66 28.63 -58.53
C PRO I 301 10.67 27.68 -59.17
N LEU I 302 10.02 26.83 -58.38
CA LEU I 302 9.00 25.95 -58.93
C LEU I 302 7.87 26.77 -59.54
N LEU I 303 7.43 27.77 -58.80
CA LEU I 303 6.31 28.60 -59.24
C LEU I 303 6.69 29.40 -60.47
N SER I 304 7.92 29.93 -60.49
CA SER I 304 8.40 30.67 -61.65
C SER I 304 8.41 29.76 -62.87
N LEU I 305 8.91 28.54 -62.70
CA LEU I 305 8.96 27.56 -63.77
C LEU I 305 7.58 27.27 -64.31
N LEU I 306 6.63 27.02 -63.43
CA LEU I 306 5.28 26.71 -63.85
C LEU I 306 4.67 27.84 -64.67
N ASN I 307 4.90 29.08 -64.25
CA ASN I 307 4.39 30.20 -65.02
C ASN I 307 5.04 30.28 -66.40
N ARG I 308 6.36 30.10 -66.45
CA ARG I 308 7.06 30.15 -67.73
C ARG I 308 6.56 29.07 -68.68
N LEU I 309 6.31 27.88 -68.14
CA LEU I 309 5.86 26.78 -68.96
C LEU I 309 4.43 26.97 -69.45
N LEU I 310 3.55 27.46 -68.59
CA LEU I 310 2.16 27.66 -68.99
C LEU I 310 2.07 28.67 -70.13
N GLU I 311 2.90 29.70 -70.06
CA GLU I 311 2.92 30.75 -71.07
C GLU I 311 3.36 30.23 -72.45
N ALA I 312 3.98 29.05 -72.48
CA ALA I 312 4.49 28.50 -73.72
C ALA I 312 3.38 28.32 -74.76
N SER I 313 2.16 28.04 -74.32
CA SER I 313 1.07 27.83 -75.25
C SER I 313 -0.24 28.37 -74.68
N LYS J 2 -30.64 -16.44 18.86
CA LYS J 2 -30.92 -17.81 18.46
C LYS J 2 -29.80 -18.38 17.60
N ILE J 3 -29.47 -17.66 16.52
CA ILE J 3 -28.39 -18.10 15.63
C ILE J 3 -27.20 -17.16 15.77
N TYR J 4 -26.06 -17.72 16.07
CA TYR J 4 -24.89 -16.91 16.34
C TYR J 4 -23.87 -17.01 15.22
N ARG J 5 -23.83 -15.98 14.38
CA ARG J 5 -22.89 -15.96 13.26
C ARG J 5 -21.49 -15.70 13.80
N PRO J 6 -20.59 -16.68 13.79
CA PRO J 6 -19.30 -16.66 14.43
C PRO J 6 -18.40 -15.64 13.79
N LEU J 7 -17.52 -15.06 14.59
CA LEU J 7 -16.53 -14.15 14.05
C LEU J 7 -15.23 -14.87 13.81
N TRP J 8 -14.88 -15.06 12.55
CA TRP J 8 -13.65 -15.75 12.20
C TRP J 8 -12.55 -14.72 12.11
N GLU J 9 -11.53 -14.85 12.94
CA GLU J 9 -10.45 -13.86 12.98
C GLU J 9 -9.15 -14.43 13.50
N ASP J 10 -8.06 -13.75 13.19
CA ASP J 10 -6.75 -14.12 13.69
C ASP J 10 -6.73 -14.30 15.20
N GLY J 11 -6.21 -15.43 15.65
CA GLY J 11 -6.07 -15.74 17.07
C GLY J 11 -7.27 -16.50 17.64
N ALA J 12 -8.32 -16.64 16.84
CA ALA J 12 -9.53 -17.33 17.28
C ALA J 12 -9.26 -18.81 17.57
N PHE J 13 -10.01 -19.37 18.52
CA PHE J 13 -9.94 -20.80 18.81
C PHE J 13 -10.97 -21.54 17.97
N LEU J 14 -10.76 -22.85 17.80
CA LEU J 14 -11.69 -23.67 17.04
C LEU J 14 -12.61 -24.46 17.97
N MET J 15 -13.88 -24.10 17.95
CA MET J 15 -14.88 -24.71 18.81
C MET J 15 -16.07 -25.17 17.97
N PRO J 16 -16.67 -26.33 18.26
CA PRO J 16 -17.72 -26.95 17.48
C PRO J 16 -18.93 -26.05 17.34
N GLN J 17 -19.13 -25.13 18.29
CA GLN J 17 -20.25 -24.22 18.22
C GLN J 17 -20.15 -23.33 17.00
N GLN J 18 -18.93 -22.96 16.62
CA GLN J 18 -18.72 -22.05 15.51
C GLN J 18 -19.21 -22.69 14.23
N PHE J 19 -18.95 -23.96 14.09
CA PHE J 19 -19.26 -24.69 12.89
C PHE J 19 -20.74 -25.00 12.82
N GLN J 20 -21.30 -25.41 13.96
CA GLN J 20 -22.71 -25.74 14.02
C GLN J 20 -23.57 -24.52 13.73
N GLN J 21 -23.14 -23.37 14.26
CA GLN J 21 -23.90 -22.14 14.07
C GLN J 21 -23.74 -21.59 12.66
N GLN J 22 -22.55 -21.73 12.08
CA GLN J 22 -22.35 -21.27 10.73
C GLN J 22 -23.26 -22.00 9.78
N ALA J 23 -23.37 -23.32 9.96
CA ALA J 23 -24.22 -24.13 9.12
C ALA J 23 -25.68 -23.73 9.28
N ALA J 24 -26.10 -23.48 10.52
CA ALA J 24 -27.48 -23.12 10.78
C ALA J 24 -27.86 -21.85 10.04
N TRP J 25 -26.96 -20.87 10.04
CA TRP J 25 -27.25 -19.62 9.36
C TRP J 25 -27.40 -19.84 7.86
N ASP J 26 -26.49 -20.60 7.27
CA ASP J 26 -26.55 -20.84 5.84
C ASP J 26 -27.87 -21.51 5.44
N VAL J 27 -28.35 -22.43 6.27
CA VAL J 27 -29.64 -23.05 6.01
C VAL J 27 -30.75 -22.01 6.08
N HIS J 28 -30.68 -21.15 7.09
CA HIS J 28 -31.65 -20.08 7.24
C HIS J 28 -31.70 -19.21 5.98
N LEU J 29 -30.53 -18.83 5.47
CA LEU J 29 -30.50 -17.98 4.28
C LEU J 29 -31.19 -18.65 3.11
N ALA J 30 -30.94 -19.94 2.93
CA ALA J 30 -31.56 -20.66 1.83
C ALA J 30 -33.09 -20.66 1.98
N ASP J 31 -33.54 -20.83 3.21
CA ASP J 31 -34.98 -20.84 3.48
C ASP J 31 -35.57 -19.46 3.23
N SER J 32 -34.85 -18.42 3.65
CA SER J 32 -35.30 -17.05 3.47
C SER J 32 -35.53 -16.73 2.00
N VAL J 33 -34.60 -17.14 1.15
CA VAL J 33 -34.73 -16.90 -0.27
C VAL J 33 -35.95 -17.60 -0.87
N ALA J 34 -36.16 -18.86 -0.51
CA ALA J 34 -37.29 -19.59 -1.06
C ALA J 34 -38.60 -18.86 -0.79
N ARG J 35 -38.72 -18.34 0.43
CA ARG J 35 -39.93 -17.67 0.88
C ARG J 35 -40.26 -16.39 0.12
N MET J 36 -39.32 -15.88 -0.67
CA MET J 36 -39.59 -14.67 -1.41
C MET J 36 -40.68 -14.90 -2.46
N GLY J 37 -40.73 -16.12 -3.01
CA GLY J 37 -41.70 -16.41 -4.07
C GLY J 37 -42.74 -17.46 -3.67
N LEU J 38 -42.44 -18.26 -2.65
CA LEU J 38 -43.32 -19.36 -2.28
C LEU J 38 -43.92 -19.22 -0.89
N ALA J 39 -45.23 -19.41 -0.79
CA ALA J 39 -45.91 -19.34 0.50
C ALA J 39 -45.51 -20.52 1.38
N HIS J 40 -45.39 -21.70 0.77
CA HIS J 40 -45.09 -22.92 1.52
C HIS J 40 -43.94 -23.74 0.93
N PRO J 41 -42.69 -23.30 1.07
CA PRO J 41 -41.49 -23.94 0.57
C PRO J 41 -41.09 -25.13 1.43
N TRP J 42 -41.96 -26.13 1.47
CA TRP J 42 -41.73 -27.37 2.21
C TRP J 42 -42.71 -28.45 1.71
N GLY J 43 -42.36 -29.72 1.89
CA GLY J 43 -43.23 -30.80 1.42
C GLY J 43 -42.42 -31.95 0.80
N VAL J 44 -43.13 -32.85 0.10
CA VAL J 44 -42.52 -34.04 -0.48
C VAL J 44 -42.04 -33.82 -1.91
N VAL J 45 -40.83 -34.28 -2.19
CA VAL J 45 -40.28 -34.25 -3.53
C VAL J 45 -40.45 -35.62 -4.16
N ALA J 46 -40.21 -36.64 -3.34
CA ALA J 46 -40.36 -38.02 -3.77
C ALA J 46 -40.64 -38.91 -2.58
N ALA J 47 -41.38 -39.98 -2.81
CA ALA J 47 -41.62 -40.98 -1.79
C ALA J 47 -42.00 -42.29 -2.43
N GLU J 48 -41.22 -43.32 -2.17
CA GLU J 48 -41.44 -44.63 -2.75
C GLU J 48 -41.32 -45.71 -1.70
N PHE J 49 -42.18 -46.73 -1.81
CA PHE J 49 -42.20 -47.83 -0.86
C PHE J 49 -42.19 -49.17 -1.57
N ASP J 50 -41.66 -50.19 -0.90
CA ASP J 50 -41.68 -51.56 -1.39
C ASP J 50 -42.95 -52.26 -0.98
N ASP J 51 -43.84 -52.50 -1.94
CA ASP J 51 -45.15 -53.08 -1.64
C ASP J 51 -45.06 -54.57 -1.36
N SER J 52 -43.92 -55.17 -1.66
CA SER J 52 -43.77 -56.62 -1.60
C SER J 52 -44.13 -57.21 -0.25
N LEU J 53 -43.71 -56.55 0.82
CA LEU J 53 -43.95 -57.07 2.16
C LEU J 53 -45.16 -56.45 2.81
N LEU J 54 -45.90 -55.63 2.08
CA LEU J 54 -47.06 -55.00 2.63
C LEU J 54 -48.13 -56.02 3.07
N PRO J 55 -48.34 -57.14 2.30
CA PRO J 55 -49.23 -58.23 2.63
C PRO J 55 -48.85 -58.92 3.93
N LEU J 56 -47.65 -58.61 4.45
CA LEU J 56 -47.22 -59.23 5.68
C LEU J 56 -46.95 -58.15 6.73
N SER J 57 -47.78 -57.11 6.71
CA SER J 57 -47.75 -56.03 7.70
C SER J 57 -46.40 -55.34 7.82
N ARG J 58 -45.69 -55.15 6.71
CA ARG J 58 -44.44 -54.43 6.76
C ARG J 58 -44.38 -53.32 5.73
N LEU J 59 -44.19 -52.09 6.19
CA LEU J 59 -44.07 -50.96 5.27
C LEU J 59 -42.61 -50.53 5.17
N ASN J 60 -41.98 -50.92 4.08
CA ASN J 60 -40.55 -50.68 3.89
C ASN J 60 -40.27 -49.61 2.84
N ALA J 61 -39.89 -48.42 3.30
CA ALA J 61 -39.60 -47.31 2.38
C ALA J 61 -38.37 -47.62 1.55
N THR J 62 -38.35 -47.17 0.31
CA THR J 62 -37.17 -47.37 -0.54
C THR J 62 -36.51 -46.06 -0.90
N ARG J 63 -37.29 -44.98 -0.91
CA ARG J 63 -36.74 -43.66 -1.24
C ARG J 63 -37.60 -42.56 -0.65
N LEU J 64 -36.97 -41.63 0.05
CA LEU J 64 -37.69 -40.50 0.62
C LEU J 64 -36.92 -39.21 0.44
N ILE J 65 -37.55 -38.23 -0.21
CA ILE J 65 -36.98 -36.91 -0.32
C ILE J 65 -38.00 -35.88 0.13
N VAL J 66 -37.79 -35.34 1.33
CA VAL J 66 -38.77 -34.46 1.95
C VAL J 66 -38.14 -33.22 2.55
N ARG J 67 -38.71 -32.06 2.24
CA ARG J 67 -38.28 -30.83 2.87
C ARG J 67 -39.20 -30.51 4.02
N PHE J 68 -38.64 -30.41 5.21
CA PHE J 68 -39.44 -30.20 6.40
C PHE J 68 -39.75 -28.73 6.63
N PRO J 69 -40.85 -28.43 7.33
CA PRO J 69 -41.31 -27.11 7.73
C PRO J 69 -40.27 -26.22 8.41
N ASP J 70 -39.11 -26.76 8.81
CA ASP J 70 -38.13 -25.90 9.47
C ASP J 70 -36.85 -25.83 8.66
N GLY J 71 -36.98 -25.97 7.35
CA GLY J 71 -35.87 -25.77 6.44
C GLY J 71 -34.96 -26.99 6.33
N THR J 72 -35.24 -28.04 7.10
CA THR J 72 -34.39 -29.23 7.05
C THR J 72 -34.69 -30.04 5.80
N LEU J 73 -33.66 -30.34 5.03
CA LEU J 73 -33.84 -31.14 3.82
C LEU J 73 -33.36 -32.56 4.02
N ILE J 74 -34.28 -33.50 3.85
CA ILE J 74 -33.99 -34.91 3.99
C ILE J 74 -33.98 -35.58 2.63
N ASP J 75 -32.90 -36.26 2.33
CA ASP J 75 -32.78 -36.93 1.05
C ASP J 75 -32.01 -38.23 1.19
N THR J 76 -32.74 -39.35 1.17
CA THR J 76 -32.17 -40.66 1.44
C THR J 76 -31.44 -41.22 0.24
N GLU J 77 -31.49 -40.51 -0.88
CA GLU J 77 -30.77 -40.91 -2.06
C GLU J 77 -29.42 -40.21 -2.09
N ARG J 78 -29.45 -38.92 -1.79
CA ARG J 78 -28.28 -38.06 -1.86
C ARG J 78 -27.42 -38.07 -0.59
N ALA J 79 -28.02 -37.93 0.59
CA ALA J 79 -27.23 -37.74 1.79
C ALA J 79 -27.93 -38.15 3.09
N ASP J 80 -28.58 -39.30 3.12
CA ASP J 80 -29.22 -39.74 4.36
C ASP J 80 -29.55 -41.22 4.34
N ASN J 81 -30.12 -41.73 5.43
CA ASN J 81 -30.52 -43.13 5.51
C ASN J 81 -32.03 -43.31 5.47
N LEU J 82 -32.47 -44.50 5.06
CA LEU J 82 -33.88 -44.84 5.12
C LEU J 82 -34.29 -45.18 6.56
N PRO J 83 -35.54 -44.93 6.95
CA PRO J 83 -36.13 -45.24 8.23
C PRO J 83 -36.32 -46.76 8.36
N PRO J 84 -36.37 -47.28 9.59
CA PRO J 84 -36.74 -48.64 9.95
C PRO J 84 -38.11 -49.01 9.40
N VAL J 85 -38.31 -50.29 9.16
CA VAL J 85 -39.57 -50.79 8.61
C VAL J 85 -40.69 -50.71 9.64
N CYS J 86 -41.82 -50.13 9.25
CA CYS J 86 -42.96 -49.97 10.13
C CYS J 86 -43.79 -51.24 10.23
N ASP J 87 -44.01 -51.69 11.46
CA ASP J 87 -44.81 -52.88 11.75
C ASP J 87 -46.28 -52.54 11.87
N LEU J 88 -47.08 -53.00 10.92
CA LEU J 88 -48.49 -52.64 10.86
C LEU J 88 -49.37 -53.60 11.65
N SER J 89 -48.76 -54.56 12.32
CA SER J 89 -49.51 -55.52 13.11
C SER J 89 -50.35 -54.83 14.17
N THR J 90 -49.77 -53.80 14.78
CA THR J 90 -50.39 -53.10 15.90
C THR J 90 -51.62 -52.29 15.49
N VAL J 91 -51.87 -52.17 14.18
CA VAL J 91 -53.02 -51.44 13.71
C VAL J 91 -53.93 -52.32 12.85
N SER J 92 -53.83 -53.63 13.06
CA SER J 92 -54.61 -54.61 12.31
C SER J 92 -56.12 -54.49 12.55
N ASP J 93 -56.51 -53.74 13.56
CA ASP J 93 -57.91 -53.53 13.86
C ASP J 93 -58.51 -52.31 13.14
N ARG J 94 -57.72 -51.68 12.26
CA ARG J 94 -58.19 -50.51 11.53
C ARG J 94 -58.34 -50.79 10.04
N SER J 95 -59.32 -50.13 9.43
CA SER J 95 -59.58 -50.26 8.00
C SER J 95 -58.77 -49.27 7.17
N LEU J 96 -58.24 -48.25 7.83
CA LEU J 96 -57.50 -47.18 7.17
C LEU J 96 -56.52 -46.53 8.12
N VAL J 97 -55.26 -46.45 7.72
CA VAL J 97 -54.26 -45.78 8.53
C VAL J 97 -53.40 -44.84 7.69
N ASP J 98 -53.13 -43.66 8.24
CA ASP J 98 -52.26 -42.71 7.57
C ASP J 98 -50.84 -42.82 8.10
N ILE J 99 -49.87 -42.73 7.19
CA ILE J 99 -48.46 -42.84 7.56
C ILE J 99 -47.76 -41.50 7.39
N VAL J 100 -47.05 -41.08 8.43
CA VAL J 100 -46.30 -39.84 8.36
C VAL J 100 -44.83 -40.07 8.62
N LEU J 101 -43.99 -39.26 8.00
CA LEU J 101 -42.56 -39.33 8.23
C LEU J 101 -42.21 -38.35 9.34
N ALA J 102 -41.60 -38.86 10.39
CA ALA J 102 -41.33 -38.04 11.54
C ALA J 102 -39.85 -37.79 11.74
N LEU J 103 -39.56 -36.57 12.17
CA LEU J 103 -38.21 -36.14 12.52
C LEU J 103 -38.27 -35.41 13.88
N PRO J 104 -37.60 -35.91 14.93
CA PRO J 104 -37.63 -35.35 16.28
C PRO J 104 -37.27 -33.89 16.26
N LEU J 105 -37.94 -33.12 17.11
CA LEU J 105 -37.72 -31.67 17.18
C LEU J 105 -36.37 -31.35 17.81
N LEU J 106 -35.77 -30.25 17.35
CA LEU J 106 -34.49 -29.79 17.90
C LEU J 106 -34.65 -29.33 19.35
N ASN J 107 -33.67 -29.68 20.18
CA ASN J 107 -33.65 -29.22 21.56
C ASN J 107 -32.82 -27.97 21.72
N ALA J 108 -33.46 -26.87 22.07
CA ALA J 108 -32.80 -25.59 22.20
C ALA J 108 -31.70 -25.63 23.26
N ASN J 109 -31.80 -26.58 24.18
CA ASN J 109 -30.86 -26.69 25.28
C ASN J 109 -29.78 -27.71 25.01
N GLY J 110 -29.67 -28.17 23.77
CA GLY J 110 -28.64 -29.13 23.40
C GLY J 110 -29.07 -30.56 23.68
N GLY J 111 -28.12 -31.49 23.62
CA GLY J 111 -28.42 -32.90 23.78
C GLY J 111 -29.13 -33.46 22.57
N ASN J 112 -28.83 -32.93 21.38
CA ASN J 112 -29.51 -33.35 20.17
C ASN J 112 -28.90 -34.60 19.54
N LEU J 113 -27.75 -35.03 20.04
CA LEU J 113 -27.09 -36.20 19.48
C LEU J 113 -27.37 -37.44 20.30
N ASP J 114 -27.85 -38.48 19.64
CA ASP J 114 -28.16 -39.75 20.28
C ASP J 114 -26.93 -40.58 20.50
N ASN J 115 -26.49 -40.66 21.75
CA ASN J 115 -25.29 -41.41 22.10
C ASN J 115 -25.62 -42.78 22.64
N GLY J 116 -26.86 -43.22 22.43
CA GLY J 116 -27.30 -44.53 22.91
C GLY J 116 -28.04 -44.43 24.24
N SER J 117 -27.96 -43.27 24.89
CA SER J 117 -28.67 -43.07 26.15
C SER J 117 -30.15 -42.87 25.89
N GLU J 118 -30.98 -43.50 26.72
CA GLU J 118 -32.43 -43.37 26.58
C GLU J 118 -32.95 -42.16 27.36
N SER J 119 -34.10 -41.64 26.92
CA SER J 119 -34.74 -40.54 27.63
C SER J 119 -36.21 -40.46 27.23
N GLU J 120 -36.92 -39.51 27.84
CA GLU J 120 -38.32 -39.29 27.56
C GLU J 120 -38.56 -38.54 26.24
N ARG J 121 -37.47 -38.05 25.65
CA ARG J 121 -37.56 -37.27 24.42
C ARG J 121 -36.61 -37.82 23.35
N PRO J 122 -37.09 -38.00 22.11
CA PRO J 122 -36.32 -38.48 20.97
C PRO J 122 -35.32 -37.44 20.53
N ARG J 123 -34.23 -37.90 19.92
CA ARG J 123 -33.21 -37.00 19.39
C ARG J 123 -33.09 -37.21 17.90
N ARG J 124 -32.76 -36.16 17.15
CA ARG J 124 -32.78 -36.31 15.69
C ARG J 124 -31.41 -36.60 15.07
N TRP J 125 -30.32 -36.35 15.79
CA TRP J 125 -29.02 -36.59 15.19
C TRP J 125 -28.45 -37.99 15.50
N LYS J 126 -27.91 -38.63 14.47
CA LYS J 126 -27.23 -39.91 14.61
C LYS J 126 -25.79 -39.80 14.13
N SER J 127 -24.89 -40.50 14.81
CA SER J 127 -23.48 -40.50 14.43
C SER J 127 -23.10 -41.77 13.69
N GLU J 128 -22.62 -41.63 12.46
CA GLU J 128 -22.20 -42.76 11.66
C GLU J 128 -20.77 -42.56 11.16
N ARG J 129 -19.97 -43.62 11.22
CA ARG J 129 -18.61 -43.54 10.70
C ARG J 129 -18.56 -44.02 9.26
N VAL J 130 -18.15 -43.13 8.37
CA VAL J 130 -18.12 -43.44 6.95
C VAL J 130 -16.74 -43.24 6.37
N ASN J 131 -16.29 -44.20 5.58
CA ASN J 131 -14.98 -44.10 4.95
C ASN J 131 -15.12 -43.24 3.69
N VAL J 132 -14.86 -41.94 3.83
CA VAL J 132 -15.16 -40.96 2.77
C VAL J 132 -13.93 -40.59 1.97
N GLN J 133 -14.07 -40.71 0.65
CA GLN J 133 -13.02 -40.38 -0.31
C GLN J 133 -12.80 -38.89 -0.42
N GLU J 134 -11.54 -38.46 -0.30
CA GLU J 134 -11.19 -37.06 -0.49
C GLU J 134 -11.20 -36.71 -1.97
N LEU J 135 -11.68 -35.52 -2.32
CA LEU J 135 -11.78 -35.13 -3.72
C LEU J 135 -10.47 -34.60 -4.31
N ALA J 136 -9.79 -33.73 -3.57
CA ALA J 136 -8.60 -33.09 -4.12
C ALA J 136 -7.51 -34.10 -4.41
N GLY J 137 -7.21 -34.94 -3.43
CA GLY J 137 -6.14 -35.91 -3.54
C GLY J 137 -6.67 -37.30 -3.88
N HIS J 138 -5.95 -38.33 -3.41
CA HIS J 138 -6.34 -39.71 -3.69
C HIS J 138 -6.70 -40.51 -2.44
N GLU J 139 -6.40 -39.97 -1.27
CA GLU J 139 -6.56 -40.72 -0.02
C GLU J 139 -8.02 -40.79 0.43
N GLN J 140 -8.29 -41.76 1.29
CA GLN J 140 -9.63 -42.01 1.82
C GLN J 140 -9.55 -42.35 3.31
N SER J 141 -10.48 -41.82 4.11
CA SER J 141 -10.46 -42.09 5.55
C SER J 141 -11.83 -41.97 6.21
N GLU J 142 -11.92 -42.46 7.44
CA GLU J 142 -13.16 -42.43 8.20
C GLU J 142 -13.43 -41.08 8.83
N VAL J 143 -14.65 -40.58 8.64
CA VAL J 143 -15.07 -39.32 9.24
C VAL J 143 -16.42 -39.48 9.94
N ALA J 144 -16.76 -38.53 10.81
CA ALA J 144 -18.07 -38.54 11.46
C ALA J 144 -19.12 -37.89 10.58
N VAL J 145 -20.13 -38.65 10.22
CA VAL J 145 -21.19 -38.19 9.35
C VAL J 145 -22.50 -38.10 10.09
N LEU J 146 -23.22 -37.02 9.84
CA LEU J 146 -24.51 -36.82 10.46
C LEU J 146 -25.64 -37.42 9.65
N ARG J 147 -26.40 -38.29 10.28
CA ARG J 147 -27.59 -38.89 9.68
C ARG J 147 -28.79 -38.47 10.49
N HIS J 148 -29.98 -38.49 9.89
CA HIS J 148 -31.15 -38.10 10.65
C HIS J 148 -31.93 -39.29 11.19
N ASN J 149 -32.47 -39.12 12.39
CA ASN J 149 -33.26 -40.15 13.03
C ASN J 149 -34.67 -40.18 12.47
N LEU J 150 -34.77 -40.63 11.24
CA LEU J 150 -36.06 -40.69 10.58
C LEU J 150 -36.83 -41.90 11.04
N THR J 151 -38.13 -41.77 11.13
CA THR J 151 -38.95 -42.90 11.47
C THR J 151 -40.35 -42.75 10.91
N LEU J 152 -40.99 -43.87 10.63
CA LEU J 152 -42.37 -43.85 10.16
C LEU J 152 -43.30 -44.11 11.32
N ARG J 153 -44.20 -43.18 11.55
CA ARG J 153 -45.14 -43.25 12.65
C ARG J 153 -46.55 -43.18 12.13
N MET J 154 -47.50 -43.62 12.93
CA MET J 154 -48.87 -43.58 12.50
C MET J 154 -49.43 -42.20 12.80
N ALA J 155 -50.28 -41.69 11.94
CA ALA J 155 -50.83 -40.37 12.12
C ALA J 155 -51.58 -40.22 13.44
N HIS J 156 -52.24 -41.29 13.90
CA HIS J 156 -53.05 -41.21 15.11
C HIS J 156 -52.25 -41.33 16.40
N GLN J 157 -50.93 -41.53 16.30
CA GLN J 157 -50.10 -41.64 17.49
C GLN J 157 -49.72 -40.28 18.00
N GLU J 158 -49.37 -40.20 19.26
CA GLU J 158 -48.85 -38.97 19.82
C GLU J 158 -47.60 -38.55 19.07
N ASN J 159 -47.59 -37.32 18.55
CA ASN J 159 -46.45 -36.86 17.78
C ASN J 159 -45.96 -35.47 18.21
N ALA J 160 -46.26 -35.06 19.44
CA ALA J 160 -45.86 -33.73 19.89
C ALA J 160 -44.35 -33.51 19.80
N ALA J 161 -43.57 -34.56 20.04
CA ALA J 161 -42.11 -34.43 20.05
C ALA J 161 -41.48 -34.48 18.66
N TRP J 162 -42.30 -34.65 17.63
CA TRP J 162 -41.78 -34.79 16.27
C TRP J 162 -42.34 -33.75 15.31
N LEU J 163 -41.53 -33.40 14.33
CA LEU J 163 -42.02 -32.63 13.20
C LEU J 163 -42.41 -33.63 12.14
N THR J 164 -43.65 -33.54 11.64
CA THR J 164 -44.13 -34.59 10.75
C THR J 164 -44.60 -34.09 9.39
N CYS J 165 -44.58 -35.01 8.43
CA CYS J 165 -45.10 -34.77 7.08
C CYS J 165 -45.61 -36.09 6.48
N PRO J 166 -46.87 -36.16 6.02
CA PRO J 166 -47.53 -37.31 5.41
C PRO J 166 -46.75 -37.83 4.23
N VAL J 167 -46.70 -39.16 4.09
CA VAL J 167 -45.99 -39.77 2.97
C VAL J 167 -46.84 -40.81 2.22
N THR J 168 -47.73 -41.50 2.93
CA THR J 168 -48.54 -42.53 2.27
C THR J 168 -49.74 -42.89 3.11
N ARG J 169 -50.75 -43.48 2.48
CA ARG J 169 -51.93 -43.97 3.17
C ARG J 169 -52.20 -45.43 2.83
N LEU J 170 -52.50 -46.22 3.86
CA LEU J 170 -52.76 -47.64 3.67
C LEU J 170 -54.19 -47.98 4.03
N VAL J 171 -54.77 -48.88 3.26
CA VAL J 171 -56.13 -49.35 3.51
C VAL J 171 -56.20 -50.86 3.46
N ARG J 172 -57.29 -51.42 3.96
CA ARG J 172 -57.46 -52.87 3.87
C ARG J 172 -58.14 -53.23 2.55
N ASP J 173 -57.59 -54.24 1.89
CA ASP J 173 -58.10 -54.73 0.62
C ASP J 173 -59.25 -55.70 0.83
N ALA J 174 -59.80 -56.20 -0.26
CA ALA J 174 -60.93 -57.14 -0.21
C ALA J 174 -60.60 -58.39 0.60
N GLN J 175 -59.35 -58.83 0.52
CA GLN J 175 -58.91 -60.05 1.18
C GLN J 175 -58.49 -59.82 2.63
N GLY J 176 -58.57 -58.57 3.09
CA GLY J 176 -58.15 -58.24 4.44
C GLY J 176 -56.67 -57.84 4.50
N GLN J 177 -55.98 -58.02 3.40
CA GLN J 177 -54.57 -57.67 3.31
C GLN J 177 -54.42 -56.17 3.20
N TRP J 178 -53.26 -55.64 3.57
CA TRP J 178 -53.01 -54.22 3.40
C TRP J 178 -52.65 -53.90 1.96
N CYS J 179 -53.08 -52.73 1.50
CA CYS J 179 -52.69 -52.23 0.20
C CYS J 179 -52.61 -50.70 0.25
N ARG J 180 -52.00 -50.11 -0.75
CA ARG J 180 -51.87 -48.66 -0.76
C ARG J 180 -53.10 -48.00 -1.34
N ASP J 181 -53.41 -46.83 -0.81
CA ASP J 181 -54.54 -46.04 -1.29
C ASP J 181 -54.18 -45.32 -2.59
N PRO J 182 -54.84 -45.65 -3.71
CA PRO J 182 -54.58 -45.16 -5.05
C PRO J 182 -54.91 -43.69 -5.22
N ARG J 183 -55.58 -43.11 -4.23
CA ARG J 183 -55.98 -41.72 -4.29
C ARG J 183 -55.51 -40.93 -3.07
N PHE J 184 -54.20 -40.86 -2.89
CA PHE J 184 -53.61 -40.14 -1.78
C PHE J 184 -52.58 -39.13 -2.25
N ILE J 185 -52.66 -37.92 -1.73
CA ILE J 185 -51.69 -36.88 -2.07
C ILE J 185 -51.10 -36.22 -0.81
N PRO J 186 -49.79 -36.31 -0.57
CA PRO J 186 -49.06 -35.66 0.49
C PRO J 186 -48.81 -34.21 0.06
N PRO J 187 -48.35 -33.34 0.96
CA PRO J 187 -47.87 -32.01 0.65
C PRO J 187 -46.76 -32.14 -0.38
N LEU J 188 -46.86 -31.41 -1.49
CA LEU J 188 -45.88 -31.60 -2.57
C LEU J 188 -45.02 -30.37 -2.83
N LEU J 189 -43.79 -30.62 -3.28
CA LEU J 189 -42.97 -29.58 -3.88
C LEU J 189 -42.89 -29.74 -5.39
N THR J 190 -43.09 -30.95 -5.88
CA THR J 190 -43.07 -31.19 -7.31
C THR J 190 -44.30 -31.99 -7.72
N LEU J 191 -44.83 -31.72 -8.90
CA LEU J 191 -46.01 -32.43 -9.37
C LEU J 191 -45.71 -33.90 -9.58
N SER J 192 -44.50 -34.19 -10.05
CA SER J 192 -44.08 -35.57 -10.31
C SER J 192 -44.05 -36.43 -9.05
N ALA J 193 -44.13 -35.79 -7.89
CA ALA J 193 -44.09 -36.49 -6.62
C ALA J 193 -45.34 -37.35 -6.41
N SER J 194 -46.41 -37.07 -7.18
CA SER J 194 -47.64 -37.85 -7.05
C SER J 194 -48.21 -38.25 -8.41
N PRO J 195 -47.89 -39.46 -8.90
CA PRO J 195 -48.29 -40.03 -10.19
C PRO J 195 -49.80 -39.97 -10.40
N SER J 196 -50.56 -40.09 -9.31
CA SER J 196 -52.01 -40.04 -9.40
C SER J 196 -52.47 -38.69 -9.92
N LEU J 197 -51.81 -37.63 -9.46
CA LEU J 197 -52.17 -36.28 -9.85
C LEU J 197 -51.75 -36.05 -11.28
N MET J 198 -50.56 -36.53 -11.63
CA MET J 198 -50.06 -36.34 -12.97
C MET J 198 -51.00 -36.96 -13.98
N THR J 199 -51.55 -38.11 -13.66
CA THR J 199 -52.48 -38.79 -14.54
C THR J 199 -53.71 -37.92 -14.78
N GLU J 200 -54.29 -37.40 -13.70
CA GLU J 200 -55.48 -36.57 -13.84
C GLU J 200 -55.19 -35.29 -14.63
N LEU J 201 -54.02 -34.72 -14.39
CA LEU J 201 -53.63 -33.51 -15.09
C LEU J 201 -53.48 -33.77 -16.59
N ALA J 202 -52.91 -34.93 -16.93
CA ALA J 202 -52.77 -35.30 -18.33
C ALA J 202 -54.14 -35.44 -18.97
N GLU J 203 -55.09 -36.04 -18.25
CA GLU J 203 -56.44 -36.20 -18.78
C GLU J 203 -57.10 -34.85 -19.02
N LEU J 204 -56.90 -33.92 -18.10
CA LEU J 204 -57.44 -32.57 -18.25
C LEU J 204 -56.94 -31.94 -19.53
N LEU J 205 -55.62 -31.98 -19.73
CA LEU J 205 -55.04 -31.38 -20.91
C LEU J 205 -55.61 -31.99 -22.16
N HIS J 206 -55.74 -33.32 -22.17
CA HIS J 206 -56.30 -34.01 -23.32
C HIS J 206 -57.69 -33.50 -23.65
N HIS J 207 -58.57 -33.46 -22.64
CA HIS J 207 -59.94 -33.03 -22.85
C HIS J 207 -59.99 -31.58 -23.31
N LEU J 208 -59.15 -30.75 -22.70
CA LEU J 208 -59.09 -29.34 -23.05
C LEU J 208 -58.76 -29.18 -24.52
N GLN J 209 -57.71 -29.87 -24.95
CA GLN J 209 -57.27 -29.77 -26.32
C GLN J 209 -58.34 -30.25 -27.29
N ALA J 210 -59.02 -31.34 -26.94
CA ALA J 210 -60.06 -31.88 -27.80
C ALA J 210 -61.18 -30.87 -27.99
N ARG J 211 -61.61 -30.24 -26.91
CA ARG J 211 -62.66 -29.25 -27.01
C ARG J 211 -62.21 -28.04 -27.81
N ARG J 212 -60.97 -27.62 -27.58
CA ARG J 212 -60.42 -26.47 -28.30
C ARG J 212 -60.48 -26.72 -29.79
N GLN J 213 -60.08 -27.91 -30.23
CA GLN J 213 -60.06 -28.24 -31.64
C GLN J 213 -61.47 -28.18 -32.25
N ARG J 214 -62.45 -28.72 -31.54
CA ARG J 214 -63.83 -28.68 -32.03
C ARG J 214 -64.32 -27.25 -32.17
N LEU J 215 -64.01 -26.43 -31.17
CA LEU J 215 -64.43 -25.04 -31.19
C LEU J 215 -63.78 -24.28 -32.33
N MET J 216 -62.50 -24.55 -32.59
CA MET J 216 -61.79 -23.91 -33.69
C MET J 216 -62.43 -24.27 -35.02
N SER J 217 -62.80 -25.53 -35.18
CA SER J 217 -63.43 -26.00 -36.41
C SER J 217 -64.71 -25.23 -36.71
N MET J 218 -65.47 -24.93 -35.67
CA MET J 218 -66.76 -24.27 -35.82
C MET J 218 -66.65 -22.77 -36.09
N ARG J 219 -65.44 -22.23 -36.16
CA ARG J 219 -65.29 -20.82 -36.46
C ARG J 219 -65.86 -20.51 -37.83
N ALA J 232 -74.12 -16.90 -32.54
CA ALA J 232 -73.36 -17.62 -31.53
C ALA J 232 -71.88 -17.33 -31.68
N ASP J 233 -71.55 -16.48 -32.65
CA ASP J 233 -70.17 -16.13 -32.90
C ASP J 233 -69.53 -15.49 -31.68
N VAL J 234 -70.31 -14.68 -30.97
CA VAL J 234 -69.81 -14.01 -29.79
C VAL J 234 -69.45 -15.03 -28.72
N SER J 235 -70.34 -15.97 -28.48
CA SER J 235 -70.10 -17.00 -27.47
C SER J 235 -68.85 -17.82 -27.80
N LEU J 236 -68.68 -18.14 -29.08
CA LEU J 236 -67.54 -18.93 -29.50
C LEU J 236 -66.23 -18.19 -29.24
N PHE J 237 -66.19 -16.90 -29.58
CA PHE J 237 -64.99 -16.10 -29.32
C PHE J 237 -64.66 -16.05 -27.84
N TRP J 238 -65.67 -15.85 -27.01
CA TRP J 238 -65.43 -15.78 -25.58
C TRP J 238 -64.70 -17.00 -25.09
N LEU J 239 -65.20 -18.17 -25.47
CA LEU J 239 -64.65 -19.40 -24.97
C LEU J 239 -63.29 -19.74 -25.56
N LEU J 240 -63.14 -19.53 -26.88
CA LEU J 240 -61.85 -19.82 -27.49
C LEU J 240 -60.75 -18.96 -26.91
N ASN J 241 -61.05 -17.70 -26.63
CA ASN J 241 -60.05 -16.83 -26.07
C ASN J 241 -59.55 -17.40 -24.74
N ALA J 242 -60.49 -17.79 -23.88
CA ALA J 242 -60.13 -18.31 -22.57
C ALA J 242 -59.26 -19.57 -22.69
N LEU J 243 -59.62 -20.46 -23.60
CA LEU J 243 -58.90 -21.72 -23.74
C LEU J 243 -57.55 -21.54 -24.42
N ASN J 244 -57.52 -20.74 -25.47
CA ASN J 244 -56.29 -20.51 -26.22
C ASN J 244 -55.27 -19.80 -25.35
N SER J 245 -55.73 -18.94 -24.46
CA SER J 245 -54.84 -18.24 -23.56
C SER J 245 -54.20 -19.19 -22.56
N ALA J 246 -55.02 -20.05 -21.94
CA ALA J 246 -54.54 -20.96 -20.91
C ALA J 246 -53.63 -22.08 -21.45
N GLU J 247 -54.02 -22.68 -22.57
CA GLU J 247 -53.35 -23.90 -23.03
C GLU J 247 -51.82 -23.83 -23.17
N PRO J 248 -51.24 -22.80 -23.81
CA PRO J 248 -49.82 -22.65 -24.05
C PRO J 248 -49.01 -22.62 -22.76
N VAL J 249 -49.68 -22.32 -21.66
CA VAL J 249 -49.02 -22.23 -20.38
C VAL J 249 -49.18 -23.53 -19.60
N LEU J 250 -50.41 -24.02 -19.53
CA LEU J 250 -50.66 -25.23 -18.76
C LEU J 250 -49.86 -26.38 -19.32
N LYS J 251 -49.74 -26.44 -20.63
CA LYS J 251 -48.98 -27.51 -21.26
C LYS J 251 -47.55 -27.49 -20.77
N GLU J 252 -46.90 -26.33 -20.84
CA GLU J 252 -45.50 -26.23 -20.46
C GLU J 252 -45.29 -26.66 -19.01
N LEU J 253 -46.23 -26.28 -18.14
CA LEU J 253 -46.15 -26.66 -16.73
C LEU J 253 -46.21 -28.18 -16.54
N LEU J 254 -46.98 -28.86 -17.37
CA LEU J 254 -47.10 -30.30 -17.25
C LEU J 254 -45.98 -31.04 -17.97
N ASP J 255 -45.44 -30.42 -19.02
CA ASP J 255 -44.34 -31.05 -19.75
C ASP J 255 -43.11 -31.20 -18.86
N MET J 256 -42.83 -30.18 -18.05
CA MET J 256 -41.77 -30.23 -17.05
C MET J 256 -42.32 -30.17 -15.61
N PRO J 257 -42.85 -31.28 -15.07
CA PRO J 257 -43.58 -31.36 -13.83
C PRO J 257 -42.69 -31.31 -12.60
N TYR J 258 -41.85 -30.28 -12.52
CA TYR J 258 -40.95 -30.15 -11.40
C TYR J 258 -41.01 -28.74 -10.85
N ARG J 259 -42.19 -28.33 -10.44
CA ARG J 259 -42.39 -27.00 -9.89
C ARG J 259 -43.35 -27.04 -8.72
N HIS J 260 -43.21 -26.09 -7.81
CA HIS J 260 -44.10 -26.00 -6.69
C HIS J 260 -45.56 -25.85 -7.15
N PRO J 261 -46.50 -26.65 -6.61
CA PRO J 261 -47.93 -26.67 -6.91
C PRO J 261 -48.59 -25.30 -6.90
N GLU J 262 -48.09 -24.36 -6.09
CA GLU J 262 -48.70 -23.02 -6.04
C GLU J 262 -48.77 -22.42 -7.44
N LEU J 263 -47.77 -22.71 -8.26
CA LEU J 263 -47.70 -22.16 -9.60
C LEU J 263 -48.79 -22.75 -10.47
N LEU J 264 -49.05 -24.05 -10.33
CA LEU J 264 -50.07 -24.71 -11.11
C LEU J 264 -51.44 -24.24 -10.68
N TYR J 265 -51.62 -24.12 -9.37
CA TYR J 265 -52.90 -23.69 -8.84
C TYR J 265 -53.34 -22.39 -9.47
N ARG J 266 -52.46 -21.40 -9.49
CA ARG J 266 -52.84 -20.11 -10.06
C ARG J 266 -53.28 -20.24 -11.50
N GLU J 267 -52.56 -21.02 -12.29
CA GLU J 267 -52.90 -21.12 -13.71
C GLU J 267 -54.26 -21.78 -13.90
N LEU J 268 -54.52 -22.84 -13.13
CA LEU J 268 -55.79 -23.54 -13.23
C LEU J 268 -56.93 -22.70 -12.69
N ALA J 269 -56.65 -21.98 -11.61
CA ALA J 269 -57.66 -21.15 -10.98
C ALA J 269 -58.15 -20.08 -11.94
N ARG J 270 -57.23 -19.47 -12.69
CA ARG J 270 -57.63 -18.45 -13.67
C ARG J 270 -58.57 -19.03 -14.70
N LEU J 271 -58.24 -20.23 -15.19
CA LEU J 271 -59.09 -20.88 -16.18
C LEU J 271 -60.47 -21.15 -15.62
N ALA J 272 -60.52 -21.71 -14.40
CA ALA J 272 -61.80 -21.99 -13.78
C ALA J 272 -62.60 -20.72 -13.61
N GLY J 273 -61.92 -19.65 -13.22
CA GLY J 273 -62.57 -18.37 -13.01
C GLY J 273 -63.27 -17.91 -14.27
N SER J 274 -62.56 -17.90 -15.38
CA SER J 274 -63.15 -17.46 -16.64
C SER J 274 -64.31 -18.35 -17.03
N LEU J 275 -64.12 -19.67 -16.96
CA LEU J 275 -65.15 -20.61 -17.41
C LEU J 275 -66.44 -20.48 -16.59
N LEU J 276 -66.32 -20.07 -15.33
CA LEU J 276 -67.50 -19.89 -14.47
C LEU J 276 -68.29 -18.65 -14.85
N THR J 277 -67.79 -17.88 -15.79
CA THR J 277 -68.50 -16.71 -16.27
C THR J 277 -69.48 -17.15 -17.36
N PHE J 278 -69.30 -18.37 -17.84
CA PHE J 278 -70.13 -18.92 -18.90
C PHE J 278 -71.26 -19.76 -18.30
N SER J 279 -70.88 -20.66 -17.39
CA SER J 279 -71.83 -21.63 -16.83
C SER J 279 -72.50 -21.13 -15.56
N LEU J 280 -73.72 -20.66 -15.69
CA LEU J 280 -74.43 -20.01 -14.58
C LEU J 280 -74.79 -20.96 -13.45
N GLU J 281 -74.93 -22.25 -13.77
CA GLU J 281 -75.33 -23.23 -12.77
C GLU J 281 -74.29 -23.44 -11.67
N HIS J 282 -73.06 -22.97 -11.89
CA HIS J 282 -72.01 -23.15 -10.88
C HIS J 282 -71.71 -21.85 -10.16
N ASN J 283 -71.61 -21.94 -8.83
CA ASN J 283 -71.28 -20.78 -8.02
C ASN J 283 -69.83 -20.38 -8.25
N VAL J 284 -69.54 -19.09 -8.12
CA VAL J 284 -68.17 -18.61 -8.26
C VAL J 284 -67.27 -19.27 -7.23
N ASP J 285 -67.81 -19.48 -6.03
CA ASP J 285 -67.05 -20.06 -4.92
C ASP J 285 -66.81 -21.55 -5.11
N ALA J 286 -67.19 -22.08 -6.28
CA ALA J 286 -66.91 -23.46 -6.64
C ALA J 286 -65.39 -23.72 -6.65
N VAL J 287 -64.60 -22.67 -6.86
CA VAL J 287 -63.15 -22.84 -6.89
C VAL J 287 -62.60 -22.85 -5.46
N PRO J 288 -61.96 -23.94 -5.03
CA PRO J 288 -61.45 -24.16 -3.70
C PRO J 288 -60.26 -23.27 -3.44
N ALA J 289 -60.06 -22.89 -2.20
CA ALA J 289 -58.87 -22.16 -1.80
C ALA J 289 -57.68 -23.09 -1.80
N TYR J 290 -56.50 -22.54 -1.98
CA TYR J 290 -55.31 -23.36 -1.92
C TYR J 290 -54.98 -23.72 -0.48
N HIS J 291 -54.73 -25.00 -0.26
CA HIS J 291 -54.31 -25.51 1.04
C HIS J 291 -53.15 -26.45 0.82
N HIS J 292 -52.02 -26.13 1.41
CA HIS J 292 -50.80 -26.88 1.18
C HIS J 292 -50.79 -28.19 1.95
N GLU J 293 -51.23 -28.12 3.20
CA GLU J 293 -51.23 -29.27 4.10
C GLU J 293 -52.15 -30.39 3.63
N THR J 294 -53.28 -30.01 3.01
CA THR J 294 -54.29 -30.98 2.62
C THR J 294 -54.68 -30.84 1.15
N PRO J 295 -53.76 -31.08 0.20
CA PRO J 295 -53.88 -30.83 -1.23
C PRO J 295 -55.01 -31.66 -1.85
N GLU J 296 -55.42 -32.71 -1.15
CA GLU J 296 -56.49 -33.59 -1.62
C GLU J 296 -57.80 -32.83 -1.75
N ASN J 297 -57.93 -31.74 -1.01
CA ASN J 297 -59.14 -30.96 -1.03
C ASN J 297 -58.99 -29.75 -1.95
N VAL J 298 -57.90 -29.72 -2.70
CA VAL J 298 -57.62 -28.61 -3.59
C VAL J 298 -57.64 -29.05 -5.03
N PHE J 299 -56.76 -29.95 -5.39
CA PHE J 299 -56.61 -30.29 -6.79
C PHE J 299 -57.73 -31.20 -7.31
N PRO J 300 -58.02 -32.35 -6.69
CA PRO J 300 -59.05 -33.26 -7.12
C PRO J 300 -60.42 -32.58 -7.40
N PRO J 301 -60.93 -31.62 -6.56
CA PRO J 301 -62.16 -30.91 -6.79
C PRO J 301 -62.02 -29.81 -7.82
N LEU J 302 -60.87 -29.14 -7.84
CA LEU J 302 -60.63 -28.12 -8.87
C LEU J 302 -60.66 -28.77 -10.25
N LEU J 303 -59.97 -29.90 -10.37
CA LEU J 303 -59.90 -30.60 -11.63
C LEU J 303 -61.27 -31.11 -12.05
N SER J 304 -62.04 -31.62 -11.09
CA SER J 304 -63.38 -32.10 -11.37
C SER J 304 -64.25 -30.96 -11.91
N LEU J 305 -64.16 -29.80 -11.27
CA LEU J 305 -64.91 -28.63 -11.70
C LEU J 305 -64.54 -28.25 -13.12
N LEU J 306 -63.23 -28.20 -13.40
CA LEU J 306 -62.78 -27.85 -14.74
C LEU J 306 -63.28 -28.84 -15.76
N ASN J 307 -63.25 -30.13 -15.42
CA ASN J 307 -63.73 -31.13 -16.35
C ASN J 307 -65.20 -30.92 -16.68
N ARG J 308 -66.01 -30.65 -15.65
CA ARG J 308 -67.43 -30.42 -15.88
C ARG J 308 -67.68 -29.18 -16.74
N LEU J 309 -66.93 -28.12 -16.46
CA LEU J 309 -67.08 -26.88 -17.20
C LEU J 309 -66.71 -27.07 -18.66
N LEU J 310 -65.68 -27.87 -18.93
CA LEU J 310 -65.27 -28.17 -20.29
C LEU J 310 -66.28 -29.07 -20.99
N GLU J 311 -66.81 -30.06 -20.27
CA GLU J 311 -67.81 -30.94 -20.87
C GLU J 311 -69.02 -30.15 -21.32
N ALA J 312 -69.39 -29.16 -20.53
CA ALA J 312 -70.49 -28.27 -20.85
C ALA J 312 -70.00 -27.14 -21.76
N LYS K 2 -4.85 29.79 -22.75
CA LYS K 2 -5.88 29.34 -21.84
C LYS K 2 -5.60 27.94 -21.31
N ILE K 3 -4.52 27.33 -21.80
CA ILE K 3 -4.10 26.02 -21.30
C ILE K 3 -2.80 26.15 -20.53
N TYR K 4 -2.83 25.84 -19.25
CA TYR K 4 -1.69 26.05 -18.40
C TYR K 4 -0.98 24.77 -18.02
N ARG K 5 -0.09 24.31 -18.88
CA ARG K 5 0.61 23.07 -18.64
C ARG K 5 1.31 23.13 -17.28
N PRO K 6 1.12 22.11 -16.42
CA PRO K 6 1.63 22.02 -15.07
C PRO K 6 3.13 21.84 -15.02
N LEU K 7 3.73 22.28 -13.93
CA LEU K 7 5.16 22.12 -13.70
C LEU K 7 5.44 21.14 -12.58
N TRP K 8 5.66 19.88 -12.94
CA TRP K 8 5.85 18.83 -11.95
C TRP K 8 7.27 18.74 -11.48
N GLU K 9 7.66 19.64 -10.57
CA GLU K 9 9.03 19.65 -10.06
C GLU K 9 9.06 19.76 -8.55
N ASP K 10 10.01 19.06 -7.94
CA ASP K 10 10.22 19.14 -6.50
C ASP K 10 8.91 19.05 -5.72
N GLY K 11 8.69 19.99 -4.80
CA GLY K 11 7.50 20.01 -3.96
C GLY K 11 6.26 20.51 -4.67
N ALA K 12 5.88 19.85 -5.74
CA ALA K 12 4.68 20.21 -6.48
C ALA K 12 3.46 19.97 -5.61
N PHE K 13 2.39 20.73 -5.86
CA PHE K 13 1.16 20.52 -5.11
C PHE K 13 0.14 19.75 -5.92
N LEU K 14 -0.46 18.75 -5.29
CA LEU K 14 -1.45 17.91 -5.94
C LEU K 14 -2.79 18.60 -6.03
N MET K 15 -2.91 19.49 -6.99
CA MET K 15 -4.12 20.27 -7.21
C MET K 15 -4.88 19.73 -8.41
N PRO K 16 -6.22 19.70 -8.37
CA PRO K 16 -7.08 19.20 -9.43
C PRO K 16 -6.89 19.96 -10.73
N GLN K 17 -6.43 21.21 -10.64
CA GLN K 17 -6.21 22.01 -11.83
C GLN K 17 -5.10 21.45 -12.69
N GLN K 18 -4.10 20.85 -12.08
CA GLN K 18 -2.96 20.36 -12.85
C GLN K 18 -3.40 19.28 -13.81
N PHE K 19 -4.28 18.42 -13.32
CA PHE K 19 -4.72 17.28 -14.08
C PHE K 19 -5.66 17.73 -15.20
N GLN K 20 -6.54 18.67 -14.88
CA GLN K 20 -7.47 19.16 -15.88
C GLN K 20 -6.74 19.87 -17.02
N GLN K 21 -5.71 20.65 -16.67
CA GLN K 21 -4.97 21.38 -17.69
C GLN K 21 -4.15 20.45 -18.56
N GLN K 22 -3.57 19.41 -17.97
CA GLN K 22 -2.79 18.47 -18.78
C GLN K 22 -3.69 17.80 -19.79
N ALA K 23 -4.88 17.40 -19.35
CA ALA K 23 -5.81 16.74 -20.25
C ALA K 23 -6.18 17.64 -21.42
N ALA K 24 -6.41 18.92 -21.13
CA ALA K 24 -6.77 19.86 -22.17
C ALA K 24 -5.67 19.96 -23.21
N TRP K 25 -4.44 20.02 -22.74
CA TRP K 25 -3.30 20.09 -23.65
C TRP K 25 -3.21 18.84 -24.51
N ASP K 26 -3.33 17.69 -23.87
CA ASP K 26 -3.16 16.44 -24.58
C ASP K 26 -4.12 16.33 -25.76
N VAL K 27 -5.37 16.76 -25.55
CA VAL K 27 -6.34 16.76 -26.62
C VAL K 27 -5.94 17.74 -27.71
N HIS K 28 -5.54 18.94 -27.30
CA HIS K 28 -5.10 19.96 -28.24
C HIS K 28 -3.96 19.46 -29.10
N LEU K 29 -2.97 18.85 -28.47
CA LEU K 29 -1.79 18.36 -29.19
C LEU K 29 -2.18 17.31 -30.22
N ALA K 30 -3.03 16.36 -29.82
CA ALA K 30 -3.47 15.33 -30.75
C ALA K 30 -4.21 15.95 -31.93
N ASP K 31 -5.03 16.96 -31.65
CA ASP K 31 -5.79 17.62 -32.69
C ASP K 31 -4.86 18.36 -33.66
N SER K 32 -3.84 18.99 -33.10
CA SER K 32 -2.87 19.71 -33.92
C SER K 32 -2.22 18.78 -34.92
N VAL K 33 -1.86 17.59 -34.48
CA VAL K 33 -1.25 16.60 -35.37
C VAL K 33 -2.20 16.22 -36.50
N ALA K 34 -3.45 15.95 -36.18
CA ALA K 34 -4.40 15.55 -37.22
C ALA K 34 -4.47 16.61 -38.31
N ARG K 35 -4.46 17.87 -37.92
CA ARG K 35 -4.60 19.00 -38.83
C ARG K 35 -3.43 19.17 -39.78
N MET K 36 -2.34 18.44 -39.57
CA MET K 36 -1.22 18.57 -40.48
C MET K 36 -1.54 18.04 -41.88
N GLY K 37 -2.41 17.02 -41.95
CA GLY K 37 -2.71 16.40 -43.23
C GLY K 37 -4.15 16.63 -43.69
N LEU K 38 -5.06 16.86 -42.75
CA LEU K 38 -6.47 16.97 -43.09
C LEU K 38 -7.08 18.30 -42.69
N ALA K 39 -7.79 18.91 -43.62
CA ALA K 39 -8.45 20.20 -43.37
C ALA K 39 -9.55 20.08 -42.34
N HIS K 40 -10.26 18.96 -42.36
CA HIS K 40 -11.42 18.78 -41.48
C HIS K 40 -11.39 17.48 -40.68
N PRO K 41 -10.50 17.34 -39.70
CA PRO K 41 -10.32 16.17 -38.87
C PRO K 41 -11.40 16.09 -37.80
N TRP K 42 -12.65 15.95 -38.25
CA TRP K 42 -13.81 15.84 -37.37
C TRP K 42 -15.02 15.36 -38.17
N GLY K 43 -16.08 14.93 -37.49
CA GLY K 43 -17.27 14.46 -38.18
C GLY K 43 -17.80 13.14 -37.60
N VAL K 44 -18.70 12.50 -38.35
CA VAL K 44 -19.36 11.28 -37.91
C VAL K 44 -18.61 10.02 -38.33
N VAL K 45 -18.54 9.08 -37.41
CA VAL K 45 -17.97 7.77 -37.65
C VAL K 45 -19.09 6.72 -37.64
N ALA K 46 -20.04 6.90 -36.73
CA ALA K 46 -21.19 6.03 -36.61
C ALA K 46 -22.40 6.83 -36.15
N ALA K 47 -23.58 6.49 -36.66
CA ALA K 47 -24.81 7.17 -36.28
C ALA K 47 -26.02 6.27 -36.46
N GLU K 48 -26.10 5.23 -35.65
CA GLU K 48 -27.17 4.25 -35.77
C GLU K 48 -28.33 4.59 -34.84
N PHE K 49 -29.54 4.61 -35.39
CA PHE K 49 -30.74 4.95 -34.64
C PHE K 49 -31.76 3.82 -34.64
N ASP K 50 -32.61 3.82 -33.62
CA ASP K 50 -33.71 2.87 -33.51
C ASP K 50 -34.94 3.35 -34.28
N ASP K 51 -35.28 2.69 -35.37
CA ASP K 51 -36.36 3.13 -36.24
C ASP K 51 -37.75 2.75 -35.73
N SER K 52 -37.80 1.94 -34.68
CA SER K 52 -39.08 1.42 -34.21
C SER K 52 -39.87 2.42 -33.37
N LEU K 53 -39.21 3.51 -32.98
CA LEU K 53 -39.87 4.54 -32.18
C LEU K 53 -40.45 5.67 -33.00
N LEU K 54 -40.07 5.75 -34.27
CA LEU K 54 -40.55 6.86 -35.08
C LEU K 54 -42.08 6.90 -35.19
N PRO K 55 -42.78 5.73 -35.28
CA PRO K 55 -44.22 5.61 -35.28
C PRO K 55 -44.83 6.17 -34.00
N LEU K 56 -44.01 6.36 -32.97
CA LEU K 56 -44.49 6.89 -31.70
C LEU K 56 -43.80 8.21 -31.39
N SER K 57 -43.48 8.96 -32.43
CA SER K 57 -42.92 10.31 -32.32
C SER K 57 -41.72 10.40 -31.38
N ARG K 58 -40.86 9.40 -31.38
CA ARG K 58 -39.68 9.45 -30.53
C ARG K 58 -38.44 8.99 -31.27
N LEU K 59 -37.35 9.73 -31.11
CA LEU K 59 -36.08 9.38 -31.73
C LEU K 59 -35.04 9.00 -30.68
N ASN K 60 -34.44 7.84 -30.82
CA ASN K 60 -33.47 7.35 -29.85
C ASN K 60 -32.26 6.71 -30.53
N ALA K 61 -31.09 7.31 -30.31
CA ALA K 61 -29.85 6.79 -30.87
C ALA K 61 -29.48 5.47 -30.22
N THR K 62 -28.84 4.59 -30.97
CA THR K 62 -28.38 3.33 -30.41
C THR K 62 -26.86 3.25 -30.35
N ARG K 63 -26.19 3.96 -31.25
CA ARG K 63 -24.73 3.97 -31.27
C ARG K 63 -24.18 5.21 -31.97
N LEU K 64 -23.44 6.03 -31.22
CA LEU K 64 -22.90 7.26 -31.76
C LEU K 64 -21.40 7.34 -31.59
N ILE K 65 -20.71 7.58 -32.68
CA ILE K 65 -19.28 7.84 -32.62
C ILE K 65 -19.01 9.12 -33.40
N VAL K 66 -18.65 10.16 -32.68
CA VAL K 66 -18.53 11.49 -33.25
C VAL K 66 -17.30 12.22 -32.78
N ARG K 67 -16.66 12.94 -33.68
CA ARG K 67 -15.56 13.80 -33.31
C ARG K 67 -15.95 15.23 -33.58
N PHE K 68 -15.94 16.07 -32.56
CA PHE K 68 -16.36 17.45 -32.70
C PHE K 68 -15.22 18.35 -33.20
N PRO K 69 -15.56 19.53 -33.76
CA PRO K 69 -14.67 20.56 -34.27
C PRO K 69 -13.54 20.99 -33.33
N ASP K 70 -13.60 20.62 -32.04
CA ASP K 70 -12.54 21.03 -31.15
C ASP K 70 -11.83 19.82 -30.54
N GLY K 71 -11.81 18.73 -31.29
CA GLY K 71 -11.06 17.55 -30.92
C GLY K 71 -11.79 16.64 -29.93
N THR K 72 -12.96 17.06 -29.43
CA THR K 72 -13.67 16.23 -28.48
C THR K 72 -14.15 14.95 -29.14
N LEU K 73 -13.80 13.81 -28.54
CA LEU K 73 -14.18 12.52 -29.10
C LEU K 73 -15.27 11.82 -28.29
N ILE K 74 -16.38 11.55 -28.94
CA ILE K 74 -17.52 10.85 -28.36
C ILE K 74 -17.61 9.46 -28.88
N ASP K 75 -17.71 8.51 -27.97
CA ASP K 75 -17.83 7.11 -28.37
C ASP K 75 -18.70 6.34 -27.39
N THR K 76 -19.95 6.10 -27.78
CA THR K 76 -20.92 5.48 -26.88
C THR K 76 -20.78 3.97 -26.85
N GLU K 77 -19.79 3.47 -27.57
CA GLU K 77 -19.48 2.06 -27.56
C GLU K 77 -18.41 1.78 -26.51
N ARG K 78 -17.50 2.74 -26.34
CA ARG K 78 -16.35 2.56 -25.46
C ARG K 78 -16.36 3.39 -24.17
N ALA K 79 -16.92 4.61 -24.18
CA ALA K 79 -16.75 5.48 -23.00
C ALA K 79 -17.98 6.33 -22.65
N ASP K 80 -18.80 6.66 -23.63
CA ASP K 80 -19.89 7.61 -23.39
C ASP K 80 -21.25 6.93 -23.27
N ASN K 81 -22.20 7.65 -22.69
CA ASN K 81 -23.57 7.20 -22.63
C ASN K 81 -24.37 7.74 -23.80
N LEU K 82 -25.46 7.07 -24.15
CA LEU K 82 -26.36 7.57 -25.18
C LEU K 82 -27.19 8.72 -24.62
N PRO K 83 -27.59 9.67 -25.47
CA PRO K 83 -28.43 10.80 -25.17
C PRO K 83 -29.86 10.33 -24.84
N PRO K 84 -30.61 11.10 -24.04
CA PRO K 84 -32.02 10.94 -23.73
C PRO K 84 -32.86 10.88 -24.99
N VAL K 85 -34.02 10.25 -24.89
CA VAL K 85 -34.93 10.11 -26.03
C VAL K 85 -35.52 11.46 -26.43
N CYS K 86 -35.46 11.76 -27.72
CA CYS K 86 -35.96 13.01 -28.26
C CYS K 86 -37.44 12.97 -28.61
N ASP K 87 -38.20 13.85 -27.97
CA ASP K 87 -39.64 13.94 -28.18
C ASP K 87 -39.97 14.86 -29.36
N LEU K 88 -40.51 14.29 -30.43
CA LEU K 88 -40.76 15.03 -31.66
C LEU K 88 -42.15 15.68 -31.67
N SER K 89 -42.88 15.57 -30.56
CA SER K 89 -44.24 16.10 -30.51
C SER K 89 -44.30 17.58 -30.85
N THR K 90 -43.33 18.34 -30.38
CA THR K 90 -43.34 19.79 -30.55
C THR K 90 -42.78 20.18 -31.91
N VAL K 91 -42.43 19.20 -32.70
CA VAL K 91 -41.88 19.40 -34.03
C VAL K 91 -42.88 18.91 -35.07
N SER K 92 -44.01 18.38 -34.59
CA SER K 92 -45.03 17.75 -35.43
C SER K 92 -45.44 18.57 -36.64
N ASP K 93 -45.53 19.89 -36.47
CA ASP K 93 -45.99 20.77 -37.55
C ASP K 93 -45.10 20.71 -38.81
N ARG K 94 -43.87 20.26 -38.66
CA ARG K 94 -42.92 20.24 -39.77
C ARG K 94 -42.95 18.93 -40.56
N SER K 95 -42.69 19.01 -41.85
CA SER K 95 -42.62 17.83 -42.70
C SER K 95 -41.19 17.31 -42.86
N LEU K 96 -40.23 18.12 -42.44
CA LEU K 96 -38.81 17.77 -42.54
C LEU K 96 -38.06 18.28 -41.33
N VAL K 97 -37.31 17.39 -40.69
CA VAL K 97 -36.60 17.74 -39.47
C VAL K 97 -35.13 17.36 -39.52
N ASP K 98 -34.27 18.34 -39.29
CA ASP K 98 -32.83 18.08 -39.22
C ASP K 98 -32.37 17.94 -37.77
N ILE K 99 -31.88 16.75 -37.42
CA ILE K 99 -31.44 16.47 -36.05
C ILE K 99 -29.94 16.47 -35.95
N VAL K 100 -29.44 17.17 -34.94
CA VAL K 100 -28.02 17.27 -34.71
C VAL K 100 -27.68 16.79 -33.30
N LEU K 101 -26.44 16.35 -33.11
CA LEU K 101 -25.96 15.95 -31.80
C LEU K 101 -25.31 17.13 -31.15
N ALA K 102 -25.75 17.47 -29.95
CA ALA K 102 -25.25 18.67 -29.30
C ALA K 102 -24.51 18.39 -28.01
N LEU K 103 -23.46 19.19 -27.78
CA LEU K 103 -22.66 19.17 -26.57
C LEU K 103 -22.36 20.60 -26.12
N PRO K 104 -22.81 21.03 -24.94
CA PRO K 104 -22.64 22.38 -24.41
C PRO K 104 -21.18 22.80 -24.40
N LEU K 105 -20.95 24.07 -24.70
CA LEU K 105 -19.60 24.66 -24.75
C LEU K 105 -18.95 24.69 -23.39
N LEU K 106 -17.63 24.52 -23.37
CA LEU K 106 -16.86 24.64 -22.13
C LEU K 106 -16.95 26.05 -21.57
N ASN K 107 -17.17 26.14 -20.28
CA ASN K 107 -17.20 27.43 -19.60
C ASN K 107 -15.84 27.75 -19.00
N ALA K 108 -15.17 28.73 -19.57
CA ALA K 108 -13.84 29.11 -19.13
C ALA K 108 -13.86 29.57 -17.68
N ASN K 109 -15.03 29.99 -17.21
CA ASN K 109 -15.17 30.53 -15.86
C ASN K 109 -15.66 29.49 -14.87
N GLY K 110 -15.62 28.22 -15.25
CA GLY K 110 -16.00 27.13 -14.35
C GLY K 110 -17.50 26.86 -14.37
N GLY K 111 -17.93 25.95 -13.48
CA GLY K 111 -19.33 25.55 -13.44
C GLY K 111 -19.70 24.61 -14.59
N ASN K 112 -18.74 23.81 -15.04
CA ASN K 112 -18.98 22.90 -16.15
C ASN K 112 -19.69 21.63 -15.72
N LEU K 113 -19.51 21.23 -14.47
CA LEU K 113 -20.09 19.97 -13.98
C LEU K 113 -21.54 20.15 -13.57
N ASP K 114 -22.38 19.21 -14.02
CA ASP K 114 -23.80 19.19 -13.70
C ASP K 114 -24.06 18.60 -12.33
N ASN K 115 -24.41 19.44 -11.37
CA ASN K 115 -24.65 19.00 -10.00
C ASN K 115 -26.14 18.88 -9.71
N GLY K 116 -26.95 18.91 -10.76
CA GLY K 116 -28.40 18.78 -10.62
C GLY K 116 -29.10 20.12 -10.43
N SER K 117 -28.34 21.19 -10.25
CA SER K 117 -28.93 22.51 -10.07
C SER K 117 -29.37 23.11 -11.40
N GLU K 118 -30.24 24.12 -11.32
CA GLU K 118 -30.72 24.82 -12.49
C GLU K 118 -29.81 26.00 -12.84
N SER K 119 -29.56 26.20 -14.13
CA SER K 119 -28.77 27.32 -14.60
C SER K 119 -29.17 27.76 -15.99
N GLU K 120 -28.89 29.02 -16.32
CA GLU K 120 -29.22 29.58 -17.64
C GLU K 120 -28.32 29.04 -18.75
N ARG K 121 -27.17 28.51 -18.36
CA ARG K 121 -26.24 27.95 -19.33
C ARG K 121 -26.03 26.47 -19.02
N PRO K 122 -26.30 25.57 -19.98
CA PRO K 122 -26.30 24.14 -19.81
C PRO K 122 -24.93 23.64 -19.39
N ARG K 123 -24.93 22.68 -18.47
CA ARG K 123 -23.71 22.06 -18.00
C ARG K 123 -23.30 20.99 -18.99
N ARG K 124 -22.00 20.72 -19.14
CA ARG K 124 -21.56 19.79 -20.17
C ARG K 124 -21.04 18.47 -19.63
N TRP K 125 -20.68 18.43 -18.36
CA TRP K 125 -20.12 17.24 -17.77
C TRP K 125 -21.06 16.57 -16.78
N LYS K 126 -21.05 15.24 -16.75
CA LYS K 126 -21.79 14.52 -15.72
C LYS K 126 -20.88 13.57 -14.95
N SER K 127 -21.14 13.44 -13.66
CA SER K 127 -20.38 12.55 -12.80
C SER K 127 -21.11 11.25 -12.53
N GLU K 128 -20.50 10.14 -12.96
CA GLU K 128 -21.08 8.82 -12.76
C GLU K 128 -20.16 7.94 -11.94
N ARG K 129 -20.71 7.21 -10.99
CA ARG K 129 -19.88 6.32 -10.20
C ARG K 129 -19.82 4.94 -10.81
N VAL K 130 -18.60 4.50 -11.11
CA VAL K 130 -18.39 3.22 -11.76
C VAL K 130 -17.38 2.39 -11.02
N ASN K 131 -17.69 1.11 -10.83
CA ASN K 131 -16.76 0.20 -10.21
C ASN K 131 -15.77 -0.30 -11.27
N VAL K 132 -14.52 0.14 -11.17
CA VAL K 132 -13.52 -0.13 -12.19
C VAL K 132 -12.40 -1.03 -11.71
N GLN K 133 -12.17 -2.11 -12.46
CA GLN K 133 -11.13 -3.07 -12.16
C GLN K 133 -9.75 -2.56 -12.55
N GLU K 134 -8.79 -2.63 -11.61
CA GLU K 134 -7.40 -2.27 -11.92
C GLU K 134 -6.80 -3.27 -12.89
N LEU K 135 -5.98 -2.79 -13.84
CA LEU K 135 -5.39 -3.70 -14.80
C LEU K 135 -4.14 -4.36 -14.26
N ALA K 136 -3.28 -3.59 -13.63
CA ALA K 136 -1.99 -4.13 -13.20
C ALA K 136 -2.17 -5.23 -12.15
N GLY K 137 -2.94 -4.95 -11.11
CA GLY K 137 -3.12 -5.89 -10.00
C GLY K 137 -4.49 -6.55 -10.02
N HIS K 138 -5.01 -6.85 -8.83
CA HIS K 138 -6.29 -7.54 -8.71
C HIS K 138 -7.38 -6.65 -8.13
N GLU K 139 -7.00 -5.63 -7.38
CA GLU K 139 -7.97 -4.83 -6.63
C GLU K 139 -8.98 -4.12 -7.50
N GLN K 140 -10.23 -4.14 -7.05
CA GLN K 140 -11.35 -3.52 -7.70
C GLN K 140 -11.96 -2.42 -6.80
N SER K 141 -12.22 -1.24 -7.37
CA SER K 141 -12.78 -0.14 -6.57
C SER K 141 -13.52 0.88 -7.43
N GLU K 142 -14.29 1.76 -6.77
CA GLU K 142 -15.07 2.77 -7.50
C GLU K 142 -14.31 4.06 -7.73
N VAL K 143 -14.52 4.64 -8.91
CA VAL K 143 -13.97 5.95 -9.26
C VAL K 143 -15.06 6.84 -9.83
N ALA K 144 -14.79 8.13 -9.89
CA ALA K 144 -15.69 9.06 -10.56
C ALA K 144 -15.37 9.12 -12.04
N VAL K 145 -16.33 8.71 -12.86
CA VAL K 145 -16.14 8.69 -14.30
C VAL K 145 -16.81 9.86 -14.96
N LEU K 146 -16.10 10.48 -15.87
CA LEU K 146 -16.61 11.62 -16.58
C LEU K 146 -17.35 11.23 -17.83
N ARG K 147 -18.60 11.65 -17.93
CA ARG K 147 -19.42 11.39 -19.10
C ARG K 147 -19.81 12.70 -19.75
N HIS K 148 -19.94 12.72 -21.07
CA HIS K 148 -20.42 13.93 -21.74
C HIS K 148 -21.92 14.07 -21.60
N ASN K 149 -22.38 15.30 -21.41
CA ASN K 149 -23.80 15.56 -21.33
C ASN K 149 -24.40 15.73 -22.71
N LEU K 150 -24.49 14.64 -23.45
CA LEU K 150 -24.96 14.68 -24.82
C LEU K 150 -26.46 14.73 -24.89
N THR K 151 -26.96 15.40 -25.93
CA THR K 151 -28.39 15.46 -26.16
C THR K 151 -28.68 15.70 -27.64
N LEU K 152 -29.87 15.31 -28.08
CA LEU K 152 -30.26 15.59 -29.46
C LEU K 152 -31.10 16.87 -29.50
N ARG K 153 -30.80 17.72 -30.47
CA ARG K 153 -31.52 18.96 -30.64
C ARG K 153 -31.87 19.17 -32.09
N MET K 154 -32.81 20.05 -32.35
CA MET K 154 -33.23 20.29 -33.71
C MET K 154 -32.39 21.41 -34.30
N ALA K 155 -32.10 21.31 -35.60
CA ALA K 155 -31.31 22.33 -36.27
C ALA K 155 -31.96 23.70 -36.20
N HIS K 156 -33.29 23.75 -36.22
CA HIS K 156 -33.99 25.03 -36.22
C HIS K 156 -34.09 25.68 -34.84
N GLN K 157 -33.60 25.00 -33.81
CA GLN K 157 -33.62 25.57 -32.47
C GLN K 157 -32.39 26.40 -32.22
N GLU K 158 -32.48 27.33 -31.29
CA GLU K 158 -31.31 28.08 -30.89
C GLU K 158 -30.26 27.11 -30.36
N ASN K 159 -29.05 27.17 -30.91
CA ASN K 159 -27.99 26.28 -30.49
C ASN K 159 -26.70 27.03 -30.17
N ALA K 160 -26.85 28.26 -29.72
CA ALA K 160 -25.70 29.11 -29.46
C ALA K 160 -24.74 28.54 -28.43
N ALA K 161 -25.28 27.85 -27.43
CA ALA K 161 -24.46 27.36 -26.33
C ALA K 161 -23.86 25.98 -26.59
N TRP K 162 -24.09 25.42 -27.78
CA TRP K 162 -23.65 24.05 -28.04
C TRP K 162 -22.73 23.90 -29.25
N LEU K 163 -21.83 22.93 -29.17
CA LEU K 163 -21.16 22.44 -30.37
C LEU K 163 -22.08 21.42 -30.95
N THR K 164 -22.13 21.31 -32.26
CA THR K 164 -23.04 20.33 -32.80
C THR K 164 -22.76 19.95 -34.24
N CYS K 165 -23.26 18.79 -34.62
CA CYS K 165 -23.18 18.33 -36.00
C CYS K 165 -24.37 17.44 -36.33
N PRO K 166 -24.85 17.42 -37.59
CA PRO K 166 -25.84 16.54 -38.14
C PRO K 166 -25.59 15.09 -37.88
N VAL K 167 -26.62 14.35 -37.53
CA VAL K 167 -26.53 12.91 -37.36
C VAL K 167 -27.63 12.19 -38.11
N THR K 168 -28.78 12.84 -38.29
CA THR K 168 -29.87 12.22 -39.02
C THR K 168 -30.91 13.25 -39.45
N ARG K 169 -31.65 12.94 -40.49
CA ARG K 169 -32.75 13.79 -40.95
C ARG K 169 -34.01 12.96 -41.06
N LEU K 170 -35.12 13.51 -40.58
CA LEU K 170 -36.39 12.81 -40.66
C LEU K 170 -37.34 13.51 -41.60
N VAL K 171 -38.13 12.73 -42.31
CA VAL K 171 -39.17 13.28 -43.15
C VAL K 171 -40.47 12.55 -42.90
N ARG K 172 -41.58 13.18 -43.26
CA ARG K 172 -42.85 12.46 -43.17
C ARG K 172 -43.12 11.66 -44.42
N ASP K 173 -43.54 10.42 -44.22
CA ASP K 173 -43.85 9.50 -45.31
C ASP K 173 -45.26 9.77 -45.83
N ALA K 174 -45.67 9.02 -46.83
CA ALA K 174 -46.99 9.18 -47.43
C ALA K 174 -48.10 9.01 -46.41
N GLN K 175 -47.86 8.16 -45.41
CA GLN K 175 -48.85 7.87 -44.39
C GLN K 175 -48.83 8.90 -43.25
N GLY K 176 -47.91 9.86 -43.33
CA GLY K 176 -47.78 10.90 -42.31
C GLY K 176 -46.83 10.54 -41.18
N GLN K 177 -46.39 9.30 -41.15
CA GLN K 177 -45.48 8.84 -40.10
C GLN K 177 -44.05 9.27 -40.40
N TRP K 178 -43.22 9.37 -39.37
CA TRP K 178 -41.83 9.75 -39.56
C TRP K 178 -40.98 8.62 -40.10
N CYS K 179 -40.05 8.95 -40.97
CA CYS K 179 -39.10 8.01 -41.54
C CYS K 179 -37.76 8.70 -41.82
N ARG K 180 -36.66 8.01 -41.55
CA ARG K 180 -35.37 8.62 -41.84
C ARG K 180 -35.21 8.86 -43.32
N ASP K 181 -34.71 10.05 -43.67
CA ASP K 181 -34.49 10.42 -45.05
C ASP K 181 -33.56 9.39 -45.70
N PRO K 182 -34.01 8.67 -46.75
CA PRO K 182 -33.29 7.62 -47.47
C PRO K 182 -31.96 8.08 -48.03
N ARG K 183 -31.80 9.39 -48.23
CA ARG K 183 -30.55 9.89 -48.80
C ARG K 183 -29.99 11.06 -48.02
N PHE K 184 -29.60 10.81 -46.78
CA PHE K 184 -28.98 11.81 -45.93
C PHE K 184 -27.54 11.45 -45.64
N ILE K 185 -26.65 12.42 -45.75
CA ILE K 185 -25.26 12.19 -45.41
C ILE K 185 -24.75 13.26 -44.44
N PRO K 186 -24.32 12.89 -43.23
CA PRO K 186 -23.75 13.76 -42.23
C PRO K 186 -22.32 14.04 -42.65
N PRO K 187 -21.67 15.05 -42.09
CA PRO K 187 -20.26 15.30 -42.29
C PRO K 187 -19.53 14.07 -41.81
N LEU K 188 -18.78 13.45 -42.71
CA LEU K 188 -18.18 12.17 -42.39
C LEU K 188 -16.74 12.31 -41.97
N LEU K 189 -16.34 11.49 -41.02
CA LEU K 189 -14.94 11.40 -40.65
C LEU K 189 -14.37 10.14 -41.25
N THR K 190 -15.16 9.07 -41.21
CA THR K 190 -14.75 7.80 -41.80
C THR K 190 -15.67 7.48 -42.97
N LEU K 191 -15.07 7.22 -44.12
CA LEU K 191 -15.85 6.98 -45.34
C LEU K 191 -16.97 5.95 -45.14
N SER K 192 -16.67 4.88 -44.41
CA SER K 192 -17.61 3.77 -44.19
C SER K 192 -18.82 4.16 -43.35
N ALA K 193 -18.81 5.35 -42.78
CA ALA K 193 -19.89 5.82 -41.92
C ALA K 193 -21.21 5.92 -42.69
N SER K 194 -21.15 5.99 -44.02
CA SER K 194 -22.37 6.09 -44.82
C SER K 194 -22.54 4.90 -45.77
N PRO K 195 -23.42 3.93 -45.43
CA PRO K 195 -23.75 2.75 -46.19
C PRO K 195 -24.21 3.05 -47.62
N SER K 196 -24.89 4.18 -47.80
CA SER K 196 -25.38 4.53 -49.12
C SER K 196 -24.24 4.95 -50.01
N LEU K 197 -23.24 5.59 -49.42
CA LEU K 197 -22.08 6.02 -50.16
C LEU K 197 -21.29 4.80 -50.61
N MET K 198 -21.19 3.81 -49.71
CA MET K 198 -20.51 2.56 -50.03
C MET K 198 -21.11 1.92 -51.26
N THR K 199 -22.43 1.87 -51.32
CA THR K 199 -23.11 1.26 -52.45
C THR K 199 -22.79 1.99 -53.75
N GLU K 200 -22.91 3.32 -53.73
CA GLU K 200 -22.69 4.10 -54.93
C GLU K 200 -21.25 3.98 -55.42
N LEU K 201 -20.31 3.98 -54.50
CA LEU K 201 -18.91 3.85 -54.85
C LEU K 201 -18.62 2.49 -55.45
N ALA K 202 -19.25 1.45 -54.90
CA ALA K 202 -19.07 0.11 -55.44
C ALA K 202 -19.53 0.04 -56.88
N GLU K 203 -20.67 0.69 -57.17
CA GLU K 203 -21.18 0.70 -58.53
C GLU K 203 -20.22 1.41 -59.47
N LEU K 204 -19.65 2.53 -59.00
CA LEU K 204 -18.70 3.27 -59.81
C LEU K 204 -17.51 2.41 -60.17
N LEU K 205 -16.93 1.74 -59.18
CA LEU K 205 -15.76 0.93 -59.42
C LEU K 205 -16.07 -0.17 -60.42
N HIS K 206 -17.23 -0.79 -60.28
CA HIS K 206 -17.65 -1.83 -61.21
C HIS K 206 -17.71 -1.30 -62.64
N HIS K 207 -18.41 -0.18 -62.83
CA HIS K 207 -18.57 0.39 -64.16
C HIS K 207 -17.24 0.81 -64.74
N LEU K 208 -16.39 1.38 -63.89
CA LEU K 208 -15.07 1.80 -64.32
C LEU K 208 -14.29 0.62 -64.87
N GLN K 209 -14.27 -0.47 -64.11
CA GLN K 209 -13.55 -1.66 -64.52
C GLN K 209 -14.13 -2.27 -65.79
N ALA K 210 -15.46 -2.29 -65.89
CA ALA K 210 -16.11 -2.86 -67.06
C ALA K 210 -15.74 -2.10 -68.33
N ARG K 211 -15.79 -0.76 -68.25
CA ARG K 211 -15.43 0.06 -69.39
C ARG K 211 -13.97 -0.11 -69.73
N ARG K 212 -13.13 -0.19 -68.71
CA ARG K 212 -11.71 -0.39 -68.91
C ARG K 212 -11.47 -1.64 -69.70
N GLN K 213 -12.09 -2.75 -69.28
CA GLN K 213 -11.84 -4.03 -69.91
C GLN K 213 -12.26 -4.03 -71.37
N ARG K 214 -13.37 -3.36 -71.68
CA ARG K 214 -13.83 -3.29 -73.06
C ARG K 214 -12.84 -2.54 -73.94
N LEU K 215 -12.38 -1.37 -73.46
CA LEU K 215 -11.44 -0.56 -74.22
C LEU K 215 -10.10 -1.27 -74.32
N MET K 216 -9.73 -1.95 -73.24
CA MET K 216 -8.45 -2.64 -73.15
C MET K 216 -8.40 -3.79 -74.15
N SER K 217 -9.46 -4.57 -74.22
CA SER K 217 -9.53 -5.66 -75.16
C SER K 217 -9.50 -5.13 -76.59
N MET K 218 -10.26 -4.07 -76.83
CA MET K 218 -10.42 -3.48 -78.15
C MET K 218 -9.10 -2.99 -78.77
N ARG K 219 -8.29 -2.29 -77.98
CA ARG K 219 -7.07 -1.68 -78.52
C ARG K 219 -6.32 -2.68 -79.40
N ALA K 232 -8.01 8.64 -84.60
CA ALA K 232 -9.07 8.11 -83.74
C ALA K 232 -8.50 7.17 -82.67
N ASP K 233 -7.35 6.58 -82.94
CA ASP K 233 -6.76 5.61 -82.04
C ASP K 233 -6.05 6.31 -80.90
N VAL K 234 -5.86 7.62 -81.05
CA VAL K 234 -5.21 8.40 -80.02
C VAL K 234 -6.17 8.61 -78.87
N SER K 235 -7.41 8.97 -79.21
CA SER K 235 -8.44 9.15 -78.21
C SER K 235 -8.61 7.86 -77.44
N LEU K 236 -8.65 6.74 -78.16
CA LEU K 236 -8.80 5.44 -77.52
C LEU K 236 -7.67 5.19 -76.53
N PHE K 237 -6.42 5.38 -76.95
CA PHE K 237 -5.30 5.15 -76.06
C PHE K 237 -5.33 6.02 -74.82
N TRP K 238 -5.65 7.30 -74.99
CA TRP K 238 -5.66 8.17 -73.84
C TRP K 238 -6.87 8.00 -72.94
N LEU K 239 -8.01 7.64 -73.52
CA LEU K 239 -9.17 7.38 -72.68
C LEU K 239 -8.87 6.16 -71.83
N LEU K 240 -8.33 5.15 -72.47
CA LEU K 240 -7.94 3.93 -71.78
C LEU K 240 -6.88 4.23 -70.73
N ASN K 241 -5.86 5.00 -71.10
CA ASN K 241 -4.82 5.37 -70.15
C ASN K 241 -5.41 5.97 -68.89
N ALA K 242 -6.34 6.91 -69.07
CA ALA K 242 -6.96 7.57 -67.93
C ALA K 242 -7.61 6.57 -66.99
N LEU K 243 -8.23 5.55 -67.56
CA LEU K 243 -8.90 4.55 -66.74
C LEU K 243 -7.89 3.60 -66.11
N ASN K 244 -6.88 3.21 -66.87
CA ASN K 244 -5.86 2.30 -66.36
C ASN K 244 -5.08 2.93 -65.22
N SER K 245 -4.85 4.23 -65.31
CA SER K 245 -4.14 4.94 -64.26
C SER K 245 -4.98 5.06 -62.99
N ALA K 246 -6.22 5.49 -63.15
CA ALA K 246 -7.11 5.75 -62.02
C ALA K 246 -7.57 4.49 -61.28
N GLU K 247 -7.85 3.41 -62.01
CA GLU K 247 -8.49 2.26 -61.37
C GLU K 247 -7.69 1.63 -60.20
N PRO K 248 -6.38 1.34 -60.34
CA PRO K 248 -5.56 0.69 -59.33
C PRO K 248 -5.62 1.38 -57.98
N VAL K 249 -5.71 2.71 -57.99
CA VAL K 249 -5.75 3.46 -56.75
C VAL K 249 -7.15 3.57 -56.21
N LEU K 250 -8.11 3.87 -57.08
CA LEU K 250 -9.47 3.96 -56.61
C LEU K 250 -9.86 2.67 -55.95
N LYS K 251 -9.44 1.56 -56.54
CA LYS K 251 -9.73 0.26 -55.99
C LYS K 251 -9.20 0.15 -54.56
N GLU K 252 -7.91 0.47 -54.37
CA GLU K 252 -7.32 0.39 -53.03
C GLU K 252 -8.11 1.24 -52.02
N LEU K 253 -8.53 2.43 -52.45
CA LEU K 253 -9.27 3.33 -51.59
C LEU K 253 -10.61 2.73 -51.16
N LEU K 254 -11.23 1.97 -52.06
CA LEU K 254 -12.54 1.40 -51.78
C LEU K 254 -12.47 0.00 -51.18
N ASP K 255 -11.37 -0.72 -51.40
CA ASP K 255 -11.24 -2.07 -50.86
C ASP K 255 -11.16 -2.04 -49.34
N MET K 256 -10.40 -1.10 -48.80
CA MET K 256 -10.31 -0.91 -47.35
C MET K 256 -10.84 0.48 -46.95
N PRO K 257 -12.17 0.71 -47.01
CA PRO K 257 -12.83 2.00 -46.98
C PRO K 257 -12.91 2.60 -45.60
N TYR K 258 -11.77 2.80 -44.97
CA TYR K 258 -11.74 3.38 -43.64
C TYR K 258 -10.75 4.52 -43.58
N ARG K 259 -11.00 5.54 -44.39
CA ARG K 259 -10.14 6.70 -44.49
C ARG K 259 -10.99 7.96 -44.51
N HIS K 260 -10.36 9.10 -44.23
CA HIS K 260 -11.04 10.39 -44.33
C HIS K 260 -11.42 10.66 -45.79
N PRO K 261 -12.67 11.11 -46.06
CA PRO K 261 -13.22 11.45 -47.36
C PRO K 261 -12.32 12.34 -48.23
N GLU K 262 -11.53 13.22 -47.63
CA GLU K 262 -10.66 14.09 -48.42
C GLU K 262 -9.75 13.31 -49.39
N LEU K 263 -9.32 12.12 -48.98
CA LEU K 263 -8.42 11.35 -49.81
C LEU K 263 -9.14 10.83 -51.04
N LEU K 264 -10.38 10.41 -50.85
CA LEU K 264 -11.17 9.87 -51.94
C LEU K 264 -11.55 10.97 -52.90
N TYR K 265 -11.95 12.10 -52.36
CA TYR K 265 -12.37 13.22 -53.18
C TYR K 265 -11.29 13.58 -54.18
N ARG K 266 -10.06 13.75 -53.70
CA ARG K 266 -8.98 14.14 -54.58
C ARG K 266 -8.79 13.15 -55.71
N GLU K 267 -8.82 11.86 -55.40
CA GLU K 267 -8.60 10.86 -56.43
C GLU K 267 -9.71 10.87 -57.47
N LEU K 268 -10.95 10.97 -57.03
CA LEU K 268 -12.08 11.00 -57.93
C LEU K 268 -12.07 12.26 -58.78
N ALA K 269 -11.71 13.38 -58.17
CA ALA K 269 -11.68 14.66 -58.88
C ALA K 269 -10.70 14.60 -60.05
N ARG K 270 -9.54 13.97 -59.86
CA ARG K 270 -8.57 13.88 -60.94
C ARG K 270 -9.14 13.10 -62.12
N LEU K 271 -9.83 12.00 -61.84
CA LEU K 271 -10.42 11.21 -62.90
C LEU K 271 -11.46 12.01 -63.66
N ALA K 272 -12.32 12.72 -62.93
CA ALA K 272 -13.34 13.51 -63.60
C ALA K 272 -12.69 14.56 -64.48
N GLY K 273 -11.62 15.16 -63.98
CA GLY K 273 -10.90 16.19 -64.70
C GLY K 273 -10.46 15.69 -66.07
N SER K 274 -9.78 14.55 -66.08
CA SER K 274 -9.31 13.99 -67.34
C SER K 274 -10.45 13.64 -68.28
N LEU K 275 -11.50 13.02 -67.77
CA LEU K 275 -12.61 12.61 -68.63
C LEU K 275 -13.28 13.80 -69.32
N LEU K 276 -13.25 14.96 -68.67
CA LEU K 276 -13.84 16.18 -69.24
C LEU K 276 -13.01 16.73 -70.41
N THR K 277 -11.85 16.11 -70.66
CA THR K 277 -11.01 16.46 -71.78
C THR K 277 -11.52 15.82 -73.06
N PHE K 278 -12.37 14.81 -72.90
CA PHE K 278 -12.89 14.06 -74.03
C PHE K 278 -14.30 14.54 -74.39
N SER K 279 -15.04 14.97 -73.37
CA SER K 279 -16.43 15.40 -73.57
C SER K 279 -16.54 16.90 -73.86
N LEU K 280 -17.37 17.23 -74.85
CA LEU K 280 -17.66 18.63 -75.19
C LEU K 280 -19.09 19.00 -74.82
N GLU K 281 -19.79 18.06 -74.20
CA GLU K 281 -21.21 18.20 -73.89
C GLU K 281 -21.44 18.88 -72.55
N HIS K 282 -20.37 19.26 -71.86
CA HIS K 282 -20.51 19.85 -70.54
C HIS K 282 -19.37 20.83 -70.23
N ASN K 283 -19.43 21.42 -69.05
CA ASN K 283 -18.46 22.41 -68.60
C ASN K 283 -17.18 21.76 -68.11
N VAL K 284 -16.24 22.59 -67.67
CA VAL K 284 -14.95 22.14 -67.16
C VAL K 284 -14.88 22.35 -65.67
N ASP K 285 -15.81 23.13 -65.16
CA ASP K 285 -15.92 23.39 -63.72
C ASP K 285 -17.03 22.50 -63.16
N ALA K 286 -17.33 21.44 -63.90
CA ALA K 286 -18.34 20.45 -63.57
C ALA K 286 -18.06 19.77 -62.24
N VAL K 287 -16.79 19.68 -61.87
CA VAL K 287 -16.40 19.02 -60.63
C VAL K 287 -16.64 19.96 -59.46
N PRO K 288 -17.47 19.56 -58.47
CA PRO K 288 -17.86 20.35 -57.32
C PRO K 288 -16.69 20.50 -56.37
N ALA K 289 -16.69 21.59 -55.60
CA ALA K 289 -15.70 21.78 -54.56
C ALA K 289 -15.99 20.90 -53.38
N TYR K 290 -14.97 20.57 -52.60
CA TYR K 290 -15.20 19.79 -51.40
C TYR K 290 -15.80 20.66 -50.30
N HIS K 291 -16.85 20.15 -49.69
CA HIS K 291 -17.51 20.78 -48.56
C HIS K 291 -17.73 19.74 -47.49
N HIS K 292 -17.16 19.96 -46.33
CA HIS K 292 -17.20 18.95 -45.29
C HIS K 292 -18.55 18.89 -44.61
N GLU K 293 -19.10 20.06 -44.28
CA GLU K 293 -20.37 20.15 -43.59
C GLU K 293 -21.53 19.61 -44.41
N THR K 294 -21.47 19.79 -45.71
CA THR K 294 -22.57 19.41 -46.59
C THR K 294 -22.13 18.50 -47.73
N PRO K 295 -21.66 17.28 -47.44
CA PRO K 295 -21.09 16.32 -48.38
C PRO K 295 -22.10 15.90 -49.41
N GLU K 296 -23.37 16.14 -49.11
CA GLU K 296 -24.47 15.80 -50.00
C GLU K 296 -24.35 16.52 -51.33
N ASN K 297 -23.71 17.68 -51.33
CA ASN K 297 -23.55 18.46 -52.53
C ASN K 297 -22.19 18.23 -53.16
N VAL K 298 -21.46 17.24 -52.66
CA VAL K 298 -20.13 16.96 -53.14
C VAL K 298 -20.06 15.61 -53.82
N PHE K 299 -20.33 14.55 -53.06
CA PHE K 299 -20.13 13.23 -53.58
C PHE K 299 -21.23 12.78 -54.55
N PRO K 300 -22.52 12.84 -54.20
CA PRO K 300 -23.60 12.43 -55.07
C PRO K 300 -23.52 13.01 -56.51
N PRO K 301 -23.17 14.32 -56.73
CA PRO K 301 -23.02 14.90 -58.05
C PRO K 301 -21.69 14.54 -58.69
N LEU K 302 -20.62 14.46 -57.90
CA LEU K 302 -19.35 14.01 -58.44
C LEU K 302 -19.47 12.61 -59.01
N LEU K 303 -20.09 11.74 -58.24
CA LEU K 303 -20.25 10.36 -58.66
C LEU K 303 -21.15 10.27 -59.88
N SER K 304 -22.21 11.07 -59.89
CA SER K 304 -23.12 11.09 -61.04
C SER K 304 -22.39 11.53 -62.29
N LEU K 305 -21.54 12.56 -62.15
CA LEU K 305 -20.75 13.06 -63.26
C LEU K 305 -19.85 11.98 -63.80
N LEU K 306 -19.13 11.30 -62.92
CA LEU K 306 -18.22 10.25 -63.34
C LEU K 306 -18.94 9.13 -64.05
N ASN K 307 -20.10 8.73 -63.52
CA ASN K 307 -20.85 7.65 -64.14
C ASN K 307 -21.28 8.03 -65.54
N ARG K 308 -21.77 9.26 -65.70
CA ARG K 308 -22.23 9.72 -67.00
C ARG K 308 -21.08 9.82 -67.99
N LEU K 309 -19.94 10.34 -67.55
CA LEU K 309 -18.79 10.48 -68.43
C LEU K 309 -18.27 9.13 -68.89
N LEU K 310 -18.22 8.16 -67.97
CA LEU K 310 -17.76 6.83 -68.32
C LEU K 310 -18.71 6.17 -69.31
N GLU K 311 -20.02 6.39 -69.13
CA GLU K 311 -21.00 5.85 -70.03
C GLU K 311 -20.87 6.47 -71.42
N ALA K 312 -20.65 7.78 -71.45
CA ALA K 312 -20.48 8.50 -72.71
C ALA K 312 -19.29 7.93 -73.48
N SER K 313 -18.24 7.58 -72.76
CA SER K 313 -17.04 7.02 -73.35
C SER K 313 -16.74 7.65 -74.70
#